data_1WK0
#
_entry.id   1WK0
#
_entity_poly.entity_id   1
_entity_poly.type   'polypeptide(L)'
_entity_poly.pdbx_seq_one_letter_code
;GSSGSSGDEETKAFEALLSNIVKPVASDIQARTVVLTWSPPSSLINGETDESSVPELYGYEVLISSTGKDGKYKSVYVGE
ETNITLNDLKPAMDYHAKVQAEYNSIKGTPSEAEIFTTLSCEPDIPNPPRISGPSSG
;
_entity_poly.pdbx_strand_id   A
#
# COMPACT_ATOMS: atom_id res chain seq x y z
N GLY A 1 -19.84 21.15 16.26
CA GLY A 1 -20.26 22.00 15.16
C GLY A 1 -20.76 21.21 13.97
N SER A 2 -21.74 20.35 14.21
CA SER A 2 -22.31 19.51 13.15
C SER A 2 -23.47 20.22 12.47
N SER A 3 -23.29 20.59 11.21
CA SER A 3 -24.33 21.27 10.45
C SER A 3 -25.05 20.30 9.52
N GLY A 4 -24.29 19.45 8.85
CA GLY A 4 -24.87 18.48 7.95
C GLY A 4 -23.95 18.13 6.79
N SER A 5 -24.50 18.13 5.58
CA SER A 5 -23.71 17.79 4.39
C SER A 5 -22.67 18.88 4.11
N SER A 6 -21.46 18.44 3.80
CA SER A 6 -20.37 19.37 3.51
C SER A 6 -19.82 19.14 2.10
N GLY A 7 -20.39 19.86 1.13
CA GLY A 7 -19.95 19.73 -0.25
C GLY A 7 -19.72 18.29 -0.64
N ASP A 8 -20.80 17.53 -0.82
CA ASP A 8 -20.70 16.13 -1.21
C ASP A 8 -19.86 15.97 -2.46
N GLU A 9 -20.07 16.85 -3.44
CA GLU A 9 -19.33 16.81 -4.69
C GLU A 9 -17.87 16.41 -4.45
N GLU A 10 -17.29 16.93 -3.36
CA GLU A 10 -15.91 16.63 -3.02
C GLU A 10 -15.76 15.19 -2.59
N THR A 11 -16.67 14.72 -1.73
CA THR A 11 -16.63 13.36 -1.24
C THR A 11 -16.58 12.36 -2.39
N LYS A 12 -17.40 12.60 -3.42
CA LYS A 12 -17.45 11.72 -4.58
C LYS A 12 -16.07 11.60 -5.23
N ALA A 13 -15.52 12.72 -5.66
CA ALA A 13 -14.20 12.74 -6.30
C ALA A 13 -13.19 11.93 -5.48
N PHE A 14 -13.36 11.96 -4.16
CA PHE A 14 -12.46 11.24 -3.27
C PHE A 14 -12.73 9.74 -3.33
N GLU A 15 -14.00 9.38 -3.39
CA GLU A 15 -14.39 7.96 -3.45
C GLU A 15 -13.80 7.29 -4.69
N ALA A 16 -13.61 8.07 -5.75
CA ALA A 16 -13.06 7.55 -7.00
C ALA A 16 -11.55 7.73 -7.04
N LEU A 17 -11.08 8.92 -6.67
CA LEU A 17 -9.66 9.22 -6.66
C LEU A 17 -8.91 8.32 -5.69
N LEU A 18 -9.38 8.27 -4.45
CA LEU A 18 -8.76 7.44 -3.43
C LEU A 18 -8.73 5.98 -3.85
N SER A 19 -9.65 5.61 -4.75
CA SER A 19 -9.74 4.24 -5.24
C SER A 19 -9.20 4.13 -6.65
N ASN A 20 -8.25 5.00 -6.98
CA ASN A 20 -7.64 5.01 -8.32
C ASN A 20 -6.13 4.81 -8.23
N ILE A 21 -5.68 4.15 -7.18
CA ILE A 21 -4.26 3.89 -6.98
C ILE A 21 -3.85 2.56 -7.60
N VAL A 22 -2.59 2.19 -7.40
CA VAL A 22 -2.08 0.94 -7.94
C VAL A 22 -1.61 0.00 -6.82
N LYS A 23 -1.85 -1.29 -7.00
CA LYS A 23 -1.45 -2.28 -6.01
C LYS A 23 -0.01 -2.09 -5.58
N PRO A 24 0.25 -2.24 -4.28
CA PRO A 24 1.59 -2.10 -3.72
C PRO A 24 2.53 -3.22 -4.14
N VAL A 25 3.76 -2.85 -4.51
CA VAL A 25 4.75 -3.83 -4.94
C VAL A 25 5.67 -4.22 -3.78
N ALA A 26 6.03 -5.50 -3.73
CA ALA A 26 6.91 -6.00 -2.68
C ALA A 26 8.34 -6.14 -3.18
N SER A 27 9.28 -5.57 -2.43
CA SER A 27 10.69 -5.62 -2.79
C SER A 27 11.56 -5.93 -1.58
N ASP A 28 12.85 -6.11 -1.82
CA ASP A 28 13.79 -6.41 -0.74
C ASP A 28 13.13 -7.25 0.35
N ILE A 29 12.24 -8.14 -0.07
CA ILE A 29 11.54 -9.01 0.87
C ILE A 29 12.52 -9.76 1.76
N GLN A 30 12.23 -9.79 3.06
CA GLN A 30 13.08 -10.48 4.02
C GLN A 30 12.28 -11.47 4.85
N ALA A 31 12.94 -12.09 5.82
CA ALA A 31 12.29 -13.07 6.69
C ALA A 31 10.85 -12.64 7.01
N ARG A 32 10.72 -11.60 7.81
CA ARG A 32 9.40 -11.10 8.20
C ARG A 32 9.20 -9.67 7.70
N THR A 33 10.30 -8.97 7.46
CA THR A 33 10.24 -7.60 6.99
C THR A 33 10.32 -7.54 5.46
N VAL A 34 9.67 -6.53 4.88
CA VAL A 34 9.66 -6.37 3.44
C VAL A 34 9.49 -4.90 3.05
N VAL A 35 9.88 -4.56 1.83
CA VAL A 35 9.77 -3.20 1.34
C VAL A 35 8.59 -3.05 0.39
N LEU A 36 7.51 -2.44 0.88
CA LEU A 36 6.31 -2.24 0.08
C LEU A 36 6.28 -0.83 -0.49
N THR A 37 6.33 -0.75 -1.83
CA THR A 37 6.31 0.55 -2.51
C THR A 37 5.09 0.66 -3.43
N TRP A 38 4.31 1.71 -3.23
CA TRP A 38 3.12 1.94 -4.04
C TRP A 38 3.04 3.39 -4.49
N SER A 39 2.35 3.62 -5.62
CA SER A 39 2.21 4.96 -6.17
C SER A 39 0.85 5.56 -5.79
N PRO A 40 0.77 6.90 -5.79
CA PRO A 40 -0.46 7.62 -5.46
C PRO A 40 -1.54 7.43 -6.52
N PRO A 41 -2.79 7.77 -6.15
CA PRO A 41 -3.94 7.66 -7.05
C PRO A 41 -3.90 8.69 -8.18
N SER A 42 -4.55 8.37 -9.29
CA SER A 42 -4.58 9.27 -10.44
C SER A 42 -5.87 10.10 -10.45
N SER A 43 -5.70 11.42 -10.41
CA SER A 43 -6.85 12.32 -10.40
C SER A 43 -7.50 12.38 -11.78
N LEU A 44 -8.81 12.12 -11.83
CA LEU A 44 -9.54 12.14 -13.09
C LEU A 44 -10.27 13.48 -13.26
N ILE A 45 -9.90 14.45 -12.45
CA ILE A 45 -10.51 15.78 -12.53
C ILE A 45 -10.43 16.35 -13.94
N ASN A 46 -9.53 15.79 -14.75
CA ASN A 46 -9.36 16.23 -16.11
C ASN A 46 -8.66 17.60 -16.16
N GLY A 47 -7.89 17.89 -15.12
CA GLY A 47 -7.19 19.16 -15.05
C GLY A 47 -8.09 20.30 -14.68
N GLU A 48 -9.39 20.05 -14.65
CA GLU A 48 -10.37 21.08 -14.30
C GLU A 48 -9.91 21.87 -13.09
N THR A 49 -9.04 21.27 -12.28
CA THR A 49 -8.53 21.91 -11.08
C THR A 49 -7.01 22.02 -11.13
N ASP A 50 -6.47 22.96 -10.36
CA ASP A 50 -5.02 23.16 -10.31
C ASP A 50 -4.30 21.84 -10.09
N GLU A 51 -2.98 21.84 -10.32
CA GLU A 51 -2.18 20.63 -10.14
C GLU A 51 -1.58 20.59 -8.74
N SER A 52 -1.27 21.76 -8.19
CA SER A 52 -0.69 21.85 -6.85
C SER A 52 -1.77 22.04 -5.80
N SER A 53 -2.88 21.33 -5.97
CA SER A 53 -4.00 21.43 -5.04
C SER A 53 -4.28 20.08 -4.39
N VAL A 54 -4.47 19.06 -5.22
CA VAL A 54 -4.74 17.71 -4.73
C VAL A 54 -3.81 17.34 -3.57
N PRO A 55 -4.40 16.78 -2.51
CA PRO A 55 -3.65 16.37 -1.32
C PRO A 55 -2.74 15.17 -1.59
N GLU A 56 -1.64 15.08 -0.85
CA GLU A 56 -0.70 13.99 -1.01
C GLU A 56 -0.55 13.19 0.30
N LEU A 57 -1.49 13.41 1.21
CA LEU A 57 -1.46 12.73 2.50
C LEU A 57 -2.47 11.59 2.53
N TYR A 58 -2.83 11.09 1.36
CA TYR A 58 -3.80 9.99 1.26
C TYR A 58 -3.42 8.84 2.18
N GLY A 59 -4.08 8.78 3.33
CA GLY A 59 -3.81 7.72 4.29
C GLY A 59 -3.86 6.34 3.66
N TYR A 60 -2.70 5.74 3.47
CA TYR A 60 -2.61 4.42 2.87
C TYR A 60 -2.49 3.34 3.95
N GLU A 61 -3.35 2.33 3.87
CA GLU A 61 -3.33 1.23 4.83
C GLU A 61 -2.95 -0.08 4.16
N VAL A 62 -1.94 -0.75 4.71
CA VAL A 62 -1.47 -2.02 4.17
C VAL A 62 -2.24 -3.19 4.77
N LEU A 63 -2.91 -3.95 3.92
CA LEU A 63 -3.68 -5.11 4.37
C LEU A 63 -3.03 -6.41 3.93
N ILE A 64 -3.07 -7.42 4.79
CA ILE A 64 -2.48 -8.71 4.49
C ILE A 64 -3.32 -9.85 5.07
N SER A 65 -3.34 -10.97 4.37
CA SER A 65 -4.11 -12.14 4.80
C SER A 65 -3.25 -13.40 4.80
N SER A 66 -2.39 -13.51 5.81
CA SER A 66 -1.50 -14.67 5.93
C SER A 66 -2.20 -15.94 5.47
N THR A 67 -3.52 -15.98 5.63
CA THR A 67 -4.31 -17.13 5.23
C THR A 67 -4.56 -17.14 3.73
N GLY A 68 -5.21 -16.09 3.24
CA GLY A 68 -5.49 -15.98 1.82
C GLY A 68 -6.33 -14.76 1.48
N LYS A 69 -6.40 -14.43 0.20
CA LYS A 69 -7.15 -13.27 -0.26
C LYS A 69 -8.66 -13.52 -0.12
N ASP A 70 -9.02 -14.76 0.16
CA ASP A 70 -10.42 -15.14 0.31
C ASP A 70 -10.75 -15.41 1.78
N GLY A 71 -10.12 -14.66 2.67
CA GLY A 71 -10.36 -14.85 4.09
C GLY A 71 -10.54 -13.54 4.82
N LYS A 72 -9.61 -13.23 5.72
CA LYS A 72 -9.66 -12.00 6.50
C LYS A 72 -8.37 -11.20 6.34
N TYR A 73 -8.51 -9.88 6.25
CA TYR A 73 -7.35 -9.00 6.10
C TYR A 73 -7.03 -8.29 7.41
N LYS A 74 -5.74 -8.19 7.73
CA LYS A 74 -5.30 -7.53 8.95
C LYS A 74 -4.44 -6.32 8.63
N SER A 75 -4.49 -5.31 9.50
CA SER A 75 -3.71 -4.10 9.32
C SER A 75 -2.32 -4.23 9.92
N VAL A 76 -1.30 -3.89 9.14
CA VAL A 76 0.08 -3.97 9.60
C VAL A 76 0.69 -2.59 9.78
N TYR A 77 0.31 -1.67 8.90
CA TYR A 77 0.82 -0.30 8.95
C TYR A 77 -0.21 0.69 8.42
N VAL A 78 -0.06 1.95 8.79
CA VAL A 78 -0.98 2.99 8.34
C VAL A 78 -0.32 4.37 8.40
N GLY A 79 -0.13 4.98 7.24
CA GLY A 79 0.49 6.29 7.17
C GLY A 79 0.18 7.03 5.89
N GLU A 80 0.90 8.11 5.64
CA GLU A 80 0.69 8.91 4.43
C GLU A 80 1.77 8.60 3.39
N GLU A 81 2.97 8.29 3.87
CA GLU A 81 4.09 7.98 2.98
C GLU A 81 3.68 6.97 1.92
N THR A 82 4.51 6.80 0.90
CA THR A 82 4.23 5.87 -0.19
C THR A 82 4.97 4.55 0.04
N ASN A 83 6.17 4.63 0.58
CA ASN A 83 6.98 3.44 0.84
C ASN A 83 7.05 3.16 2.33
N ILE A 84 6.79 1.91 2.71
CA ILE A 84 6.84 1.51 4.11
C ILE A 84 7.30 0.06 4.25
N THR A 85 7.89 -0.25 5.39
CA THR A 85 8.37 -1.61 5.66
C THR A 85 7.45 -2.35 6.61
N LEU A 86 7.06 -3.56 6.22
CA LEU A 86 6.18 -4.38 7.04
C LEU A 86 6.95 -5.10 8.14
N ASN A 87 6.25 -5.50 9.19
CA ASN A 87 6.87 -6.21 10.31
C ASN A 87 5.88 -7.18 10.96
N ASP A 88 6.41 -8.06 11.81
CA ASP A 88 5.57 -9.04 12.49
C ASP A 88 4.92 -9.99 11.49
N LEU A 89 5.64 -10.31 10.43
CA LEU A 89 5.13 -11.21 9.40
C LEU A 89 5.60 -12.64 9.65
N LYS A 90 5.17 -13.55 8.77
CA LYS A 90 5.55 -14.96 8.89
C LYS A 90 6.49 -15.37 7.76
N PRO A 91 7.70 -15.83 8.14
CA PRO A 91 8.71 -16.27 7.17
C PRO A 91 8.31 -17.56 6.46
N ALA A 92 8.96 -17.83 5.33
CA ALA A 92 8.68 -19.03 4.56
C ALA A 92 7.19 -19.20 4.32
N MET A 93 6.50 -18.08 4.08
CA MET A 93 5.06 -18.11 3.84
C MET A 93 4.71 -17.35 2.57
N ASP A 94 3.47 -17.46 2.13
CA ASP A 94 3.00 -16.78 0.93
C ASP A 94 1.59 -16.24 1.12
N TYR A 95 1.46 -14.92 1.09
CA TYR A 95 0.16 -14.28 1.26
C TYR A 95 0.02 -13.08 0.33
N HIS A 96 -1.19 -12.54 0.25
CA HIS A 96 -1.47 -11.39 -0.60
C HIS A 96 -1.53 -10.10 0.22
N ALA A 97 -1.33 -8.97 -0.45
CA ALA A 97 -1.37 -7.68 0.21
C ALA A 97 -2.10 -6.64 -0.63
N LYS A 98 -2.56 -5.57 0.00
CA LYS A 98 -3.27 -4.51 -0.68
C LYS A 98 -3.13 -3.19 0.06
N VAL A 99 -3.30 -2.08 -0.67
CA VAL A 99 -3.20 -0.75 -0.08
C VAL A 99 -4.44 0.07 -0.37
N GLN A 100 -5.11 0.51 0.70
CA GLN A 100 -6.32 1.31 0.56
C GLN A 100 -6.05 2.77 0.91
N ALA A 101 -6.64 3.68 0.15
CA ALA A 101 -6.48 5.11 0.39
C ALA A 101 -7.67 5.69 1.14
N GLU A 102 -7.40 6.61 2.06
CA GLU A 102 -8.45 7.24 2.84
C GLU A 102 -8.08 8.69 3.17
N TYR A 103 -8.96 9.61 2.77
CA TYR A 103 -8.73 11.04 3.02
C TYR A 103 -10.04 11.75 3.33
N ASN A 104 -10.01 12.62 4.32
CA ASN A 104 -11.19 13.37 4.71
C ASN A 104 -12.29 12.44 5.21
N SER A 105 -11.90 11.42 5.98
CA SER A 105 -12.86 10.45 6.51
C SER A 105 -13.54 9.69 5.38
N ILE A 106 -12.87 9.60 4.24
CA ILE A 106 -13.42 8.91 3.08
C ILE A 106 -12.57 7.70 2.72
N LYS A 107 -13.04 6.52 3.09
CA LYS A 107 -12.33 5.28 2.80
C LYS A 107 -12.71 4.73 1.44
N GLY A 108 -11.74 4.67 0.53
CA GLY A 108 -12.00 4.16 -0.81
C GLY A 108 -11.72 2.68 -0.92
N THR A 109 -11.83 2.16 -2.15
CA THR A 109 -11.59 0.74 -2.39
C THR A 109 -10.11 0.48 -2.60
N PRO A 110 -9.61 -0.63 -2.02
CA PRO A 110 -8.21 -1.04 -2.13
C PRO A 110 -7.85 -1.49 -3.53
N SER A 111 -6.55 -1.49 -3.84
CA SER A 111 -6.08 -1.91 -5.15
C SER A 111 -5.97 -3.43 -5.24
N GLU A 112 -5.51 -3.92 -6.39
CA GLU A 112 -5.36 -5.35 -6.59
C GLU A 112 -4.48 -5.98 -5.52
N ALA A 113 -4.54 -7.29 -5.38
CA ALA A 113 -3.75 -8.00 -4.39
C ALA A 113 -2.35 -8.30 -4.92
N GLU A 114 -1.36 -8.23 -4.04
CA GLU A 114 0.02 -8.48 -4.42
C GLU A 114 0.62 -9.62 -3.59
N ILE A 115 0.67 -10.81 -4.19
CA ILE A 115 1.21 -11.98 -3.51
C ILE A 115 2.74 -11.95 -3.50
N PHE A 116 3.32 -12.09 -2.30
CA PHE A 116 4.77 -12.08 -2.16
C PHE A 116 5.21 -13.12 -1.13
N THR A 117 6.23 -13.90 -1.49
CA THR A 117 6.75 -14.92 -0.61
C THR A 117 7.97 -14.42 0.17
N THR A 118 7.96 -14.64 1.48
CA THR A 118 9.05 -14.21 2.33
C THR A 118 10.03 -15.34 2.59
N LEU A 119 11.29 -14.99 2.85
CA LEU A 119 12.32 -15.98 3.12
C LEU A 119 12.13 -16.61 4.50
N SER A 120 12.99 -17.56 4.84
CA SER A 120 12.93 -18.23 6.13
C SER A 120 13.82 -17.53 7.16
N CYS A 121 13.45 -17.65 8.44
CA CYS A 121 14.22 -17.03 9.51
C CYS A 121 15.70 -17.03 9.19
N GLU A 122 16.20 -18.16 8.69
CA GLU A 122 17.60 -18.29 8.34
C GLU A 122 17.85 -17.87 6.90
N PRO A 123 19.12 -17.56 6.58
CA PRO A 123 19.53 -17.14 5.23
C PRO A 123 19.44 -18.28 4.22
N ASP A 124 18.31 -18.38 3.55
CA ASP A 124 18.10 -19.41 2.54
C ASP A 124 18.17 -18.84 1.14
N ILE A 125 17.20 -18.00 0.81
CA ILE A 125 17.14 -17.38 -0.52
C ILE A 125 18.53 -16.95 -0.98
N PRO A 126 18.96 -17.48 -2.12
CA PRO A 126 20.27 -17.18 -2.71
C PRO A 126 20.35 -15.74 -3.23
N ASN A 127 19.34 -15.35 -4.00
CA ASN A 127 19.29 -14.01 -4.57
C ASN A 127 17.86 -13.57 -4.81
N PRO A 128 17.63 -12.24 -4.79
CA PRO A 128 16.29 -11.67 -5.00
C PRO A 128 15.82 -11.82 -6.44
N PRO A 129 14.50 -11.65 -6.65
CA PRO A 129 13.89 -11.76 -7.99
C PRO A 129 14.30 -10.61 -8.90
N ARG A 130 15.05 -9.66 -8.36
CA ARG A 130 15.50 -8.51 -9.14
C ARG A 130 15.95 -8.94 -10.53
N ILE A 131 15.56 -8.16 -11.53
CA ILE A 131 15.92 -8.45 -12.91
C ILE A 131 16.85 -7.39 -13.48
N SER A 132 18.01 -7.82 -13.97
CA SER A 132 18.98 -6.89 -14.54
C SER A 132 18.87 -6.84 -16.06
N GLY A 133 17.87 -6.11 -16.54
CA GLY A 133 17.66 -6.00 -17.98
C GLY A 133 17.19 -7.29 -18.61
N PRO A 134 16.82 -7.23 -19.89
CA PRO A 134 16.34 -8.41 -20.63
C PRO A 134 17.45 -9.43 -20.89
N SER A 135 17.09 -10.55 -21.48
CA SER A 135 18.05 -11.61 -21.79
C SER A 135 17.52 -12.53 -22.88
N SER A 136 18.29 -12.68 -23.95
CA SER A 136 17.90 -13.53 -25.06
C SER A 136 17.62 -14.96 -24.59
N GLY A 137 16.42 -15.44 -24.89
CA GLY A 137 16.05 -16.78 -24.48
C GLY A 137 15.81 -16.90 -22.99
N GLY A 1 -30.77 29.07 12.08
CA GLY A 1 -29.85 29.12 13.21
C GLY A 1 -28.42 28.78 12.81
N SER A 2 -27.78 27.93 13.61
CA SER A 2 -26.41 27.53 13.33
C SER A 2 -26.36 26.28 12.46
N SER A 3 -26.11 26.47 11.18
CA SER A 3 -26.05 25.36 10.24
C SER A 3 -25.15 25.71 9.04
N GLY A 4 -24.97 24.74 8.15
CA GLY A 4 -24.14 24.95 6.98
C GLY A 4 -23.88 23.68 6.20
N SER A 5 -24.37 23.63 4.97
CA SER A 5 -24.20 22.46 4.12
C SER A 5 -22.73 22.05 4.07
N SER A 6 -22.49 20.76 3.81
CA SER A 6 -21.14 20.22 3.74
C SER A 6 -20.76 19.91 2.30
N GLY A 7 -21.68 19.30 1.57
CA GLY A 7 -21.44 18.94 0.18
C GLY A 7 -21.04 17.49 0.01
N ASP A 8 -21.58 16.84 -1.02
CA ASP A 8 -21.28 15.44 -1.29
C ASP A 8 -20.41 15.30 -2.53
N GLU A 9 -20.69 16.13 -3.53
CA GLU A 9 -19.93 16.10 -4.78
C GLU A 9 -18.44 15.89 -4.51
N GLU A 10 -17.92 16.64 -3.53
CA GLU A 10 -16.51 16.54 -3.18
C GLU A 10 -16.15 15.11 -2.77
N THR A 11 -16.93 14.55 -1.86
CA THR A 11 -16.69 13.19 -1.38
C THR A 11 -16.62 12.20 -2.53
N LYS A 12 -17.51 12.37 -3.51
CA LYS A 12 -17.55 11.49 -4.67
C LYS A 12 -16.18 11.41 -5.33
N ALA A 13 -15.56 12.56 -5.54
CA ALA A 13 -14.23 12.60 -6.16
C ALA A 13 -13.21 11.82 -5.35
N PHE A 14 -13.39 11.83 -4.03
CA PHE A 14 -12.48 11.12 -3.13
C PHE A 14 -12.71 9.61 -3.21
N GLU A 15 -13.96 9.22 -3.46
CA GLU A 15 -14.31 7.81 -3.55
C GLU A 15 -13.73 7.20 -4.82
N ALA A 16 -13.58 8.01 -5.86
CA ALA A 16 -13.05 7.54 -7.13
C ALA A 16 -11.54 7.76 -7.18
N LEU A 17 -11.08 8.88 -6.66
CA LEU A 17 -9.66 9.21 -6.66
C LEU A 17 -8.89 8.28 -5.71
N LEU A 18 -9.28 8.29 -4.45
CA LEU A 18 -8.64 7.46 -3.45
C LEU A 18 -8.57 6.00 -3.90
N SER A 19 -9.43 5.65 -4.84
CA SER A 19 -9.48 4.29 -5.37
C SER A 19 -8.91 4.23 -6.78
N ASN A 20 -8.00 5.15 -7.08
CA ASN A 20 -7.37 5.21 -8.39
C ASN A 20 -5.86 5.00 -8.30
N ILE A 21 -5.43 4.38 -7.20
CA ILE A 21 -4.01 4.13 -6.97
C ILE A 21 -3.60 2.79 -7.58
N VAL A 22 -2.31 2.48 -7.50
CA VAL A 22 -1.79 1.23 -8.04
C VAL A 22 -1.36 0.28 -6.92
N LYS A 23 -1.68 -1.00 -7.08
CA LYS A 23 -1.32 -2.00 -6.08
C LYS A 23 0.14 -1.88 -5.69
N PRO A 24 0.43 -2.10 -4.40
CA PRO A 24 1.80 -2.03 -3.88
C PRO A 24 2.67 -3.18 -4.35
N VAL A 25 3.97 -2.94 -4.46
CA VAL A 25 4.91 -3.96 -4.91
C VAL A 25 5.84 -4.39 -3.78
N ALA A 26 5.96 -5.69 -3.58
CA ALA A 26 6.82 -6.23 -2.54
C ALA A 26 8.27 -6.34 -3.02
N SER A 27 9.17 -5.67 -2.29
CA SER A 27 10.58 -5.69 -2.63
C SER A 27 11.43 -6.11 -1.44
N ASP A 28 12.69 -6.43 -1.70
CA ASP A 28 13.61 -6.86 -0.66
C ASP A 28 12.87 -7.66 0.41
N ILE A 29 11.97 -8.54 -0.03
CA ILE A 29 11.21 -9.37 0.90
C ILE A 29 12.12 -10.17 1.81
N GLN A 30 11.97 -9.98 3.12
CA GLN A 30 12.78 -10.69 4.10
C GLN A 30 11.94 -11.67 4.89
N ALA A 31 12.56 -12.30 5.89
CA ALA A 31 11.86 -13.26 6.74
C ALA A 31 10.48 -12.75 7.13
N ARG A 32 10.45 -11.72 7.95
CA ARG A 32 9.19 -11.14 8.41
C ARG A 32 9.03 -9.72 7.88
N THR A 33 10.16 -9.06 7.61
CA THR A 33 10.14 -7.69 7.10
C THR A 33 10.18 -7.67 5.58
N VAL A 34 9.67 -6.59 5.00
CA VAL A 34 9.65 -6.44 3.54
C VAL A 34 9.58 -4.97 3.14
N VAL A 35 9.91 -4.68 1.89
CA VAL A 35 9.88 -3.32 1.39
C VAL A 35 8.73 -3.12 0.41
N LEU A 36 7.64 -2.54 0.90
CA LEU A 36 6.47 -2.29 0.07
C LEU A 36 6.51 -0.90 -0.54
N THR A 37 6.46 -0.83 -1.86
CA THR A 37 6.50 0.45 -2.57
C THR A 37 5.28 0.61 -3.47
N TRP A 38 4.54 1.70 -3.26
CA TRP A 38 3.35 1.97 -4.07
C TRP A 38 3.28 3.44 -4.46
N SER A 39 2.60 3.73 -5.55
CA SER A 39 2.46 5.09 -6.05
C SER A 39 1.10 5.67 -5.67
N PRO A 40 1.01 7.00 -5.63
CA PRO A 40 -0.23 7.71 -5.28
C PRO A 40 -1.29 7.58 -6.37
N PRO A 41 -2.53 7.95 -6.03
CA PRO A 41 -3.66 7.88 -6.97
C PRO A 41 -3.55 8.91 -8.09
N SER A 42 -4.28 8.68 -9.18
CA SER A 42 -4.26 9.59 -10.31
C SER A 42 -5.55 10.39 -10.39
N SER A 43 -5.45 11.70 -10.23
CA SER A 43 -6.60 12.59 -10.27
C SER A 43 -7.18 12.64 -11.68
N LEU A 44 -8.42 12.18 -11.84
CA LEU A 44 -9.08 12.18 -13.14
C LEU A 44 -9.81 13.50 -13.37
N ILE A 45 -9.43 14.53 -12.63
CA ILE A 45 -10.04 15.84 -12.76
C ILE A 45 -9.64 16.52 -14.07
N ASN A 46 -8.84 15.81 -14.86
CA ASN A 46 -8.38 16.34 -16.14
C ASN A 46 -7.56 17.61 -15.95
N GLY A 47 -6.94 17.72 -14.78
CA GLY A 47 -6.12 18.89 -14.49
C GLY A 47 -6.94 20.15 -14.37
N GLU A 48 -8.26 20.02 -14.53
CA GLU A 48 -9.15 21.17 -14.45
C GLU A 48 -8.94 21.93 -13.14
N THR A 49 -8.50 21.22 -12.11
CA THR A 49 -8.26 21.82 -10.80
C THR A 49 -6.78 22.13 -10.61
N ASP A 50 -6.49 23.16 -9.82
CA ASP A 50 -5.11 23.55 -9.55
C ASP A 50 -4.23 22.33 -9.33
N GLU A 51 -2.95 22.46 -9.67
CA GLU A 51 -2.00 21.36 -9.50
C GLU A 51 -1.62 21.20 -8.04
N SER A 52 -1.62 22.30 -7.31
CA SER A 52 -1.25 22.28 -5.90
C SER A 52 -2.49 22.15 -5.02
N SER A 53 -3.49 21.42 -5.51
CA SER A 53 -4.73 21.21 -4.78
C SER A 53 -4.79 19.80 -4.20
N VAL A 54 -4.67 18.80 -5.06
CA VAL A 54 -4.71 17.41 -4.62
C VAL A 54 -3.68 17.15 -3.53
N PRO A 55 -4.16 16.64 -2.39
CA PRO A 55 -3.30 16.32 -1.24
C PRO A 55 -2.38 15.14 -1.50
N GLU A 56 -1.40 14.95 -0.63
CA GLU A 56 -0.45 13.84 -0.77
C GLU A 56 -0.30 13.10 0.54
N LEU A 57 -1.33 13.16 1.37
CA LEU A 57 -1.31 12.48 2.67
C LEU A 57 -2.31 11.33 2.70
N TYR A 58 -2.77 10.92 1.52
CA TYR A 58 -3.73 9.83 1.41
C TYR A 58 -3.33 8.66 2.32
N GLY A 59 -4.06 8.52 3.42
CA GLY A 59 -3.78 7.44 4.35
C GLY A 59 -3.73 6.08 3.68
N TYR A 60 -2.52 5.55 3.50
CA TYR A 60 -2.34 4.26 2.86
C TYR A 60 -2.20 3.15 3.91
N GLU A 61 -3.22 2.31 4.00
CA GLU A 61 -3.21 1.20 4.95
C GLU A 61 -3.00 -0.14 4.24
N VAL A 62 -2.04 -0.91 4.74
CA VAL A 62 -1.75 -2.21 4.15
C VAL A 62 -2.61 -3.31 4.76
N LEU A 63 -3.21 -4.14 3.91
CA LEU A 63 -4.05 -5.23 4.36
C LEU A 63 -3.55 -6.56 3.84
N ILE A 64 -3.08 -7.41 4.76
CA ILE A 64 -2.58 -8.73 4.38
C ILE A 64 -3.51 -9.83 4.86
N SER A 65 -3.49 -10.97 4.18
CA SER A 65 -4.34 -12.10 4.52
C SER A 65 -3.86 -13.37 3.83
N SER A 66 -3.57 -14.40 4.63
CA SER A 66 -3.09 -15.67 4.10
C SER A 66 -4.24 -16.67 4.01
N THR A 67 -5.32 -16.40 4.73
CA THR A 67 -6.48 -17.28 4.73
C THR A 67 -7.10 -17.38 3.35
N GLY A 68 -7.19 -16.25 2.66
CA GLY A 68 -7.77 -16.23 1.33
C GLY A 68 -7.71 -14.86 0.69
N LYS A 69 -7.54 -14.84 -0.63
CA LYS A 69 -7.46 -13.58 -1.37
C LYS A 69 -8.79 -12.84 -1.34
N ASP A 70 -9.89 -13.60 -1.25
CA ASP A 70 -11.22 -13.02 -1.20
C ASP A 70 -11.89 -13.29 0.14
N GLY A 71 -11.12 -13.14 1.21
CA GLY A 71 -11.65 -13.37 2.54
C GLY A 71 -11.46 -12.19 3.46
N LYS A 72 -11.34 -12.46 4.76
CA LYS A 72 -11.15 -11.41 5.75
C LYS A 72 -9.69 -10.98 5.81
N TYR A 73 -9.46 -9.68 5.73
CA TYR A 73 -8.10 -9.13 5.78
C TYR A 73 -7.84 -8.42 7.10
N LYS A 74 -6.56 -8.15 7.37
CA LYS A 74 -6.18 -7.47 8.60
C LYS A 74 -5.22 -6.32 8.31
N SER A 75 -5.18 -5.35 9.21
CA SER A 75 -4.31 -4.19 9.05
C SER A 75 -2.96 -4.44 9.71
N VAL A 76 -1.91 -3.84 9.14
CA VAL A 76 -0.57 -3.99 9.68
C VAL A 76 0.13 -2.64 9.81
N TYR A 77 -0.14 -1.76 8.86
CA TYR A 77 0.47 -0.43 8.85
C TYR A 77 -0.37 0.55 8.03
N VAL A 78 -0.50 1.77 8.54
CA VAL A 78 -1.28 2.80 7.86
C VAL A 78 -0.73 4.20 8.16
N GLY A 79 -0.16 4.84 7.16
CA GLY A 79 0.39 6.17 7.34
C GLY A 79 0.18 7.05 6.13
N GLU A 80 1.13 7.96 5.90
CA GLU A 80 1.05 8.88 4.76
C GLU A 80 2.17 8.61 3.77
N GLU A 81 3.30 8.14 4.27
CA GLU A 81 4.46 7.85 3.42
C GLU A 81 4.11 6.78 2.39
N THR A 82 4.64 6.93 1.18
CA THR A 82 4.39 5.99 0.10
C THR A 82 5.10 4.66 0.36
N ASN A 83 6.41 4.72 0.50
CA ASN A 83 7.21 3.52 0.76
C ASN A 83 7.29 3.23 2.25
N ILE A 84 7.05 1.98 2.62
CA ILE A 84 7.11 1.57 4.02
C ILE A 84 7.58 0.12 4.15
N THR A 85 8.03 -0.24 5.35
CA THR A 85 8.51 -1.59 5.61
C THR A 85 7.56 -2.33 6.55
N LEU A 86 7.12 -3.51 6.12
CA LEU A 86 6.22 -4.32 6.92
C LEU A 86 6.97 -5.08 8.01
N ASN A 87 6.27 -5.43 9.08
CA ASN A 87 6.87 -6.15 10.19
C ASN A 87 5.85 -7.09 10.85
N ASP A 88 6.34 -7.93 11.74
CA ASP A 88 5.47 -8.88 12.45
C ASP A 88 4.67 -9.71 11.46
N LEU A 89 5.31 -10.15 10.38
CA LEU A 89 4.65 -10.95 9.36
C LEU A 89 4.89 -12.44 9.60
N LYS A 90 4.35 -13.27 8.72
CA LYS A 90 4.50 -14.72 8.83
C LYS A 90 5.52 -15.23 7.82
N PRO A 91 6.71 -15.61 8.31
CA PRO A 91 7.79 -16.13 7.47
C PRO A 91 7.48 -17.51 6.91
N ALA A 92 8.04 -17.83 5.76
CA ALA A 92 7.82 -19.13 5.12
C ALA A 92 6.36 -19.30 4.74
N MET A 93 5.70 -18.20 4.38
CA MET A 93 4.30 -18.24 4.00
C MET A 93 4.05 -17.36 2.78
N ASP A 94 2.84 -17.45 2.23
CA ASP A 94 2.47 -16.66 1.05
C ASP A 94 1.08 -16.07 1.22
N TYR A 95 0.99 -14.75 1.04
CA TYR A 95 -0.29 -14.06 1.18
C TYR A 95 -0.36 -12.86 0.24
N HIS A 96 -1.53 -12.25 0.15
CA HIS A 96 -1.73 -11.08 -0.71
C HIS A 96 -1.83 -9.81 0.12
N ALA A 97 -1.28 -8.71 -0.40
CA ALA A 97 -1.30 -7.44 0.29
C ALA A 97 -1.93 -6.35 -0.59
N LYS A 98 -2.66 -5.43 0.05
CA LYS A 98 -3.30 -4.34 -0.67
C LYS A 98 -3.13 -3.03 0.07
N VAL A 99 -3.27 -1.92 -0.64
CA VAL A 99 -3.13 -0.60 -0.05
C VAL A 99 -4.38 0.24 -0.28
N GLN A 100 -4.98 0.71 0.81
CA GLN A 100 -6.19 1.51 0.74
C GLN A 100 -5.90 2.96 1.10
N ALA A 101 -6.35 3.88 0.25
CA ALA A 101 -6.14 5.31 0.49
C ALA A 101 -7.34 5.94 1.16
N GLU A 102 -7.10 6.70 2.22
CA GLU A 102 -8.18 7.37 2.96
C GLU A 102 -7.84 8.83 3.20
N TYR A 103 -8.80 9.71 2.92
CA TYR A 103 -8.61 11.14 3.11
C TYR A 103 -9.90 11.81 3.55
N ASN A 104 -9.79 12.82 4.41
CA ASN A 104 -10.95 13.55 4.90
C ASN A 104 -11.99 12.58 5.48
N SER A 105 -11.50 11.51 6.11
CA SER A 105 -12.39 10.51 6.70
C SER A 105 -13.18 9.78 5.63
N ILE A 106 -12.61 9.70 4.44
CA ILE A 106 -13.27 9.02 3.32
C ILE A 106 -12.52 7.75 2.93
N LYS A 107 -13.08 6.61 3.30
CA LYS A 107 -12.46 5.32 2.98
C LYS A 107 -12.92 4.82 1.61
N GLY A 108 -11.96 4.60 0.71
CA GLY A 108 -12.28 4.13 -0.62
C GLY A 108 -12.02 2.65 -0.78
N THR A 109 -11.86 2.21 -2.02
CA THR A 109 -11.61 0.81 -2.32
C THR A 109 -10.12 0.55 -2.52
N PRO A 110 -9.62 -0.55 -1.93
CA PRO A 110 -8.21 -0.93 -2.04
C PRO A 110 -7.84 -1.40 -3.44
N SER A 111 -6.55 -1.35 -3.77
CA SER A 111 -6.08 -1.77 -5.08
C SER A 111 -5.89 -3.29 -5.14
N GLU A 112 -5.52 -3.79 -6.31
CA GLU A 112 -5.31 -5.22 -6.49
C GLU A 112 -4.46 -5.80 -5.36
N ALA A 113 -4.39 -7.12 -5.28
CA ALA A 113 -3.62 -7.80 -4.25
C ALA A 113 -2.29 -8.30 -4.80
N GLU A 114 -1.21 -7.92 -4.13
CA GLU A 114 0.12 -8.33 -4.56
C GLU A 114 0.66 -9.45 -3.67
N ILE A 115 0.72 -10.65 -4.24
CA ILE A 115 1.20 -11.82 -3.50
C ILE A 115 2.73 -11.83 -3.45
N PHE A 116 3.27 -12.24 -2.30
CA PHE A 116 4.72 -12.30 -2.12
C PHE A 116 5.08 -13.30 -1.03
N THR A 117 5.97 -14.24 -1.37
CA THR A 117 6.40 -15.25 -0.42
C THR A 117 7.56 -14.76 0.44
N THR A 118 7.42 -14.89 1.75
CA THR A 118 8.45 -14.45 2.68
C THR A 118 9.35 -15.61 3.09
N LEU A 119 10.65 -15.34 3.18
CA LEU A 119 11.61 -16.36 3.57
C LEU A 119 11.38 -16.81 5.01
N SER A 120 11.90 -17.99 5.34
CA SER A 120 11.74 -18.54 6.69
C SER A 120 12.85 -18.03 7.61
N CYS A 121 12.57 -18.01 8.90
CA CYS A 121 13.53 -17.54 9.89
C CYS A 121 14.95 -17.92 9.49
N GLU A 122 15.08 -19.05 8.81
CA GLU A 122 16.39 -19.54 8.37
C GLU A 122 16.57 -19.32 6.87
N PRO A 123 17.83 -19.15 6.44
CA PRO A 123 18.17 -18.93 5.03
C PRO A 123 17.93 -20.18 4.18
N ASP A 124 16.73 -20.31 3.65
CA ASP A 124 16.39 -21.45 2.81
C ASP A 124 16.19 -21.02 1.36
N ILE A 125 15.13 -20.26 1.11
CA ILE A 125 14.83 -19.79 -0.23
C ILE A 125 15.97 -18.95 -0.79
N PRO A 126 16.15 -19.00 -2.12
CA PRO A 126 17.21 -18.24 -2.80
C PRO A 126 16.95 -16.73 -2.79
N ASN A 127 17.98 -15.97 -2.46
CA ASN A 127 17.86 -14.51 -2.43
C ASN A 127 19.00 -13.85 -3.18
N PRO A 128 18.79 -12.59 -3.59
CA PRO A 128 19.79 -11.81 -4.34
C PRO A 128 20.99 -11.44 -3.47
N PRO A 129 22.08 -11.02 -4.13
CA PRO A 129 23.31 -10.62 -3.44
C PRO A 129 23.15 -9.31 -2.67
N ARG A 130 23.42 -9.36 -1.37
CA ARG A 130 23.31 -8.18 -0.52
C ARG A 130 24.67 -7.76 0.01
N ILE A 131 25.50 -8.75 0.34
CA ILE A 131 26.85 -8.48 0.86
C ILE A 131 27.56 -7.44 0.02
N SER A 132 27.68 -6.23 0.57
CA SER A 132 28.34 -5.14 -0.13
C SER A 132 29.85 -5.16 0.12
N GLY A 133 30.60 -4.60 -0.81
CA GLY A 133 32.05 -4.56 -0.67
C GLY A 133 32.52 -3.48 0.28
N PRO A 134 32.68 -2.26 -0.25
CA PRO A 134 33.12 -1.11 0.54
C PRO A 134 32.06 -0.64 1.54
N SER A 135 32.52 -0.14 2.69
CA SER A 135 31.61 0.33 3.72
C SER A 135 32.38 1.02 4.84
N SER A 136 31.90 2.21 5.23
CA SER A 136 32.55 2.98 6.28
C SER A 136 31.54 3.88 7.00
N GLY A 137 31.88 4.30 8.21
CA GLY A 137 31.00 5.15 8.98
C GLY A 137 31.59 6.52 9.24
N GLY A 1 -24.81 18.08 9.35
CA GLY A 1 -25.49 16.90 9.85
C GLY A 1 -26.29 16.20 8.77
N SER A 2 -27.19 16.93 8.13
CA SER A 2 -28.03 16.37 7.09
C SER A 2 -27.72 17.00 5.74
N SER A 3 -28.06 16.29 4.67
CA SER A 3 -27.82 16.79 3.31
C SER A 3 -28.28 18.23 3.16
N GLY A 4 -27.32 19.15 3.10
CA GLY A 4 -27.66 20.56 2.96
C GLY A 4 -26.56 21.36 2.30
N SER A 5 -26.36 21.14 1.01
CA SER A 5 -25.32 21.84 0.26
C SER A 5 -24.06 21.99 1.10
N SER A 6 -23.71 20.93 1.82
CA SER A 6 -22.53 20.94 2.68
C SER A 6 -21.25 20.78 1.84
N GLY A 7 -21.24 19.78 0.96
CA GLY A 7 -20.09 19.54 0.13
C GLY A 7 -19.94 18.09 -0.25
N ASP A 8 -20.76 17.62 -1.19
CA ASP A 8 -20.72 16.23 -1.64
C ASP A 8 -19.77 16.08 -2.82
N GLU A 9 -19.87 17.00 -3.79
CA GLU A 9 -19.02 16.96 -4.97
C GLU A 9 -17.59 16.61 -4.60
N GLU A 10 -17.14 17.12 -3.46
CA GLU A 10 -15.78 16.87 -2.99
C GLU A 10 -15.61 15.41 -2.55
N THR A 11 -16.60 14.90 -1.82
CA THR A 11 -16.58 13.54 -1.33
C THR A 11 -16.54 12.54 -2.49
N LYS A 12 -17.34 12.81 -3.52
CA LYS A 12 -17.40 11.95 -4.69
C LYS A 12 -16.02 11.78 -5.32
N ALA A 13 -15.34 12.90 -5.54
CA ALA A 13 -14.00 12.88 -6.14
C ALA A 13 -13.06 12.01 -5.32
N PHE A 14 -13.23 12.02 -4.01
CA PHE A 14 -12.39 11.23 -3.11
C PHE A 14 -12.73 9.75 -3.22
N GLU A 15 -14.00 9.46 -3.45
CA GLU A 15 -14.46 8.07 -3.57
C GLU A 15 -13.87 7.41 -4.81
N ALA A 16 -13.61 8.21 -5.84
CA ALA A 16 -13.04 7.70 -7.08
C ALA A 16 -11.52 7.82 -7.08
N LEU A 17 -11.02 8.97 -6.65
CA LEU A 17 -9.59 9.21 -6.59
C LEU A 17 -8.91 8.23 -5.64
N LEU A 18 -9.37 8.19 -4.39
CA LEU A 18 -8.82 7.30 -3.39
C LEU A 18 -8.83 5.85 -3.89
N SER A 19 -9.74 5.55 -4.80
CA SER A 19 -9.87 4.21 -5.35
C SER A 19 -9.24 4.13 -6.74
N ASN A 20 -8.27 5.00 -7.00
CA ASN A 20 -7.60 5.03 -8.29
C ASN A 20 -6.10 4.81 -8.14
N ILE A 21 -5.73 4.13 -7.06
CA ILE A 21 -4.33 3.83 -6.79
C ILE A 21 -3.88 2.56 -7.50
N VAL A 22 -2.64 2.15 -7.25
CA VAL A 22 -2.10 0.94 -7.86
C VAL A 22 -1.59 -0.03 -6.80
N LYS A 23 -1.98 -1.29 -6.92
CA LYS A 23 -1.56 -2.31 -5.97
C LYS A 23 -0.09 -2.15 -5.61
N PRO A 24 0.22 -2.35 -4.32
CA PRO A 24 1.59 -2.23 -3.81
C PRO A 24 2.49 -3.35 -4.31
N VAL A 25 3.77 -3.04 -4.53
CA VAL A 25 4.72 -4.03 -5.00
C VAL A 25 5.67 -4.45 -3.88
N ALA A 26 5.83 -5.75 -3.70
CA ALA A 26 6.71 -6.28 -2.67
C ALA A 26 8.14 -6.43 -3.18
N SER A 27 9.08 -5.77 -2.52
CA SER A 27 10.48 -5.82 -2.92
C SER A 27 11.37 -6.03 -1.71
N ASP A 28 12.67 -6.21 -1.97
CA ASP A 28 13.64 -6.44 -0.89
C ASP A 28 13.02 -7.24 0.24
N ILE A 29 12.17 -8.20 -0.12
CA ILE A 29 11.52 -9.05 0.88
C ILE A 29 12.53 -9.80 1.72
N GLN A 30 12.34 -9.76 3.04
CA GLN A 30 13.25 -10.44 3.96
C GLN A 30 12.49 -11.43 4.84
N ALA A 31 13.19 -12.02 5.80
CA ALA A 31 12.59 -12.99 6.71
C ALA A 31 11.15 -12.59 7.05
N ARG A 32 11.00 -11.55 7.87
CA ARG A 32 9.69 -11.08 8.27
C ARG A 32 9.43 -9.67 7.76
N THR A 33 10.52 -8.93 7.53
CA THR A 33 10.42 -7.56 7.03
C THR A 33 10.51 -7.52 5.51
N VAL A 34 9.87 -6.51 4.92
CA VAL A 34 9.88 -6.35 3.47
C VAL A 34 9.71 -4.89 3.07
N VAL A 35 9.88 -4.61 1.79
CA VAL A 35 9.74 -3.25 1.27
C VAL A 35 8.53 -3.12 0.35
N LEU A 36 7.44 -2.56 0.88
CA LEU A 36 6.22 -2.39 0.10
C LEU A 36 6.15 -0.98 -0.48
N THR A 37 6.24 -0.88 -1.80
CA THR A 37 6.19 0.41 -2.47
C THR A 37 4.99 0.49 -3.41
N TRP A 38 4.23 1.58 -3.31
CA TRP A 38 3.06 1.77 -4.16
C TRP A 38 3.00 3.20 -4.68
N SER A 39 2.28 3.38 -5.79
CA SER A 39 2.15 4.71 -6.39
C SER A 39 0.82 5.36 -5.99
N PRO A 40 0.80 6.69 -6.01
CA PRO A 40 -0.40 7.47 -5.64
C PRO A 40 -1.51 7.34 -6.69
N PRO A 41 -2.74 7.61 -6.26
CA PRO A 41 -3.91 7.55 -7.15
C PRO A 41 -3.92 8.65 -8.20
N SER A 42 -4.63 8.42 -9.30
CA SER A 42 -4.71 9.39 -10.38
C SER A 42 -6.01 10.18 -10.29
N SER A 43 -5.89 11.50 -10.23
CA SER A 43 -7.05 12.38 -10.13
C SER A 43 -7.86 12.33 -11.42
N LEU A 44 -9.17 12.15 -11.28
CA LEU A 44 -10.06 12.09 -12.43
C LEU A 44 -10.77 13.42 -12.65
N ILE A 45 -10.21 14.48 -12.09
CA ILE A 45 -10.79 15.81 -12.22
C ILE A 45 -10.69 16.31 -13.66
N ASN A 46 -10.08 15.50 -14.52
CA ASN A 46 -9.92 15.87 -15.93
C ASN A 46 -8.90 16.98 -16.09
N GLY A 47 -7.98 17.09 -15.14
CA GLY A 47 -6.96 18.11 -15.20
C GLY A 47 -7.50 19.48 -14.84
N GLU A 48 -8.81 19.59 -14.69
CA GLU A 48 -9.45 20.85 -14.35
C GLU A 48 -8.94 21.37 -13.01
N THR A 49 -8.41 20.47 -12.19
CA THR A 49 -7.89 20.83 -10.89
C THR A 49 -6.41 21.20 -10.96
N ASP A 50 -5.93 21.91 -9.94
CA ASP A 50 -4.53 22.32 -9.90
C ASP A 50 -3.69 21.28 -9.15
N GLU A 51 -2.38 21.33 -9.37
CA GLU A 51 -1.46 20.40 -8.71
C GLU A 51 -1.30 20.73 -7.24
N SER A 52 -1.76 21.92 -6.85
CA SER A 52 -1.65 22.36 -5.46
C SER A 52 -3.02 22.31 -4.78
N SER A 53 -3.86 21.39 -5.23
CA SER A 53 -5.20 21.23 -4.66
C SER A 53 -5.40 19.83 -4.11
N VAL A 54 -4.95 18.83 -4.87
CA VAL A 54 -5.08 17.44 -4.46
C VAL A 54 -4.04 17.08 -3.41
N PRO A 55 -4.50 16.53 -2.27
CA PRO A 55 -3.63 16.13 -1.18
C PRO A 55 -2.77 14.92 -1.53
N GLU A 56 -1.65 14.77 -0.82
CA GLU A 56 -0.75 13.64 -1.06
C GLU A 56 -0.55 12.82 0.20
N LEU A 57 -1.43 13.04 1.18
CA LEU A 57 -1.37 12.31 2.44
C LEU A 57 -2.39 11.19 2.48
N TYR A 58 -2.87 10.79 1.31
CA TYR A 58 -3.86 9.73 1.21
C TYR A 58 -3.52 8.57 2.15
N GLY A 59 -4.19 8.52 3.29
CA GLY A 59 -3.95 7.45 4.25
C GLY A 59 -3.94 6.08 3.61
N TYR A 60 -2.75 5.52 3.42
CA TYR A 60 -2.61 4.21 2.80
C TYR A 60 -2.53 3.12 3.87
N GLU A 61 -3.49 2.20 3.85
CA GLU A 61 -3.53 1.11 4.81
C GLU A 61 -3.21 -0.22 4.14
N VAL A 62 -2.32 -0.99 4.74
CA VAL A 62 -1.93 -2.29 4.20
C VAL A 62 -2.80 -3.40 4.76
N LEU A 63 -3.27 -4.28 3.86
CA LEU A 63 -4.12 -5.39 4.26
C LEU A 63 -3.56 -6.71 3.75
N ILE A 64 -3.30 -7.63 4.67
CA ILE A 64 -2.77 -8.94 4.31
C ILE A 64 -3.58 -10.06 4.94
N SER A 65 -3.50 -11.25 4.36
CA SER A 65 -4.24 -12.40 4.85
C SER A 65 -3.48 -13.70 4.57
N SER A 66 -3.08 -14.39 5.64
CA SER A 66 -2.34 -15.63 5.51
C SER A 66 -3.29 -16.79 5.22
N THR A 67 -4.53 -16.67 5.68
CA THR A 67 -5.53 -17.70 5.47
C THR A 67 -5.85 -17.87 3.98
N GLY A 68 -6.24 -16.77 3.34
CA GLY A 68 -6.57 -16.81 1.93
C GLY A 68 -6.90 -15.44 1.37
N LYS A 69 -6.69 -15.27 0.07
CA LYS A 69 -6.97 -14.00 -0.59
C LYS A 69 -8.46 -13.67 -0.53
N ASP A 70 -9.29 -14.71 -0.48
CA ASP A 70 -10.74 -14.53 -0.42
C ASP A 70 -11.25 -14.74 1.00
N GLY A 71 -10.55 -14.17 1.97
CA GLY A 71 -10.94 -14.30 3.35
C GLY A 71 -10.84 -13.00 4.13
N LYS A 72 -10.70 -13.09 5.44
CA LYS A 72 -10.58 -11.90 6.28
C LYS A 72 -9.22 -11.26 6.12
N TYR A 73 -9.16 -9.95 6.36
CA TYR A 73 -7.92 -9.20 6.24
C TYR A 73 -7.62 -8.41 7.51
N LYS A 74 -6.35 -8.26 7.83
CA LYS A 74 -5.93 -7.52 9.02
C LYS A 74 -4.98 -6.39 8.65
N SER A 75 -5.01 -5.33 9.45
CA SER A 75 -4.17 -4.16 9.21
C SER A 75 -2.79 -4.36 9.86
N VAL A 76 -1.74 -4.01 9.11
CA VAL A 76 -0.38 -4.14 9.61
C VAL A 76 0.30 -2.78 9.73
N TYR A 77 0.02 -1.90 8.77
CA TYR A 77 0.60 -0.56 8.77
C TYR A 77 -0.38 0.46 8.20
N VAL A 78 -0.42 1.64 8.80
CA VAL A 78 -1.31 2.70 8.35
C VAL A 78 -0.63 4.06 8.42
N GLY A 79 -0.36 4.64 7.26
CA GLY A 79 0.29 5.94 7.20
C GLY A 79 0.00 6.68 5.92
N GLU A 80 0.96 7.50 5.48
CA GLU A 80 0.80 8.27 4.26
C GLU A 80 1.95 8.02 3.29
N GLU A 81 3.10 7.65 3.85
CA GLU A 81 4.29 7.38 3.04
C GLU A 81 4.01 6.29 2.02
N THR A 82 4.17 6.61 0.74
CA THR A 82 3.94 5.65 -0.33
C THR A 82 4.77 4.39 -0.13
N ASN A 83 6.02 4.56 0.26
CA ASN A 83 6.92 3.44 0.49
C ASN A 83 7.12 3.18 1.98
N ILE A 84 6.79 1.98 2.42
CA ILE A 84 6.92 1.62 3.83
C ILE A 84 7.43 0.19 3.98
N THR A 85 7.90 -0.14 5.17
CA THR A 85 8.41 -1.48 5.44
C THR A 85 7.48 -2.24 6.39
N LEU A 86 7.14 -3.47 6.02
CA LEU A 86 6.26 -4.30 6.84
C LEU A 86 7.03 -4.98 7.95
N ASN A 87 6.35 -5.27 9.06
CA ASN A 87 6.98 -5.93 10.19
C ASN A 87 5.98 -6.81 10.94
N ASP A 88 6.49 -7.76 11.71
CA ASP A 88 5.64 -8.67 12.47
C ASP A 88 4.97 -9.67 11.56
N LEU A 89 5.63 -10.00 10.45
CA LEU A 89 5.08 -10.95 9.49
C LEU A 89 5.57 -12.37 9.80
N LYS A 90 5.13 -13.33 8.99
CA LYS A 90 5.51 -14.72 9.18
C LYS A 90 6.39 -15.19 8.03
N PRO A 91 7.63 -15.59 8.36
CA PRO A 91 8.59 -16.08 7.37
C PRO A 91 8.20 -17.44 6.79
N ALA A 92 8.83 -17.80 5.68
CA ALA A 92 8.54 -19.07 5.03
C ALA A 92 7.06 -19.23 4.74
N MET A 93 6.42 -18.12 4.34
CA MET A 93 5.00 -18.14 4.03
C MET A 93 4.69 -17.25 2.84
N ASP A 94 3.48 -17.38 2.30
CA ASP A 94 3.07 -16.59 1.15
C ASP A 94 1.66 -16.03 1.36
N TYR A 95 1.53 -14.72 1.19
CA TYR A 95 0.24 -14.05 1.36
C TYR A 95 0.13 -12.83 0.45
N HIS A 96 -1.09 -12.36 0.25
CA HIS A 96 -1.33 -11.20 -0.59
C HIS A 96 -1.39 -9.92 0.24
N ALA A 97 -1.18 -8.78 -0.42
CA ALA A 97 -1.21 -7.49 0.26
C ALA A 97 -1.91 -6.44 -0.58
N LYS A 98 -2.68 -5.58 0.06
CA LYS A 98 -3.41 -4.52 -0.63
C LYS A 98 -3.27 -3.19 0.10
N VAL A 99 -3.41 -2.10 -0.64
CA VAL A 99 -3.30 -0.77 -0.07
C VAL A 99 -4.57 0.04 -0.30
N GLN A 100 -5.20 0.47 0.79
CA GLN A 100 -6.43 1.26 0.71
C GLN A 100 -6.16 2.72 1.04
N ALA A 101 -6.70 3.62 0.22
CA ALA A 101 -6.52 5.05 0.43
C ALA A 101 -7.73 5.65 1.13
N GLU A 102 -7.48 6.46 2.16
CA GLU A 102 -8.54 7.09 2.92
C GLU A 102 -8.19 8.54 3.24
N TYR A 103 -9.08 9.45 2.90
CA TYR A 103 -8.87 10.87 3.14
C TYR A 103 -10.17 11.57 3.53
N ASN A 104 -10.12 12.35 4.60
CA ASN A 104 -11.29 13.07 5.08
C ASN A 104 -12.36 12.10 5.57
N SER A 105 -11.92 10.95 6.07
CA SER A 105 -12.84 9.94 6.58
C SER A 105 -13.62 9.29 5.44
N ILE A 106 -12.99 9.25 4.26
CA ILE A 106 -13.62 8.66 3.09
C ILE A 106 -12.85 7.42 2.62
N LYS A 107 -13.42 6.25 2.86
CA LYS A 107 -12.79 5.00 2.46
C LYS A 107 -13.29 4.56 1.09
N GLY A 108 -12.36 4.22 0.20
CA GLY A 108 -12.72 3.79 -1.13
C GLY A 108 -12.61 2.29 -1.30
N THR A 109 -11.83 1.86 -2.29
CA THR A 109 -11.64 0.44 -2.56
C THR A 109 -10.16 0.08 -2.64
N PRO A 110 -9.78 -1.03 -1.99
CA PRO A 110 -8.40 -1.50 -1.97
C PRO A 110 -7.95 -2.03 -3.34
N SER A 111 -6.75 -1.65 -3.75
CA SER A 111 -6.21 -2.07 -5.03
C SER A 111 -6.12 -3.60 -5.10
N GLU A 112 -5.56 -4.10 -6.21
CA GLU A 112 -5.42 -5.54 -6.39
C GLU A 112 -4.58 -6.15 -5.27
N ALA A 113 -4.40 -7.47 -5.34
CA ALA A 113 -3.61 -8.17 -4.33
C ALA A 113 -2.23 -8.53 -4.87
N GLU A 114 -1.21 -8.31 -4.04
CA GLU A 114 0.17 -8.61 -4.43
C GLU A 114 0.76 -9.69 -3.54
N ILE A 115 0.82 -10.92 -4.05
CA ILE A 115 1.36 -12.04 -3.29
C ILE A 115 2.89 -12.02 -3.30
N PHE A 116 3.49 -12.28 -2.15
CA PHE A 116 4.95 -12.28 -2.03
C PHE A 116 5.40 -13.27 -0.96
N THR A 117 6.27 -14.20 -1.35
CA THR A 117 6.78 -15.20 -0.43
C THR A 117 7.95 -14.67 0.38
N THR A 118 7.90 -14.86 1.69
CA THR A 118 8.96 -14.39 2.58
C THR A 118 9.96 -15.52 2.88
N LEU A 119 11.20 -15.14 3.14
CA LEU A 119 12.25 -16.10 3.44
C LEU A 119 12.11 -16.61 4.88
N SER A 120 12.96 -17.57 5.23
CA SER A 120 12.94 -18.15 6.58
C SER A 120 13.86 -17.38 7.52
N CYS A 121 13.50 -17.36 8.80
CA CYS A 121 14.30 -16.65 9.80
C CYS A 121 15.78 -16.84 9.54
N GLU A 122 16.14 -17.97 8.94
CA GLU A 122 17.54 -18.26 8.64
C GLU A 122 17.88 -17.88 7.20
N PRO A 123 19.17 -17.62 6.96
CA PRO A 123 19.67 -17.24 5.63
C PRO A 123 19.59 -18.39 4.63
N ASP A 124 18.44 -18.53 3.98
CA ASP A 124 18.24 -19.59 2.99
C ASP A 124 18.20 -19.01 1.58
N ILE A 125 17.33 -18.03 1.36
CA ILE A 125 17.20 -17.40 0.06
C ILE A 125 18.52 -16.80 -0.39
N PRO A 126 19.03 -17.27 -1.53
CA PRO A 126 20.29 -16.79 -2.10
C PRO A 126 20.18 -15.36 -2.64
N ASN A 127 19.16 -15.12 -3.46
CA ASN A 127 18.95 -13.80 -4.04
C ASN A 127 17.46 -13.44 -4.02
N PRO A 128 17.17 -12.17 -3.72
CA PRO A 128 15.79 -11.67 -3.67
C PRO A 128 15.15 -11.59 -5.04
N PRO A 129 13.81 -11.66 -5.08
CA PRO A 129 13.05 -11.60 -6.33
C PRO A 129 13.08 -10.21 -6.95
N ARG A 130 13.24 -10.17 -8.27
CA ARG A 130 13.29 -8.89 -8.99
C ARG A 130 12.23 -8.85 -10.09
N ILE A 131 11.88 -7.64 -10.52
CA ILE A 131 10.88 -7.46 -11.56
C ILE A 131 11.30 -8.15 -12.85
N SER A 132 10.33 -8.66 -13.59
CA SER A 132 10.60 -9.34 -14.85
C SER A 132 9.93 -8.62 -16.03
N GLY A 133 10.60 -8.62 -17.16
CA GLY A 133 10.07 -7.95 -18.34
C GLY A 133 9.36 -8.92 -19.27
N PRO A 134 8.38 -8.41 -20.02
CA PRO A 134 7.60 -9.21 -20.97
C PRO A 134 8.44 -9.63 -22.18
N SER A 135 8.50 -10.95 -22.42
CA SER A 135 9.26 -11.48 -23.54
C SER A 135 8.63 -11.06 -24.87
N SER A 136 9.48 -10.82 -25.87
CA SER A 136 9.00 -10.40 -27.19
C SER A 136 10.01 -10.78 -28.27
N GLY A 137 9.52 -11.29 -29.38
CA GLY A 137 10.38 -11.69 -30.48
C GLY A 137 9.79 -11.37 -31.84
N GLY A 1 -27.35 28.38 -4.52
CA GLY A 1 -27.12 29.10 -3.28
C GLY A 1 -27.13 28.18 -2.07
N SER A 2 -25.98 28.05 -1.42
CA SER A 2 -25.87 27.20 -0.24
C SER A 2 -25.78 28.03 1.03
N SER A 3 -26.95 28.33 1.61
CA SER A 3 -27.01 29.12 2.84
C SER A 3 -26.00 28.62 3.86
N GLY A 4 -26.00 27.30 4.09
CA GLY A 4 -25.09 26.72 5.05
C GLY A 4 -23.78 26.31 4.42
N SER A 5 -23.10 25.34 5.04
CA SER A 5 -21.82 24.86 4.54
C SER A 5 -21.83 23.33 4.38
N SER A 6 -21.85 22.87 3.14
CA SER A 6 -21.86 21.43 2.86
C SER A 6 -21.59 21.17 1.39
N GLY A 7 -21.31 19.92 1.05
CA GLY A 7 -21.05 19.54 -0.32
C GLY A 7 -20.70 18.08 -0.48
N ASP A 8 -21.40 17.41 -1.38
CA ASP A 8 -21.16 15.98 -1.63
C ASP A 8 -20.26 15.78 -2.85
N GLU A 9 -20.48 16.59 -3.87
CA GLU A 9 -19.69 16.50 -5.10
C GLU A 9 -18.21 16.29 -4.77
N GLU A 10 -17.74 16.95 -3.73
CA GLU A 10 -16.35 16.84 -3.32
C GLU A 10 -16.02 15.41 -2.86
N THR A 11 -16.90 14.86 -2.03
CA THR A 11 -16.72 13.51 -1.51
C THR A 11 -16.66 12.49 -2.65
N LYS A 12 -17.49 12.70 -3.67
CA LYS A 12 -17.53 11.80 -4.82
C LYS A 12 -16.16 11.67 -5.46
N ALA A 13 -15.54 12.81 -5.75
CA ALA A 13 -14.22 12.82 -6.36
C ALA A 13 -13.22 12.03 -5.52
N PHE A 14 -13.40 12.06 -4.21
CA PHE A 14 -12.51 11.35 -3.30
C PHE A 14 -12.78 9.85 -3.35
N GLU A 15 -14.04 9.48 -3.55
CA GLU A 15 -14.44 8.08 -3.61
C GLU A 15 -13.84 7.41 -4.84
N ALA A 16 -13.68 8.18 -5.90
CA ALA A 16 -13.12 7.66 -7.15
C ALA A 16 -11.61 7.86 -7.20
N LEU A 17 -11.15 9.00 -6.72
CA LEU A 17 -9.71 9.31 -6.70
C LEU A 17 -8.97 8.39 -5.75
N LEU A 18 -9.38 8.39 -4.48
CA LEU A 18 -8.75 7.55 -3.47
C LEU A 18 -8.73 6.10 -3.91
N SER A 19 -9.65 5.72 -4.78
CA SER A 19 -9.73 4.36 -5.28
C SER A 19 -9.17 4.27 -6.70
N ASN A 20 -8.22 5.14 -7.02
CA ASN A 20 -7.61 5.16 -8.34
C ASN A 20 -6.11 4.96 -8.25
N ILE A 21 -5.67 4.25 -7.21
CA ILE A 21 -4.25 3.98 -7.00
C ILE A 21 -3.87 2.62 -7.55
N VAL A 22 -2.56 2.36 -7.59
CA VAL A 22 -2.06 1.08 -8.09
C VAL A 22 -1.59 0.18 -6.95
N LYS A 23 -1.85 -1.11 -7.08
CA LYS A 23 -1.45 -2.08 -6.05
C LYS A 23 0.02 -1.92 -5.70
N PRO A 24 0.35 -2.12 -4.42
CA PRO A 24 1.72 -2.00 -3.93
C PRO A 24 2.62 -3.13 -4.43
N VAL A 25 3.88 -2.80 -4.68
CA VAL A 25 4.84 -3.79 -5.17
C VAL A 25 5.80 -4.21 -4.07
N ALA A 26 5.91 -5.52 -3.84
CA ALA A 26 6.80 -6.06 -2.83
C ALA A 26 8.23 -6.17 -3.34
N SER A 27 9.17 -5.61 -2.59
CA SER A 27 10.58 -5.66 -2.98
C SER A 27 11.47 -5.85 -1.75
N ASP A 28 12.78 -5.99 -2.00
CA ASP A 28 13.74 -6.17 -0.92
C ASP A 28 13.12 -6.97 0.23
N ILE A 29 12.36 -8.00 -0.12
CA ILE A 29 11.72 -8.84 0.88
C ILE A 29 12.75 -9.56 1.74
N GLN A 30 12.45 -9.68 3.03
CA GLN A 30 13.35 -10.35 3.97
C GLN A 30 12.61 -11.39 4.79
N ALA A 31 13.31 -11.99 5.75
CA ALA A 31 12.71 -13.01 6.60
C ALA A 31 11.27 -12.66 6.94
N ARG A 32 11.09 -11.69 7.83
CA ARG A 32 9.76 -11.25 8.24
C ARG A 32 9.45 -9.85 7.73
N THR A 33 10.51 -9.06 7.51
CA THR A 33 10.35 -7.71 7.02
C THR A 33 10.45 -7.65 5.50
N VAL A 34 9.78 -6.67 4.90
CA VAL A 34 9.80 -6.50 3.45
C VAL A 34 9.70 -5.03 3.06
N VAL A 35 9.78 -4.76 1.76
CA VAL A 35 9.71 -3.40 1.26
C VAL A 35 8.50 -3.22 0.35
N LEU A 36 7.48 -2.55 0.85
CA LEU A 36 6.26 -2.30 0.09
C LEU A 36 6.26 -0.89 -0.50
N THR A 37 6.33 -0.79 -1.81
CA THR A 37 6.33 0.50 -2.49
C THR A 37 5.13 0.64 -3.43
N TRP A 38 4.38 1.71 -3.26
CA TRP A 38 3.20 1.95 -4.10
C TRP A 38 3.14 3.41 -4.54
N SER A 39 2.36 3.68 -5.58
CA SER A 39 2.22 5.03 -6.11
C SER A 39 0.85 5.61 -5.75
N PRO A 40 0.78 6.94 -5.66
CA PRO A 40 -0.47 7.65 -5.33
C PRO A 40 -1.50 7.57 -6.46
N PRO A 41 -2.75 7.93 -6.15
CA PRO A 41 -3.85 7.91 -7.11
C PRO A 41 -3.69 8.98 -8.19
N SER A 42 -4.29 8.74 -9.35
CA SER A 42 -4.22 9.70 -10.45
C SER A 42 -5.52 10.48 -10.59
N SER A 43 -5.48 11.76 -10.22
CA SER A 43 -6.66 12.61 -10.29
C SER A 43 -7.15 12.73 -11.73
N LEU A 44 -8.42 12.37 -11.95
CA LEU A 44 -9.01 12.44 -13.29
C LEU A 44 -9.63 13.81 -13.53
N ILE A 45 -9.31 14.76 -12.66
CA ILE A 45 -9.82 16.12 -12.79
C ILE A 45 -9.47 16.72 -14.14
N ASN A 46 -8.53 16.09 -14.83
CA ASN A 46 -8.10 16.55 -16.14
C ASN A 46 -7.33 17.87 -16.03
N GLY A 47 -6.63 18.04 -14.91
CA GLY A 47 -5.86 19.25 -14.69
C GLY A 47 -6.74 20.46 -14.43
N GLU A 48 -8.06 20.27 -14.52
CA GLU A 48 -9.00 21.35 -14.30
C GLU A 48 -8.65 22.14 -13.04
N THR A 49 -7.88 21.50 -12.15
CA THR A 49 -7.47 22.14 -10.91
C THR A 49 -5.95 22.22 -10.81
N ASP A 50 -5.47 23.11 -9.94
CA ASP A 50 -4.04 23.29 -9.76
C ASP A 50 -3.35 21.96 -9.48
N GLU A 51 -2.13 21.81 -9.98
CA GLU A 51 -1.36 20.59 -9.80
C GLU A 51 -0.94 20.43 -8.33
N SER A 52 -0.67 21.55 -7.68
CA SER A 52 -0.25 21.54 -6.28
C SER A 52 -1.46 21.65 -5.35
N SER A 53 -2.57 21.06 -5.76
CA SER A 53 -3.80 21.08 -4.98
C SER A 53 -4.05 19.73 -4.32
N VAL A 54 -4.07 18.67 -5.13
CA VAL A 54 -4.30 17.33 -4.62
C VAL A 54 -3.33 16.99 -3.49
N PRO A 55 -3.88 16.53 -2.36
CA PRO A 55 -3.09 16.16 -1.19
C PRO A 55 -2.26 14.90 -1.42
N GLU A 56 -1.24 14.70 -0.59
CA GLU A 56 -0.37 13.53 -0.71
C GLU A 56 -0.29 12.78 0.62
N LEU A 57 -1.31 12.96 1.46
CA LEU A 57 -1.34 12.31 2.76
C LEU A 57 -2.42 11.23 2.79
N TYR A 58 -2.79 10.73 1.61
CA TYR A 58 -3.81 9.69 1.51
C TYR A 58 -3.48 8.51 2.41
N GLY A 59 -4.23 8.38 3.51
CA GLY A 59 -4.00 7.29 4.43
C GLY A 59 -3.93 5.94 3.74
N TYR A 60 -2.73 5.41 3.61
CA TYR A 60 -2.54 4.12 2.96
C TYR A 60 -2.48 3.00 3.99
N GLU A 61 -3.51 2.16 4.00
CA GLU A 61 -3.59 1.04 4.94
C GLU A 61 -3.20 -0.26 4.24
N VAL A 62 -2.26 -0.98 4.84
CA VAL A 62 -1.81 -2.26 4.29
C VAL A 62 -2.61 -3.42 4.86
N LEU A 63 -3.28 -4.15 3.99
CA LEU A 63 -4.08 -5.30 4.40
C LEU A 63 -3.46 -6.60 3.92
N ILE A 64 -3.28 -7.54 4.84
CA ILE A 64 -2.70 -8.84 4.51
C ILE A 64 -3.48 -9.97 5.16
N SER A 65 -3.54 -11.11 4.47
CA SER A 65 -4.26 -12.28 4.98
C SER A 65 -3.40 -13.53 4.88
N SER A 66 -2.61 -13.78 5.93
CA SER A 66 -1.73 -14.94 5.96
C SER A 66 -2.50 -16.21 5.60
N THR A 67 -3.78 -16.24 5.95
CA THR A 67 -4.63 -17.40 5.65
C THR A 67 -4.98 -17.46 4.17
N GLY A 68 -5.43 -16.34 3.63
CA GLY A 68 -5.79 -16.29 2.22
C GLY A 68 -6.44 -14.98 1.84
N LYS A 69 -6.31 -14.59 0.58
CA LYS A 69 -6.88 -13.35 0.08
C LYS A 69 -8.36 -13.26 0.43
N ASP A 70 -9.12 -14.27 0.02
CA ASP A 70 -10.56 -14.30 0.30
C ASP A 70 -10.83 -14.70 1.74
N GLY A 71 -10.11 -14.07 2.67
CA GLY A 71 -10.29 -14.38 4.08
C GLY A 71 -10.40 -13.14 4.93
N LYS A 72 -9.86 -13.20 6.14
CA LYS A 72 -9.89 -12.08 7.06
C LYS A 72 -8.60 -11.26 6.98
N TYR A 73 -8.75 -9.97 6.65
CA TYR A 73 -7.61 -9.08 6.53
C TYR A 73 -7.31 -8.39 7.86
N LYS A 74 -6.05 -8.05 8.08
CA LYS A 74 -5.63 -7.38 9.31
C LYS A 74 -4.75 -6.18 9.00
N SER A 75 -4.85 -5.15 9.82
CA SER A 75 -4.05 -3.93 9.63
C SER A 75 -2.66 -4.10 10.23
N VAL A 76 -1.64 -3.97 9.39
CA VAL A 76 -0.26 -4.10 9.83
C VAL A 76 0.42 -2.74 9.94
N TYR A 77 -0.04 -1.80 9.13
CA TYR A 77 0.53 -0.45 9.12
C TYR A 77 -0.46 0.55 8.55
N VAL A 78 -0.55 1.72 9.19
CA VAL A 78 -1.46 2.77 8.75
C VAL A 78 -0.80 4.14 8.82
N GLY A 79 -0.48 4.69 7.65
CA GLY A 79 0.16 5.99 7.60
C GLY A 79 -0.14 6.74 6.31
N GLU A 80 0.81 7.57 5.87
CA GLU A 80 0.65 8.33 4.65
C GLU A 80 1.78 8.04 3.67
N GLU A 81 2.95 7.70 4.21
CA GLU A 81 4.11 7.40 3.38
C GLU A 81 3.79 6.30 2.37
N THR A 82 4.25 6.48 1.13
CA THR A 82 4.02 5.51 0.07
C THR A 82 4.91 4.28 0.25
N ASN A 83 6.17 4.50 0.59
CA ASN A 83 7.12 3.42 0.79
C ASN A 83 7.26 3.09 2.27
N ILE A 84 7.01 1.84 2.62
CA ILE A 84 7.12 1.40 4.01
C ILE A 84 7.66 -0.02 4.09
N THR A 85 8.11 -0.41 5.28
CA THR A 85 8.67 -1.73 5.50
C THR A 85 7.79 -2.55 6.43
N LEU A 86 7.40 -3.74 5.99
CA LEU A 86 6.55 -4.63 6.79
C LEU A 86 7.34 -5.23 7.95
N ASN A 87 6.64 -5.56 9.02
CA ASN A 87 7.27 -6.15 10.20
C ASN A 87 6.28 -7.03 10.97
N ASP A 88 6.81 -7.99 11.71
CA ASP A 88 5.98 -8.90 12.48
C ASP A 88 5.27 -9.90 11.57
N LEU A 89 5.97 -10.36 10.55
CA LEU A 89 5.40 -11.32 9.60
C LEU A 89 6.00 -12.71 9.83
N LYS A 90 5.48 -13.69 9.10
CA LYS A 90 5.94 -15.06 9.21
C LYS A 90 6.82 -15.44 8.02
N PRO A 91 8.05 -15.89 8.31
CA PRO A 91 9.02 -16.29 7.28
C PRO A 91 8.61 -17.57 6.57
N ALA A 92 9.05 -17.72 5.33
CA ALA A 92 8.73 -18.91 4.54
C ALA A 92 7.23 -19.04 4.33
N MET A 93 6.57 -17.92 4.04
CA MET A 93 5.13 -17.92 3.82
C MET A 93 4.76 -17.02 2.65
N ASP A 94 3.64 -17.32 2.00
CA ASP A 94 3.19 -16.53 0.85
C ASP A 94 1.75 -16.06 1.07
N TYR A 95 1.56 -14.75 1.07
CA TYR A 95 0.24 -14.17 1.27
C TYR A 95 0.04 -12.95 0.35
N HIS A 96 -1.20 -12.48 0.28
CA HIS A 96 -1.54 -11.33 -0.56
C HIS A 96 -1.50 -10.05 0.26
N ALA A 97 -1.44 -8.91 -0.43
CA ALA A 97 -1.40 -7.61 0.23
C ALA A 97 -2.10 -6.55 -0.61
N LYS A 98 -2.60 -5.52 0.06
CA LYS A 98 -3.31 -4.43 -0.62
C LYS A 98 -3.11 -3.12 0.13
N VAL A 99 -3.41 -2.01 -0.56
CA VAL A 99 -3.28 -0.68 0.05
C VAL A 99 -4.54 0.14 -0.17
N GLN A 100 -5.14 0.59 0.92
CA GLN A 100 -6.36 1.39 0.86
C GLN A 100 -6.06 2.85 1.20
N ALA A 101 -6.53 3.76 0.35
CA ALA A 101 -6.33 5.18 0.56
C ALA A 101 -7.53 5.82 1.24
N GLU A 102 -7.27 6.58 2.30
CA GLU A 102 -8.34 7.24 3.04
C GLU A 102 -7.99 8.71 3.31
N TYR A 103 -8.91 9.60 2.98
CA TYR A 103 -8.71 11.02 3.18
C TYR A 103 -10.01 11.72 3.56
N ASN A 104 -9.95 12.56 4.57
CA ASN A 104 -11.13 13.30 5.03
C ASN A 104 -12.20 12.34 5.53
N SER A 105 -11.77 11.24 6.15
CA SER A 105 -12.69 10.24 6.67
C SER A 105 -13.47 9.58 5.53
N ILE A 106 -12.86 9.51 4.36
CA ILE A 106 -13.50 8.90 3.20
C ILE A 106 -12.76 7.65 2.76
N LYS A 107 -13.35 6.49 3.02
CA LYS A 107 -12.75 5.22 2.64
C LYS A 107 -13.26 4.76 1.27
N GLY A 108 -12.33 4.60 0.33
CA GLY A 108 -12.69 4.17 -1.00
C GLY A 108 -12.58 2.66 -1.18
N THR A 109 -11.72 2.24 -2.11
CA THR A 109 -11.52 0.83 -2.36
C THR A 109 -10.04 0.51 -2.54
N PRO A 110 -9.60 -0.62 -1.96
CA PRO A 110 -8.20 -1.06 -2.05
C PRO A 110 -7.83 -1.54 -3.44
N SER A 111 -6.57 -1.35 -3.80
CA SER A 111 -6.09 -1.75 -5.12
C SER A 111 -6.04 -3.28 -5.24
N GLU A 112 -5.57 -3.76 -6.38
CA GLU A 112 -5.47 -5.19 -6.61
C GLU A 112 -4.72 -5.89 -5.48
N ALA A 113 -4.51 -7.19 -5.63
CA ALA A 113 -3.79 -7.96 -4.62
C ALA A 113 -2.37 -8.28 -5.07
N GLU A 114 -1.42 -8.16 -4.14
CA GLU A 114 -0.02 -8.43 -4.44
C GLU A 114 0.53 -9.51 -3.53
N ILE A 115 0.84 -10.66 -4.11
CA ILE A 115 1.38 -11.78 -3.34
C ILE A 115 2.91 -11.73 -3.29
N PHE A 116 3.46 -11.74 -2.09
CA PHE A 116 4.91 -11.69 -1.91
C PHE A 116 5.37 -12.74 -0.90
N THR A 117 6.21 -13.66 -1.35
CA THR A 117 6.72 -14.72 -0.49
C THR A 117 7.96 -14.26 0.27
N THR A 118 7.95 -14.48 1.58
CA THR A 118 9.07 -14.09 2.43
C THR A 118 10.07 -15.22 2.59
N LEU A 119 11.32 -14.88 2.86
CA LEU A 119 12.37 -15.88 3.04
C LEU A 119 12.28 -16.51 4.43
N SER A 120 13.13 -17.51 4.67
CA SER A 120 13.15 -18.20 5.95
C SER A 120 14.09 -17.50 6.92
N CYS A 121 13.79 -17.61 8.22
CA CYS A 121 14.61 -16.98 9.25
C CYS A 121 16.09 -17.07 8.89
N GLU A 122 16.49 -18.21 8.32
CA GLU A 122 17.88 -18.43 7.93
C GLU A 122 18.14 -17.90 6.53
N PRO A 123 19.43 -17.66 6.22
CA PRO A 123 19.84 -17.16 4.92
C PRO A 123 19.66 -18.19 3.80
N ASP A 124 18.57 -18.05 3.05
CA ASP A 124 18.28 -18.96 1.96
C ASP A 124 18.30 -18.23 0.61
N ILE A 125 17.31 -17.39 0.39
CA ILE A 125 17.21 -16.63 -0.85
C ILE A 125 18.56 -16.02 -1.23
N PRO A 126 19.08 -16.38 -2.41
CA PRO A 126 20.35 -15.88 -2.91
C PRO A 126 20.29 -14.41 -3.28
N ASN A 127 20.66 -13.54 -2.34
CA ASN A 127 20.65 -12.10 -2.56
C ASN A 127 22.07 -11.54 -2.52
N PRO A 128 22.70 -11.47 -3.70
CA PRO A 128 24.07 -10.94 -3.83
C PRO A 128 24.14 -9.44 -3.58
N PRO A 129 25.27 -8.98 -3.03
CA PRO A 129 25.50 -7.56 -2.74
C PRO A 129 25.64 -6.72 -4.01
N ARG A 130 24.70 -5.82 -4.22
CA ARG A 130 24.72 -4.96 -5.40
C ARG A 130 25.63 -3.74 -5.16
N ILE A 131 26.70 -3.65 -5.94
CA ILE A 131 27.64 -2.54 -5.82
C ILE A 131 27.57 -1.63 -7.04
N SER A 132 26.37 -1.37 -7.51
CA SER A 132 26.16 -0.51 -8.68
C SER A 132 25.28 0.68 -8.33
N GLY A 133 25.82 1.88 -8.52
CA GLY A 133 25.06 3.09 -8.23
C GLY A 133 25.43 4.25 -9.13
N PRO A 134 25.02 5.46 -8.75
CA PRO A 134 25.31 6.67 -9.52
C PRO A 134 26.78 7.06 -9.49
N SER A 135 27.19 7.89 -10.44
CA SER A 135 28.58 8.34 -10.51
C SER A 135 28.67 9.72 -11.15
N SER A 136 29.52 10.57 -10.58
CA SER A 136 29.70 11.92 -11.08
C SER A 136 31.06 12.48 -10.65
N GLY A 137 31.93 12.71 -11.63
CA GLY A 137 33.25 13.26 -11.34
C GLY A 137 34.29 12.16 -11.16
N GLY A 1 -10.63 27.78 11.77
CA GLY A 1 -11.56 26.76 11.34
C GLY A 1 -12.97 27.27 11.21
N SER A 2 -13.62 26.95 10.09
CA SER A 2 -14.98 27.40 9.83
C SER A 2 -16.00 26.36 10.33
N SER A 3 -16.96 26.81 11.11
CA SER A 3 -17.99 25.92 11.65
C SER A 3 -19.05 25.61 10.60
N GLY A 4 -18.91 24.46 9.94
CA GLY A 4 -19.85 24.06 8.93
C GLY A 4 -19.24 24.04 7.54
N SER A 5 -18.92 22.85 7.05
CA SER A 5 -18.32 22.70 5.73
C SER A 5 -19.29 22.05 4.76
N SER A 6 -19.96 22.88 3.96
CA SER A 6 -20.93 22.39 2.99
C SER A 6 -20.24 22.07 1.66
N GLY A 7 -20.00 20.78 1.42
CA GLY A 7 -19.36 20.36 0.20
C GLY A 7 -19.38 18.86 0.02
N ASP A 8 -20.11 18.40 -1.00
CA ASP A 8 -20.21 16.96 -1.28
C ASP A 8 -19.42 16.60 -2.53
N GLU A 9 -19.50 17.46 -3.54
CA GLU A 9 -18.79 17.22 -4.80
C GLU A 9 -17.37 16.75 -4.54
N GLU A 10 -16.79 17.19 -3.44
CA GLU A 10 -15.43 16.82 -3.08
C GLU A 10 -15.38 15.36 -2.60
N THR A 11 -16.37 14.96 -1.80
CA THR A 11 -16.43 13.61 -1.28
C THR A 11 -16.47 12.59 -2.42
N LYS A 12 -17.33 12.83 -3.40
CA LYS A 12 -17.46 11.94 -4.54
C LYS A 12 -16.12 11.72 -5.22
N ALA A 13 -15.47 12.82 -5.59
CA ALA A 13 -14.16 12.75 -6.25
C ALA A 13 -13.19 11.91 -5.43
N PHE A 14 -13.35 11.93 -4.11
CA PHE A 14 -12.48 11.17 -3.22
C PHE A 14 -12.80 9.69 -3.28
N GLU A 15 -14.09 9.37 -3.39
CA GLU A 15 -14.53 7.98 -3.45
C GLU A 15 -13.92 7.27 -4.66
N ALA A 16 -13.70 8.03 -5.73
CA ALA A 16 -13.12 7.46 -6.95
C ALA A 16 -11.60 7.63 -6.96
N LEU A 17 -11.15 8.84 -6.68
CA LEU A 17 -9.72 9.14 -6.66
C LEU A 17 -8.99 8.21 -5.70
N LEU A 18 -9.47 8.15 -4.45
CA LEU A 18 -8.85 7.30 -3.43
C LEU A 18 -8.83 5.85 -3.89
N SER A 19 -9.85 5.44 -4.62
CA SER A 19 -9.94 4.07 -5.12
C SER A 19 -9.38 3.96 -6.53
N ASN A 20 -8.46 4.88 -6.86
CA ASN A 20 -7.85 4.89 -8.18
C ASN A 20 -6.33 4.72 -8.08
N ILE A 21 -5.89 4.05 -7.02
CA ILE A 21 -4.47 3.81 -6.81
C ILE A 21 -4.01 2.52 -7.48
N VAL A 22 -2.75 2.17 -7.27
CA VAL A 22 -2.19 0.95 -7.85
C VAL A 22 -1.70 0.00 -6.76
N LYS A 23 -2.02 -1.29 -6.93
CA LYS A 23 -1.61 -2.31 -5.97
C LYS A 23 -0.14 -2.14 -5.59
N PRO A 24 0.17 -2.37 -4.30
CA PRO A 24 1.53 -2.25 -3.79
C PRO A 24 2.45 -3.35 -4.30
N VAL A 25 3.69 -2.99 -4.61
CA VAL A 25 4.66 -3.96 -5.10
C VAL A 25 5.64 -4.37 -4.01
N ALA A 26 5.73 -5.68 -3.77
CA ALA A 26 6.62 -6.21 -2.75
C ALA A 26 8.05 -6.32 -3.28
N SER A 27 8.99 -5.72 -2.56
CA SER A 27 10.40 -5.75 -2.97
C SER A 27 11.30 -6.00 -1.76
N ASP A 28 12.59 -6.18 -2.02
CA ASP A 28 13.56 -6.43 -0.96
C ASP A 28 12.94 -7.24 0.17
N ILE A 29 12.12 -8.22 -0.20
CA ILE A 29 11.46 -9.08 0.77
C ILE A 29 12.47 -9.78 1.67
N GLN A 30 12.17 -9.84 2.97
CA GLN A 30 13.06 -10.47 3.93
C GLN A 30 12.30 -11.47 4.79
N ALA A 31 12.99 -12.04 5.78
CA ALA A 31 12.38 -13.01 6.68
C ALA A 31 10.96 -12.59 7.06
N ARG A 32 10.87 -11.57 7.90
CA ARG A 32 9.57 -11.06 8.35
C ARG A 32 9.31 -9.67 7.80
N THR A 33 10.39 -8.94 7.51
CA THR A 33 10.27 -7.58 6.99
C THR A 33 10.32 -7.58 5.47
N VAL A 34 9.71 -6.56 4.87
CA VAL A 34 9.68 -6.44 3.42
C VAL A 34 9.50 -4.99 2.99
N VAL A 35 9.79 -4.71 1.72
CA VAL A 35 9.66 -3.35 1.19
C VAL A 35 8.43 -3.23 0.29
N LEU A 36 7.40 -2.58 0.80
CA LEU A 36 6.17 -2.38 0.04
C LEU A 36 6.10 -0.99 -0.56
N THR A 37 6.17 -0.92 -1.89
CA THR A 37 6.11 0.36 -2.59
C THR A 37 4.90 0.45 -3.49
N TRP A 38 4.04 1.43 -3.24
CA TRP A 38 2.84 1.61 -4.04
C TRP A 38 2.75 3.04 -4.58
N SER A 39 2.10 3.20 -5.72
CA SER A 39 1.95 4.52 -6.34
C SER A 39 0.63 5.17 -5.93
N PRO A 40 0.62 6.51 -5.88
CA PRO A 40 -0.57 7.28 -5.51
C PRO A 40 -1.66 7.20 -6.58
N PRO A 41 -2.89 7.57 -6.18
CA PRO A 41 -4.05 7.57 -7.09
C PRO A 41 -3.95 8.64 -8.16
N SER A 42 -4.74 8.48 -9.22
CA SER A 42 -4.74 9.44 -10.32
C SER A 42 -6.09 10.14 -10.42
N SER A 43 -6.11 11.42 -10.05
CA SER A 43 -7.34 12.20 -10.10
C SER A 43 -7.84 12.34 -11.53
N LEU A 44 -9.12 12.03 -11.73
CA LEU A 44 -9.72 12.12 -13.06
C LEU A 44 -10.38 13.48 -13.27
N ILE A 45 -9.96 14.46 -12.48
CA ILE A 45 -10.49 15.81 -12.58
C ILE A 45 -10.11 16.46 -13.92
N ASN A 46 -9.32 15.74 -14.71
CA ASN A 46 -8.88 16.24 -16.00
C ASN A 46 -8.00 17.48 -15.84
N GLY A 47 -7.36 17.59 -14.68
CA GLY A 47 -6.49 18.73 -14.41
C GLY A 47 -7.27 20.00 -14.15
N GLU A 48 -8.60 19.90 -14.14
CA GLU A 48 -9.45 21.05 -13.90
C GLU A 48 -9.14 21.68 -12.54
N THR A 49 -8.55 20.89 -11.65
CA THR A 49 -8.20 21.37 -10.32
C THR A 49 -6.79 21.95 -10.30
N ASP A 50 -6.58 22.96 -9.46
CA ASP A 50 -5.28 23.60 -9.34
C ASP A 50 -4.20 22.57 -9.02
N GLU A 51 -3.07 22.67 -9.71
CA GLU A 51 -1.96 21.75 -9.48
C GLU A 51 -1.70 21.54 -8.00
N SER A 52 -1.75 22.64 -7.24
CA SER A 52 -1.52 22.58 -5.80
C SER A 52 -2.81 22.28 -5.05
N SER A 53 -3.69 21.52 -5.69
CA SER A 53 -4.97 21.16 -5.08
C SER A 53 -4.93 19.75 -4.51
N VAL A 54 -4.91 18.75 -5.40
CA VAL A 54 -4.87 17.36 -4.97
C VAL A 54 -3.80 17.14 -3.91
N PRO A 55 -4.24 16.72 -2.71
CA PRO A 55 -3.33 16.45 -1.59
C PRO A 55 -2.46 15.23 -1.82
N GLU A 56 -1.46 15.05 -0.97
CA GLU A 56 -0.55 13.91 -1.07
C GLU A 56 -0.43 13.19 0.26
N LEU A 57 -1.46 13.31 1.09
CA LEU A 57 -1.47 12.66 2.40
C LEU A 57 -2.50 11.54 2.45
N TYR A 58 -2.83 10.99 1.28
CA TYR A 58 -3.80 9.91 1.19
C TYR A 58 -3.46 8.78 2.16
N GLY A 59 -4.22 8.70 3.26
CA GLY A 59 -3.98 7.68 4.24
C GLY A 59 -4.03 6.27 3.65
N TYR A 60 -2.87 5.66 3.47
CA TYR A 60 -2.79 4.32 2.91
C TYR A 60 -2.77 3.27 4.01
N GLU A 61 -3.59 2.23 3.85
CA GLU A 61 -3.66 1.15 4.83
C GLU A 61 -3.22 -0.18 4.21
N VAL A 62 -2.23 -0.81 4.83
CA VAL A 62 -1.72 -2.09 4.34
C VAL A 62 -2.51 -3.26 4.93
N LEU A 63 -3.05 -4.09 4.06
CA LEU A 63 -3.83 -5.25 4.49
C LEU A 63 -3.16 -6.55 4.06
N ILE A 64 -3.16 -7.53 4.94
CA ILE A 64 -2.55 -8.82 4.65
C ILE A 64 -3.38 -9.96 5.22
N SER A 65 -3.54 -11.03 4.45
CA SER A 65 -4.30 -12.19 4.89
C SER A 65 -3.50 -13.47 4.70
N SER A 66 -2.79 -13.89 5.75
CA SER A 66 -1.98 -15.09 5.70
C SER A 66 -2.87 -16.33 5.65
N THR A 67 -4.14 -16.16 5.96
CA THR A 67 -5.10 -17.26 5.95
C THR A 67 -5.66 -17.50 4.55
N GLY A 68 -5.07 -16.82 3.56
CA GLY A 68 -5.53 -16.96 2.20
C GLY A 68 -6.30 -15.76 1.71
N LYS A 69 -6.05 -15.37 0.46
CA LYS A 69 -6.73 -14.21 -0.13
C LYS A 69 -8.21 -14.19 0.26
N ASP A 70 -8.84 -15.37 0.22
CA ASP A 70 -10.25 -15.49 0.56
C ASP A 70 -10.43 -15.63 2.07
N GLY A 71 -9.80 -14.73 2.83
CA GLY A 71 -9.90 -14.77 4.27
C GLY A 71 -10.04 -13.39 4.89
N LYS A 72 -9.77 -13.30 6.18
CA LYS A 72 -9.87 -12.01 6.89
C LYS A 72 -8.56 -11.24 6.79
N TYR A 73 -8.66 -9.96 6.48
CA TYR A 73 -7.48 -9.11 6.36
C TYR A 73 -7.29 -8.27 7.62
N LYS A 74 -6.03 -7.97 7.93
CA LYS A 74 -5.70 -7.17 9.10
C LYS A 74 -4.86 -5.95 8.72
N SER A 75 -4.78 -4.98 9.63
CA SER A 75 -4.01 -3.77 9.38
C SER A 75 -2.64 -3.85 10.02
N VAL A 76 -1.60 -3.80 9.20
CA VAL A 76 -0.22 -3.87 9.68
C VAL A 76 0.41 -2.48 9.75
N TYR A 77 0.02 -1.62 8.82
CA TYR A 77 0.55 -0.27 8.78
C TYR A 77 -0.49 0.72 8.25
N VAL A 78 -0.39 1.97 8.66
CA VAL A 78 -1.31 3.01 8.23
C VAL A 78 -0.68 4.39 8.31
N GLY A 79 -0.41 4.99 7.15
CA GLY A 79 0.19 6.30 7.13
C GLY A 79 0.01 7.00 5.79
N GLU A 80 0.96 7.84 5.42
CA GLU A 80 0.89 8.57 4.16
C GLU A 80 1.99 8.11 3.21
N GLU A 81 3.22 8.01 3.73
CA GLU A 81 4.36 7.58 2.93
C GLU A 81 3.94 6.56 1.89
N THR A 82 4.48 6.68 0.68
CA THR A 82 4.16 5.76 -0.41
C THR A 82 4.78 4.40 -0.17
N ASN A 83 6.05 4.37 0.22
CA ASN A 83 6.75 3.12 0.48
C ASN A 83 7.04 2.96 1.97
N ILE A 84 6.83 1.75 2.48
CA ILE A 84 7.07 1.46 3.88
C ILE A 84 7.49 0.01 4.09
N THR A 85 8.08 -0.28 5.25
CA THR A 85 8.53 -1.62 5.56
C THR A 85 7.58 -2.30 6.54
N LEU A 86 7.14 -3.50 6.19
CA LEU A 86 6.23 -4.26 7.05
C LEU A 86 7.00 -4.97 8.17
N ASN A 87 6.28 -5.34 9.23
CA ASN A 87 6.89 -6.01 10.37
C ASN A 87 5.89 -6.94 11.04
N ASP A 88 6.39 -7.91 11.79
CA ASP A 88 5.54 -8.86 12.49
C ASP A 88 4.89 -9.84 11.53
N LEU A 89 5.65 -10.25 10.51
CA LEU A 89 5.14 -11.18 9.51
C LEU A 89 5.75 -12.57 9.71
N LYS A 90 5.19 -13.56 9.02
CA LYS A 90 5.67 -14.92 9.11
C LYS A 90 6.64 -15.25 7.98
N PRO A 91 7.87 -15.63 8.34
CA PRO A 91 8.92 -15.97 7.37
C PRO A 91 8.62 -17.27 6.63
N ALA A 92 9.12 -17.37 5.40
CA ALA A 92 8.90 -18.57 4.60
C ALA A 92 7.43 -18.79 4.31
N MET A 93 6.69 -17.69 4.18
CA MET A 93 5.26 -17.77 3.92
C MET A 93 4.88 -16.93 2.70
N ASP A 94 3.83 -17.34 2.00
CA ASP A 94 3.37 -16.62 0.81
C ASP A 94 1.92 -16.18 0.97
N TYR A 95 1.69 -14.87 0.89
CA TYR A 95 0.35 -14.32 1.03
C TYR A 95 0.18 -13.08 0.16
N HIS A 96 -1.05 -12.58 0.09
CA HIS A 96 -1.35 -11.40 -0.72
C HIS A 96 -1.43 -10.16 0.17
N ALA A 97 -1.30 -8.99 -0.46
CA ALA A 97 -1.35 -7.73 0.27
C ALA A 97 -2.00 -6.64 -0.57
N LYS A 98 -2.80 -5.79 0.08
CA LYS A 98 -3.48 -4.71 -0.62
C LYS A 98 -3.29 -3.39 0.13
N VAL A 99 -3.57 -2.28 -0.56
CA VAL A 99 -3.45 -0.96 0.04
C VAL A 99 -4.69 -0.12 -0.21
N GLN A 100 -5.26 0.41 0.87
CA GLN A 100 -6.46 1.24 0.77
C GLN A 100 -6.16 2.69 1.12
N ALA A 101 -6.62 3.61 0.28
CA ALA A 101 -6.40 5.03 0.51
C ALA A 101 -7.62 5.68 1.15
N GLU A 102 -7.37 6.66 2.02
CA GLU A 102 -8.46 7.35 2.70
C GLU A 102 -8.09 8.81 2.95
N TYR A 103 -9.03 9.71 2.68
CA TYR A 103 -8.81 11.14 2.86
C TYR A 103 -10.11 11.86 3.19
N ASN A 104 -10.04 12.80 4.12
CA ASN A 104 -11.23 13.56 4.52
C ASN A 104 -12.30 12.64 5.09
N SER A 105 -11.86 11.62 5.83
CA SER A 105 -12.79 10.67 6.42
C SER A 105 -13.54 9.89 5.35
N ILE A 106 -12.91 9.73 4.20
CA ILE A 106 -13.52 9.00 3.09
C ILE A 106 -12.73 7.73 2.77
N LYS A 107 -13.41 6.59 2.83
CA LYS A 107 -12.77 5.31 2.55
C LYS A 107 -13.25 4.75 1.20
N GLY A 108 -12.30 4.39 0.35
CA GLY A 108 -12.64 3.85 -0.95
C GLY A 108 -12.43 2.35 -1.03
N THR A 109 -12.02 1.87 -2.21
CA THR A 109 -11.78 0.45 -2.41
C THR A 109 -10.30 0.16 -2.54
N PRO A 110 -9.83 -0.91 -1.87
CA PRO A 110 -8.43 -1.33 -1.90
C PRO A 110 -8.03 -1.88 -3.26
N SER A 111 -6.82 -1.52 -3.71
CA SER A 111 -6.31 -1.99 -4.99
C SER A 111 -6.20 -3.51 -5.02
N GLU A 112 -5.66 -4.04 -6.11
CA GLU A 112 -5.49 -5.48 -6.26
C GLU A 112 -4.59 -6.03 -5.16
N ALA A 113 -4.35 -7.34 -5.21
CA ALA A 113 -3.51 -8.00 -4.22
C ALA A 113 -2.15 -8.34 -4.81
N GLU A 114 -1.09 -8.07 -4.04
CA GLU A 114 0.27 -8.34 -4.49
C GLU A 114 0.91 -9.44 -3.65
N ILE A 115 0.92 -10.65 -4.18
CA ILE A 115 1.50 -11.80 -3.49
C ILE A 115 3.02 -11.68 -3.40
N PHE A 116 3.55 -11.87 -2.20
CA PHE A 116 4.99 -11.79 -1.98
C PHE A 116 5.46 -12.84 -0.99
N THR A 117 6.28 -13.78 -1.47
CA THR A 117 6.79 -14.85 -0.62
C THR A 117 7.98 -14.38 0.19
N THR A 118 7.91 -14.58 1.51
CA THR A 118 8.99 -14.18 2.40
C THR A 118 9.94 -15.34 2.68
N LEU A 119 11.19 -15.02 3.00
CA LEU A 119 12.19 -16.02 3.28
C LEU A 119 12.08 -16.50 4.73
N SER A 120 12.71 -17.64 5.02
CA SER A 120 12.69 -18.20 6.37
C SER A 120 13.42 -17.31 7.36
N CYS A 121 13.14 -17.49 8.64
CA CYS A 121 13.76 -16.69 9.69
C CYS A 121 15.19 -16.33 9.31
N GLU A 122 15.88 -17.25 8.62
CA GLU A 122 17.25 -17.03 8.21
C GLU A 122 17.33 -16.71 6.72
N PRO A 123 18.38 -15.99 6.32
CA PRO A 123 18.58 -15.60 4.91
C PRO A 123 18.94 -16.79 4.03
N ASP A 124 17.92 -17.40 3.44
CA ASP A 124 18.13 -18.56 2.57
C ASP A 124 17.78 -18.21 1.13
N ILE A 125 17.81 -16.92 0.80
CA ILE A 125 17.50 -16.45 -0.54
C ILE A 125 18.73 -15.87 -1.22
N PRO A 126 19.02 -16.37 -2.43
CA PRO A 126 20.17 -15.91 -3.22
C PRO A 126 19.99 -14.49 -3.75
N ASN A 127 21.07 -13.91 -4.27
CA ASN A 127 21.03 -12.55 -4.79
C ASN A 127 20.71 -11.55 -3.69
N PRO A 128 21.53 -11.58 -2.62
CA PRO A 128 21.36 -10.66 -1.48
C PRO A 128 21.72 -9.23 -1.82
N PRO A 129 21.26 -8.29 -0.99
CA PRO A 129 21.51 -6.86 -1.19
C PRO A 129 22.97 -6.49 -0.96
N ARG A 130 23.26 -5.20 -1.00
CA ARG A 130 24.62 -4.71 -0.79
C ARG A 130 25.24 -5.34 0.46
N ILE A 131 26.14 -6.30 0.26
CA ILE A 131 26.80 -6.98 1.36
C ILE A 131 27.08 -6.01 2.51
N SER A 132 26.58 -6.34 3.70
CA SER A 132 26.78 -5.50 4.87
C SER A 132 27.21 -6.34 6.07
N GLY A 133 28.50 -6.67 6.13
CA GLY A 133 29.01 -7.46 7.23
C GLY A 133 30.51 -7.71 7.12
N PRO A 134 31.19 -7.80 8.27
CA PRO A 134 32.63 -8.04 8.32
C PRO A 134 33.00 -9.45 7.88
N SER A 135 33.57 -9.56 6.69
CA SER A 135 33.97 -10.85 6.14
C SER A 135 35.48 -10.94 6.00
N SER A 136 36.02 -12.15 6.07
CA SER A 136 37.45 -12.36 5.95
C SER A 136 37.76 -13.35 4.82
N GLY A 137 36.77 -13.58 3.96
CA GLY A 137 36.96 -14.49 2.85
C GLY A 137 36.74 -15.94 3.24
N GLY A 1 -17.84 21.24 7.90
CA GLY A 1 -18.31 20.01 7.30
C GLY A 1 -19.07 20.24 6.02
N SER A 2 -20.19 20.95 6.12
CA SER A 2 -21.02 21.23 4.96
C SER A 2 -21.51 22.68 4.98
N SER A 3 -21.18 23.42 3.93
CA SER A 3 -21.57 24.82 3.83
C SER A 3 -21.58 25.28 2.37
N GLY A 4 -22.48 26.21 2.05
CA GLY A 4 -22.58 26.72 0.70
C GLY A 4 -22.79 25.61 -0.33
N SER A 5 -22.14 25.74 -1.48
CA SER A 5 -22.28 24.76 -2.54
C SER A 5 -22.32 23.34 -1.96
N SER A 6 -22.86 22.41 -2.74
CA SER A 6 -22.96 21.02 -2.31
C SER A 6 -21.58 20.43 -2.02
N GLY A 7 -21.39 19.97 -0.80
CA GLY A 7 -20.11 19.39 -0.42
C GLY A 7 -19.94 17.98 -0.93
N ASP A 8 -21.02 17.20 -0.88
CA ASP A 8 -20.99 15.81 -1.35
C ASP A 8 -20.11 15.68 -2.60
N GLU A 9 -20.33 16.58 -3.56
CA GLU A 9 -19.58 16.56 -4.81
C GLU A 9 -18.10 16.23 -4.54
N GLU A 10 -17.52 16.91 -3.56
CA GLU A 10 -16.11 16.70 -3.22
C GLU A 10 -15.88 15.25 -2.79
N THR A 11 -16.76 14.74 -1.94
CA THR A 11 -16.65 13.36 -1.47
C THR A 11 -16.59 12.38 -2.63
N LYS A 12 -17.45 12.59 -3.62
CA LYS A 12 -17.50 11.71 -4.79
C LYS A 12 -16.11 11.58 -5.41
N ALA A 13 -15.52 12.70 -5.76
CA ALA A 13 -14.19 12.70 -6.37
C ALA A 13 -13.19 11.92 -5.52
N PHE A 14 -13.38 11.98 -4.20
CA PHE A 14 -12.50 11.28 -3.28
C PHE A 14 -12.75 9.76 -3.32
N GLU A 15 -14.02 9.40 -3.55
CA GLU A 15 -14.39 7.99 -3.60
C GLU A 15 -13.78 7.31 -4.82
N ALA A 16 -13.59 8.08 -5.88
CA ALA A 16 -13.01 7.56 -7.12
C ALA A 16 -11.50 7.76 -7.14
N LEU A 17 -11.06 8.94 -6.72
CA LEU A 17 -9.63 9.26 -6.70
C LEU A 17 -8.89 8.36 -5.71
N LEU A 18 -9.36 8.32 -4.47
CA LEU A 18 -8.74 7.49 -3.44
C LEU A 18 -8.71 6.03 -3.86
N SER A 19 -9.55 5.68 -4.83
CA SER A 19 -9.62 4.31 -5.33
C SER A 19 -9.06 4.21 -6.74
N ASN A 20 -8.19 5.16 -7.09
CA ASN A 20 -7.58 5.18 -8.41
C ASN A 20 -6.07 4.96 -8.32
N ILE A 21 -5.64 4.33 -7.24
CA ILE A 21 -4.22 4.06 -7.02
C ILE A 21 -3.83 2.70 -7.61
N VAL A 22 -2.57 2.34 -7.43
CA VAL A 22 -2.07 1.06 -7.94
C VAL A 22 -1.65 0.14 -6.80
N LYS A 23 -1.75 -1.17 -7.04
CA LYS A 23 -1.38 -2.16 -6.03
C LYS A 23 0.08 -2.00 -5.62
N PRO A 24 0.36 -2.19 -4.33
CA PRO A 24 1.72 -2.08 -3.78
C PRO A 24 2.62 -3.22 -4.24
N VAL A 25 3.83 -2.86 -4.69
CA VAL A 25 4.79 -3.85 -5.16
C VAL A 25 5.75 -4.25 -4.05
N ALA A 26 5.83 -5.56 -3.78
CA ALA A 26 6.71 -6.07 -2.75
C ALA A 26 8.14 -6.23 -3.27
N SER A 27 9.09 -5.65 -2.55
CA SER A 27 10.49 -5.72 -2.94
C SER A 27 11.38 -5.96 -1.73
N ASP A 28 12.67 -6.14 -1.98
CA ASP A 28 13.63 -6.38 -0.91
C ASP A 28 13.02 -7.26 0.18
N ILE A 29 12.19 -8.20 -0.22
CA ILE A 29 11.54 -9.10 0.72
C ILE A 29 12.56 -9.80 1.60
N GLN A 30 12.27 -9.87 2.90
CA GLN A 30 13.17 -10.50 3.85
C GLN A 30 12.41 -11.52 4.72
N ALA A 31 13.13 -12.16 5.63
CA ALA A 31 12.53 -13.15 6.52
C ALA A 31 11.12 -12.74 6.92
N ARG A 32 11.03 -11.72 7.78
CA ARG A 32 9.73 -11.23 8.24
C ARG A 32 9.48 -9.81 7.74
N THR A 33 10.55 -9.11 7.39
CA THR A 33 10.45 -7.74 6.91
C THR A 33 10.45 -7.69 5.38
N VAL A 34 9.87 -6.65 4.82
CA VAL A 34 9.80 -6.48 3.37
C VAL A 34 9.64 -5.02 2.99
N VAL A 35 9.85 -4.72 1.71
CA VAL A 35 9.73 -3.36 1.22
C VAL A 35 8.49 -3.20 0.34
N LEU A 36 7.47 -2.53 0.88
CA LEU A 36 6.22 -2.32 0.15
C LEU A 36 6.17 -0.91 -0.43
N THR A 37 6.22 -0.82 -1.76
CA THR A 37 6.18 0.47 -2.43
C THR A 37 4.97 0.57 -3.36
N TRP A 38 4.21 1.64 -3.23
CA TRP A 38 3.03 1.85 -4.05
C TRP A 38 2.96 3.30 -4.55
N SER A 39 2.23 3.51 -5.64
CA SER A 39 2.09 4.83 -6.21
C SER A 39 0.76 5.47 -5.81
N PRO A 40 0.72 6.81 -5.78
CA PRO A 40 -0.47 7.57 -5.41
C PRO A 40 -1.58 7.45 -6.45
N PRO A 41 -2.80 7.86 -6.07
CA PRO A 41 -3.96 7.82 -6.96
C PRO A 41 -3.87 8.84 -8.08
N SER A 42 -4.53 8.55 -9.20
CA SER A 42 -4.52 9.44 -10.34
C SER A 42 -5.78 10.29 -10.39
N SER A 43 -5.61 11.61 -10.31
CA SER A 43 -6.73 12.53 -10.33
C SER A 43 -7.41 12.53 -11.69
N LEU A 44 -8.73 12.43 -11.69
CA LEU A 44 -9.51 12.40 -12.92
C LEU A 44 -10.34 13.67 -13.06
N ILE A 45 -9.96 14.71 -12.32
CA ILE A 45 -10.67 15.98 -12.37
C ILE A 45 -10.59 16.61 -13.76
N ASN A 46 -9.77 16.02 -14.62
CA ASN A 46 -9.60 16.51 -15.99
C ASN A 46 -8.82 17.83 -16.00
N GLY A 47 -7.97 18.00 -15.00
CA GLY A 47 -7.17 19.22 -14.91
C GLY A 47 -8.00 20.43 -14.51
N GLU A 48 -9.31 20.23 -14.39
CA GLU A 48 -10.21 21.32 -14.02
C GLU A 48 -9.74 22.00 -12.73
N THR A 49 -8.96 21.27 -11.94
CA THR A 49 -8.44 21.80 -10.68
C THR A 49 -6.93 21.92 -10.72
N ASP A 50 -6.40 22.87 -9.96
CA ASP A 50 -4.96 23.10 -9.91
C ASP A 50 -4.23 21.81 -9.55
N GLU A 51 -3.17 21.51 -10.30
CA GLU A 51 -2.38 20.31 -10.07
C GLU A 51 -1.65 20.38 -8.73
N SER A 52 -1.48 21.60 -8.23
CA SER A 52 -0.80 21.81 -6.95
C SER A 52 -1.78 21.75 -5.79
N SER A 53 -2.92 21.10 -6.03
CA SER A 53 -3.96 20.98 -5.00
C SER A 53 -4.00 19.56 -4.45
N VAL A 54 -4.16 18.58 -5.34
CA VAL A 54 -4.22 17.18 -4.94
C VAL A 54 -3.30 16.92 -3.74
N PRO A 55 -3.91 16.50 -2.62
CA PRO A 55 -3.17 16.19 -1.39
C PRO A 55 -2.31 14.94 -1.52
N GLU A 56 -1.30 14.83 -0.67
CA GLU A 56 -0.40 13.67 -0.69
C GLU A 56 -0.38 12.98 0.67
N LEU A 57 -1.42 13.21 1.46
CA LEU A 57 -1.52 12.61 2.79
C LEU A 57 -2.53 11.46 2.78
N TYR A 58 -2.83 10.94 1.60
CA TYR A 58 -3.78 9.85 1.47
C TYR A 58 -3.43 8.70 2.39
N GLY A 59 -4.23 8.52 3.44
CA GLY A 59 -3.97 7.46 4.39
C GLY A 59 -3.97 6.09 3.74
N TYR A 60 -2.78 5.53 3.54
CA TYR A 60 -2.64 4.23 2.91
C TYR A 60 -2.56 3.13 3.97
N GLU A 61 -3.51 2.20 3.93
CA GLU A 61 -3.54 1.10 4.88
C GLU A 61 -3.20 -0.22 4.20
N VAL A 62 -2.19 -0.92 4.72
CA VAL A 62 -1.77 -2.19 4.16
C VAL A 62 -2.54 -3.35 4.79
N LEU A 63 -3.25 -4.09 3.94
CA LEU A 63 -4.03 -5.24 4.41
C LEU A 63 -3.43 -6.55 3.91
N ILE A 64 -3.08 -7.43 4.84
CA ILE A 64 -2.50 -8.71 4.49
C ILE A 64 -3.35 -9.87 5.03
N SER A 65 -3.30 -11.00 4.35
CA SER A 65 -4.06 -12.17 4.75
C SER A 65 -3.51 -13.44 4.11
N SER A 66 -3.35 -14.49 4.91
CA SER A 66 -2.82 -15.76 4.41
C SER A 66 -3.90 -16.84 4.46
N THR A 67 -5.00 -16.55 5.15
CA THR A 67 -6.09 -17.49 5.27
C THR A 67 -6.88 -17.60 3.97
N GLY A 68 -7.05 -16.46 3.29
CA GLY A 68 -7.78 -16.45 2.04
C GLY A 68 -7.96 -15.05 1.49
N LYS A 69 -7.54 -14.83 0.25
CA LYS A 69 -7.67 -13.52 -0.38
C LYS A 69 -9.11 -13.06 -0.40
N ASP A 70 -10.04 -14.02 -0.34
CA ASP A 70 -11.46 -13.71 -0.35
C ASP A 70 -12.06 -13.85 1.05
N GLY A 71 -11.25 -13.54 2.06
CA GLY A 71 -11.71 -13.65 3.43
C GLY A 71 -11.42 -12.40 4.24
N LYS A 72 -11.15 -12.57 5.53
CA LYS A 72 -10.85 -11.45 6.41
C LYS A 72 -9.39 -11.03 6.27
N TYR A 73 -9.14 -9.73 6.46
CA TYR A 73 -7.79 -9.20 6.36
C TYR A 73 -7.38 -8.49 7.64
N LYS A 74 -6.08 -8.29 7.81
CA LYS A 74 -5.56 -7.62 9.00
C LYS A 74 -4.65 -6.46 8.61
N SER A 75 -4.66 -5.41 9.43
CA SER A 75 -3.84 -4.23 9.17
C SER A 75 -2.45 -4.39 9.81
N VAL A 76 -1.42 -4.13 9.02
CA VAL A 76 -0.05 -4.24 9.49
C VAL A 76 0.59 -2.86 9.64
N TYR A 77 0.12 -1.90 8.86
CA TYR A 77 0.65 -0.55 8.89
C TYR A 77 -0.37 0.45 8.34
N VAL A 78 -0.26 1.70 8.78
CA VAL A 78 -1.17 2.75 8.34
C VAL A 78 -0.50 4.12 8.42
N GLY A 79 -0.26 4.71 7.25
CA GLY A 79 0.37 6.02 7.20
C GLY A 79 0.09 6.75 5.90
N GLU A 80 0.98 7.67 5.55
CA GLU A 80 0.81 8.45 4.32
C GLU A 80 1.92 8.11 3.32
N GLU A 81 3.12 7.91 3.82
CA GLU A 81 4.26 7.57 2.96
C GLU A 81 3.87 6.55 1.91
N THR A 82 4.42 6.71 0.70
CA THR A 82 4.13 5.81 -0.40
C THR A 82 4.96 4.53 -0.30
N ASN A 83 6.01 4.57 0.52
CA ASN A 83 6.88 3.42 0.71
C ASN A 83 7.05 3.10 2.20
N ILE A 84 6.79 1.85 2.56
CA ILE A 84 6.92 1.40 3.94
C ILE A 84 7.42 -0.03 4.02
N THR A 85 7.88 -0.43 5.20
CA THR A 85 8.39 -1.77 5.41
C THR A 85 7.52 -2.54 6.40
N LEU A 86 7.16 -3.77 6.05
CA LEU A 86 6.34 -4.61 6.91
C LEU A 86 7.18 -5.24 8.01
N ASN A 87 6.56 -5.50 9.16
CA ASN A 87 7.24 -6.11 10.29
C ASN A 87 6.33 -7.07 11.03
N ASP A 88 6.91 -7.92 11.86
CA ASP A 88 6.15 -8.89 12.63
C ASP A 88 5.34 -9.81 11.71
N LEU A 89 5.99 -10.30 10.66
CA LEU A 89 5.34 -11.18 9.70
C LEU A 89 5.78 -12.63 9.90
N LYS A 90 5.26 -13.52 9.07
CA LYS A 90 5.61 -14.93 9.14
C LYS A 90 6.46 -15.35 7.96
N PRO A 91 7.69 -15.81 8.24
CA PRO A 91 8.63 -16.24 7.21
C PRO A 91 8.20 -17.55 6.55
N ALA A 92 8.80 -17.84 5.39
CA ALA A 92 8.47 -19.06 4.65
C ALA A 92 6.97 -19.17 4.42
N MET A 93 6.32 -18.04 4.19
CA MET A 93 4.88 -18.00 3.95
C MET A 93 4.57 -17.28 2.63
N ASP A 94 3.30 -17.26 2.26
CA ASP A 94 2.88 -16.60 1.03
C ASP A 94 1.45 -16.06 1.17
N TYR A 95 1.34 -14.73 1.19
CA TYR A 95 0.04 -14.09 1.32
C TYR A 95 -0.06 -12.88 0.40
N HIS A 96 -1.27 -12.31 0.31
CA HIS A 96 -1.50 -11.15 -0.54
C HIS A 96 -1.47 -9.86 0.27
N ALA A 97 -1.30 -8.74 -0.41
CA ALA A 97 -1.24 -7.44 0.24
C ALA A 97 -1.95 -6.37 -0.58
N LYS A 98 -2.72 -5.53 0.08
CA LYS A 98 -3.45 -4.45 -0.58
C LYS A 98 -3.29 -3.14 0.15
N VAL A 99 -3.46 -2.04 -0.57
CA VAL A 99 -3.34 -0.71 0.02
C VAL A 99 -4.61 0.11 -0.18
N GLN A 100 -5.15 0.63 0.91
CA GLN A 100 -6.37 1.43 0.86
C GLN A 100 -6.08 2.88 1.24
N ALA A 101 -6.45 3.80 0.34
CA ALA A 101 -6.23 5.22 0.59
C ALA A 101 -7.44 5.85 1.27
N GLU A 102 -7.18 6.60 2.34
CA GLU A 102 -8.25 7.26 3.08
C GLU A 102 -7.94 8.74 3.28
N TYR A 103 -8.96 9.58 3.06
CA TYR A 103 -8.80 11.02 3.21
C TYR A 103 -10.11 11.68 3.62
N ASN A 104 -10.05 12.56 4.60
CA ASN A 104 -11.23 13.26 5.09
C ASN A 104 -12.29 12.27 5.57
N SER A 105 -11.83 11.14 6.12
CA SER A 105 -12.74 10.11 6.61
C SER A 105 -13.46 9.43 5.45
N ILE A 106 -12.83 9.45 4.28
CA ILE A 106 -13.42 8.82 3.10
C ILE A 106 -12.62 7.59 2.67
N LYS A 107 -13.16 6.42 2.99
CA LYS A 107 -12.51 5.16 2.63
C LYS A 107 -13.04 4.61 1.31
N GLY A 108 -12.16 4.49 0.32
CA GLY A 108 -12.57 4.00 -0.97
C GLY A 108 -12.44 2.49 -1.06
N THR A 109 -11.64 2.02 -2.01
CA THR A 109 -11.42 0.58 -2.21
C THR A 109 -9.95 0.26 -2.38
N PRO A 110 -9.50 -0.81 -1.72
CA PRO A 110 -8.10 -1.26 -1.77
C PRO A 110 -7.74 -1.83 -3.14
N SER A 111 -6.62 -1.35 -3.69
CA SER A 111 -6.16 -1.81 -4.99
C SER A 111 -6.04 -3.33 -5.02
N GLU A 112 -5.53 -3.86 -6.13
CA GLU A 112 -5.36 -5.30 -6.28
C GLU A 112 -4.48 -5.87 -5.17
N ALA A 113 -4.32 -7.19 -5.17
CA ALA A 113 -3.51 -7.85 -4.16
C ALA A 113 -2.18 -8.32 -4.75
N GLU A 114 -1.08 -7.92 -4.12
CA GLU A 114 0.25 -8.29 -4.59
C GLU A 114 0.86 -9.36 -3.68
N ILE A 115 0.76 -10.61 -4.10
CA ILE A 115 1.31 -11.72 -3.33
C ILE A 115 2.82 -11.67 -3.29
N PHE A 116 3.39 -11.99 -2.13
CA PHE A 116 4.84 -11.98 -1.95
C PHE A 116 5.28 -13.01 -0.92
N THR A 117 6.13 -13.94 -1.35
CA THR A 117 6.62 -14.99 -0.46
C THR A 117 7.84 -14.52 0.32
N THR A 118 7.76 -14.64 1.65
CA THR A 118 8.86 -14.22 2.51
C THR A 118 9.84 -15.37 2.75
N LEU A 119 11.12 -15.05 2.82
CA LEU A 119 12.16 -16.05 3.04
C LEU A 119 12.11 -16.56 4.48
N SER A 120 12.86 -17.64 4.75
CA SER A 120 12.91 -18.23 6.08
C SER A 120 13.82 -17.44 6.99
N CYS A 121 13.64 -17.59 8.30
CA CYS A 121 14.46 -16.89 9.28
C CYS A 121 15.92 -16.90 8.87
N GLU A 122 16.37 -18.02 8.31
CA GLU A 122 17.75 -18.16 7.88
C GLU A 122 17.91 -17.80 6.40
N PRO A 123 19.09 -17.32 6.03
CA PRO A 123 19.40 -16.93 4.65
C PRO A 123 19.48 -18.13 3.72
N ASP A 124 18.34 -18.51 3.14
CA ASP A 124 18.29 -19.64 2.22
C ASP A 124 17.91 -19.18 0.83
N ILE A 125 16.94 -18.28 0.74
CA ILE A 125 16.48 -17.76 -0.54
C ILE A 125 17.65 -17.21 -1.37
N PRO A 126 18.37 -16.24 -0.80
CA PRO A 126 19.52 -15.61 -1.46
C PRO A 126 20.72 -16.56 -1.55
N ASN A 127 21.84 -16.04 -2.04
CA ASN A 127 23.05 -16.84 -2.19
C ASN A 127 24.26 -16.09 -1.64
N PRO A 128 24.30 -15.94 -0.31
CA PRO A 128 25.41 -15.25 0.37
C PRO A 128 26.71 -16.03 0.32
N PRO A 129 27.81 -15.33 0.02
CA PRO A 129 29.15 -15.95 -0.07
C PRO A 129 29.67 -16.39 1.29
N ARG A 130 30.63 -17.31 1.29
CA ARG A 130 31.21 -17.81 2.52
C ARG A 130 32.72 -17.97 2.39
N ILE A 131 33.40 -18.22 3.50
CA ILE A 131 34.84 -18.38 3.51
C ILE A 131 35.24 -19.84 3.64
N SER A 132 34.24 -20.69 3.94
CA SER A 132 34.48 -22.12 4.10
C SER A 132 33.89 -22.90 2.94
N GLY A 133 34.69 -23.82 2.38
CA GLY A 133 34.23 -24.63 1.27
C GLY A 133 34.87 -26.00 1.25
N PRO A 134 34.84 -26.65 0.07
CA PRO A 134 35.42 -27.98 -0.10
C PRO A 134 36.95 -27.98 -0.02
N SER A 135 37.47 -28.18 1.18
CA SER A 135 38.92 -28.19 1.40
C SER A 135 39.56 -26.96 0.78
N SER A 136 38.92 -25.80 0.97
CA SER A 136 39.44 -24.55 0.42
C SER A 136 40.39 -23.88 1.40
N GLY A 137 41.68 -23.92 1.09
CA GLY A 137 42.68 -23.33 1.96
C GLY A 137 44.06 -23.31 1.34
N GLY A 1 -21.18 21.68 15.37
CA GLY A 1 -20.44 20.69 16.14
C GLY A 1 -19.18 20.23 15.42
N SER A 2 -19.25 19.05 14.82
CA SER A 2 -18.12 18.49 14.10
C SER A 2 -18.45 18.26 12.63
N SER A 3 -18.02 19.19 11.79
CA SER A 3 -18.28 19.10 10.35
C SER A 3 -16.98 19.21 9.56
N GLY A 4 -16.63 18.13 8.87
CA GLY A 4 -15.40 18.12 8.08
C GLY A 4 -15.68 17.90 6.61
N SER A 5 -16.26 18.91 5.96
CA SER A 5 -16.58 18.82 4.55
C SER A 5 -17.11 20.15 4.01
N SER A 6 -16.67 20.52 2.82
CA SER A 6 -17.10 21.78 2.21
C SER A 6 -17.79 21.53 0.87
N GLY A 7 -18.63 20.50 0.83
CA GLY A 7 -19.34 20.17 -0.39
C GLY A 7 -19.26 18.68 -0.73
N ASP A 8 -20.41 18.08 -1.00
CA ASP A 8 -20.47 16.66 -1.33
C ASP A 8 -19.68 16.37 -2.61
N GLU A 9 -19.84 17.22 -3.61
CA GLU A 9 -19.13 17.05 -4.88
C GLU A 9 -17.71 16.57 -4.64
N GLU A 10 -17.05 17.11 -3.62
CA GLU A 10 -15.69 16.73 -3.30
C GLU A 10 -15.61 15.26 -2.90
N THR A 11 -16.50 14.85 -2.00
CA THR A 11 -16.53 13.47 -1.53
C THR A 11 -16.54 12.49 -2.70
N LYS A 12 -17.42 12.73 -3.67
CA LYS A 12 -17.53 11.88 -4.85
C LYS A 12 -16.16 11.68 -5.50
N ALA A 13 -15.46 12.79 -5.74
CA ALA A 13 -14.14 12.74 -6.36
C ALA A 13 -13.16 11.94 -5.50
N PHE A 14 -13.38 11.97 -4.19
CA PHE A 14 -12.51 11.24 -3.26
C PHE A 14 -12.81 9.74 -3.30
N GLU A 15 -14.08 9.40 -3.44
CA GLU A 15 -14.50 8.00 -3.49
C GLU A 15 -13.90 7.30 -4.71
N ALA A 16 -13.68 8.06 -5.77
CA ALA A 16 -13.10 7.52 -7.01
C ALA A 16 -11.59 7.67 -7.02
N LEU A 17 -11.12 8.86 -6.66
CA LEU A 17 -9.69 9.13 -6.62
C LEU A 17 -8.97 8.20 -5.66
N LEU A 18 -9.42 8.19 -4.41
CA LEU A 18 -8.81 7.34 -3.39
C LEU A 18 -8.82 5.88 -3.82
N SER A 19 -9.80 5.52 -4.65
CA SER A 19 -9.91 4.16 -5.15
C SER A 19 -9.35 4.03 -6.56
N ASN A 20 -8.40 4.92 -6.89
CA ASN A 20 -7.78 4.92 -8.20
C ASN A 20 -6.27 4.77 -8.09
N ILE A 21 -5.82 4.08 -7.04
CA ILE A 21 -4.40 3.87 -6.81
C ILE A 21 -3.93 2.56 -7.41
N VAL A 22 -2.61 2.38 -7.51
CA VAL A 22 -2.04 1.16 -8.05
C VAL A 22 -1.60 0.21 -6.95
N LYS A 23 -1.80 -1.08 -7.17
CA LYS A 23 -1.42 -2.10 -6.19
C LYS A 23 0.04 -1.94 -5.79
N PRO A 24 0.33 -2.16 -4.49
CA PRO A 24 1.68 -2.05 -3.95
C PRO A 24 2.60 -3.17 -4.45
N VAL A 25 3.83 -2.82 -4.80
CA VAL A 25 4.80 -3.80 -5.28
C VAL A 25 5.76 -4.20 -4.18
N ALA A 26 5.81 -5.50 -3.88
CA ALA A 26 6.70 -6.01 -2.84
C ALA A 26 8.12 -6.20 -3.38
N SER A 27 9.08 -5.57 -2.72
CA SER A 27 10.48 -5.66 -3.14
C SER A 27 11.38 -5.92 -1.93
N ASP A 28 12.67 -6.09 -2.20
CA ASP A 28 13.65 -6.35 -1.15
C ASP A 28 13.02 -7.16 -0.02
N ILE A 29 12.18 -8.13 -0.38
CA ILE A 29 11.52 -8.98 0.61
C ILE A 29 12.54 -9.71 1.47
N GLN A 30 12.38 -9.60 2.78
CA GLN A 30 13.28 -10.25 3.72
C GLN A 30 12.54 -11.31 4.55
N ALA A 31 13.24 -11.90 5.50
CA ALA A 31 12.66 -12.93 6.36
C ALA A 31 11.22 -12.58 6.72
N ARG A 32 11.05 -11.60 7.60
CA ARG A 32 9.73 -11.18 8.03
C ARG A 32 9.42 -9.77 7.53
N THR A 33 10.47 -8.97 7.32
CA THR A 33 10.31 -7.60 6.86
C THR A 33 10.40 -7.54 5.33
N VAL A 34 9.70 -6.58 4.75
CA VAL A 34 9.69 -6.40 3.30
C VAL A 34 9.58 -4.93 2.92
N VAL A 35 9.75 -4.63 1.64
CA VAL A 35 9.67 -3.26 1.15
C VAL A 35 8.46 -3.07 0.23
N LEU A 36 7.41 -2.50 0.79
CA LEU A 36 6.18 -2.25 0.02
C LEU A 36 6.17 -0.84 -0.54
N THR A 37 6.27 -0.74 -1.87
CA THR A 37 6.27 0.55 -2.55
C THR A 37 5.09 0.67 -3.51
N TRP A 38 4.25 1.67 -3.28
CA TRP A 38 3.09 1.88 -4.13
C TRP A 38 3.02 3.33 -4.62
N SER A 39 2.19 3.59 -5.61
CA SER A 39 2.05 4.93 -6.17
C SER A 39 0.69 5.52 -5.80
N PRO A 40 0.62 6.87 -5.82
CA PRO A 40 -0.60 7.59 -5.49
C PRO A 40 -1.70 7.42 -6.54
N PRO A 41 -2.93 7.75 -6.17
CA PRO A 41 -4.08 7.64 -7.07
C PRO A 41 -4.03 8.66 -8.21
N SER A 42 -4.60 8.30 -9.35
CA SER A 42 -4.62 9.18 -10.52
C SER A 42 -5.91 9.99 -10.55
N SER A 43 -5.78 11.29 -10.30
CA SER A 43 -6.94 12.19 -10.30
C SER A 43 -7.55 12.29 -11.69
N LEU A 44 -8.77 11.79 -11.84
CA LEU A 44 -9.46 11.82 -13.12
C LEU A 44 -10.16 13.15 -13.32
N ILE A 45 -9.79 14.14 -12.50
CA ILE A 45 -10.39 15.46 -12.60
C ILE A 45 -10.19 16.07 -13.99
N ASN A 46 -9.35 15.42 -14.79
CA ASN A 46 -9.06 15.88 -16.14
C ASN A 46 -8.16 17.12 -16.12
N GLY A 47 -7.35 17.23 -15.07
CA GLY A 47 -6.45 18.36 -14.95
C GLY A 47 -7.14 19.59 -14.39
N GLU A 48 -8.45 19.65 -14.54
CA GLU A 48 -9.23 20.79 -14.05
C GLU A 48 -8.74 21.21 -12.67
N THR A 49 -8.13 20.27 -11.95
CA THR A 49 -7.62 20.55 -10.61
C THR A 49 -6.26 21.26 -10.67
N ASP A 50 -5.98 22.08 -9.66
CA ASP A 50 -4.72 22.81 -9.61
C ASP A 50 -3.58 21.89 -9.17
N GLU A 51 -2.39 22.16 -9.67
CA GLU A 51 -1.22 21.35 -9.33
C GLU A 51 -1.07 21.22 -7.83
N SER A 52 -1.24 22.34 -7.12
CA SER A 52 -1.12 22.35 -5.66
C SER A 52 -2.47 22.10 -5.01
N SER A 53 -3.24 21.20 -5.60
CA SER A 53 -4.56 20.86 -5.07
C SER A 53 -4.58 19.44 -4.52
N VAL A 54 -4.52 18.45 -5.41
CA VAL A 54 -4.53 17.05 -5.02
C VAL A 54 -3.47 16.78 -3.95
N PRO A 55 -3.93 16.43 -2.74
CA PRO A 55 -3.04 16.14 -1.61
C PRO A 55 -2.28 14.82 -1.81
N GLU A 56 -1.20 14.66 -1.05
CA GLU A 56 -0.39 13.45 -1.14
C GLU A 56 -0.27 12.77 0.22
N LEU A 57 -1.29 12.95 1.06
CA LEU A 57 -1.30 12.36 2.39
C LEU A 57 -2.39 11.29 2.51
N TYR A 58 -2.77 10.72 1.36
CA TYR A 58 -3.80 9.70 1.34
C TYR A 58 -3.43 8.52 2.24
N GLY A 59 -4.08 8.45 3.40
CA GLY A 59 -3.80 7.37 4.34
C GLY A 59 -3.82 6.00 3.67
N TYR A 60 -2.64 5.43 3.50
CA TYR A 60 -2.52 4.12 2.86
C TYR A 60 -2.50 3.01 3.92
N GLU A 61 -3.53 2.18 3.92
CA GLU A 61 -3.63 1.08 4.87
C GLU A 61 -3.19 -0.24 4.23
N VAL A 62 -2.17 -0.86 4.80
CA VAL A 62 -1.66 -2.12 4.29
C VAL A 62 -2.41 -3.31 4.91
N LEU A 63 -3.13 -4.04 4.07
CA LEU A 63 -3.88 -5.21 4.54
C LEU A 63 -3.31 -6.49 3.96
N ILE A 64 -3.21 -7.52 4.80
CA ILE A 64 -2.68 -8.81 4.37
C ILE A 64 -3.51 -9.96 4.92
N SER A 65 -3.39 -11.13 4.30
CA SER A 65 -4.13 -12.30 4.74
C SER A 65 -3.29 -13.57 4.57
N SER A 66 -2.82 -14.12 5.69
CA SER A 66 -2.01 -15.33 5.66
C SER A 66 -2.83 -16.53 5.22
N THR A 67 -4.10 -16.53 5.60
CA THR A 67 -5.01 -17.62 5.25
C THR A 67 -5.54 -17.47 3.83
N GLY A 68 -4.63 -17.41 2.86
CA GLY A 68 -5.03 -17.26 1.48
C GLY A 68 -5.73 -15.95 1.21
N LYS A 69 -5.77 -15.54 -0.05
CA LYS A 69 -6.41 -14.30 -0.45
C LYS A 69 -7.90 -14.31 -0.06
N ASP A 70 -8.54 -15.45 -0.24
CA ASP A 70 -9.95 -15.59 0.09
C ASP A 70 -10.14 -15.79 1.58
N GLY A 71 -9.47 -14.98 2.38
CA GLY A 71 -9.57 -15.09 3.82
C GLY A 71 -9.90 -13.76 4.48
N LYS A 72 -9.39 -13.57 5.70
CA LYS A 72 -9.62 -12.33 6.44
C LYS A 72 -8.41 -11.41 6.35
N TYR A 73 -8.68 -10.13 6.10
CA TYR A 73 -7.60 -9.14 6.00
C TYR A 73 -7.51 -8.30 7.26
N LYS A 74 -6.29 -7.93 7.63
CA LYS A 74 -6.06 -7.12 8.82
C LYS A 74 -5.04 -6.01 8.54
N SER A 75 -5.17 -4.90 9.25
CA SER A 75 -4.26 -3.78 9.08
C SER A 75 -2.96 -4.01 9.83
N VAL A 76 -1.83 -3.76 9.15
CA VAL A 76 -0.52 -3.94 9.76
C VAL A 76 0.20 -2.61 9.93
N TYR A 77 -0.06 -1.69 9.01
CA TYR A 77 0.56 -0.37 9.06
C TYR A 77 -0.36 0.69 8.45
N VAL A 78 -0.43 1.84 9.11
CA VAL A 78 -1.26 2.94 8.64
C VAL A 78 -0.51 4.26 8.66
N GLY A 79 -0.19 4.77 7.48
CA GLY A 79 0.53 6.03 7.38
C GLY A 79 0.16 6.82 6.15
N GLU A 80 1.03 7.76 5.76
CA GLU A 80 0.78 8.58 4.59
C GLU A 80 1.84 8.33 3.52
N GLU A 81 3.06 8.02 3.96
CA GLU A 81 4.16 7.76 3.03
C GLU A 81 3.73 6.77 1.95
N THR A 82 4.49 6.74 0.85
CA THR A 82 4.19 5.85 -0.26
C THR A 82 4.82 4.48 -0.06
N ASN A 83 6.04 4.47 0.46
CA ASN A 83 6.76 3.23 0.71
C ASN A 83 6.95 3.00 2.21
N ILE A 84 6.85 1.73 2.62
CA ILE A 84 7.01 1.38 4.03
C ILE A 84 7.53 -0.04 4.18
N THR A 85 8.03 -0.37 5.37
CA THR A 85 8.55 -1.70 5.65
C THR A 85 7.64 -2.46 6.60
N LEU A 86 7.14 -3.59 6.15
CA LEU A 86 6.25 -4.42 6.97
C LEU A 86 7.04 -5.13 8.07
N ASN A 87 6.33 -5.49 9.14
CA ASN A 87 6.97 -6.17 10.27
C ASN A 87 5.98 -7.11 10.95
N ASP A 88 6.50 -7.99 11.81
CA ASP A 88 5.67 -8.93 12.54
C ASP A 88 4.96 -9.88 11.57
N LEU A 89 5.63 -10.21 10.47
CA LEU A 89 5.05 -11.10 9.46
C LEU A 89 5.53 -12.53 9.69
N LYS A 90 5.07 -13.44 8.82
CA LYS A 90 5.45 -14.85 8.92
C LYS A 90 6.40 -15.24 7.79
N PRO A 91 7.64 -15.57 8.14
CA PRO A 91 8.67 -15.98 7.18
C PRO A 91 8.37 -17.34 6.56
N ALA A 92 8.92 -17.57 5.37
CA ALA A 92 8.71 -18.83 4.67
C ALA A 92 7.24 -19.04 4.33
N MET A 93 6.56 -17.96 3.95
CA MET A 93 5.15 -18.04 3.61
C MET A 93 4.81 -17.04 2.50
N ASP A 94 3.69 -17.27 1.82
CA ASP A 94 3.26 -16.40 0.75
C ASP A 94 1.82 -15.92 0.97
N TYR A 95 1.63 -14.61 0.91
CA TYR A 95 0.31 -14.02 1.12
C TYR A 95 0.14 -12.76 0.28
N HIS A 96 -1.12 -12.36 0.07
CA HIS A 96 -1.41 -11.17 -0.71
C HIS A 96 -1.43 -9.93 0.18
N ALA A 97 -1.30 -8.76 -0.44
CA ALA A 97 -1.30 -7.50 0.29
C ALA A 97 -1.91 -6.38 -0.54
N LYS A 98 -2.85 -5.65 0.06
CA LYS A 98 -3.52 -4.55 -0.62
C LYS A 98 -3.26 -3.23 0.10
N VAL A 99 -3.66 -2.13 -0.53
CA VAL A 99 -3.48 -0.81 0.05
C VAL A 99 -4.73 0.05 -0.15
N GLN A 100 -5.31 0.49 0.96
CA GLN A 100 -6.51 1.33 0.91
C GLN A 100 -6.17 2.78 1.20
N ALA A 101 -6.74 3.69 0.42
CA ALA A 101 -6.50 5.12 0.59
C ALA A 101 -7.66 5.79 1.33
N GLU A 102 -7.33 6.55 2.36
CA GLU A 102 -8.33 7.24 3.15
C GLU A 102 -7.97 8.71 3.35
N TYR A 103 -8.89 9.59 2.97
CA TYR A 103 -8.66 11.02 3.09
C TYR A 103 -9.98 11.77 3.29
N ASN A 104 -10.01 12.65 4.29
CA ASN A 104 -11.21 13.43 4.58
C ASN A 104 -12.33 12.53 5.10
N SER A 105 -11.95 11.49 5.83
CA SER A 105 -12.93 10.55 6.38
C SER A 105 -13.67 9.83 5.27
N ILE A 106 -12.97 9.58 4.16
CA ILE A 106 -13.57 8.89 3.02
C ILE A 106 -12.81 7.62 2.69
N LYS A 107 -13.37 6.48 3.10
CA LYS A 107 -12.75 5.18 2.85
C LYS A 107 -13.18 4.63 1.49
N GLY A 108 -12.20 4.37 0.62
CA GLY A 108 -12.50 3.83 -0.69
C GLY A 108 -12.36 2.33 -0.76
N THR A 109 -11.66 1.85 -1.78
CA THR A 109 -11.45 0.42 -1.96
C THR A 109 -9.97 0.08 -2.09
N PRO A 110 -9.54 -1.01 -1.45
CA PRO A 110 -8.14 -1.46 -1.48
C PRO A 110 -7.74 -1.98 -2.85
N SER A 111 -6.61 -1.50 -3.35
CA SER A 111 -6.11 -1.93 -4.65
C SER A 111 -6.07 -3.45 -4.75
N GLU A 112 -5.55 -3.95 -5.88
CA GLU A 112 -5.46 -5.39 -6.10
C GLU A 112 -4.57 -6.05 -5.04
N ALA A 113 -4.53 -7.38 -5.04
CA ALA A 113 -3.72 -8.12 -4.08
C ALA A 113 -2.35 -8.43 -4.66
N GLU A 114 -1.31 -8.08 -3.93
CA GLU A 114 0.06 -8.32 -4.37
C GLU A 114 0.72 -9.40 -3.51
N ILE A 115 0.80 -10.62 -4.04
CA ILE A 115 1.40 -11.73 -3.33
C ILE A 115 2.92 -11.61 -3.31
N PHE A 116 3.53 -12.06 -2.22
CA PHE A 116 4.98 -12.00 -2.08
C PHE A 116 5.47 -13.04 -1.06
N THR A 117 6.26 -13.99 -1.54
CA THR A 117 6.79 -15.04 -0.68
C THR A 117 8.01 -14.56 0.09
N THR A 118 7.91 -14.54 1.41
CA THR A 118 9.01 -14.10 2.26
C THR A 118 9.97 -15.24 2.56
N LEU A 119 11.25 -14.91 2.69
CA LEU A 119 12.27 -15.91 2.98
C LEU A 119 12.15 -16.42 4.41
N SER A 120 12.77 -17.57 4.68
CA SER A 120 12.72 -18.16 6.01
C SER A 120 13.85 -17.62 6.89
N CYS A 121 13.64 -17.65 8.19
CA CYS A 121 14.63 -17.16 9.14
C CYS A 121 16.04 -17.60 8.72
N GLU A 122 16.12 -18.70 7.98
CA GLU A 122 17.40 -19.21 7.52
C GLU A 122 17.80 -18.57 6.19
N PRO A 123 19.11 -18.42 5.98
CA PRO A 123 19.66 -17.82 4.76
C PRO A 123 19.47 -18.71 3.53
N ASP A 124 18.26 -18.68 2.98
CA ASP A 124 17.94 -19.50 1.80
C ASP A 124 17.81 -18.62 0.56
N ILE A 125 17.22 -17.45 0.73
CA ILE A 125 17.03 -16.52 -0.38
C ILE A 125 18.16 -15.49 -0.43
N PRO A 126 18.63 -15.19 -1.65
CA PRO A 126 19.71 -14.21 -1.87
C PRO A 126 19.26 -12.79 -1.57
N ASN A 127 19.92 -12.16 -0.60
CA ASN A 127 19.59 -10.78 -0.23
C ASN A 127 20.76 -9.85 -0.50
N PRO A 128 20.47 -8.55 -0.61
CA PRO A 128 21.49 -7.52 -0.87
C PRO A 128 22.43 -7.32 0.32
N PRO A 129 23.58 -6.68 0.06
CA PRO A 129 24.58 -6.40 1.09
C PRO A 129 24.11 -5.35 2.09
N ARG A 130 24.54 -5.50 3.34
CA ARG A 130 24.16 -4.56 4.40
C ARG A 130 25.03 -4.75 5.63
N ILE A 131 25.93 -3.79 5.86
CA ILE A 131 26.83 -3.86 7.01
C ILE A 131 26.07 -3.58 8.31
N SER A 132 25.49 -2.39 8.41
CA SER A 132 24.74 -2.01 9.61
C SER A 132 23.96 -3.19 10.16
N GLY A 133 24.42 -3.72 11.28
CA GLY A 133 23.76 -4.85 11.90
C GLY A 133 24.69 -5.68 12.77
N PRO A 134 24.14 -6.73 13.40
CA PRO A 134 24.91 -7.61 14.28
C PRO A 134 25.91 -8.46 13.50
N SER A 135 27.16 -8.51 13.98
CA SER A 135 28.21 -9.28 13.33
C SER A 135 28.84 -10.26 14.31
N SER A 136 28.37 -11.51 14.28
CA SER A 136 28.89 -12.54 15.16
C SER A 136 28.82 -13.92 14.50
N GLY A 137 29.65 -14.84 14.97
CA GLY A 137 29.67 -16.18 14.41
C GLY A 137 30.20 -17.20 15.38
N GLY A 1 -7.34 23.64 11.57
CA GLY A 1 -8.14 24.70 12.17
C GLY A 1 -9.59 24.68 11.70
N SER A 2 -9.89 25.47 10.68
CA SER A 2 -11.24 25.54 10.15
C SER A 2 -11.70 24.17 9.63
N SER A 3 -13.01 24.01 9.48
CA SER A 3 -13.58 22.76 9.01
C SER A 3 -14.81 23.01 8.15
N GLY A 4 -14.92 22.27 7.05
CA GLY A 4 -16.06 22.43 6.16
C GLY A 4 -17.38 22.19 6.87
N SER A 5 -18.41 22.92 6.46
CA SER A 5 -19.73 22.79 7.06
C SER A 5 -20.52 21.68 6.38
N SER A 6 -20.62 21.75 5.06
CA SER A 6 -21.36 20.76 4.29
C SER A 6 -20.82 20.65 2.88
N GLY A 7 -20.83 19.44 2.33
CA GLY A 7 -20.34 19.23 0.98
C GLY A 7 -20.22 17.75 0.63
N ASP A 8 -20.84 17.36 -0.48
CA ASP A 8 -20.80 15.97 -0.92
C ASP A 8 -19.99 15.84 -2.21
N GLU A 9 -20.22 16.77 -3.14
CA GLU A 9 -19.52 16.74 -4.41
C GLU A 9 -18.04 16.40 -4.22
N GLU A 10 -17.45 16.96 -3.17
CA GLU A 10 -16.04 16.72 -2.87
C GLU A 10 -15.81 15.26 -2.51
N THR A 11 -16.68 14.71 -1.67
CA THR A 11 -16.56 13.33 -1.24
C THR A 11 -16.51 12.38 -2.43
N LYS A 12 -17.41 12.59 -3.40
CA LYS A 12 -17.46 11.77 -4.59
C LYS A 12 -16.09 11.67 -5.24
N ALA A 13 -15.51 12.82 -5.58
CA ALA A 13 -14.19 12.86 -6.21
C ALA A 13 -13.19 12.00 -5.43
N PHE A 14 -13.33 12.00 -4.11
CA PHE A 14 -12.43 11.23 -3.26
C PHE A 14 -12.72 9.73 -3.36
N GLU A 15 -14.01 9.39 -3.43
CA GLU A 15 -14.43 8.00 -3.53
C GLU A 15 -13.85 7.35 -4.79
N ALA A 16 -13.65 8.17 -5.83
CA ALA A 16 -13.11 7.67 -7.09
C ALA A 16 -11.59 7.82 -7.13
N LEU A 17 -11.10 9.00 -6.76
CA LEU A 17 -9.67 9.27 -6.75
C LEU A 17 -8.95 8.35 -5.79
N LEU A 18 -9.40 8.32 -4.54
CA LEU A 18 -8.81 7.47 -3.53
C LEU A 18 -8.76 6.02 -3.98
N SER A 19 -9.72 5.64 -4.82
CA SER A 19 -9.80 4.27 -5.32
C SER A 19 -9.19 4.17 -6.71
N ASN A 20 -8.25 5.06 -7.00
CA ASN A 20 -7.58 5.08 -8.29
C ASN A 20 -6.07 4.87 -8.14
N ILE A 21 -5.68 4.24 -7.04
CA ILE A 21 -4.27 3.98 -6.77
C ILE A 21 -3.81 2.70 -7.46
N VAL A 22 -2.55 2.34 -7.24
CA VAL A 22 -1.98 1.14 -7.83
C VAL A 22 -1.50 0.17 -6.76
N LYS A 23 -1.84 -1.10 -6.93
CA LYS A 23 -1.44 -2.14 -5.98
C LYS A 23 0.03 -1.96 -5.57
N PRO A 24 0.30 -2.14 -4.27
CA PRO A 24 1.66 -2.01 -3.72
C PRO A 24 2.57 -3.14 -4.18
N VAL A 25 3.78 -2.79 -4.60
CA VAL A 25 4.76 -3.78 -5.05
C VAL A 25 5.72 -4.14 -3.95
N ALA A 26 5.92 -5.45 -3.74
CA ALA A 26 6.84 -5.93 -2.71
C ALA A 26 8.24 -6.10 -3.26
N SER A 27 9.22 -5.57 -2.53
CA SER A 27 10.61 -5.66 -2.95
C SER A 27 11.54 -5.88 -1.74
N ASP A 28 12.83 -6.04 -2.01
CA ASP A 28 13.81 -6.25 -0.95
C ASP A 28 13.21 -7.06 0.19
N ILE A 29 12.30 -7.97 -0.15
CA ILE A 29 11.66 -8.82 0.84
C ILE A 29 12.69 -9.55 1.69
N GLN A 30 12.38 -9.70 2.98
CA GLN A 30 13.28 -10.38 3.90
C GLN A 30 12.53 -11.44 4.71
N ALA A 31 13.23 -12.05 5.66
CA ALA A 31 12.63 -13.08 6.50
C ALA A 31 11.21 -12.71 6.90
N ARG A 32 11.10 -11.71 7.79
CA ARG A 32 9.80 -11.26 8.26
C ARG A 32 9.50 -9.85 7.75
N THR A 33 10.56 -9.08 7.51
CA THR A 33 10.41 -7.71 7.03
C THR A 33 10.47 -7.66 5.51
N VAL A 34 9.81 -6.67 4.93
CA VAL A 34 9.79 -6.50 3.48
C VAL A 34 9.72 -5.03 3.10
N VAL A 35 9.84 -4.75 1.81
CA VAL A 35 9.80 -3.38 1.31
C VAL A 35 8.60 -3.17 0.39
N LEU A 36 7.60 -2.47 0.88
CA LEU A 36 6.40 -2.19 0.10
C LEU A 36 6.42 -0.78 -0.48
N THR A 37 6.40 -0.69 -1.81
CA THR A 37 6.43 0.61 -2.48
C THR A 37 5.24 0.75 -3.44
N TRP A 38 4.39 1.73 -3.17
CA TRP A 38 3.22 1.98 -4.00
C TRP A 38 3.18 3.44 -4.46
N SER A 39 2.47 3.69 -5.56
CA SER A 39 2.35 5.03 -6.09
C SER A 39 1.00 5.65 -5.72
N PRO A 40 0.94 6.99 -5.75
CA PRO A 40 -0.28 7.74 -5.41
C PRO A 40 -1.37 7.57 -6.46
N PRO A 41 -2.61 7.87 -6.07
CA PRO A 41 -3.77 7.77 -6.97
C PRO A 41 -3.75 8.82 -8.07
N SER A 42 -4.27 8.47 -9.24
CA SER A 42 -4.31 9.38 -10.37
C SER A 42 -5.57 10.25 -10.33
N SER A 43 -5.37 11.55 -10.11
CA SER A 43 -6.49 12.48 -10.04
C SER A 43 -7.11 12.68 -11.42
N LEU A 44 -8.30 12.12 -11.61
CA LEU A 44 -9.00 12.24 -12.89
C LEU A 44 -9.83 13.52 -12.94
N ILE A 45 -9.47 14.47 -12.07
CA ILE A 45 -10.18 15.75 -12.02
C ILE A 45 -10.21 16.42 -13.39
N ASN A 46 -9.38 15.93 -14.30
CA ASN A 46 -9.29 16.48 -15.64
C ASN A 46 -8.74 17.90 -15.62
N GLY A 47 -7.97 18.21 -14.58
CA GLY A 47 -7.38 19.53 -14.45
C GLY A 47 -8.35 20.54 -13.88
N GLU A 48 -9.61 20.12 -13.69
CA GLU A 48 -10.63 20.99 -13.15
C GLU A 48 -10.11 21.75 -11.92
N THR A 49 -9.07 21.22 -11.30
CA THR A 49 -8.48 21.83 -10.12
C THR A 49 -7.05 22.28 -10.39
N ASP A 50 -6.55 23.19 -9.56
CA ASP A 50 -5.20 23.70 -9.71
C ASP A 50 -4.17 22.61 -9.42
N GLU A 51 -3.19 22.48 -10.32
CA GLU A 51 -2.15 21.47 -10.16
C GLU A 51 -1.70 21.37 -8.71
N SER A 52 -1.69 22.50 -8.02
CA SER A 52 -1.28 22.55 -6.62
C SER A 52 -2.48 22.41 -5.69
N SER A 53 -3.41 21.53 -6.07
CA SER A 53 -4.60 21.30 -5.28
C SER A 53 -4.62 19.89 -4.70
N VAL A 54 -4.56 18.90 -5.59
CA VAL A 54 -4.57 17.49 -5.18
C VAL A 54 -3.62 17.27 -4.01
N PRO A 55 -4.19 16.91 -2.84
CA PRO A 55 -3.40 16.66 -1.63
C PRO A 55 -2.57 15.38 -1.74
N GLU A 56 -1.54 15.29 -0.89
CA GLU A 56 -0.66 14.13 -0.90
C GLU A 56 -0.61 13.48 0.48
N LEU A 57 -1.74 13.52 1.19
CA LEU A 57 -1.83 12.94 2.52
C LEU A 57 -2.77 11.75 2.54
N TYR A 58 -2.95 11.12 1.37
CA TYR A 58 -3.83 9.97 1.25
C TYR A 58 -3.41 8.85 2.20
N GLY A 59 -4.27 8.53 3.15
CA GLY A 59 -3.98 7.49 4.11
C GLY A 59 -3.90 6.12 3.47
N TYR A 60 -2.69 5.59 3.34
CA TYR A 60 -2.49 4.28 2.73
C TYR A 60 -2.36 3.20 3.81
N GLU A 61 -3.39 2.38 3.93
CA GLU A 61 -3.41 1.30 4.92
C GLU A 61 -3.12 -0.04 4.25
N VAL A 62 -2.16 -0.78 4.81
CA VAL A 62 -1.79 -2.07 4.27
C VAL A 62 -2.63 -3.19 4.89
N LEU A 63 -3.08 -4.11 4.06
CA LEU A 63 -3.91 -5.23 4.52
C LEU A 63 -3.31 -6.56 4.08
N ILE A 64 -3.11 -7.45 5.05
CA ILE A 64 -2.54 -8.77 4.76
C ILE A 64 -3.38 -9.88 5.38
N SER A 65 -3.44 -11.01 4.71
CA SER A 65 -4.22 -12.15 5.19
C SER A 65 -3.51 -13.46 4.87
N SER A 66 -3.00 -14.11 5.90
CA SER A 66 -2.29 -15.39 5.74
C SER A 66 -3.28 -16.52 5.47
N THR A 67 -4.53 -16.31 5.85
CA THR A 67 -5.57 -17.31 5.65
C THR A 67 -6.27 -17.12 4.31
N GLY A 68 -5.48 -17.08 3.24
CA GLY A 68 -6.04 -16.90 1.91
C GLY A 68 -6.46 -15.47 1.64
N LYS A 69 -6.42 -15.07 0.38
CA LYS A 69 -6.80 -13.71 -0.01
C LYS A 69 -8.26 -13.44 0.32
N ASP A 70 -9.12 -14.43 0.06
CA ASP A 70 -10.54 -14.30 0.34
C ASP A 70 -10.85 -14.66 1.79
N GLY A 71 -9.98 -14.21 2.70
CA GLY A 71 -10.18 -14.50 4.11
C GLY A 71 -10.38 -13.23 4.93
N LYS A 72 -9.74 -13.19 6.09
CA LYS A 72 -9.84 -12.03 6.98
C LYS A 72 -8.59 -11.18 6.90
N TYR A 73 -8.76 -9.90 6.61
CA TYR A 73 -7.65 -8.97 6.51
C TYR A 73 -7.43 -8.22 7.82
N LYS A 74 -6.20 -7.75 8.04
CA LYS A 74 -5.86 -7.02 9.25
C LYS A 74 -5.03 -5.78 8.93
N SER A 75 -5.19 -4.74 9.74
CA SER A 75 -4.44 -3.50 9.54
C SER A 75 -3.10 -3.54 10.26
N VAL A 76 -2.03 -3.53 9.47
CA VAL A 76 -0.67 -3.57 10.03
C VAL A 76 -0.07 -2.17 10.09
N TYR A 77 -0.32 -1.38 9.06
CA TYR A 77 0.21 -0.02 8.99
C TYR A 77 -0.67 0.87 8.11
N VAL A 78 -0.78 2.14 8.47
CA VAL A 78 -1.59 3.08 7.71
C VAL A 78 -1.10 4.51 7.93
N GLY A 79 -0.43 5.05 6.92
CA GLY A 79 0.08 6.41 7.02
C GLY A 79 -0.07 7.19 5.73
N GLU A 80 0.84 8.12 5.49
CA GLU A 80 0.80 8.93 4.27
C GLU A 80 1.92 8.52 3.31
N GLU A 81 3.08 8.20 3.87
CA GLU A 81 4.22 7.79 3.06
C GLU A 81 3.80 6.78 1.99
N THR A 82 4.67 6.59 1.00
CA THR A 82 4.40 5.66 -0.08
C THR A 82 5.19 4.36 0.08
N ASN A 83 6.41 4.49 0.58
CA ASN A 83 7.27 3.33 0.79
C ASN A 83 7.44 3.04 2.28
N ILE A 84 7.13 1.81 2.68
CA ILE A 84 7.26 1.41 4.08
C ILE A 84 7.71 -0.04 4.19
N THR A 85 8.15 -0.42 5.39
CA THR A 85 8.61 -1.78 5.63
C THR A 85 7.68 -2.51 6.59
N LEU A 86 7.24 -3.70 6.19
CA LEU A 86 6.34 -4.50 7.02
C LEU A 86 7.11 -5.16 8.16
N ASN A 87 6.39 -5.46 9.25
CA ASN A 87 7.00 -6.09 10.41
C ASN A 87 5.99 -6.99 11.13
N ASP A 88 6.51 -7.95 11.90
CA ASP A 88 5.66 -8.87 12.64
C ASP A 88 4.97 -9.85 11.69
N LEU A 89 5.64 -10.17 10.59
CA LEU A 89 5.09 -11.09 9.60
C LEU A 89 5.61 -12.51 9.83
N LYS A 90 5.12 -13.45 9.04
CA LYS A 90 5.54 -14.85 9.14
C LYS A 90 6.49 -15.23 8.01
N PRO A 91 7.72 -15.61 8.36
CA PRO A 91 8.74 -16.01 7.38
C PRO A 91 8.40 -17.34 6.71
N ALA A 92 8.92 -17.53 5.50
CA ALA A 92 8.68 -18.75 4.75
C ALA A 92 7.19 -18.96 4.49
N MET A 93 6.53 -17.90 4.04
CA MET A 93 5.09 -17.97 3.74
C MET A 93 4.76 -17.16 2.49
N ASP A 94 3.54 -17.32 2.00
CA ASP A 94 3.09 -16.61 0.81
C ASP A 94 1.64 -16.15 0.97
N TYR A 95 1.44 -14.83 0.98
CA TYR A 95 0.12 -14.26 1.13
C TYR A 95 -0.04 -13.01 0.25
N HIS A 96 -1.27 -12.50 0.17
CA HIS A 96 -1.55 -11.32 -0.63
C HIS A 96 -1.48 -10.06 0.22
N ALA A 97 -1.40 -8.91 -0.43
CA ALA A 97 -1.32 -7.63 0.26
C ALA A 97 -1.87 -6.51 -0.60
N LYS A 98 -2.76 -5.70 -0.02
CA LYS A 98 -3.37 -4.58 -0.73
C LYS A 98 -3.24 -3.29 0.07
N VAL A 99 -3.41 -2.16 -0.60
CA VAL A 99 -3.31 -0.86 0.05
C VAL A 99 -4.58 -0.04 -0.17
N GLN A 100 -5.16 0.44 0.92
CA GLN A 100 -6.38 1.24 0.85
C GLN A 100 -6.08 2.72 1.06
N ALA A 101 -6.61 3.57 0.18
CA ALA A 101 -6.39 5.00 0.29
C ALA A 101 -7.64 5.71 0.81
N GLU A 102 -7.47 6.52 1.86
CA GLU A 102 -8.58 7.24 2.46
C GLU A 102 -8.19 8.69 2.75
N TYR A 103 -9.14 9.60 2.59
CA TYR A 103 -8.90 11.02 2.83
C TYR A 103 -10.13 11.68 3.44
N ASN A 104 -9.89 12.67 4.30
CA ASN A 104 -10.98 13.39 4.96
C ASN A 104 -12.00 12.43 5.55
N SER A 105 -11.51 11.34 6.15
CA SER A 105 -12.37 10.33 6.75
C SER A 105 -13.22 9.65 5.69
N ILE A 106 -12.66 9.50 4.49
CA ILE A 106 -13.36 8.86 3.39
C ILE A 106 -12.63 7.60 2.93
N LYS A 107 -13.14 6.45 3.35
CA LYS A 107 -12.53 5.17 2.98
C LYS A 107 -13.05 4.69 1.63
N GLY A 108 -12.16 4.65 0.63
CA GLY A 108 -12.55 4.21 -0.69
C GLY A 108 -12.50 2.70 -0.84
N THR A 109 -11.79 2.24 -1.87
CA THR A 109 -11.65 0.81 -2.12
C THR A 109 -10.19 0.41 -2.27
N PRO A 110 -9.83 -0.73 -1.68
CA PRO A 110 -8.46 -1.25 -1.73
C PRO A 110 -8.07 -1.73 -3.12
N SER A 111 -6.92 -1.26 -3.61
CA SER A 111 -6.44 -1.64 -4.94
C SER A 111 -6.29 -3.15 -5.04
N GLU A 112 -5.77 -3.61 -6.17
CA GLU A 112 -5.57 -5.04 -6.41
C GLU A 112 -4.68 -5.64 -5.33
N ALA A 113 -4.76 -6.96 -5.18
CA ALA A 113 -3.96 -7.66 -4.18
C ALA A 113 -2.61 -8.09 -4.77
N GLU A 114 -1.56 -7.95 -3.97
CA GLU A 114 -0.21 -8.32 -4.41
C GLU A 114 0.37 -9.39 -3.50
N ILE A 115 0.74 -10.53 -4.09
CA ILE A 115 1.32 -11.64 -3.34
C ILE A 115 2.84 -11.56 -3.34
N PHE A 116 3.44 -11.80 -2.18
CA PHE A 116 4.89 -11.76 -2.04
C PHE A 116 5.37 -12.80 -1.04
N THR A 117 6.28 -13.67 -1.48
CA THR A 117 6.82 -14.72 -0.63
C THR A 117 8.00 -14.22 0.18
N THR A 118 8.02 -14.55 1.47
CA THR A 118 9.10 -14.13 2.35
C THR A 118 10.05 -15.28 2.64
N LEU A 119 11.32 -14.94 2.84
CA LEU A 119 12.34 -15.95 3.13
C LEU A 119 12.20 -16.48 4.56
N SER A 120 12.80 -17.64 4.82
CA SER A 120 12.74 -18.26 6.13
C SER A 120 13.91 -17.80 6.99
N CYS A 121 13.74 -17.91 8.31
CA CYS A 121 14.79 -17.51 9.25
C CYS A 121 16.16 -17.85 8.70
N GLU A 122 16.24 -18.89 7.88
CA GLU A 122 17.49 -19.33 7.30
C GLU A 122 17.48 -19.16 5.78
N PRO A 123 18.67 -19.02 5.18
CA PRO A 123 18.82 -18.85 3.74
C PRO A 123 18.47 -20.12 2.96
N ASP A 124 17.20 -20.26 2.61
CA ASP A 124 16.74 -21.42 1.86
C ASP A 124 16.15 -21.01 0.52
N ILE A 125 15.00 -20.35 0.57
CA ILE A 125 14.33 -19.90 -0.65
C ILE A 125 15.34 -19.52 -1.72
N PRO A 126 14.94 -19.68 -2.99
CA PRO A 126 15.80 -19.35 -4.14
C PRO A 126 16.01 -17.86 -4.30
N ASN A 127 15.44 -17.08 -3.38
CA ASN A 127 15.57 -15.63 -3.41
C ASN A 127 16.91 -15.18 -2.82
N PRO A 128 17.54 -14.18 -3.44
CA PRO A 128 18.82 -13.65 -2.98
C PRO A 128 18.70 -12.88 -1.67
N PRO A 129 19.25 -13.46 -0.59
CA PRO A 129 19.22 -12.85 0.73
C PRO A 129 20.10 -11.60 0.83
N ARG A 130 20.40 -11.18 2.05
CA ARG A 130 21.22 -10.00 2.28
C ARG A 130 22.59 -10.40 2.83
N ILE A 131 23.56 -9.51 2.68
CA ILE A 131 24.92 -9.76 3.17
C ILE A 131 25.17 -9.06 4.50
N SER A 132 25.61 -9.82 5.50
CA SER A 132 25.88 -9.27 6.82
C SER A 132 26.75 -10.22 7.63
N GLY A 133 27.43 -9.68 8.63
CA GLY A 133 28.29 -10.48 9.48
C GLY A 133 29.28 -11.31 8.68
N PRO A 134 30.10 -12.11 9.38
CA PRO A 134 31.11 -12.95 8.75
C PRO A 134 30.49 -14.12 7.98
N SER A 135 29.18 -14.29 8.14
CA SER A 135 28.46 -15.37 7.46
C SER A 135 29.14 -16.71 7.71
N SER A 136 29.54 -16.93 8.96
CA SER A 136 30.21 -18.18 9.34
C SER A 136 29.97 -18.48 10.81
N GLY A 137 30.19 -19.74 11.19
CA GLY A 137 30.01 -20.15 12.57
C GLY A 137 28.67 -20.81 12.80
N GLY A 1 -14.31 21.92 -11.14
CA GLY A 1 -14.02 23.11 -10.36
C GLY A 1 -14.86 23.20 -9.10
N SER A 2 -15.13 24.42 -8.66
CA SER A 2 -15.94 24.64 -7.45
C SER A 2 -17.37 24.99 -7.82
N SER A 3 -18.31 24.51 -7.02
CA SER A 3 -19.73 24.76 -7.25
C SER A 3 -20.33 25.59 -6.12
N GLY A 4 -21.58 26.01 -6.29
CA GLY A 4 -22.24 26.80 -5.27
C GLY A 4 -22.29 26.09 -3.93
N SER A 5 -23.34 25.30 -3.72
CA SER A 5 -23.51 24.57 -2.47
C SER A 5 -22.71 23.26 -2.49
N SER A 6 -21.42 23.36 -2.21
CA SER A 6 -20.54 22.20 -2.20
C SER A 6 -20.84 21.31 -0.99
N GLY A 7 -20.63 20.01 -1.16
CA GLY A 7 -20.89 19.07 -0.09
C GLY A 7 -20.44 17.66 -0.43
N ASP A 8 -21.12 17.04 -1.39
CA ASP A 8 -20.79 15.69 -1.81
C ASP A 8 -19.84 15.70 -3.00
N GLU A 9 -20.04 16.67 -3.89
CA GLU A 9 -19.20 16.80 -5.08
C GLU A 9 -17.75 16.44 -4.76
N GLU A 10 -17.25 16.98 -3.65
CA GLU A 10 -15.88 16.72 -3.24
C GLU A 10 -15.71 15.28 -2.75
N THR A 11 -16.72 14.78 -2.06
CA THR A 11 -16.69 13.42 -1.53
C THR A 11 -16.65 12.40 -2.66
N LYS A 12 -17.45 12.62 -3.69
CA LYS A 12 -17.50 11.73 -4.84
C LYS A 12 -16.13 11.60 -5.48
N ALA A 13 -15.44 12.72 -5.64
CA ALA A 13 -14.12 12.74 -6.25
C ALA A 13 -13.14 11.90 -5.43
N PHE A 14 -13.33 11.89 -4.11
CA PHE A 14 -12.47 11.14 -3.22
C PHE A 14 -12.74 9.65 -3.32
N GLU A 15 -13.99 9.29 -3.50
CA GLU A 15 -14.39 7.89 -3.61
C GLU A 15 -13.79 7.26 -4.86
N ALA A 16 -13.58 8.08 -5.89
CA ALA A 16 -13.01 7.60 -7.14
C ALA A 16 -11.49 7.77 -7.15
N LEU A 17 -11.02 8.90 -6.64
CA LEU A 17 -9.59 9.18 -6.59
C LEU A 17 -8.89 8.25 -5.63
N LEU A 18 -9.34 8.23 -4.38
CA LEU A 18 -8.74 7.38 -3.35
C LEU A 18 -8.69 5.93 -3.82
N SER A 19 -9.53 5.60 -4.80
CA SER A 19 -9.58 4.24 -5.33
C SER A 19 -8.95 4.19 -6.72
N ASN A 20 -7.99 5.06 -6.97
CA ASN A 20 -7.30 5.12 -8.26
C ASN A 20 -5.80 4.92 -8.08
N ILE A 21 -5.42 4.28 -7.00
CA ILE A 21 -4.01 4.03 -6.71
C ILE A 21 -3.55 2.70 -7.31
N VAL A 22 -2.24 2.45 -7.28
CA VAL A 22 -1.69 1.22 -7.82
C VAL A 22 -1.28 0.27 -6.70
N LYS A 23 -1.47 -1.03 -6.94
CA LYS A 23 -1.12 -2.04 -5.95
C LYS A 23 0.33 -1.90 -5.51
N PRO A 24 0.60 -2.11 -4.22
CA PRO A 24 1.94 -2.01 -3.65
C PRO A 24 2.85 -3.14 -4.11
N VAL A 25 4.08 -2.80 -4.47
CA VAL A 25 5.05 -3.79 -4.93
C VAL A 25 5.98 -4.21 -3.80
N ALA A 26 6.11 -5.51 -3.59
CA ALA A 26 6.97 -6.05 -2.54
C ALA A 26 8.40 -6.18 -3.04
N SER A 27 9.34 -5.53 -2.34
CA SER A 27 10.75 -5.58 -2.71
C SER A 27 11.62 -5.91 -1.50
N ASP A 28 12.88 -6.24 -1.76
CA ASP A 28 13.81 -6.58 -0.70
C ASP A 28 13.14 -7.45 0.37
N ILE A 29 12.18 -8.25 -0.07
CA ILE A 29 11.45 -9.13 0.84
C ILE A 29 12.42 -9.94 1.71
N GLN A 30 12.15 -9.97 3.01
CA GLN A 30 12.99 -10.70 3.94
C GLN A 30 12.16 -11.64 4.81
N ALA A 31 12.82 -12.36 5.71
CA ALA A 31 12.14 -13.30 6.60
C ALA A 31 10.76 -12.76 6.99
N ARG A 32 10.75 -11.73 7.84
CA ARG A 32 9.50 -11.15 8.30
C ARG A 32 9.37 -9.70 7.81
N THR A 33 10.51 -9.09 7.51
CA THR A 33 10.53 -7.70 7.04
C THR A 33 10.53 -7.65 5.51
N VAL A 34 9.96 -6.58 4.97
CA VAL A 34 9.89 -6.41 3.52
C VAL A 34 9.73 -4.94 3.15
N VAL A 35 10.04 -4.60 1.91
CA VAL A 35 9.92 -3.23 1.42
C VAL A 35 8.70 -3.06 0.52
N LEU A 36 7.67 -2.41 1.05
CA LEU A 36 6.45 -2.18 0.30
C LEU A 36 6.41 -0.77 -0.27
N THR A 37 6.49 -0.66 -1.60
CA THR A 37 6.46 0.63 -2.25
C THR A 37 5.27 0.74 -3.20
N TRP A 38 4.49 1.81 -3.04
CA TRP A 38 3.32 2.03 -3.88
C TRP A 38 3.23 3.49 -4.31
N SER A 39 2.58 3.74 -5.44
CA SER A 39 2.42 5.08 -5.96
C SER A 39 1.06 5.66 -5.57
N PRO A 40 0.98 7.00 -5.56
CA PRO A 40 -0.26 7.71 -5.21
C PRO A 40 -1.34 7.54 -6.27
N PRO A 41 -2.59 7.88 -5.91
CA PRO A 41 -3.73 7.79 -6.82
C PRO A 41 -3.67 8.82 -7.94
N SER A 42 -4.25 8.49 -9.09
CA SER A 42 -4.26 9.39 -10.23
C SER A 42 -5.53 10.23 -10.26
N SER A 43 -5.36 11.54 -10.13
CA SER A 43 -6.50 12.45 -10.15
C SER A 43 -7.11 12.56 -11.54
N LEU A 44 -8.37 12.15 -11.66
CA LEU A 44 -9.07 12.20 -12.93
C LEU A 44 -9.75 13.55 -13.14
N ILE A 45 -9.30 14.55 -12.38
CA ILE A 45 -9.86 15.89 -12.49
C ILE A 45 -9.63 16.49 -13.87
N ASN A 46 -8.80 15.81 -14.65
CA ASN A 46 -8.49 16.27 -16.00
C ASN A 46 -7.70 17.58 -15.96
N GLY A 47 -6.99 17.80 -14.87
CA GLY A 47 -6.20 19.02 -14.74
C GLY A 47 -7.06 20.25 -14.55
N GLU A 48 -8.38 20.06 -14.60
CA GLU A 48 -9.32 21.17 -14.44
C GLU A 48 -8.95 22.03 -13.24
N THR A 49 -8.26 21.42 -12.28
CA THR A 49 -7.84 22.13 -11.08
C THR A 49 -6.33 22.22 -10.99
N ASP A 50 -5.84 23.17 -10.20
CA ASP A 50 -4.40 23.36 -10.02
C ASP A 50 -3.72 22.04 -9.70
N GLU A 51 -2.67 21.72 -10.47
CA GLU A 51 -1.93 20.48 -10.27
C GLU A 51 -1.52 20.32 -8.81
N SER A 52 -1.08 21.43 -8.20
CA SER A 52 -0.65 21.40 -6.80
C SER A 52 -1.84 21.57 -5.87
N SER A 53 -3.00 21.06 -6.29
CA SER A 53 -4.21 21.14 -5.49
C SER A 53 -4.49 19.84 -4.76
N VAL A 54 -4.30 18.73 -5.47
CA VAL A 54 -4.52 17.40 -4.91
C VAL A 54 -3.59 17.13 -3.73
N PRO A 55 -4.14 16.63 -2.63
CA PRO A 55 -3.36 16.32 -1.42
C PRO A 55 -2.45 15.12 -1.62
N GLU A 56 -1.52 14.94 -0.68
CA GLU A 56 -0.58 13.82 -0.76
C GLU A 56 -0.50 13.09 0.58
N LEU A 57 -1.46 13.36 1.46
CA LEU A 57 -1.49 12.73 2.77
C LEU A 57 -2.53 11.62 2.81
N TYR A 58 -2.86 11.08 1.64
CA TYR A 58 -3.85 10.00 1.55
C TYR A 58 -3.47 8.84 2.48
N GLY A 59 -4.20 8.73 3.58
CA GLY A 59 -3.93 7.67 4.53
C GLY A 59 -3.97 6.30 3.90
N TYR A 60 -2.80 5.71 3.69
CA TYR A 60 -2.71 4.38 3.08
C TYR A 60 -2.67 3.29 4.15
N GLU A 61 -3.53 2.29 3.99
CA GLU A 61 -3.59 1.18 4.94
C GLU A 61 -3.28 -0.14 4.25
N VAL A 62 -2.36 -0.90 4.82
CA VAL A 62 -1.97 -2.19 4.27
C VAL A 62 -2.79 -3.32 4.87
N LEU A 63 -3.26 -4.22 4.02
CA LEU A 63 -4.06 -5.36 4.47
C LEU A 63 -3.46 -6.68 3.99
N ILE A 64 -3.17 -7.57 4.93
CA ILE A 64 -2.60 -8.87 4.60
C ILE A 64 -3.45 -10.01 5.17
N SER A 65 -3.32 -11.19 4.58
CA SER A 65 -4.06 -12.36 5.04
C SER A 65 -3.32 -13.65 4.70
N SER A 66 -2.91 -14.38 5.74
CA SER A 66 -2.20 -15.62 5.55
C SER A 66 -3.14 -16.75 5.14
N THR A 67 -4.42 -16.59 5.48
CA THR A 67 -5.43 -17.58 5.14
C THR A 67 -5.70 -17.62 3.64
N GLY A 68 -6.07 -16.47 3.08
CA GLY A 68 -6.34 -16.39 1.66
C GLY A 68 -6.86 -15.02 1.25
N LYS A 69 -7.34 -14.93 0.00
CA LYS A 69 -7.87 -13.67 -0.51
C LYS A 69 -9.31 -13.47 -0.08
N ASP A 70 -10.09 -14.55 -0.13
CA ASP A 70 -11.50 -14.49 0.26
C ASP A 70 -11.67 -14.80 1.74
N GLY A 71 -10.90 -14.12 2.57
CA GLY A 71 -10.98 -14.33 4.01
C GLY A 71 -10.99 -13.04 4.79
N LYS A 72 -10.38 -13.06 5.97
CA LYS A 72 -10.33 -11.88 6.83
C LYS A 72 -8.94 -11.24 6.78
N TYR A 73 -8.91 -9.93 6.59
CA TYR A 73 -7.65 -9.20 6.52
C TYR A 73 -7.43 -8.37 7.79
N LYS A 74 -6.19 -7.96 8.01
CA LYS A 74 -5.84 -7.16 9.18
C LYS A 74 -4.93 -6.00 8.79
N SER A 75 -4.85 -5.00 9.67
CA SER A 75 -4.03 -3.82 9.42
C SER A 75 -2.63 -4.03 9.98
N VAL A 76 -1.62 -3.50 9.28
CA VAL A 76 -0.24 -3.61 9.70
C VAL A 76 0.44 -2.25 9.73
N TYR A 77 -0.01 -1.35 8.87
CA TYR A 77 0.55 0.00 8.80
C TYR A 77 -0.50 1.01 8.40
N VAL A 78 -0.32 2.25 8.83
CA VAL A 78 -1.27 3.32 8.52
C VAL A 78 -0.59 4.69 8.62
N GLY A 79 -0.38 5.32 7.46
CA GLY A 79 0.25 6.62 7.44
C GLY A 79 0.06 7.33 6.10
N GLU A 80 0.95 8.28 5.81
CA GLU A 80 0.88 9.03 4.56
C GLU A 80 2.01 8.63 3.62
N GLU A 81 3.17 8.32 4.18
CA GLU A 81 4.33 7.92 3.40
C GLU A 81 3.95 6.88 2.35
N THR A 82 4.58 6.95 1.19
CA THR A 82 4.30 6.01 0.11
C THR A 82 5.10 4.72 0.29
N ASN A 83 6.39 4.85 0.52
CA ASN A 83 7.25 3.69 0.71
C ASN A 83 7.43 3.38 2.19
N ILE A 84 7.16 2.12 2.56
CA ILE A 84 7.29 1.69 3.95
C ILE A 84 7.74 0.23 4.03
N THR A 85 8.18 -0.17 5.22
CA THR A 85 8.62 -1.54 5.43
C THR A 85 7.69 -2.29 6.38
N LEU A 86 7.43 -3.55 6.06
CA LEU A 86 6.55 -4.38 6.88
C LEU A 86 7.34 -5.10 7.97
N ASN A 87 6.64 -5.48 9.05
CA ASN A 87 7.28 -6.18 10.15
C ASN A 87 6.29 -7.09 10.86
N ASP A 88 6.81 -8.04 11.64
CA ASP A 88 5.96 -8.97 12.37
C ASP A 88 5.23 -9.92 11.41
N LEU A 89 5.90 -10.28 10.32
CA LEU A 89 5.32 -11.17 9.32
C LEU A 89 5.75 -12.62 9.57
N LYS A 90 5.17 -13.54 8.82
CA LYS A 90 5.49 -14.95 8.94
C LYS A 90 6.48 -15.39 7.87
N PRO A 91 7.66 -15.85 8.31
CA PRO A 91 8.72 -16.30 7.40
C PRO A 91 8.36 -17.60 6.70
N ALA A 92 8.84 -17.76 5.47
CA ALA A 92 8.56 -18.96 4.68
C ALA A 92 7.06 -19.13 4.45
N MET A 93 6.41 -18.04 4.06
CA MET A 93 4.97 -18.07 3.80
C MET A 93 4.62 -17.19 2.61
N ASP A 94 3.42 -17.37 2.08
CA ASP A 94 2.96 -16.58 0.93
C ASP A 94 1.53 -16.10 1.14
N TYR A 95 1.33 -14.79 1.00
CA TYR A 95 0.02 -14.19 1.18
C TYR A 95 -0.18 -12.99 0.26
N HIS A 96 -1.40 -12.48 0.20
CA HIS A 96 -1.71 -11.34 -0.64
C HIS A 96 -1.78 -10.06 0.18
N ALA A 97 -1.37 -8.95 -0.42
CA ALA A 97 -1.38 -7.66 0.25
C ALA A 97 -2.02 -6.58 -0.62
N LYS A 98 -2.60 -5.57 0.03
CA LYS A 98 -3.26 -4.49 -0.69
C LYS A 98 -3.13 -3.18 0.08
N VAL A 99 -3.29 -2.06 -0.62
CA VAL A 99 -3.19 -0.74 0.00
C VAL A 99 -4.45 0.09 -0.29
N GLN A 100 -5.10 0.55 0.77
CA GLN A 100 -6.30 1.37 0.63
C GLN A 100 -6.04 2.80 1.06
N ALA A 101 -6.57 3.76 0.29
CA ALA A 101 -6.39 5.17 0.60
C ALA A 101 -7.61 5.71 1.34
N GLU A 102 -7.36 6.67 2.24
CA GLU A 102 -8.44 7.28 3.01
C GLU A 102 -8.15 8.75 3.27
N TYR A 103 -9.15 9.59 2.99
CA TYR A 103 -9.00 11.04 3.19
C TYR A 103 -10.34 11.68 3.51
N ASN A 104 -10.33 12.61 4.46
CA ASN A 104 -11.54 13.31 4.87
C ASN A 104 -12.61 12.31 5.34
N SER A 105 -12.16 11.24 5.97
CA SER A 105 -13.06 10.21 6.48
C SER A 105 -13.80 9.52 5.33
N ILE A 106 -13.11 9.37 4.20
CA ILE A 106 -13.70 8.74 3.03
C ILE A 106 -12.92 7.48 2.63
N LYS A 107 -13.44 6.33 2.99
CA LYS A 107 -12.80 5.06 2.66
C LYS A 107 -13.20 4.59 1.27
N GLY A 108 -12.20 4.31 0.43
CA GLY A 108 -12.47 3.86 -0.92
C GLY A 108 -12.25 2.36 -1.07
N THR A 109 -11.72 1.96 -2.23
CA THR A 109 -11.48 0.55 -2.50
C THR A 109 -9.98 0.26 -2.56
N PRO A 110 -9.58 -0.86 -1.94
CA PRO A 110 -8.16 -1.28 -1.92
C PRO A 110 -7.67 -1.74 -3.28
N SER A 111 -6.40 -1.46 -3.57
CA SER A 111 -5.80 -1.85 -4.84
C SER A 111 -5.84 -3.36 -5.02
N GLU A 112 -5.33 -3.83 -6.15
CA GLU A 112 -5.28 -5.26 -6.44
C GLU A 112 -4.54 -6.02 -5.35
N ALA A 113 -4.51 -7.35 -5.47
CA ALA A 113 -3.84 -8.19 -4.49
C ALA A 113 -2.45 -8.59 -4.99
N GLU A 114 -1.42 -8.16 -4.26
CA GLU A 114 -0.05 -8.47 -4.62
C GLU A 114 0.51 -9.59 -3.73
N ILE A 115 0.52 -10.80 -4.26
CA ILE A 115 1.04 -11.95 -3.51
C ILE A 115 2.56 -11.98 -3.52
N PHE A 116 3.15 -12.01 -2.33
CA PHE A 116 4.60 -12.04 -2.20
C PHE A 116 5.03 -13.07 -1.16
N THR A 117 5.95 -13.95 -1.55
CA THR A 117 6.44 -14.99 -0.65
C THR A 117 7.69 -14.52 0.10
N THR A 118 7.74 -14.82 1.40
CA THR A 118 8.86 -14.43 2.23
C THR A 118 9.82 -15.60 2.44
N LEU A 119 10.97 -15.31 3.05
CA LEU A 119 11.97 -16.34 3.31
C LEU A 119 11.91 -16.82 4.75
N SER A 120 12.66 -17.87 5.06
CA SER A 120 12.68 -18.43 6.40
C SER A 120 13.53 -17.58 7.34
N CYS A 121 13.48 -17.89 8.63
CA CYS A 121 14.25 -17.15 9.63
C CYS A 121 15.59 -16.69 9.05
N GLU A 122 16.15 -17.51 8.15
CA GLU A 122 17.43 -17.18 7.53
C GLU A 122 17.44 -15.76 7.01
N PRO A 123 18.65 -15.22 6.78
CA PRO A 123 18.82 -13.85 6.27
C PRO A 123 18.37 -13.71 4.82
N ASP A 124 18.50 -12.50 4.28
CA ASP A 124 18.10 -12.24 2.90
C ASP A 124 18.43 -13.43 2.00
N ILE A 125 17.54 -13.71 1.06
CA ILE A 125 17.73 -14.82 0.13
C ILE A 125 18.81 -14.49 -0.90
N PRO A 126 19.94 -15.21 -0.82
CA PRO A 126 21.08 -15.02 -1.74
C PRO A 126 20.76 -15.49 -3.15
N ASN A 127 19.52 -15.94 -3.35
CA ASN A 127 19.10 -16.43 -4.67
C ASN A 127 19.73 -15.60 -5.79
N PRO A 128 20.46 -16.27 -6.68
CA PRO A 128 21.13 -15.62 -7.80
C PRO A 128 20.14 -15.12 -8.86
N PRO A 129 20.03 -13.79 -8.97
CA PRO A 129 19.13 -13.16 -9.94
C PRO A 129 19.58 -13.35 -11.38
N ARG A 130 20.88 -13.51 -11.56
CA ARG A 130 21.45 -13.70 -12.90
C ARG A 130 22.55 -14.75 -12.87
N ILE A 131 23.14 -15.03 -14.03
CA ILE A 131 24.21 -16.00 -14.15
C ILE A 131 25.39 -15.44 -14.93
N SER A 132 25.54 -14.12 -14.89
CA SER A 132 26.63 -13.45 -15.59
C SER A 132 26.78 -12.01 -15.13
N GLY A 133 27.85 -11.36 -15.56
CA GLY A 133 28.09 -9.98 -15.19
C GLY A 133 28.62 -9.14 -16.32
N PRO A 134 27.71 -8.59 -17.14
CA PRO A 134 28.07 -7.76 -18.29
C PRO A 134 28.65 -6.41 -17.87
N SER A 135 29.06 -5.61 -18.86
CA SER A 135 29.64 -4.30 -18.59
C SER A 135 28.55 -3.28 -18.28
N SER A 136 28.84 -2.35 -17.39
CA SER A 136 27.89 -1.31 -17.01
C SER A 136 28.59 -0.15 -16.29
N GLY A 137 28.47 1.04 -16.85
CA GLY A 137 29.09 2.21 -16.26
C GLY A 137 30.53 1.95 -15.85
N GLY A 1 -16.57 23.13 7.45
CA GLY A 1 -17.82 23.80 7.75
C GLY A 1 -18.32 24.64 6.58
N SER A 2 -18.70 23.97 5.50
CA SER A 2 -19.20 24.66 4.32
C SER A 2 -20.72 24.61 4.26
N SER A 3 -21.36 25.60 4.85
CA SER A 3 -22.82 25.67 4.88
C SER A 3 -23.35 26.25 3.57
N GLY A 4 -24.52 25.78 3.15
CA GLY A 4 -25.13 26.27 1.92
C GLY A 4 -24.51 25.63 0.69
N SER A 5 -23.21 25.81 0.50
CA SER A 5 -22.51 25.26 -0.64
C SER A 5 -22.50 23.73 -0.58
N SER A 6 -22.53 23.09 -1.76
CA SER A 6 -22.53 21.64 -1.84
C SER A 6 -21.34 21.05 -1.08
N GLY A 7 -21.42 19.76 -0.80
CA GLY A 7 -20.35 19.09 -0.08
C GLY A 7 -20.04 17.71 -0.63
N ASP A 8 -21.09 16.98 -0.99
CA ASP A 8 -20.92 15.64 -1.54
C ASP A 8 -19.97 15.65 -2.74
N GLU A 9 -20.12 16.65 -3.59
CA GLU A 9 -19.28 16.78 -4.77
C GLU A 9 -17.83 16.44 -4.45
N GLU A 10 -17.36 16.93 -3.31
CA GLU A 10 -15.98 16.69 -2.89
C GLU A 10 -15.77 15.20 -2.57
N THR A 11 -16.70 14.62 -1.81
CA THR A 11 -16.61 13.22 -1.44
C THR A 11 -16.52 12.33 -2.67
N LYS A 12 -17.38 12.59 -3.65
CA LYS A 12 -17.40 11.82 -4.88
C LYS A 12 -16.00 11.72 -5.49
N ALA A 13 -15.41 12.87 -5.76
CA ALA A 13 -14.07 12.93 -6.34
C ALA A 13 -13.08 12.10 -5.51
N PHE A 14 -13.35 12.00 -4.22
CA PHE A 14 -12.48 11.24 -3.31
C PHE A 14 -12.78 9.74 -3.42
N GLU A 15 -14.05 9.41 -3.63
CA GLU A 15 -14.47 8.02 -3.74
C GLU A 15 -13.85 7.36 -4.97
N ALA A 16 -13.60 8.16 -5.99
CA ALA A 16 -13.02 7.66 -7.23
C ALA A 16 -11.50 7.80 -7.21
N LEU A 17 -11.02 8.98 -6.80
CA LEU A 17 -9.59 9.23 -6.74
C LEU A 17 -8.90 8.29 -5.74
N LEU A 18 -9.43 8.23 -4.53
CA LEU A 18 -8.87 7.37 -3.49
C LEU A 18 -8.86 5.91 -3.94
N SER A 19 -9.79 5.56 -4.83
CA SER A 19 -9.88 4.20 -5.35
C SER A 19 -9.30 4.11 -6.75
N ASN A 20 -8.33 4.97 -7.04
CA ASN A 20 -7.69 4.99 -8.35
C ASN A 20 -6.18 4.75 -8.22
N ILE A 21 -5.78 4.05 -7.17
CA ILE A 21 -4.38 3.77 -6.94
C ILE A 21 -3.99 2.39 -7.48
N VAL A 22 -2.70 2.09 -7.46
CA VAL A 22 -2.21 0.81 -7.96
C VAL A 22 -1.71 -0.07 -6.81
N LYS A 23 -1.97 -1.36 -6.92
CA LYS A 23 -1.54 -2.31 -5.89
C LYS A 23 -0.07 -2.13 -5.56
N PRO A 24 0.27 -2.27 -4.27
CA PRO A 24 1.64 -2.12 -3.78
C PRO A 24 2.55 -3.27 -4.24
N VAL A 25 3.81 -2.94 -4.51
CA VAL A 25 4.77 -3.94 -4.96
C VAL A 25 5.73 -4.32 -3.84
N ALA A 26 5.89 -5.62 -3.62
CA ALA A 26 6.79 -6.11 -2.58
C ALA A 26 8.17 -6.39 -3.13
N SER A 27 9.18 -5.80 -2.49
CA SER A 27 10.57 -5.98 -2.92
C SER A 27 11.47 -6.32 -1.74
N ASP A 28 12.72 -6.65 -2.04
CA ASP A 28 13.68 -7.00 -0.99
C ASP A 28 13.00 -7.75 0.15
N ILE A 29 12.04 -8.60 -0.20
CA ILE A 29 11.31 -9.38 0.79
C ILE A 29 12.28 -10.15 1.70
N GLN A 30 12.13 -9.94 3.01
CA GLN A 30 12.98 -10.62 3.98
C GLN A 30 12.17 -11.57 4.85
N ALA A 31 12.83 -12.15 5.85
CA ALA A 31 12.17 -13.09 6.75
C ALA A 31 10.74 -12.64 7.06
N ARG A 32 10.62 -11.56 7.84
CA ARG A 32 9.31 -11.03 8.21
C ARG A 32 9.13 -9.61 7.67
N THR A 33 10.25 -8.93 7.43
CA THR A 33 10.20 -7.57 6.91
C THR A 33 10.30 -7.55 5.39
N VAL A 34 9.66 -6.57 4.77
CA VAL A 34 9.68 -6.45 3.32
C VAL A 34 9.52 -4.99 2.89
N VAL A 35 9.93 -4.70 1.66
CA VAL A 35 9.84 -3.34 1.13
C VAL A 35 8.60 -3.18 0.25
N LEU A 36 7.61 -2.45 0.75
CA LEU A 36 6.38 -2.22 0.01
C LEU A 36 6.36 -0.81 -0.58
N THR A 37 6.40 -0.73 -1.91
CA THR A 37 6.39 0.56 -2.59
C THR A 37 5.19 0.67 -3.52
N TRP A 38 4.39 1.71 -3.32
CA TRP A 38 3.20 1.94 -4.13
C TRP A 38 3.10 3.40 -4.56
N SER A 39 2.39 3.65 -5.66
CA SER A 39 2.22 5.00 -6.16
C SER A 39 0.85 5.55 -5.80
N PRO A 40 0.73 6.88 -5.79
CA PRO A 40 -0.53 7.57 -5.46
C PRO A 40 -1.59 7.39 -6.55
N PRO A 41 -2.84 7.71 -6.20
CA PRO A 41 -3.97 7.60 -7.14
C PRO A 41 -3.90 8.63 -8.27
N SER A 42 -4.50 8.29 -9.40
CA SER A 42 -4.50 9.18 -10.56
C SER A 42 -5.74 10.07 -10.56
N SER A 43 -5.53 11.38 -10.42
CA SER A 43 -6.62 12.33 -10.39
C SER A 43 -7.25 12.47 -11.78
N LEU A 44 -8.49 12.01 -11.91
CA LEU A 44 -9.20 12.08 -13.18
C LEU A 44 -9.99 13.38 -13.28
N ILE A 45 -9.62 14.36 -12.47
CA ILE A 45 -10.30 15.66 -12.47
C ILE A 45 -10.30 16.27 -13.87
N ASN A 46 -9.44 15.74 -14.74
CA ASN A 46 -9.34 16.25 -16.11
C ASN A 46 -8.62 17.59 -16.14
N GLY A 47 -7.79 17.84 -15.14
CA GLY A 47 -7.07 19.10 -15.08
C GLY A 47 -7.90 20.23 -14.52
N GLU A 48 -9.19 19.97 -14.30
CA GLU A 48 -10.10 20.97 -13.77
C GLU A 48 -9.55 21.57 -12.48
N THR A 49 -8.57 20.88 -11.88
CA THR A 49 -7.96 21.36 -10.65
C THR A 49 -6.47 21.65 -10.84
N ASP A 50 -5.96 22.59 -10.07
CA ASP A 50 -4.55 22.96 -10.16
C ASP A 50 -3.65 21.78 -9.82
N GLU A 51 -2.65 21.54 -10.67
CA GLU A 51 -1.72 20.44 -10.46
C GLU A 51 -1.30 20.35 -9.00
N SER A 52 -0.98 21.50 -8.42
CA SER A 52 -0.56 21.55 -7.02
C SER A 52 -1.76 21.74 -6.09
N SER A 53 -2.87 21.10 -6.44
CA SER A 53 -4.08 21.19 -5.64
C SER A 53 -4.35 19.88 -4.91
N VAL A 54 -4.36 18.78 -5.65
CA VAL A 54 -4.62 17.46 -5.07
C VAL A 54 -3.66 17.18 -3.92
N PRO A 55 -4.21 16.78 -2.76
CA PRO A 55 -3.42 16.48 -1.57
C PRO A 55 -2.61 15.20 -1.72
N GLU A 56 -1.61 15.03 -0.87
CA GLU A 56 -0.76 13.85 -0.92
C GLU A 56 -0.68 13.18 0.45
N LEU A 57 -1.76 13.27 1.21
CA LEU A 57 -1.81 12.68 2.54
C LEU A 57 -2.79 11.50 2.58
N TYR A 58 -3.03 10.90 1.40
CA TYR A 58 -3.93 9.77 1.30
C TYR A 58 -3.49 8.64 2.23
N GLY A 59 -4.15 8.53 3.38
CA GLY A 59 -3.82 7.48 4.33
C GLY A 59 -3.81 6.11 3.70
N TYR A 60 -2.62 5.55 3.53
CA TYR A 60 -2.47 4.23 2.93
C TYR A 60 -2.41 3.14 4.01
N GLU A 61 -3.35 2.22 3.96
CA GLU A 61 -3.41 1.13 4.93
C GLU A 61 -3.05 -0.20 4.28
N VAL A 62 -2.08 -0.90 4.86
CA VAL A 62 -1.65 -2.19 4.33
C VAL A 62 -2.41 -3.34 4.98
N LEU A 63 -3.01 -4.19 4.15
CA LEU A 63 -3.77 -5.32 4.64
C LEU A 63 -3.17 -6.64 4.15
N ILE A 64 -2.89 -7.54 5.09
CA ILE A 64 -2.32 -8.84 4.75
C ILE A 64 -3.11 -9.96 5.40
N SER A 65 -3.15 -11.11 4.71
CA SER A 65 -3.87 -12.27 5.23
C SER A 65 -3.04 -13.54 5.09
N SER A 66 -2.07 -13.69 5.98
CA SER A 66 -1.18 -14.86 5.97
C SER A 66 -1.98 -16.13 5.70
N THR A 67 -3.24 -16.13 6.12
CA THR A 67 -4.10 -17.29 5.93
C THR A 67 -4.53 -17.44 4.48
N GLY A 68 -5.12 -16.37 3.93
CA GLY A 68 -5.57 -16.40 2.55
C GLY A 68 -6.33 -15.15 2.16
N LYS A 69 -6.38 -14.86 0.87
CA LYS A 69 -7.09 -13.70 0.36
C LYS A 69 -8.59 -13.83 0.58
N ASP A 70 -9.01 -15.03 1.01
CA ASP A 70 -10.43 -15.29 1.25
C ASP A 70 -10.70 -15.49 2.74
N GLY A 71 -10.00 -14.71 3.57
CA GLY A 71 -10.17 -14.81 5.00
C GLY A 71 -10.42 -13.47 5.66
N LYS A 72 -9.64 -13.17 6.69
CA LYS A 72 -9.77 -11.90 7.40
C LYS A 72 -8.51 -11.06 7.27
N TYR A 73 -8.68 -9.82 6.82
CA TYR A 73 -7.55 -8.92 6.64
C TYR A 73 -7.39 -7.99 7.85
N LYS A 74 -6.14 -7.71 8.19
CA LYS A 74 -5.84 -6.84 9.33
C LYS A 74 -4.94 -5.68 8.91
N SER A 75 -4.68 -4.77 9.84
CA SER A 75 -3.82 -3.62 9.57
C SER A 75 -2.45 -3.80 10.18
N VAL A 76 -1.41 -3.58 9.37
CA VAL A 76 -0.04 -3.73 9.84
C VAL A 76 0.66 -2.37 9.92
N TYR A 77 0.20 -1.43 9.10
CA TYR A 77 0.79 -0.10 9.07
C TYR A 77 -0.20 0.91 8.48
N VAL A 78 -0.12 2.15 8.96
CA VAL A 78 -1.00 3.22 8.48
C VAL A 78 -0.30 4.56 8.50
N GLY A 79 0.01 5.09 7.32
CA GLY A 79 0.69 6.37 7.22
C GLY A 79 0.41 7.07 5.91
N GLU A 80 1.10 8.18 5.67
CA GLU A 80 0.93 8.94 4.45
C GLU A 80 1.98 8.57 3.41
N GLU A 81 3.19 8.27 3.87
CA GLU A 81 4.28 7.90 2.99
C GLU A 81 3.83 6.86 1.98
N THR A 82 4.48 6.84 0.82
CA THR A 82 4.15 5.89 -0.23
C THR A 82 4.98 4.62 -0.11
N ASN A 83 6.11 4.72 0.58
CA ASN A 83 6.99 3.57 0.77
C ASN A 83 7.13 3.24 2.26
N ILE A 84 6.95 1.97 2.59
CA ILE A 84 7.06 1.51 3.97
C ILE A 84 7.51 0.06 4.05
N THR A 85 7.93 -0.36 5.24
CA THR A 85 8.39 -1.73 5.43
C THR A 85 7.47 -2.49 6.38
N LEU A 86 7.14 -3.72 6.02
CA LEU A 86 6.27 -4.56 6.83
C LEU A 86 7.03 -5.17 7.99
N ASN A 87 6.30 -5.54 9.05
CA ASN A 87 6.92 -6.14 10.23
C ASN A 87 5.94 -7.08 10.93
N ASP A 88 6.47 -7.95 11.78
CA ASP A 88 5.64 -8.89 12.52
C ASP A 88 4.99 -9.90 11.57
N LEU A 89 5.69 -10.25 10.51
CA LEU A 89 5.18 -11.20 9.52
C LEU A 89 5.75 -12.59 9.75
N LYS A 90 5.15 -13.59 9.13
CA LYS A 90 5.59 -14.97 9.28
C LYS A 90 6.52 -15.35 8.13
N PRO A 91 7.75 -15.77 8.47
CA PRO A 91 8.76 -16.19 7.49
C PRO A 91 8.39 -17.49 6.79
N ALA A 92 8.84 -17.64 5.55
CA ALA A 92 8.56 -18.85 4.78
C ALA A 92 7.07 -19.02 4.54
N MET A 93 6.41 -17.94 4.11
CA MET A 93 4.98 -17.96 3.84
C MET A 93 4.64 -17.11 2.64
N ASP A 94 3.47 -17.35 2.05
CA ASP A 94 3.01 -16.60 0.89
C ASP A 94 1.59 -16.08 1.09
N TYR A 95 1.44 -14.77 1.00
CA TYR A 95 0.13 -14.15 1.18
C TYR A 95 0.00 -12.90 0.31
N HIS A 96 -1.23 -12.41 0.16
CA HIS A 96 -1.49 -11.21 -0.63
C HIS A 96 -1.41 -9.96 0.24
N ALA A 97 -1.29 -8.80 -0.41
CA ALA A 97 -1.22 -7.53 0.30
C ALA A 97 -1.78 -6.40 -0.55
N LYS A 98 -2.76 -5.70 0.01
CA LYS A 98 -3.40 -4.58 -0.70
C LYS A 98 -3.26 -3.29 0.10
N VAL A 99 -3.48 -2.16 -0.57
CA VAL A 99 -3.39 -0.86 0.07
C VAL A 99 -4.66 -0.05 -0.12
N GLN A 100 -5.17 0.52 0.96
CA GLN A 100 -6.39 1.32 0.91
C GLN A 100 -6.09 2.79 1.20
N ALA A 101 -6.72 3.67 0.44
CA ALA A 101 -6.52 5.11 0.62
C ALA A 101 -7.68 5.73 1.39
N GLU A 102 -7.35 6.56 2.38
CA GLU A 102 -8.36 7.21 3.20
C GLU A 102 -8.08 8.71 3.32
N TYR A 103 -9.05 9.52 2.92
CA TYR A 103 -8.91 10.97 2.97
C TYR A 103 -10.21 11.63 3.40
N ASN A 104 -10.10 12.61 4.29
CA ASN A 104 -11.28 13.33 4.79
C ASN A 104 -12.31 12.35 5.34
N SER A 105 -11.84 11.30 5.99
CA SER A 105 -12.71 10.28 6.56
C SER A 105 -13.49 9.56 5.47
N ILE A 106 -12.86 9.40 4.31
CA ILE A 106 -13.49 8.72 3.18
C ILE A 106 -12.67 7.52 2.74
N LYS A 107 -13.16 6.33 3.06
CA LYS A 107 -12.48 5.10 2.69
C LYS A 107 -13.06 4.50 1.42
N GLY A 108 -12.31 4.58 0.33
CA GLY A 108 -12.78 4.04 -0.94
C GLY A 108 -12.59 2.55 -1.04
N THR A 109 -11.92 2.10 -2.10
CA THR A 109 -11.68 0.68 -2.31
C THR A 109 -10.19 0.39 -2.48
N PRO A 110 -9.70 -0.63 -1.77
CA PRO A 110 -8.29 -1.03 -1.82
C PRO A 110 -7.92 -1.66 -3.16
N SER A 111 -6.80 -1.23 -3.74
CA SER A 111 -6.35 -1.75 -5.02
C SER A 111 -6.26 -3.27 -4.99
N GLU A 112 -5.80 -3.86 -6.09
CA GLU A 112 -5.67 -5.31 -6.18
C GLU A 112 -4.81 -5.86 -5.05
N ALA A 113 -4.67 -7.18 -5.02
CA ALA A 113 -3.88 -7.83 -3.98
C ALA A 113 -2.51 -8.23 -4.51
N GLU A 114 -1.47 -7.91 -3.74
CA GLU A 114 -0.10 -8.23 -4.14
C GLU A 114 0.45 -9.39 -3.31
N ILE A 115 0.80 -10.47 -4.00
CA ILE A 115 1.34 -11.65 -3.33
C ILE A 115 2.86 -11.64 -3.33
N PHE A 116 3.46 -11.88 -2.16
CA PHE A 116 4.91 -11.89 -2.04
C PHE A 116 5.36 -12.94 -1.01
N THR A 117 6.11 -13.92 -1.47
CA THR A 117 6.61 -14.98 -0.59
C THR A 117 7.83 -14.51 0.19
N THR A 118 7.81 -14.71 1.50
CA THR A 118 8.92 -14.32 2.36
C THR A 118 9.88 -15.48 2.58
N LEU A 119 11.04 -15.18 3.14
CA LEU A 119 12.05 -16.20 3.41
C LEU A 119 11.91 -16.75 4.82
N SER A 120 12.46 -17.93 5.05
CA SER A 120 12.40 -18.57 6.36
C SER A 120 13.26 -17.83 7.37
N CYS A 121 12.81 -17.78 8.62
CA CYS A 121 13.54 -17.10 9.68
C CYS A 121 15.04 -17.23 9.47
N GLU A 122 15.49 -18.42 9.08
CA GLU A 122 16.90 -18.66 8.84
C GLU A 122 17.34 -18.09 7.50
N PRO A 123 18.62 -17.70 7.42
CA PRO A 123 19.20 -17.12 6.19
C PRO A 123 19.33 -18.16 5.08
N ASP A 124 18.50 -18.02 4.05
CA ASP A 124 18.52 -18.93 2.93
C ASP A 124 18.61 -18.18 1.61
N ILE A 125 17.56 -17.43 1.29
CA ILE A 125 17.52 -16.64 0.06
C ILE A 125 18.84 -15.91 -0.17
N PRO A 126 19.35 -15.96 -1.40
CA PRO A 126 20.59 -15.30 -1.78
C PRO A 126 20.46 -13.78 -1.79
N ASN A 127 20.96 -13.14 -0.74
CA ASN A 127 20.90 -11.69 -0.63
C ASN A 127 21.95 -11.17 0.35
N PRO A 128 22.43 -9.93 0.11
CA PRO A 128 23.44 -9.30 0.95
C PRO A 128 22.89 -8.92 2.33
N PRO A 129 23.38 -9.62 3.37
CA PRO A 129 22.96 -9.39 4.75
C PRO A 129 23.46 -8.04 5.28
N ARG A 130 23.41 -7.89 6.60
CA ARG A 130 23.85 -6.65 7.24
C ARG A 130 24.45 -6.94 8.62
N ILE A 131 25.29 -6.02 9.10
CA ILE A 131 25.92 -6.18 10.40
C ILE A 131 24.91 -6.57 11.46
N SER A 132 25.28 -7.50 12.32
CA SER A 132 24.40 -7.98 13.38
C SER A 132 24.62 -7.17 14.66
N GLY A 133 25.80 -7.32 15.26
CA GLY A 133 26.12 -6.61 16.48
C GLY A 133 26.24 -7.52 17.68
N PRO A 134 25.36 -7.32 18.68
CA PRO A 134 25.36 -8.14 19.89
C PRO A 134 24.90 -9.57 19.64
N SER A 135 24.82 -10.36 20.70
CA SER A 135 24.40 -11.75 20.59
C SER A 135 23.37 -12.09 21.68
N SER A 136 23.78 -11.96 22.94
CA SER A 136 22.90 -12.26 24.05
C SER A 136 21.76 -11.26 24.13
N GLY A 137 20.83 -11.49 25.05
CA GLY A 137 19.69 -10.60 25.21
C GLY A 137 18.67 -11.14 26.20
N GLY A 1 -31.59 22.12 -6.58
CA GLY A 1 -31.80 23.00 -7.71
C GLY A 1 -30.65 23.98 -7.90
N SER A 2 -30.60 25.00 -7.05
CA SER A 2 -29.54 26.00 -7.13
C SER A 2 -28.22 25.46 -6.59
N SER A 3 -27.20 25.47 -7.43
CA SER A 3 -25.89 24.97 -7.04
C SER A 3 -25.02 26.10 -6.47
N GLY A 4 -25.20 26.38 -5.19
CA GLY A 4 -24.44 27.44 -4.55
C GLY A 4 -23.19 26.92 -3.87
N SER A 5 -23.29 26.65 -2.57
CA SER A 5 -22.16 26.14 -1.80
C SER A 5 -22.42 24.73 -1.31
N SER A 6 -21.43 23.86 -1.48
CA SER A 6 -21.56 22.46 -1.06
C SER A 6 -20.19 21.86 -0.77
N GLY A 7 -20.19 20.71 -0.09
CA GLY A 7 -18.94 20.06 0.24
C GLY A 7 -18.93 18.60 -0.17
N ASP A 8 -20.11 18.00 -0.29
CA ASP A 8 -20.23 16.60 -0.68
C ASP A 8 -19.46 16.33 -1.97
N GLU A 9 -19.61 17.23 -2.94
CA GLU A 9 -18.94 17.08 -4.22
C GLU A 9 -17.51 16.57 -4.03
N GLU A 10 -16.85 17.04 -2.98
CA GLU A 10 -15.48 16.62 -2.69
C GLU A 10 -15.43 15.14 -2.34
N THR A 11 -16.32 14.71 -1.45
CA THR A 11 -16.37 13.31 -1.03
C THR A 11 -16.45 12.39 -2.24
N LYS A 12 -17.35 12.71 -3.17
CA LYS A 12 -17.53 11.90 -4.36
C LYS A 12 -16.21 11.73 -5.11
N ALA A 13 -15.50 12.84 -5.32
CA ALA A 13 -14.22 12.81 -6.01
C ALA A 13 -13.22 11.95 -5.27
N PHE A 14 -13.31 11.95 -3.94
CA PHE A 14 -12.40 11.18 -3.11
C PHE A 14 -12.73 9.68 -3.19
N GLU A 15 -14.01 9.37 -3.33
CA GLU A 15 -14.45 7.99 -3.42
C GLU A 15 -13.92 7.33 -4.69
N ALA A 16 -13.75 8.12 -5.73
CA ALA A 16 -13.24 7.62 -7.01
C ALA A 16 -11.74 7.77 -7.10
N LEU A 17 -11.23 8.90 -6.62
CA LEU A 17 -9.79 9.16 -6.65
C LEU A 17 -9.05 8.23 -5.72
N LEU A 18 -9.45 8.22 -4.45
CA LEU A 18 -8.82 7.37 -3.44
C LEU A 18 -8.79 5.92 -3.91
N SER A 19 -9.78 5.54 -4.71
CA SER A 19 -9.88 4.17 -5.21
C SER A 19 -9.28 4.08 -6.61
N ASN A 20 -8.36 4.99 -6.93
CA ASN A 20 -7.71 5.01 -8.23
C ASN A 20 -6.20 4.81 -8.09
N ILE A 21 -5.81 4.08 -7.06
CA ILE A 21 -4.38 3.82 -6.82
C ILE A 21 -3.95 2.53 -7.50
N VAL A 22 -2.66 2.20 -7.34
CA VAL A 22 -2.11 0.98 -7.94
C VAL A 22 -1.64 0.00 -6.88
N LYS A 23 -1.99 -1.26 -7.04
CA LYS A 23 -1.59 -2.30 -6.09
C LYS A 23 -0.12 -2.16 -5.71
N PRO A 24 0.18 -2.42 -4.43
CA PRO A 24 1.56 -2.32 -3.91
C PRO A 24 2.45 -3.44 -4.47
N VAL A 25 3.76 -3.29 -4.25
CA VAL A 25 4.72 -4.28 -4.72
C VAL A 25 5.86 -4.46 -3.72
N ALA A 26 6.29 -5.71 -3.54
CA ALA A 26 7.36 -6.00 -2.61
C ALA A 26 8.71 -6.08 -3.33
N SER A 27 9.74 -5.55 -2.70
CA SER A 27 11.08 -5.55 -3.29
C SER A 27 12.10 -6.16 -2.33
N ASP A 28 12.48 -5.39 -1.31
CA ASP A 28 13.45 -5.86 -0.33
C ASP A 28 12.79 -6.79 0.69
N ILE A 29 12.18 -7.86 0.18
CA ILE A 29 11.50 -8.83 1.03
C ILE A 29 12.50 -9.53 1.95
N GLN A 30 12.27 -9.41 3.26
CA GLN A 30 13.14 -10.04 4.24
C GLN A 30 12.40 -11.10 5.05
N ALA A 31 13.07 -11.66 6.04
CA ALA A 31 12.46 -12.68 6.89
C ALA A 31 11.00 -12.35 7.20
N ARG A 32 10.79 -11.33 8.03
CA ARG A 32 9.45 -10.91 8.41
C ARG A 32 9.14 -9.53 7.86
N THR A 33 10.17 -8.71 7.69
CA THR A 33 10.01 -7.36 7.18
C THR A 33 10.21 -7.31 5.67
N VAL A 34 9.66 -6.29 5.03
CA VAL A 34 9.78 -6.13 3.58
C VAL A 34 9.58 -4.68 3.17
N VAL A 35 9.97 -4.37 1.95
CA VAL A 35 9.83 -3.01 1.42
C VAL A 35 8.73 -2.93 0.38
N LEU A 36 7.56 -2.47 0.79
CA LEU A 36 6.41 -2.35 -0.11
C LEU A 36 6.36 -0.95 -0.73
N THR A 37 6.28 -0.92 -2.06
CA THR A 37 6.23 0.36 -2.78
C THR A 37 4.99 0.42 -3.67
N TRP A 38 4.21 1.48 -3.49
CA TRP A 38 3.00 1.67 -4.28
C TRP A 38 2.89 3.10 -4.80
N SER A 39 2.23 3.28 -5.92
CA SER A 39 2.05 4.60 -6.52
C SER A 39 0.78 5.27 -6.00
N PRO A 40 0.76 6.61 -6.03
CA PRO A 40 -0.39 7.39 -5.57
C PRO A 40 -1.59 7.26 -6.51
N PRO A 41 -2.77 7.69 -6.01
CA PRO A 41 -4.01 7.62 -6.78
C PRO A 41 -4.02 8.61 -7.94
N SER A 42 -4.84 8.32 -8.96
CA SER A 42 -4.94 9.19 -10.12
C SER A 42 -6.18 10.08 -10.03
N SER A 43 -5.98 11.38 -10.15
CA SER A 43 -7.07 12.33 -10.08
C SER A 43 -7.69 12.55 -11.46
N LEU A 44 -8.91 12.04 -11.64
CA LEU A 44 -9.61 12.18 -12.92
C LEU A 44 -10.31 13.53 -13.00
N ILE A 45 -9.88 14.47 -12.17
CA ILE A 45 -10.47 15.80 -12.16
C ILE A 45 -10.37 16.45 -13.53
N ASN A 46 -9.57 15.87 -14.41
CA ASN A 46 -9.39 16.40 -15.77
C ASN A 46 -8.77 17.79 -15.73
N GLY A 47 -8.03 18.08 -14.67
CA GLY A 47 -7.39 19.37 -14.54
C GLY A 47 -8.38 20.47 -14.23
N GLU A 48 -9.66 20.14 -14.23
CA GLU A 48 -10.71 21.12 -13.94
C GLU A 48 -10.28 22.06 -12.83
N THR A 49 -9.48 21.56 -11.90
CA THR A 49 -9.00 22.36 -10.78
C THR A 49 -7.48 22.44 -10.78
N ASP A 50 -6.95 23.48 -10.16
CA ASP A 50 -5.51 23.68 -10.08
C ASP A 50 -4.81 22.39 -9.64
N GLU A 51 -3.59 22.20 -10.13
CA GLU A 51 -2.82 21.01 -9.79
C GLU A 51 -2.41 21.03 -8.32
N SER A 52 -2.21 22.24 -7.78
CA SER A 52 -1.81 22.38 -6.39
C SER A 52 -3.03 22.38 -5.47
N SER A 53 -4.05 21.63 -5.86
CA SER A 53 -5.27 21.52 -5.07
C SER A 53 -5.41 20.13 -4.47
N VAL A 54 -5.05 19.11 -5.24
CA VAL A 54 -5.14 17.73 -4.78
C VAL A 54 -4.11 17.45 -3.69
N PRO A 55 -4.56 16.84 -2.60
CA PRO A 55 -3.69 16.49 -1.47
C PRO A 55 -2.72 15.37 -1.81
N GLU A 56 -1.75 15.14 -0.93
CA GLU A 56 -0.75 14.10 -1.14
C GLU A 56 -0.53 13.30 0.14
N LEU A 57 -1.45 13.43 1.09
CA LEU A 57 -1.37 12.71 2.35
C LEU A 57 -2.34 11.54 2.38
N TYR A 58 -2.75 11.09 1.21
CA TYR A 58 -3.68 9.97 1.10
C TYR A 58 -3.27 8.83 2.04
N GLY A 59 -3.94 8.74 3.18
CA GLY A 59 -3.63 7.70 4.14
C GLY A 59 -3.78 6.31 3.55
N TYR A 60 -2.65 5.65 3.31
CA TYR A 60 -2.65 4.31 2.74
C TYR A 60 -2.59 3.25 3.84
N GLU A 61 -3.31 2.15 3.63
CA GLU A 61 -3.33 1.07 4.60
C GLU A 61 -3.06 -0.28 3.93
N VAL A 62 -2.13 -1.04 4.49
CA VAL A 62 -1.78 -2.34 3.93
C VAL A 62 -2.66 -3.44 4.52
N LEU A 63 -3.20 -4.29 3.64
CA LEU A 63 -4.06 -5.38 4.07
C LEU A 63 -3.47 -6.73 3.67
N ILE A 64 -3.22 -7.58 4.66
CA ILE A 64 -2.66 -8.90 4.40
C ILE A 64 -3.48 -9.99 5.09
N SER A 65 -3.39 -11.21 4.57
CA SER A 65 -4.13 -12.33 5.14
C SER A 65 -3.43 -13.65 4.82
N SER A 66 -2.91 -14.31 5.85
CA SER A 66 -2.21 -15.58 5.68
C SER A 66 -3.21 -16.74 5.61
N THR A 67 -4.50 -16.40 5.66
CA THR A 67 -5.55 -17.42 5.61
C THR A 67 -6.02 -17.63 4.17
N GLY A 68 -6.05 -16.56 3.39
CA GLY A 68 -6.47 -16.66 2.01
C GLY A 68 -7.00 -15.34 1.47
N LYS A 69 -7.13 -15.24 0.15
CA LYS A 69 -7.62 -14.03 -0.49
C LYS A 69 -9.05 -13.73 -0.04
N ASP A 70 -9.92 -14.74 -0.12
CA ASP A 70 -11.31 -14.58 0.28
C ASP A 70 -11.50 -14.91 1.75
N GLY A 71 -10.62 -14.36 2.59
CA GLY A 71 -10.71 -14.61 4.02
C GLY A 71 -10.87 -13.33 4.83
N LYS A 72 -10.05 -13.18 5.85
CA LYS A 72 -10.09 -12.00 6.71
C LYS A 72 -8.82 -11.17 6.56
N TYR A 73 -8.99 -9.89 6.23
CA TYR A 73 -7.85 -9.00 6.06
C TYR A 73 -7.67 -8.10 7.28
N LYS A 74 -6.42 -7.80 7.61
CA LYS A 74 -6.12 -6.95 8.76
C LYS A 74 -5.19 -5.82 8.35
N SER A 75 -5.08 -4.81 9.22
CA SER A 75 -4.23 -3.66 8.95
C SER A 75 -2.91 -3.77 9.71
N VAL A 76 -1.82 -3.84 8.96
CA VAL A 76 -0.49 -3.95 9.57
C VAL A 76 0.18 -2.58 9.68
N TYR A 77 0.06 -1.78 8.63
CA TYR A 77 0.65 -0.45 8.60
C TYR A 77 -0.34 0.57 8.08
N VAL A 78 -0.19 1.81 8.53
CA VAL A 78 -1.07 2.90 8.10
C VAL A 78 -0.38 4.25 8.21
N GLY A 79 -0.06 4.85 7.07
CA GLY A 79 0.60 6.14 7.06
C GLY A 79 0.27 6.95 5.83
N GLU A 80 1.08 7.97 5.55
CA GLU A 80 0.87 8.83 4.40
C GLU A 80 1.86 8.51 3.29
N GLU A 81 3.11 8.21 3.68
CA GLU A 81 4.15 7.90 2.71
C GLU A 81 3.75 6.70 1.85
N THR A 82 4.17 6.71 0.60
CA THR A 82 3.86 5.62 -0.33
C THR A 82 4.65 4.37 0.01
N ASN A 83 5.97 4.52 0.15
CA ASN A 83 6.84 3.40 0.46
C ASN A 83 6.92 3.18 1.97
N ILE A 84 6.63 1.95 2.39
CA ILE A 84 6.67 1.61 3.81
C ILE A 84 7.19 0.20 4.03
N THR A 85 7.57 -0.11 5.27
CA THR A 85 8.08 -1.43 5.60
C THR A 85 7.11 -2.19 6.49
N LEU A 86 6.78 -3.41 6.08
CA LEU A 86 5.86 -4.25 6.84
C LEU A 86 6.57 -4.93 8.01
N ASN A 87 5.80 -5.32 9.03
CA ASN A 87 6.36 -5.98 10.20
C ASN A 87 5.35 -6.92 10.82
N ASP A 88 5.79 -7.71 11.80
CA ASP A 88 4.93 -8.66 12.48
C ASP A 88 4.41 -9.72 11.51
N LEU A 89 5.26 -10.11 10.56
CA LEU A 89 4.88 -11.10 9.56
C LEU A 89 5.57 -12.44 9.86
N LYS A 90 5.09 -13.50 9.21
CA LYS A 90 5.65 -14.83 9.40
C LYS A 90 6.56 -15.20 8.24
N PRO A 91 7.79 -15.61 8.56
CA PRO A 91 8.78 -16.01 7.54
C PRO A 91 8.42 -17.34 6.87
N ALA A 92 8.91 -17.51 5.65
CA ALA A 92 8.64 -18.74 4.91
C ALA A 92 7.14 -18.93 4.69
N MET A 93 6.46 -17.85 4.32
CA MET A 93 5.03 -17.90 4.08
C MET A 93 4.65 -17.09 2.84
N ASP A 94 3.47 -17.36 2.29
CA ASP A 94 3.00 -16.66 1.11
C ASP A 94 1.58 -16.13 1.32
N TYR A 95 1.45 -14.81 1.35
CA TYR A 95 0.15 -14.17 1.55
C TYR A 95 -0.04 -13.00 0.59
N HIS A 96 -1.29 -12.59 0.42
CA HIS A 96 -1.60 -11.48 -0.48
C HIS A 96 -1.57 -10.15 0.28
N ALA A 97 -1.18 -9.09 -0.42
CA ALA A 97 -1.10 -7.77 0.19
C ALA A 97 -1.70 -6.71 -0.74
N LYS A 98 -2.37 -5.72 -0.13
CA LYS A 98 -3.00 -4.66 -0.90
C LYS A 98 -2.78 -3.30 -0.22
N VAL A 99 -3.22 -2.24 -0.88
CA VAL A 99 -3.07 -0.90 -0.35
C VAL A 99 -4.32 -0.06 -0.62
N GLN A 100 -4.95 0.42 0.46
CA GLN A 100 -6.15 1.23 0.34
C GLN A 100 -5.89 2.65 0.81
N ALA A 101 -6.28 3.63 -0.02
CA ALA A 101 -6.08 5.04 0.32
C ALA A 101 -7.30 5.60 1.04
N GLU A 102 -7.07 6.53 1.96
CA GLU A 102 -8.15 7.15 2.72
C GLU A 102 -7.84 8.61 3.00
N TYR A 103 -8.83 9.47 2.81
CA TYR A 103 -8.67 10.90 3.04
C TYR A 103 -9.99 11.52 3.50
N ASN A 104 -9.89 12.48 4.43
CA ASN A 104 -11.06 13.16 4.95
C ASN A 104 -12.07 12.16 5.50
N SER A 105 -11.57 11.11 6.14
CA SER A 105 -12.43 10.07 6.71
C SER A 105 -13.22 9.37 5.60
N ILE A 106 -12.64 9.30 4.41
CA ILE A 106 -13.29 8.66 3.28
C ILE A 106 -12.50 7.43 2.82
N LYS A 107 -13.08 6.25 3.02
CA LYS A 107 -12.44 5.01 2.62
C LYS A 107 -12.93 4.55 1.26
N GLY A 108 -11.99 4.27 0.36
CA GLY A 108 -12.35 3.82 -0.98
C GLY A 108 -12.31 2.31 -1.12
N THR A 109 -11.69 1.85 -2.19
CA THR A 109 -11.57 0.41 -2.45
C THR A 109 -10.11 -0.01 -2.54
N PRO A 110 -9.80 -1.18 -1.96
CA PRO A 110 -8.44 -1.73 -1.97
C PRO A 110 -8.02 -2.21 -3.35
N SER A 111 -6.80 -1.85 -3.75
CA SER A 111 -6.28 -2.23 -5.05
C SER A 111 -6.22 -3.74 -5.19
N GLU A 112 -5.67 -4.21 -6.30
CA GLU A 112 -5.55 -5.65 -6.56
C GLU A 112 -4.78 -6.34 -5.43
N ALA A 113 -4.54 -7.63 -5.61
CA ALA A 113 -3.81 -8.41 -4.61
C ALA A 113 -2.37 -8.65 -5.04
N GLU A 114 -1.43 -8.40 -4.13
CA GLU A 114 -0.02 -8.59 -4.42
C GLU A 114 0.61 -9.59 -3.46
N ILE A 115 0.74 -10.83 -3.91
CA ILE A 115 1.32 -11.90 -3.09
C ILE A 115 2.84 -11.83 -3.12
N PHE A 116 3.44 -11.78 -1.93
CA PHE A 116 4.89 -11.73 -1.81
C PHE A 116 5.40 -12.75 -0.80
N THR A 117 6.29 -13.63 -1.25
CA THR A 117 6.85 -14.67 -0.40
C THR A 117 8.01 -14.12 0.43
N THR A 118 8.04 -14.47 1.71
CA THR A 118 9.09 -14.02 2.61
C THR A 118 10.12 -15.12 2.85
N LEU A 119 11.33 -14.73 3.21
CA LEU A 119 12.40 -15.68 3.48
C LEU A 119 12.29 -16.25 4.89
N SER A 120 13.20 -17.16 5.23
CA SER A 120 13.19 -17.79 6.54
C SER A 120 14.08 -17.02 7.51
N CYS A 121 13.84 -17.22 8.81
CA CYS A 121 14.62 -16.54 9.84
C CYS A 121 16.12 -16.70 9.59
N GLU A 122 16.47 -17.69 8.76
CA GLU A 122 17.87 -17.95 8.45
C GLU A 122 18.16 -17.64 6.99
N PRO A 123 19.45 -17.42 6.67
CA PRO A 123 19.89 -17.11 5.30
C PRO A 123 19.75 -18.31 4.37
N ASP A 124 18.56 -18.48 3.81
CA ASP A 124 18.31 -19.59 2.90
C ASP A 124 18.08 -19.08 1.47
N ILE A 125 17.22 -18.08 1.34
CA ILE A 125 16.92 -17.50 0.03
C ILE A 125 18.19 -17.10 -0.70
N PRO A 126 18.98 -16.21 -0.06
CA PRO A 126 20.24 -15.73 -0.64
C PRO A 126 21.31 -16.80 -0.68
N ASN A 127 22.54 -16.41 -1.01
CA ASN A 127 23.65 -17.34 -1.08
C ASN A 127 24.81 -16.89 -0.19
N PRO A 128 25.63 -17.84 0.26
CA PRO A 128 26.78 -17.56 1.11
C PRO A 128 27.89 -16.82 0.37
N PRO A 129 28.46 -15.80 1.02
CA PRO A 129 29.54 -15.00 0.44
C PRO A 129 30.85 -15.77 0.33
N ARG A 130 31.23 -16.09 -0.90
CA ARG A 130 32.47 -16.84 -1.15
C ARG A 130 33.67 -15.89 -1.21
N ILE A 131 34.86 -16.46 -1.10
CA ILE A 131 36.08 -15.68 -1.14
C ILE A 131 37.01 -16.16 -2.25
N SER A 132 36.48 -16.99 -3.15
CA SER A 132 37.26 -17.52 -4.26
C SER A 132 36.41 -17.66 -5.51
N GLY A 133 36.92 -17.16 -6.63
CA GLY A 133 36.19 -17.22 -7.88
C GLY A 133 37.09 -17.57 -9.05
N PRO A 134 37.56 -16.54 -9.76
CA PRO A 134 38.44 -16.72 -10.93
C PRO A 134 39.83 -17.22 -10.53
N SER A 135 40.28 -18.28 -11.19
CA SER A 135 41.59 -18.86 -10.91
C SER A 135 42.55 -18.62 -12.07
N SER A 136 42.08 -18.90 -13.29
CA SER A 136 42.89 -18.73 -14.48
C SER A 136 43.05 -17.24 -14.81
N GLY A 137 44.25 -16.72 -14.57
CA GLY A 137 44.52 -15.32 -14.84
C GLY A 137 44.81 -15.06 -16.31
N GLY A 1 -14.24 36.41 5.71
CA GLY A 1 -14.82 35.10 5.98
C GLY A 1 -15.12 34.33 4.71
N SER A 2 -16.04 33.37 4.80
CA SER A 2 -16.41 32.55 3.65
C SER A 2 -17.75 31.88 3.88
N SER A 3 -18.38 31.44 2.80
CA SER A 3 -19.68 30.77 2.88
C SER A 3 -19.67 29.48 2.07
N GLY A 4 -20.41 28.48 2.55
CA GLY A 4 -20.48 27.21 1.86
C GLY A 4 -20.68 26.04 2.81
N SER A 5 -21.10 24.90 2.28
CA SER A 5 -21.33 23.71 3.08
C SER A 5 -20.36 22.60 2.68
N SER A 6 -20.19 21.63 3.59
CA SER A 6 -19.30 20.50 3.33
C SER A 6 -19.39 20.05 1.88
N GLY A 7 -20.62 19.89 1.40
CA GLY A 7 -20.83 19.46 0.02
C GLY A 7 -20.31 18.06 -0.22
N ASP A 8 -21.01 17.31 -1.08
CA ASP A 8 -20.61 15.95 -1.41
C ASP A 8 -19.71 15.92 -2.64
N GLU A 9 -19.90 16.89 -3.53
CA GLU A 9 -19.10 16.97 -4.74
C GLU A 9 -17.65 16.58 -4.47
N GLU A 10 -17.10 17.08 -3.36
CA GLU A 10 -15.73 16.78 -2.99
C GLU A 10 -15.59 15.35 -2.50
N THR A 11 -16.61 14.87 -1.78
CA THR A 11 -16.61 13.51 -1.25
C THR A 11 -16.60 12.49 -2.38
N LYS A 12 -17.35 12.77 -3.44
CA LYS A 12 -17.42 11.88 -4.59
C LYS A 12 -16.06 11.72 -5.25
N ALA A 13 -15.39 12.84 -5.51
CA ALA A 13 -14.08 12.83 -6.13
C ALA A 13 -13.09 11.99 -5.32
N PHE A 14 -13.27 11.99 -4.01
CA PHE A 14 -12.40 11.23 -3.12
C PHE A 14 -12.71 9.73 -3.20
N GLU A 15 -13.98 9.41 -3.40
CA GLU A 15 -14.41 8.02 -3.49
C GLU A 15 -13.79 7.34 -4.71
N ALA A 16 -13.57 8.12 -5.77
CA ALA A 16 -12.98 7.60 -6.99
C ALA A 16 -11.46 7.76 -6.99
N LEU A 17 -11.01 8.96 -6.63
CA LEU A 17 -9.58 9.26 -6.58
C LEU A 17 -8.86 8.31 -5.64
N LEU A 18 -9.34 8.24 -4.39
CA LEU A 18 -8.74 7.38 -3.38
C LEU A 18 -8.73 5.93 -3.85
N SER A 19 -9.64 5.59 -4.76
CA SER A 19 -9.74 4.24 -5.29
C SER A 19 -9.18 4.16 -6.71
N ASN A 20 -8.21 5.04 -7.00
CA ASN A 20 -7.60 5.08 -8.32
C ASN A 20 -6.10 4.85 -8.22
N ILE A 21 -5.67 4.17 -7.16
CA ILE A 21 -4.25 3.89 -6.95
C ILE A 21 -3.86 2.56 -7.57
N VAL A 22 -2.57 2.24 -7.51
CA VAL A 22 -2.07 0.99 -8.06
C VAL A 22 -1.60 0.04 -6.96
N LYS A 23 -1.99 -1.23 -7.07
CA LYS A 23 -1.60 -2.23 -6.08
C LYS A 23 -0.12 -2.11 -5.74
N PRO A 24 0.21 -2.36 -4.47
CA PRO A 24 1.60 -2.30 -3.99
C PRO A 24 2.45 -3.44 -4.54
N VAL A 25 3.77 -3.25 -4.50
CA VAL A 25 4.70 -4.27 -5.00
C VAL A 25 5.79 -4.55 -3.97
N ALA A 26 6.11 -5.83 -3.79
CA ALA A 26 7.14 -6.24 -2.85
C ALA A 26 8.50 -6.35 -3.53
N SER A 27 9.54 -5.86 -2.86
CA SER A 27 10.88 -5.89 -3.40
C SER A 27 11.87 -6.46 -2.38
N ASP A 28 12.21 -5.64 -1.38
CA ASP A 28 13.14 -6.06 -0.35
C ASP A 28 12.46 -6.99 0.65
N ILE A 29 11.91 -8.09 0.13
CA ILE A 29 11.23 -9.07 0.98
C ILE A 29 12.22 -9.80 1.87
N GLN A 30 12.10 -9.59 3.18
CA GLN A 30 12.99 -10.24 4.14
C GLN A 30 12.22 -11.24 4.99
N ALA A 31 12.90 -11.80 5.98
CA ALA A 31 12.28 -12.78 6.86
C ALA A 31 10.85 -12.40 7.19
N ARG A 32 10.69 -11.37 8.02
CA ARG A 32 9.36 -10.89 8.41
C ARG A 32 9.09 -9.51 7.86
N THR A 33 10.16 -8.74 7.65
CA THR A 33 10.03 -7.39 7.13
C THR A 33 10.20 -7.36 5.62
N VAL A 34 9.63 -6.34 4.98
CA VAL A 34 9.72 -6.22 3.53
C VAL A 34 9.54 -4.76 3.09
N VAL A 35 9.95 -4.46 1.87
CA VAL A 35 9.83 -3.10 1.33
C VAL A 35 8.70 -3.02 0.30
N LEU A 36 7.57 -2.46 0.72
CA LEU A 36 6.41 -2.33 -0.17
C LEU A 36 6.40 -0.95 -0.82
N THR A 37 6.36 -0.93 -2.15
CA THR A 37 6.35 0.32 -2.90
C THR A 37 5.09 0.42 -3.76
N TRP A 38 4.33 1.50 -3.56
CA TRP A 38 3.11 1.72 -4.32
C TRP A 38 3.00 3.18 -4.78
N SER A 39 2.29 3.39 -5.87
CA SER A 39 2.10 4.74 -6.40
C SER A 39 0.78 5.34 -5.95
N PRO A 40 0.71 6.68 -5.91
CA PRO A 40 -0.50 7.39 -5.49
C PRO A 40 -1.63 7.26 -6.52
N PRO A 41 -2.85 7.66 -6.11
CA PRO A 41 -4.03 7.60 -6.98
C PRO A 41 -3.97 8.62 -8.11
N SER A 42 -4.61 8.31 -9.23
CA SER A 42 -4.63 9.19 -10.38
C SER A 42 -5.85 10.11 -10.34
N SER A 43 -5.60 11.41 -10.30
CA SER A 43 -6.68 12.40 -10.26
C SER A 43 -7.39 12.48 -11.60
N LEU A 44 -8.70 12.27 -11.58
CA LEU A 44 -9.50 12.32 -12.80
C LEU A 44 -10.21 13.67 -12.93
N ILE A 45 -9.73 14.66 -12.19
CA ILE A 45 -10.31 15.99 -12.23
C ILE A 45 -10.24 16.59 -13.63
N ASN A 46 -9.42 15.98 -14.48
CA ASN A 46 -9.26 16.45 -15.85
C ASN A 46 -8.46 17.75 -15.89
N GLY A 47 -7.63 17.96 -14.88
CA GLY A 47 -6.82 19.16 -14.81
C GLY A 47 -7.63 20.38 -14.43
N GLU A 48 -8.95 20.22 -14.35
CA GLU A 48 -9.83 21.32 -14.00
C GLU A 48 -9.28 22.10 -12.80
N THR A 49 -8.53 21.41 -11.94
CA THR A 49 -7.95 22.04 -10.76
C THR A 49 -6.42 22.12 -10.89
N ASP A 50 -5.82 22.97 -10.08
CA ASP A 50 -4.38 23.14 -10.09
C ASP A 50 -3.67 21.82 -9.82
N GLU A 51 -2.67 21.50 -10.64
CA GLU A 51 -1.92 20.27 -10.49
C GLU A 51 -1.30 20.17 -9.10
N SER A 52 -0.91 21.32 -8.55
CA SER A 52 -0.30 21.36 -7.23
C SER A 52 -1.35 21.66 -6.15
N SER A 53 -2.51 21.05 -6.29
CA SER A 53 -3.59 21.25 -5.34
C SER A 53 -3.91 19.96 -4.59
N VAL A 54 -4.40 18.96 -5.33
CA VAL A 54 -4.73 17.66 -4.74
C VAL A 54 -3.79 17.32 -3.60
N PRO A 55 -4.34 16.74 -2.52
CA PRO A 55 -3.58 16.34 -1.35
C PRO A 55 -2.65 15.16 -1.62
N GLU A 56 -1.63 15.01 -0.79
CA GLU A 56 -0.68 13.92 -0.95
C GLU A 56 -0.49 13.16 0.36
N LEU A 57 -1.48 13.27 1.24
CA LEU A 57 -1.42 12.60 2.53
C LEU A 57 -2.44 11.45 2.59
N TYR A 58 -2.80 10.93 1.43
CA TYR A 58 -3.76 9.84 1.35
C TYR A 58 -3.33 8.67 2.23
N GLY A 59 -4.03 8.49 3.34
CA GLY A 59 -3.71 7.41 4.26
C GLY A 59 -3.72 6.05 3.59
N TYR A 60 -2.54 5.52 3.34
CA TYR A 60 -2.41 4.22 2.69
C TYR A 60 -2.22 3.10 3.72
N GLU A 61 -3.25 2.29 3.89
CA GLU A 61 -3.20 1.18 4.85
C GLU A 61 -2.99 -0.15 4.13
N VAL A 62 -2.08 -0.96 4.68
CA VAL A 62 -1.79 -2.26 4.10
C VAL A 62 -2.64 -3.35 4.71
N LEU A 63 -3.28 -4.14 3.86
CA LEU A 63 -4.14 -5.24 4.32
C LEU A 63 -3.61 -6.59 3.83
N ILE A 64 -3.17 -7.42 4.78
CA ILE A 64 -2.66 -8.74 4.44
C ILE A 64 -3.47 -9.83 5.12
N SER A 65 -3.58 -10.98 4.46
CA SER A 65 -4.33 -12.12 5.00
C SER A 65 -3.49 -13.38 4.98
N SER A 66 -2.48 -13.42 5.84
CA SER A 66 -1.59 -14.58 5.92
C SER A 66 -2.39 -15.88 5.86
N THR A 67 -3.66 -15.81 6.22
CA THR A 67 -4.53 -16.97 6.19
C THR A 67 -4.90 -17.37 4.77
N GLY A 68 -5.71 -16.53 4.12
CA GLY A 68 -6.13 -16.81 2.75
C GLY A 68 -6.89 -15.65 2.14
N LYS A 69 -6.56 -15.35 0.89
CA LYS A 69 -7.22 -14.25 0.18
C LYS A 69 -8.73 -14.34 0.33
N ASP A 70 -9.25 -15.56 0.44
CA ASP A 70 -10.68 -15.78 0.60
C ASP A 70 -11.06 -15.89 2.07
N GLY A 71 -10.65 -14.89 2.84
CA GLY A 71 -10.96 -14.88 4.27
C GLY A 71 -11.13 -13.48 4.82
N LYS A 72 -10.38 -13.16 5.86
CA LYS A 72 -10.45 -11.85 6.49
C LYS A 72 -9.08 -11.18 6.52
N TYR A 73 -9.03 -9.93 6.10
CA TYR A 73 -7.77 -9.18 6.08
C TYR A 73 -7.58 -8.39 7.37
N LYS A 74 -6.34 -8.05 7.66
CA LYS A 74 -6.01 -7.30 8.87
C LYS A 74 -5.14 -6.09 8.55
N SER A 75 -5.02 -5.17 9.50
CA SER A 75 -4.21 -3.98 9.32
C SER A 75 -2.82 -4.16 9.91
N VAL A 76 -1.81 -3.72 9.17
CA VAL A 76 -0.43 -3.84 9.62
C VAL A 76 0.25 -2.47 9.70
N TYR A 77 -0.10 -1.60 8.75
CA TYR A 77 0.48 -0.26 8.71
C TYR A 77 -0.40 0.68 7.88
N VAL A 78 -0.45 1.94 8.28
CA VAL A 78 -1.25 2.94 7.58
C VAL A 78 -0.70 4.35 7.82
N GLY A 79 -0.04 4.90 6.80
CA GLY A 79 0.52 6.23 6.93
C GLY A 79 0.29 7.07 5.69
N GLU A 80 1.17 8.04 5.46
CA GLU A 80 1.06 8.92 4.30
C GLU A 80 2.18 8.63 3.30
N GLU A 81 3.29 8.11 3.79
CA GLU A 81 4.43 7.79 2.94
C GLU A 81 4.08 6.67 1.96
N THR A 82 4.30 6.93 0.67
CA THR A 82 4.01 5.96 -0.37
C THR A 82 4.76 4.65 -0.13
N ASN A 83 6.04 4.77 0.25
CA ASN A 83 6.87 3.60 0.51
C ASN A 83 6.97 3.34 2.01
N ILE A 84 6.76 2.07 2.39
CA ILE A 84 6.83 1.69 3.80
C ILE A 84 7.34 0.26 3.95
N THR A 85 7.71 -0.10 5.17
CA THR A 85 8.22 -1.43 5.45
C THR A 85 7.25 -2.23 6.32
N LEU A 86 6.95 -3.46 5.91
CA LEU A 86 6.04 -4.31 6.66
C LEU A 86 6.72 -4.89 7.89
N ASN A 87 5.95 -5.08 8.95
CA ASN A 87 6.48 -5.64 10.19
C ASN A 87 5.43 -6.50 10.89
N ASP A 88 5.89 -7.41 11.74
CA ASP A 88 4.99 -8.29 12.48
C ASP A 88 4.42 -9.38 11.57
N LEU A 89 5.22 -9.82 10.61
CA LEU A 89 4.79 -10.84 9.67
C LEU A 89 5.46 -12.18 9.98
N LYS A 90 4.98 -13.24 9.34
CA LYS A 90 5.53 -14.57 9.56
C LYS A 90 6.46 -14.96 8.41
N PRO A 91 7.74 -15.21 8.73
CA PRO A 91 8.74 -15.60 7.73
C PRO A 91 8.51 -17.00 7.19
N ALA A 92 8.86 -17.21 5.92
CA ALA A 92 8.69 -18.51 5.29
C ALA A 92 7.22 -18.78 4.99
N MET A 93 6.54 -17.79 4.44
CA MET A 93 5.13 -17.93 4.10
C MET A 93 4.81 -17.21 2.79
N ASP A 94 3.57 -17.35 2.33
CA ASP A 94 3.14 -16.73 1.09
C ASP A 94 1.69 -16.26 1.20
N TYR A 95 1.49 -14.95 1.10
CA TYR A 95 0.15 -14.37 1.19
C TYR A 95 0.03 -13.13 0.30
N HIS A 96 -1.19 -12.63 0.17
CA HIS A 96 -1.44 -11.45 -0.65
C HIS A 96 -1.40 -10.19 0.20
N ALA A 97 -1.30 -9.04 -0.47
CA ALA A 97 -1.24 -7.75 0.22
C ALA A 97 -1.76 -6.63 -0.66
N LYS A 98 -2.58 -5.76 -0.09
CA LYS A 98 -3.14 -4.63 -0.83
C LYS A 98 -2.89 -3.32 -0.11
N VAL A 99 -3.44 -2.23 -0.64
CA VAL A 99 -3.27 -0.91 -0.04
C VAL A 99 -4.50 -0.04 -0.27
N GLN A 100 -5.13 0.37 0.82
CA GLN A 100 -6.33 1.20 0.74
C GLN A 100 -6.00 2.65 1.09
N ALA A 101 -6.60 3.58 0.36
CA ALA A 101 -6.37 4.99 0.58
C ALA A 101 -7.59 5.66 1.22
N GLU A 102 -7.36 6.43 2.28
CA GLU A 102 -8.44 7.10 2.99
C GLU A 102 -8.11 8.58 3.19
N TYR A 103 -9.09 9.43 2.95
CA TYR A 103 -8.90 10.88 3.11
C TYR A 103 -10.21 11.56 3.48
N ASN A 104 -10.16 12.43 4.48
CA ASN A 104 -11.34 13.15 4.93
C ASN A 104 -12.43 12.18 5.38
N SER A 105 -12.03 11.13 6.08
CA SER A 105 -12.96 10.12 6.58
C SER A 105 -13.69 9.45 5.41
N ILE A 106 -13.02 9.34 4.28
CA ILE A 106 -13.60 8.72 3.10
C ILE A 106 -12.81 7.48 2.69
N LYS A 107 -13.44 6.32 2.83
CA LYS A 107 -12.81 5.05 2.47
C LYS A 107 -13.26 4.58 1.09
N GLY A 108 -12.29 4.35 0.21
CA GLY A 108 -12.61 3.90 -1.14
C GLY A 108 -12.44 2.40 -1.30
N THR A 109 -11.89 1.99 -2.43
CA THR A 109 -11.67 0.58 -2.71
C THR A 109 -10.18 0.26 -2.82
N PRO A 110 -9.76 -0.83 -2.14
CA PRO A 110 -8.36 -1.26 -2.15
C PRO A 110 -7.93 -1.81 -3.51
N SER A 111 -6.72 -1.47 -3.92
CA SER A 111 -6.19 -1.92 -5.20
C SER A 111 -6.11 -3.44 -5.24
N GLU A 112 -5.60 -3.97 -6.35
CA GLU A 112 -5.47 -5.42 -6.51
C GLU A 112 -4.69 -6.04 -5.34
N ALA A 113 -4.43 -7.33 -5.43
CA ALA A 113 -3.70 -8.03 -4.39
C ALA A 113 -2.30 -8.41 -4.85
N GLU A 114 -1.32 -8.27 -3.96
CA GLU A 114 0.06 -8.59 -4.28
C GLU A 114 0.57 -9.75 -3.42
N ILE A 115 0.89 -10.86 -4.06
CA ILE A 115 1.39 -12.02 -3.35
C ILE A 115 2.92 -12.03 -3.29
N PHE A 116 3.46 -12.02 -2.08
CA PHE A 116 4.90 -12.02 -1.89
C PHE A 116 5.30 -13.03 -0.80
N THR A 117 6.12 -14.01 -1.19
CA THR A 117 6.57 -15.03 -0.26
C THR A 117 7.75 -14.53 0.57
N THR A 118 7.59 -14.55 1.88
CA THR A 118 8.65 -14.10 2.79
C THR A 118 9.61 -15.23 3.12
N LEU A 119 10.87 -14.90 3.32
CA LEU A 119 11.89 -15.90 3.65
C LEU A 119 11.75 -16.36 5.09
N SER A 120 12.52 -17.39 5.46
CA SER A 120 12.47 -17.93 6.82
C SER A 120 13.36 -17.10 7.76
N CYS A 121 13.04 -17.16 9.04
CA CYS A 121 13.81 -16.43 10.05
C CYS A 121 15.28 -16.35 9.67
N GLU A 122 15.85 -17.49 9.31
CA GLU A 122 17.26 -17.56 8.93
C GLU A 122 17.44 -17.14 7.47
N PRO A 123 18.64 -16.62 7.15
CA PRO A 123 18.96 -16.17 5.79
C PRO A 123 19.10 -17.33 4.82
N ASP A 124 18.19 -17.41 3.85
CA ASP A 124 18.22 -18.48 2.86
C ASP A 124 18.22 -17.90 1.45
N ILE A 125 17.17 -17.17 1.11
CA ILE A 125 17.05 -16.56 -0.21
C ILE A 125 18.39 -16.04 -0.70
N PRO A 126 18.85 -16.56 -1.86
CA PRO A 126 20.13 -16.16 -2.46
C PRO A 126 20.09 -14.73 -2.99
N ASN A 127 21.18 -14.00 -2.77
CA ASN A 127 21.28 -12.62 -3.24
C ASN A 127 22.74 -12.18 -3.35
N PRO A 128 23.05 -11.43 -4.41
CA PRO A 128 24.40 -10.92 -4.66
C PRO A 128 24.82 -9.86 -3.65
N PRO A 129 25.90 -10.12 -2.91
CA PRO A 129 26.42 -9.20 -1.90
C PRO A 129 27.04 -7.95 -2.53
N ARG A 130 27.74 -7.18 -1.71
CA ARG A 130 28.39 -5.95 -2.19
C ARG A 130 29.90 -6.11 -2.19
N ILE A 131 30.38 -7.23 -2.71
CA ILE A 131 31.81 -7.49 -2.77
C ILE A 131 32.22 -7.96 -4.17
N SER A 132 33.53 -7.98 -4.41
CA SER A 132 34.05 -8.41 -5.70
C SER A 132 35.50 -8.87 -5.58
N GLY A 133 35.71 -10.19 -5.71
CA GLY A 133 37.04 -10.73 -5.60
C GLY A 133 37.04 -12.22 -5.31
N PRO A 134 38.22 -12.86 -5.42
CA PRO A 134 38.38 -14.29 -5.17
C PRO A 134 38.22 -14.64 -3.70
N SER A 135 37.85 -15.89 -3.44
CA SER A 135 37.65 -16.36 -2.07
C SER A 135 38.96 -16.85 -1.47
N SER A 136 38.91 -17.29 -0.22
CA SER A 136 40.09 -17.79 0.48
C SER A 136 39.80 -19.13 1.15
N GLY A 137 39.97 -20.21 0.40
CA GLY A 137 39.72 -21.54 0.95
C GLY A 137 38.26 -21.79 1.22
N GLY A 1 -27.18 26.03 4.02
CA GLY A 1 -26.36 26.75 3.07
C GLY A 1 -24.89 26.34 3.12
N SER A 2 -24.29 26.11 1.96
CA SER A 2 -22.90 25.70 1.89
C SER A 2 -22.01 26.69 2.62
N SER A 3 -21.31 26.20 3.65
CA SER A 3 -20.42 27.03 4.44
C SER A 3 -19.22 27.49 3.61
N GLY A 4 -18.57 26.55 2.95
CA GLY A 4 -17.42 26.87 2.12
C GLY A 4 -16.54 25.67 1.84
N SER A 5 -15.83 25.21 2.86
CA SER A 5 -14.95 24.05 2.73
C SER A 5 -15.76 22.76 2.59
N SER A 6 -16.73 22.59 3.48
CA SER A 6 -17.57 21.40 3.47
C SER A 6 -18.22 21.20 2.10
N GLY A 7 -18.77 20.02 1.88
CA GLY A 7 -19.42 19.72 0.61
C GLY A 7 -19.30 18.26 0.22
N ASP A 8 -20.34 17.73 -0.43
CA ASP A 8 -20.34 16.34 -0.85
C ASP A 8 -19.54 16.16 -2.14
N GLU A 9 -19.76 17.05 -3.10
CA GLU A 9 -19.07 16.99 -4.38
C GLU A 9 -17.60 16.58 -4.18
N GLU A 10 -17.02 17.01 -3.06
CA GLU A 10 -15.63 16.69 -2.76
C GLU A 10 -15.47 15.22 -2.40
N THR A 11 -16.41 14.73 -1.57
CA THR A 11 -16.37 13.33 -1.14
C THR A 11 -16.39 12.39 -2.33
N LYS A 12 -17.24 12.69 -3.30
CA LYS A 12 -17.37 11.87 -4.51
C LYS A 12 -16.01 11.69 -5.18
N ALA A 13 -15.37 12.81 -5.53
CA ALA A 13 -14.07 12.78 -6.18
C ALA A 13 -13.08 11.92 -5.38
N PHE A 14 -13.21 11.95 -4.06
CA PHE A 14 -12.33 11.19 -3.18
C PHE A 14 -12.67 9.71 -3.24
N GLU A 15 -13.96 9.40 -3.30
CA GLU A 15 -14.42 8.02 -3.35
C GLU A 15 -13.84 7.30 -4.57
N ALA A 16 -13.64 8.05 -5.65
CA ALA A 16 -13.10 7.48 -6.88
C ALA A 16 -11.58 7.65 -6.92
N LEU A 17 -11.10 8.85 -6.64
CA LEU A 17 -9.68 9.14 -6.66
C LEU A 17 -8.93 8.22 -5.70
N LEU A 18 -9.39 8.16 -4.46
CA LEU A 18 -8.78 7.32 -3.44
C LEU A 18 -8.76 5.85 -3.89
N SER A 19 -9.73 5.48 -4.71
CA SER A 19 -9.83 4.11 -5.21
C SER A 19 -9.28 4.01 -6.63
N ASN A 20 -8.34 4.90 -6.95
CA ASN A 20 -7.73 4.91 -8.27
C ASN A 20 -6.22 4.74 -8.18
N ILE A 21 -5.78 3.99 -7.17
CA ILE A 21 -4.35 3.75 -6.97
C ILE A 21 -3.93 2.42 -7.57
N VAL A 22 -2.62 2.18 -7.63
CA VAL A 22 -2.09 0.94 -8.19
C VAL A 22 -1.61 0.01 -7.08
N LYS A 23 -1.96 -1.27 -7.20
CA LYS A 23 -1.57 -2.27 -6.22
C LYS A 23 -0.09 -2.13 -5.88
N PRO A 24 0.25 -2.39 -4.60
CA PRO A 24 1.64 -2.31 -4.12
C PRO A 24 2.50 -3.43 -4.67
N VAL A 25 3.82 -3.30 -4.50
CA VAL A 25 4.76 -4.31 -4.97
C VAL A 25 5.86 -4.55 -3.95
N ALA A 26 6.20 -5.82 -3.74
CA ALA A 26 7.25 -6.19 -2.80
C ALA A 26 8.61 -6.29 -3.49
N SER A 27 9.64 -5.81 -2.82
CA SER A 27 10.99 -5.84 -3.37
C SER A 27 11.97 -6.41 -2.36
N ASP A 28 12.34 -5.60 -1.37
CA ASP A 28 13.27 -6.03 -0.34
C ASP A 28 12.57 -6.89 0.72
N ILE A 29 11.98 -7.99 0.28
CA ILE A 29 11.27 -8.89 1.18
C ILE A 29 12.24 -9.58 2.14
N GLN A 30 11.95 -9.49 3.43
CA GLN A 30 12.80 -10.10 4.44
C GLN A 30 12.00 -11.10 5.28
N ALA A 31 12.64 -11.64 6.31
CA ALA A 31 11.99 -12.61 7.19
C ALA A 31 10.54 -12.24 7.43
N ARG A 32 10.31 -11.17 8.19
CA ARG A 32 8.96 -10.71 8.49
C ARG A 32 8.71 -9.33 7.90
N THR A 33 9.78 -8.56 7.75
CA THR A 33 9.67 -7.21 7.19
C THR A 33 9.90 -7.22 5.68
N VAL A 34 9.35 -6.21 5.01
CA VAL A 34 9.50 -6.10 3.56
C VAL A 34 9.32 -4.66 3.10
N VAL A 35 9.86 -4.35 1.92
CA VAL A 35 9.76 -3.01 1.37
C VAL A 35 8.66 -2.92 0.32
N LEU A 36 7.49 -2.43 0.72
CA LEU A 36 6.35 -2.30 -0.19
C LEU A 36 6.33 -0.92 -0.83
N THR A 37 6.35 -0.90 -2.16
CA THR A 37 6.34 0.36 -2.90
C THR A 37 5.10 0.45 -3.79
N TRP A 38 4.34 1.53 -3.63
CA TRP A 38 3.13 1.73 -4.43
C TRP A 38 3.04 3.18 -4.92
N SER A 39 2.23 3.40 -5.95
CA SER A 39 2.05 4.73 -6.51
C SER A 39 0.70 5.32 -6.09
N PRO A 40 0.62 6.66 -6.08
CA PRO A 40 -0.60 7.38 -5.72
C PRO A 40 -1.70 7.21 -6.75
N PRO A 41 -2.94 7.58 -6.37
CA PRO A 41 -4.10 7.48 -7.25
C PRO A 41 -4.05 8.49 -8.39
N SER A 42 -4.71 8.17 -9.50
CA SER A 42 -4.73 9.05 -10.66
C SER A 42 -5.97 9.93 -10.64
N SER A 43 -5.76 11.24 -10.57
CA SER A 43 -6.87 12.19 -10.54
C SER A 43 -7.63 12.19 -11.86
N LEU A 44 -8.92 11.91 -11.79
CA LEU A 44 -9.76 11.87 -12.98
C LEU A 44 -10.57 13.16 -13.12
N ILE A 45 -10.10 14.21 -12.47
CA ILE A 45 -10.79 15.51 -12.52
C ILE A 45 -10.66 16.14 -13.90
N ASN A 46 -9.93 15.46 -14.79
CA ASN A 46 -9.73 15.96 -16.15
C ASN A 46 -8.90 17.24 -16.14
N GLY A 47 -8.05 17.38 -15.12
CA GLY A 47 -7.21 18.56 -15.02
C GLY A 47 -7.98 19.78 -14.56
N GLU A 48 -9.29 19.65 -14.47
CA GLU A 48 -10.15 20.76 -14.04
C GLU A 48 -9.59 21.40 -12.77
N THR A 49 -8.76 20.67 -12.06
CA THR A 49 -8.16 21.17 -10.83
C THR A 49 -6.66 21.41 -10.99
N ASP A 50 -6.13 22.36 -10.24
CA ASP A 50 -4.71 22.68 -10.30
C ASP A 50 -3.86 21.47 -9.95
N GLU A 51 -2.65 21.42 -10.51
CA GLU A 51 -1.74 20.32 -10.25
C GLU A 51 -1.36 20.25 -8.78
N SER A 52 -1.15 21.41 -8.17
CA SER A 52 -0.77 21.48 -6.76
C SER A 52 -2.00 21.70 -5.89
N SER A 53 -3.10 21.05 -6.25
CA SER A 53 -4.35 21.17 -5.50
C SER A 53 -4.64 19.88 -4.74
N VAL A 54 -4.50 18.75 -5.41
CA VAL A 54 -4.75 17.45 -4.80
C VAL A 54 -3.74 17.16 -3.70
N PRO A 55 -4.23 16.68 -2.55
CA PRO A 55 -3.37 16.35 -1.40
C PRO A 55 -2.52 15.12 -1.66
N GLU A 56 -1.49 14.94 -0.83
CA GLU A 56 -0.59 13.80 -0.96
C GLU A 56 -0.45 13.06 0.36
N LEU A 57 -1.49 13.11 1.18
CA LEU A 57 -1.48 12.44 2.48
C LEU A 57 -2.49 11.30 2.52
N TYR A 58 -2.81 10.77 1.35
CA TYR A 58 -3.77 9.66 1.25
C TYR A 58 -3.37 8.52 2.16
N GLY A 59 -4.01 8.43 3.33
CA GLY A 59 -3.71 7.37 4.27
C GLY A 59 -3.74 6.00 3.63
N TYR A 60 -2.56 5.42 3.41
CA TYR A 60 -2.46 4.10 2.80
C TYR A 60 -2.40 3.01 3.86
N GLU A 61 -3.33 2.06 3.78
CA GLU A 61 -3.39 0.96 4.74
C GLU A 61 -2.98 -0.35 4.08
N VAL A 62 -1.99 -1.01 4.66
CA VAL A 62 -1.50 -2.28 4.13
C VAL A 62 -2.26 -3.45 4.73
N LEU A 63 -3.13 -4.06 3.92
CA LEU A 63 -3.93 -5.19 4.37
C LEU A 63 -3.34 -6.50 3.86
N ILE A 64 -3.43 -7.54 4.69
CA ILE A 64 -2.90 -8.86 4.33
C ILE A 64 -3.78 -9.97 4.87
N SER A 65 -3.81 -11.09 4.17
CA SER A 65 -4.61 -12.24 4.58
C SER A 65 -3.86 -13.54 4.34
N SER A 66 -3.45 -14.19 5.43
CA SER A 66 -2.72 -15.45 5.34
C SER A 66 -3.67 -16.60 5.04
N THR A 67 -4.95 -16.39 5.29
CA THR A 67 -5.96 -17.41 5.05
C THR A 67 -6.25 -17.57 3.55
N GLY A 68 -6.47 -16.44 2.89
CA GLY A 68 -6.76 -16.46 1.46
C GLY A 68 -7.03 -15.07 0.90
N LYS A 69 -7.43 -15.02 -0.37
CA LYS A 69 -7.72 -13.75 -1.02
C LYS A 69 -9.19 -13.40 -0.89
N ASP A 70 -10.05 -14.42 -0.87
CA ASP A 70 -11.49 -14.22 -0.74
C ASP A 70 -11.93 -14.35 0.71
N GLY A 71 -11.20 -13.69 1.60
CA GLY A 71 -11.53 -13.75 3.02
C GLY A 71 -11.26 -12.43 3.73
N LYS A 72 -11.12 -12.50 5.06
CA LYS A 72 -10.85 -11.31 5.85
C LYS A 72 -9.38 -10.95 5.82
N TYR A 73 -9.08 -9.67 5.96
CA TYR A 73 -7.71 -9.19 5.94
C TYR A 73 -7.30 -8.62 7.30
N LYS A 74 -6.03 -8.25 7.43
CA LYS A 74 -5.52 -7.69 8.67
C LYS A 74 -4.62 -6.48 8.39
N SER A 75 -4.56 -5.57 9.35
CA SER A 75 -3.74 -4.37 9.21
C SER A 75 -2.34 -4.60 9.76
N VAL A 76 -1.34 -4.12 9.02
CA VAL A 76 0.05 -4.27 9.42
C VAL A 76 0.75 -2.93 9.53
N TYR A 77 0.31 -1.98 8.70
CA TYR A 77 0.91 -0.64 8.70
C TYR A 77 -0.13 0.40 8.28
N VAL A 78 0.10 1.65 8.68
CA VAL A 78 -0.80 2.74 8.35
C VAL A 78 -0.08 4.08 8.38
N GLY A 79 0.00 4.73 7.22
CA GLY A 79 0.67 6.02 7.15
C GLY A 79 0.27 6.80 5.91
N GLU A 80 1.10 7.77 5.52
CA GLU A 80 0.83 8.59 4.36
C GLU A 80 1.89 8.39 3.29
N GLU A 81 3.11 8.05 3.72
CA GLU A 81 4.21 7.83 2.81
C GLU A 81 3.92 6.66 1.86
N THR A 82 4.27 6.82 0.60
CA THR A 82 4.03 5.78 -0.39
C THR A 82 4.82 4.52 -0.06
N ASN A 83 6.15 4.66 0.05
CA ASN A 83 7.01 3.53 0.36
C ASN A 83 7.13 3.34 1.87
N ILE A 84 6.85 2.12 2.33
CA ILE A 84 6.92 1.80 3.74
C ILE A 84 7.38 0.37 3.96
N THR A 85 7.77 0.06 5.20
CA THR A 85 8.22 -1.28 5.54
C THR A 85 7.20 -2.00 6.43
N LEU A 86 6.73 -3.15 5.95
CA LEU A 86 5.76 -3.94 6.70
C LEU A 86 6.41 -4.65 7.88
N ASN A 87 5.60 -5.03 8.86
CA ASN A 87 6.11 -5.71 10.04
C ASN A 87 5.04 -6.63 10.64
N ASP A 88 5.45 -7.46 11.59
CA ASP A 88 4.53 -8.38 12.24
C ASP A 88 3.91 -9.35 11.22
N LEU A 89 4.74 -9.80 10.28
CA LEU A 89 4.27 -10.73 9.26
C LEU A 89 4.70 -12.16 9.58
N LYS A 90 4.32 -13.09 8.71
CA LYS A 90 4.67 -14.50 8.90
C LYS A 90 5.68 -14.95 7.85
N PRO A 91 6.91 -15.26 8.31
CA PRO A 91 8.00 -15.71 7.42
C PRO A 91 7.74 -17.10 6.87
N ALA A 92 8.53 -17.48 5.86
CA ALA A 92 8.39 -18.79 5.24
C ALA A 92 6.94 -19.08 4.86
N MET A 93 6.27 -18.06 4.31
CA MET A 93 4.87 -18.20 3.90
C MET A 93 4.59 -17.38 2.66
N ASP A 94 3.38 -17.53 2.11
CA ASP A 94 2.98 -16.79 0.92
C ASP A 94 1.55 -16.28 1.05
N TYR A 95 1.41 -14.96 1.11
CA TYR A 95 0.09 -14.34 1.24
C TYR A 95 -0.03 -13.12 0.34
N HIS A 96 -1.25 -12.63 0.17
CA HIS A 96 -1.50 -11.46 -0.67
C HIS A 96 -1.49 -10.18 0.16
N ALA A 97 -1.22 -9.06 -0.50
CA ALA A 97 -1.18 -7.76 0.18
C ALA A 97 -1.75 -6.66 -0.71
N LYS A 98 -2.49 -5.75 -0.10
CA LYS A 98 -3.10 -4.64 -0.84
C LYS A 98 -2.87 -3.32 -0.11
N VAL A 99 -3.27 -2.22 -0.75
CA VAL A 99 -3.11 -0.89 -0.16
C VAL A 99 -4.35 -0.04 -0.41
N GLN A 100 -5.01 0.36 0.68
CA GLN A 100 -6.21 1.19 0.59
C GLN A 100 -5.90 2.62 1.00
N ALA A 101 -6.40 3.57 0.21
CA ALA A 101 -6.18 4.99 0.49
C ALA A 101 -7.38 5.58 1.22
N GLU A 102 -7.10 6.51 2.14
CA GLU A 102 -8.16 7.16 2.90
C GLU A 102 -7.85 8.65 3.10
N TYR A 103 -8.87 9.48 2.91
CA TYR A 103 -8.71 10.92 3.06
C TYR A 103 -10.01 11.57 3.53
N ASN A 104 -9.91 12.42 4.54
CA ASN A 104 -11.08 13.11 5.09
C ASN A 104 -12.13 12.10 5.57
N SER A 105 -11.65 11.01 6.17
CA SER A 105 -12.54 9.97 6.66
C SER A 105 -13.32 9.31 5.53
N ILE A 106 -12.67 9.21 4.37
CA ILE A 106 -13.30 8.60 3.20
C ILE A 106 -12.53 7.36 2.75
N LYS A 107 -13.17 6.19 2.93
CA LYS A 107 -12.54 4.93 2.54
C LYS A 107 -13.06 4.47 1.17
N GLY A 108 -12.13 4.21 0.25
CA GLY A 108 -12.51 3.76 -1.07
C GLY A 108 -12.36 2.27 -1.24
N THR A 109 -11.76 1.86 -2.37
CA THR A 109 -11.55 0.45 -2.65
C THR A 109 -10.07 0.12 -2.78
N PRO A 110 -9.64 -0.96 -2.11
CA PRO A 110 -8.25 -1.41 -2.13
C PRO A 110 -7.84 -1.96 -3.50
N SER A 111 -6.66 -1.56 -3.96
CA SER A 111 -6.15 -2.02 -5.24
C SER A 111 -6.10 -3.54 -5.30
N GLU A 112 -5.60 -4.07 -6.41
CA GLU A 112 -5.49 -5.51 -6.60
C GLU A 112 -4.68 -6.15 -5.46
N ALA A 113 -4.58 -7.47 -5.48
CA ALA A 113 -3.84 -8.20 -4.47
C ALA A 113 -2.41 -8.48 -4.93
N GLU A 114 -1.46 -8.37 -4.00
CA GLU A 114 -0.06 -8.62 -4.31
C GLU A 114 0.50 -9.74 -3.45
N ILE A 115 0.82 -10.86 -4.09
CA ILE A 115 1.37 -12.01 -3.38
C ILE A 115 2.89 -11.95 -3.33
N PHE A 116 3.45 -12.02 -2.13
CA PHE A 116 4.89 -11.98 -1.95
C PHE A 116 5.34 -12.97 -0.88
N THR A 117 6.32 -13.80 -1.22
CA THR A 117 6.84 -14.80 -0.29
C THR A 117 7.88 -14.18 0.64
N THR A 118 7.90 -14.63 1.89
CA THR A 118 8.85 -14.13 2.87
C THR A 118 9.84 -15.21 3.29
N LEU A 119 11.07 -14.80 3.59
CA LEU A 119 12.11 -15.74 4.00
C LEU A 119 11.91 -16.18 5.44
N SER A 120 12.67 -17.18 5.86
CA SER A 120 12.58 -17.71 7.22
C SER A 120 13.67 -17.11 8.10
N CYS A 121 13.33 -16.86 9.36
CA CYS A 121 14.29 -16.30 10.31
C CYS A 121 15.65 -16.95 10.16
N GLU A 122 15.66 -18.20 9.70
CA GLU A 122 16.90 -18.94 9.51
C GLU A 122 17.57 -18.56 8.20
N PRO A 123 18.87 -18.86 8.09
CA PRO A 123 19.66 -18.57 6.89
C PRO A 123 19.25 -19.43 5.70
N ASP A 124 18.16 -19.07 5.04
CA ASP A 124 17.67 -19.80 3.88
C ASP A 124 16.48 -19.10 3.25
N ILE A 125 16.18 -19.47 2.01
CA ILE A 125 15.07 -18.87 1.28
C ILE A 125 14.75 -19.66 0.02
N PRO A 126 13.44 -19.88 -0.23
CA PRO A 126 12.98 -20.63 -1.40
C PRO A 126 13.18 -19.84 -2.70
N ASN A 127 12.81 -18.56 -2.68
CA ASN A 127 12.96 -17.71 -3.85
C ASN A 127 13.62 -16.39 -3.48
N PRO A 128 14.92 -16.28 -3.77
CA PRO A 128 15.70 -15.07 -3.48
C PRO A 128 15.31 -13.90 -4.37
N PRO A 129 14.85 -12.81 -3.75
CA PRO A 129 14.43 -11.60 -4.46
C PRO A 129 15.61 -10.86 -5.08
N ARG A 130 15.64 -10.82 -6.41
CA ARG A 130 16.71 -10.14 -7.12
C ARG A 130 16.32 -9.87 -8.57
N ILE A 131 16.36 -8.61 -8.96
CA ILE A 131 16.00 -8.22 -10.33
C ILE A 131 16.67 -6.90 -10.71
N SER A 132 17.36 -6.91 -11.84
CA SER A 132 18.05 -5.71 -12.33
C SER A 132 18.26 -5.78 -13.84
N GLY A 133 18.30 -4.61 -14.47
CA GLY A 133 18.50 -4.56 -15.91
C GLY A 133 18.75 -3.15 -16.41
N PRO A 134 17.70 -2.52 -16.94
CA PRO A 134 17.78 -1.15 -17.47
C PRO A 134 17.98 -0.11 -16.37
N SER A 135 17.49 -0.43 -15.17
CA SER A 135 17.61 0.47 -14.03
C SER A 135 18.97 0.34 -13.38
N SER A 136 19.27 1.25 -12.45
CA SER A 136 20.54 1.23 -11.74
C SER A 136 20.52 0.23 -10.60
N GLY A 137 19.47 0.28 -9.79
CA GLY A 137 19.35 -0.62 -8.66
C GLY A 137 20.57 -0.61 -7.78
N GLY A 1 -16.20 31.63 4.97
CA GLY A 1 -16.78 30.94 6.11
C GLY A 1 -15.85 29.89 6.69
N SER A 2 -15.25 30.21 7.83
CA SER A 2 -14.32 29.28 8.48
C SER A 2 -14.83 27.85 8.38
N SER A 3 -16.05 27.62 8.84
CA SER A 3 -16.65 26.29 8.80
C SER A 3 -17.11 25.95 7.39
N GLY A 4 -16.32 25.15 6.69
CA GLY A 4 -16.66 24.75 5.34
C GLY A 4 -16.68 23.24 5.16
N SER A 5 -15.89 22.76 4.21
CA SER A 5 -15.83 21.32 3.93
C SER A 5 -17.20 20.68 4.09
N SER A 6 -18.21 21.31 3.51
CA SER A 6 -19.58 20.80 3.59
C SER A 6 -20.13 20.52 2.20
N GLY A 7 -20.21 19.25 1.84
CA GLY A 7 -20.72 18.86 0.53
C GLY A 7 -20.28 17.48 0.11
N ASP A 8 -21.05 16.85 -0.76
CA ASP A 8 -20.73 15.51 -1.25
C ASP A 8 -19.83 15.58 -2.47
N GLU A 9 -20.08 16.57 -3.33
CA GLU A 9 -19.30 16.75 -4.55
C GLU A 9 -17.84 16.43 -4.29
N GLU A 10 -17.30 16.94 -3.19
CA GLU A 10 -15.91 16.71 -2.83
C GLU A 10 -15.68 15.27 -2.37
N THR A 11 -16.68 14.72 -1.70
CA THR A 11 -16.61 13.35 -1.20
C THR A 11 -16.56 12.36 -2.34
N LYS A 12 -17.39 12.58 -3.35
CA LYS A 12 -17.46 11.69 -4.51
C LYS A 12 -16.09 11.59 -5.17
N ALA A 13 -15.51 12.73 -5.53
CA ALA A 13 -14.20 12.76 -6.17
C ALA A 13 -13.18 11.96 -5.36
N PHE A 14 -13.31 12.00 -4.05
CA PHE A 14 -12.41 11.28 -3.15
C PHE A 14 -12.68 9.78 -3.19
N GLU A 15 -13.96 9.42 -3.32
CA GLU A 15 -14.35 8.02 -3.36
C GLU A 15 -13.78 7.33 -4.61
N ALA A 16 -13.62 8.11 -5.68
CA ALA A 16 -13.09 7.57 -6.93
C ALA A 16 -11.58 7.76 -7.01
N LEU A 17 -11.13 8.96 -6.67
CA LEU A 17 -9.70 9.27 -6.70
C LEU A 17 -8.92 8.34 -5.77
N LEU A 18 -9.32 8.31 -4.51
CA LEU A 18 -8.66 7.47 -3.51
C LEU A 18 -8.66 6.01 -3.96
N SER A 19 -9.64 5.64 -4.78
CA SER A 19 -9.76 4.27 -5.27
C SER A 19 -9.23 4.16 -6.70
N ASN A 20 -8.31 5.05 -7.05
CA ASN A 20 -7.72 5.04 -8.39
C ASN A 20 -6.22 4.78 -8.32
N ILE A 21 -5.79 4.12 -7.25
CA ILE A 21 -4.38 3.80 -7.08
C ILE A 21 -4.04 2.44 -7.67
N VAL A 22 -2.79 2.02 -7.52
CA VAL A 22 -2.34 0.74 -8.04
C VAL A 22 -1.85 -0.16 -6.92
N LYS A 23 -2.16 -1.46 -7.03
CA LYS A 23 -1.76 -2.43 -6.03
C LYS A 23 -0.27 -2.28 -5.70
N PRO A 24 0.08 -2.49 -4.43
CA PRO A 24 1.47 -2.39 -3.95
C PRO A 24 2.34 -3.52 -4.48
N VAL A 25 3.65 -3.34 -4.37
CA VAL A 25 4.60 -4.36 -4.82
C VAL A 25 5.67 -4.62 -3.77
N ALA A 26 6.08 -5.88 -3.66
CA ALA A 26 7.10 -6.27 -2.69
C ALA A 26 8.46 -6.42 -3.37
N SER A 27 9.51 -6.01 -2.67
CA SER A 27 10.87 -6.10 -3.20
C SER A 27 11.83 -6.67 -2.16
N ASP A 28 12.18 -5.84 -1.18
CA ASP A 28 13.10 -6.26 -0.12
C ASP A 28 12.38 -7.17 0.88
N ILE A 29 11.82 -8.26 0.38
CA ILE A 29 11.11 -9.22 1.22
C ILE A 29 12.08 -9.99 2.11
N GLN A 30 11.98 -9.77 3.42
CA GLN A 30 12.85 -10.45 4.37
C GLN A 30 12.04 -11.36 5.30
N ALA A 31 12.71 -11.96 6.28
CA ALA A 31 12.05 -12.85 7.23
C ALA A 31 10.62 -12.40 7.50
N ARG A 32 10.48 -11.29 8.22
CA ARG A 32 9.16 -10.76 8.54
C ARG A 32 8.99 -9.35 7.99
N THR A 33 10.11 -8.66 7.79
CA THR A 33 10.08 -7.30 7.26
C THR A 33 10.22 -7.29 5.75
N VAL A 34 9.54 -6.35 5.09
CA VAL A 34 9.59 -6.23 3.65
C VAL A 34 9.43 -4.78 3.20
N VAL A 35 9.84 -4.49 1.98
CA VAL A 35 9.74 -3.14 1.43
C VAL A 35 8.64 -3.05 0.38
N LEU A 36 7.48 -2.54 0.79
CA LEU A 36 6.35 -2.40 -0.12
C LEU A 36 6.35 -1.03 -0.78
N THR A 37 6.30 -1.02 -2.12
CA THR A 37 6.29 0.23 -2.87
C THR A 37 5.06 0.33 -3.76
N TRP A 38 4.29 1.40 -3.57
CA TRP A 38 3.08 1.61 -4.35
C TRP A 38 2.99 3.05 -4.84
N SER A 39 2.30 3.26 -5.95
CA SER A 39 2.15 4.60 -6.53
C SER A 39 0.82 5.22 -6.10
N PRO A 40 0.79 6.56 -6.06
CA PRO A 40 -0.42 7.30 -5.67
C PRO A 40 -1.52 7.20 -6.72
N PRO A 41 -2.74 7.62 -6.33
CA PRO A 41 -3.90 7.59 -7.22
C PRO A 41 -3.81 8.62 -8.34
N SER A 42 -4.49 8.35 -9.44
CA SER A 42 -4.48 9.26 -10.59
C SER A 42 -5.77 10.08 -10.65
N SER A 43 -5.63 11.38 -10.50
CA SER A 43 -6.79 12.27 -10.53
C SER A 43 -7.39 12.33 -11.93
N LEU A 44 -8.68 12.03 -12.03
CA LEU A 44 -9.38 12.05 -13.31
C LEU A 44 -10.16 13.35 -13.49
N ILE A 45 -9.78 14.37 -12.73
CA ILE A 45 -10.45 15.67 -12.80
C ILE A 45 -10.31 16.27 -14.20
N ASN A 46 -9.41 15.69 -15.00
CA ASN A 46 -9.19 16.18 -16.36
C ASN A 46 -8.46 17.51 -16.35
N GLY A 47 -7.69 17.76 -15.29
CA GLY A 47 -6.96 19.00 -15.18
C GLY A 47 -7.84 20.17 -14.78
N GLU A 48 -9.15 19.93 -14.73
CA GLU A 48 -10.10 20.97 -14.36
C GLU A 48 -9.63 21.74 -13.13
N THR A 49 -8.74 21.12 -12.36
CA THR A 49 -8.20 21.74 -11.16
C THR A 49 -6.70 21.93 -11.26
N ASP A 50 -6.16 22.80 -10.40
CA ASP A 50 -4.73 23.07 -10.40
C ASP A 50 -3.92 21.79 -10.23
N GLU A 51 -2.60 21.93 -10.11
CA GLU A 51 -1.73 20.77 -9.95
C GLU A 51 -1.31 20.61 -8.49
N SER A 52 -1.12 21.73 -7.81
CA SER A 52 -0.71 21.72 -6.40
C SER A 52 -1.92 21.88 -5.48
N SER A 53 -3.01 21.21 -5.84
CA SER A 53 -4.23 21.29 -5.05
C SER A 53 -4.53 19.95 -4.37
N VAL A 54 -4.48 18.88 -5.15
CA VAL A 54 -4.73 17.55 -4.63
C VAL A 54 -3.70 17.16 -3.58
N PRO A 55 -4.17 16.58 -2.46
CA PRO A 55 -3.29 16.16 -1.36
C PRO A 55 -2.44 14.96 -1.72
N GLU A 56 -1.44 14.67 -0.90
CA GLU A 56 -0.55 13.54 -1.15
C GLU A 56 -0.33 12.73 0.13
N LEU A 57 -1.23 12.91 1.10
CA LEU A 57 -1.14 12.20 2.37
C LEU A 57 -2.21 11.12 2.46
N TYR A 58 -2.69 10.68 1.31
CA TYR A 58 -3.73 9.64 1.27
C TYR A 58 -3.36 8.47 2.17
N GLY A 59 -3.96 8.43 3.36
CA GLY A 59 -3.69 7.36 4.30
C GLY A 59 -3.71 6.00 3.64
N TYR A 60 -2.54 5.43 3.42
CA TYR A 60 -2.43 4.12 2.80
C TYR A 60 -2.37 3.01 3.85
N GLU A 61 -3.39 2.17 3.88
CA GLU A 61 -3.45 1.07 4.83
C GLU A 61 -3.15 -0.26 4.15
N VAL A 62 -2.20 -1.01 4.70
CA VAL A 62 -1.83 -2.31 4.15
C VAL A 62 -2.68 -3.42 4.74
N LEU A 63 -3.35 -4.16 3.86
CA LEU A 63 -4.21 -5.27 4.29
C LEU A 63 -3.64 -6.61 3.82
N ILE A 64 -3.27 -7.46 4.77
CA ILE A 64 -2.73 -8.78 4.45
C ILE A 64 -3.63 -9.88 4.97
N SER A 65 -3.55 -11.05 4.34
CA SER A 65 -4.36 -12.20 4.75
C SER A 65 -3.60 -13.50 4.54
N SER A 66 -3.22 -14.14 5.65
CA SER A 66 -2.48 -15.39 5.58
C SER A 66 -3.42 -16.57 5.39
N THR A 67 -4.72 -16.28 5.37
CA THR A 67 -5.72 -17.32 5.19
C THR A 67 -6.46 -17.15 3.86
N GLY A 68 -5.70 -17.10 2.77
CA GLY A 68 -6.29 -16.94 1.46
C GLY A 68 -6.56 -15.48 1.12
N LYS A 69 -6.68 -15.19 -0.18
CA LYS A 69 -6.94 -13.83 -0.63
C LYS A 69 -8.42 -13.48 -0.49
N ASP A 70 -9.28 -14.49 -0.56
CA ASP A 70 -10.71 -14.28 -0.44
C ASP A 70 -11.18 -14.60 0.98
N GLY A 71 -10.55 -13.96 1.97
CA GLY A 71 -10.92 -14.18 3.36
C GLY A 71 -10.80 -12.94 4.19
N LYS A 72 -10.45 -13.11 5.46
CA LYS A 72 -10.31 -11.98 6.38
C LYS A 72 -9.02 -11.21 6.09
N TYR A 73 -9.03 -9.91 6.40
CA TYR A 73 -7.86 -9.07 6.17
C TYR A 73 -7.53 -8.26 7.42
N LYS A 74 -6.26 -8.31 7.82
CA LYS A 74 -5.81 -7.58 9.00
C LYS A 74 -4.82 -6.48 8.62
N SER A 75 -4.82 -5.39 9.37
CA SER A 75 -3.93 -4.28 9.11
C SER A 75 -2.57 -4.51 9.75
N VAL A 76 -1.52 -3.94 9.15
CA VAL A 76 -0.17 -4.08 9.66
C VAL A 76 0.53 -2.72 9.74
N TYR A 77 0.20 -1.83 8.81
CA TYR A 77 0.81 -0.51 8.78
C TYR A 77 -0.19 0.53 8.26
N VAL A 78 -0.11 1.74 8.79
CA VAL A 78 -0.99 2.82 8.39
C VAL A 78 -0.30 4.17 8.48
N GLY A 79 0.03 4.74 7.33
CA GLY A 79 0.70 6.03 7.30
C GLY A 79 0.26 6.89 6.13
N GLU A 80 1.13 7.81 5.71
CA GLU A 80 0.82 8.69 4.59
C GLU A 80 1.77 8.44 3.42
N GLU A 81 3.04 8.18 3.74
CA GLU A 81 4.04 7.91 2.71
C GLU A 81 3.64 6.70 1.88
N THR A 82 4.10 6.69 0.62
CA THR A 82 3.80 5.58 -0.29
C THR A 82 4.67 4.37 0.02
N ASN A 83 5.97 4.59 0.11
CA ASN A 83 6.91 3.51 0.40
C ASN A 83 7.03 3.28 1.90
N ILE A 84 6.75 2.06 2.34
CA ILE A 84 6.82 1.70 3.75
C ILE A 84 7.34 0.29 3.94
N THR A 85 7.73 -0.03 5.16
CA THR A 85 8.24 -1.36 5.48
C THR A 85 7.30 -2.11 6.42
N LEU A 86 6.88 -3.30 6.00
CA LEU A 86 5.97 -4.12 6.81
C LEU A 86 6.73 -4.79 7.95
N ASN A 87 5.98 -5.21 8.97
CA ASN A 87 6.59 -5.88 10.13
C ASN A 87 5.59 -6.85 10.77
N ASP A 88 6.02 -7.51 11.83
CA ASP A 88 5.18 -8.46 12.54
C ASP A 88 4.47 -9.39 11.56
N LEU A 89 5.21 -9.85 10.55
CA LEU A 89 4.65 -10.74 9.54
C LEU A 89 5.02 -12.19 9.83
N LYS A 90 4.66 -13.09 8.93
CA LYS A 90 4.97 -14.50 9.08
C LYS A 90 6.00 -14.95 8.06
N PRO A 91 7.19 -15.34 8.55
CA PRO A 91 8.29 -15.80 7.70
C PRO A 91 8.00 -17.15 7.06
N ALA A 92 8.66 -17.43 5.93
CA ALA A 92 8.47 -18.68 5.23
C ALA A 92 6.99 -18.92 4.91
N MET A 93 6.31 -17.86 4.49
CA MET A 93 4.90 -17.96 4.15
C MET A 93 4.58 -17.11 2.92
N ASP A 94 3.50 -17.47 2.23
CA ASP A 94 3.08 -16.74 1.03
C ASP A 94 1.65 -16.23 1.17
N TYR A 95 1.49 -14.92 1.13
CA TYR A 95 0.16 -14.31 1.25
C TYR A 95 0.04 -13.09 0.35
N HIS A 96 -1.18 -12.58 0.22
CA HIS A 96 -1.44 -11.41 -0.62
C HIS A 96 -1.52 -10.14 0.22
N ALA A 97 -1.30 -9.00 -0.41
CA ALA A 97 -1.36 -7.72 0.28
C ALA A 97 -1.88 -6.62 -0.64
N LYS A 98 -2.60 -5.66 -0.07
CA LYS A 98 -3.16 -4.56 -0.83
C LYS A 98 -2.91 -3.23 -0.14
N VAL A 99 -3.36 -2.14 -0.76
CA VAL A 99 -3.19 -0.81 -0.19
C VAL A 99 -4.41 0.07 -0.45
N GLN A 100 -5.05 0.53 0.62
CA GLN A 100 -6.22 1.38 0.49
C GLN A 100 -5.92 2.81 0.92
N ALA A 101 -6.36 3.77 0.12
CA ALA A 101 -6.13 5.19 0.41
C ALA A 101 -7.34 5.81 1.09
N GLU A 102 -7.09 6.56 2.16
CA GLU A 102 -8.16 7.21 2.90
C GLU A 102 -7.82 8.68 3.17
N TYR A 103 -8.78 9.55 2.90
CA TYR A 103 -8.60 10.98 3.11
C TYR A 103 -9.92 11.67 3.44
N ASN A 104 -9.85 12.67 4.31
CA ASN A 104 -11.05 13.41 4.72
C ASN A 104 -12.11 12.46 5.26
N SER A 105 -11.67 11.38 5.89
CA SER A 105 -12.58 10.40 6.47
C SER A 105 -13.36 9.68 5.37
N ILE A 106 -12.74 9.57 4.19
CA ILE A 106 -13.37 8.91 3.06
C ILE A 106 -12.57 7.67 2.65
N LYS A 107 -13.08 6.49 3.01
CA LYS A 107 -12.43 5.24 2.67
C LYS A 107 -12.95 4.69 1.35
N GLY A 108 -12.04 4.52 0.39
CA GLY A 108 -12.43 4.00 -0.91
C GLY A 108 -12.33 2.49 -1.00
N THR A 109 -11.67 2.00 -2.04
CA THR A 109 -11.51 0.57 -2.24
C THR A 109 -10.03 0.22 -2.42
N PRO A 110 -9.59 -0.85 -1.73
CA PRO A 110 -8.20 -1.32 -1.81
C PRO A 110 -7.87 -1.94 -3.15
N SER A 111 -6.77 -1.48 -3.76
CA SER A 111 -6.35 -1.98 -5.06
C SER A 111 -6.17 -3.51 -5.02
N GLU A 112 -5.80 -4.08 -6.16
CA GLU A 112 -5.61 -5.52 -6.26
C GLU A 112 -4.69 -6.03 -5.14
N ALA A 113 -4.41 -7.32 -5.16
CA ALA A 113 -3.54 -7.92 -4.15
C ALA A 113 -2.23 -8.40 -4.77
N GLU A 114 -1.13 -8.23 -4.04
CA GLU A 114 0.18 -8.64 -4.51
C GLU A 114 0.76 -9.73 -3.63
N ILE A 115 0.80 -10.95 -4.14
CA ILE A 115 1.33 -12.08 -3.40
C ILE A 115 2.86 -12.04 -3.34
N PHE A 116 3.41 -12.13 -2.14
CA PHE A 116 4.85 -12.11 -1.95
C PHE A 116 5.28 -13.10 -0.86
N THR A 117 6.12 -14.05 -1.25
CA THR A 117 6.61 -15.06 -0.31
C THR A 117 7.79 -14.53 0.51
N THR A 118 7.74 -14.75 1.81
CA THR A 118 8.80 -14.30 2.71
C THR A 118 9.74 -15.45 3.08
N LEU A 119 10.96 -15.11 3.46
CA LEU A 119 11.95 -16.11 3.85
C LEU A 119 11.74 -16.55 5.30
N SER A 120 12.43 -17.61 5.70
CA SER A 120 12.33 -18.12 7.06
C SER A 120 13.22 -17.33 8.01
N CYS A 121 12.83 -17.28 9.27
CA CYS A 121 13.59 -16.56 10.29
C CYS A 121 15.08 -16.63 10.01
N GLU A 122 15.53 -17.81 9.56
CA GLU A 122 16.94 -18.01 9.25
C GLU A 122 17.24 -17.69 7.78
N PRO A 123 18.50 -17.34 7.50
CA PRO A 123 18.93 -16.99 6.14
C PRO A 123 18.96 -18.20 5.22
N ASP A 124 17.95 -18.31 4.36
CA ASP A 124 17.86 -19.43 3.42
C ASP A 124 17.82 -18.93 1.98
N ILE A 125 17.29 -17.71 1.80
CA ILE A 125 17.19 -17.11 0.48
C ILE A 125 18.45 -16.32 0.13
N PRO A 126 19.11 -16.70 -0.96
CA PRO A 126 20.33 -16.03 -1.43
C PRO A 126 20.06 -14.62 -1.95
N ASN A 127 20.73 -13.64 -1.36
CA ASN A 127 20.56 -12.25 -1.77
C ASN A 127 21.62 -11.36 -1.13
N PRO A 128 22.61 -10.95 -1.94
CA PRO A 128 23.71 -10.09 -1.48
C PRO A 128 23.24 -8.68 -1.17
N PRO A 129 23.35 -8.28 0.11
CA PRO A 129 22.95 -6.95 0.57
C PRO A 129 23.87 -5.86 0.05
N ARG A 130 24.89 -6.25 -0.70
CA ARG A 130 25.85 -5.31 -1.25
C ARG A 130 26.75 -5.98 -2.28
N ILE A 131 27.40 -5.17 -3.12
CA ILE A 131 28.29 -5.69 -4.15
C ILE A 131 29.24 -6.74 -3.58
N SER A 132 29.61 -7.72 -4.41
CA SER A 132 30.51 -8.77 -3.98
C SER A 132 31.84 -8.69 -4.73
N GLY A 133 32.74 -7.86 -4.20
CA GLY A 133 34.05 -7.70 -4.82
C GLY A 133 33.97 -7.61 -6.33
N PRO A 134 33.72 -6.40 -6.84
CA PRO A 134 33.61 -6.15 -8.29
C PRO A 134 34.95 -6.30 -9.00
N SER A 135 35.02 -7.25 -9.93
CA SER A 135 36.24 -7.49 -10.68
C SER A 135 36.94 -6.18 -11.03
N SER A 136 37.95 -5.82 -10.25
CA SER A 136 38.69 -4.57 -10.47
C SER A 136 40.06 -4.86 -11.08
N GLY A 137 40.63 -3.86 -11.74
CA GLY A 137 41.93 -4.03 -12.36
C GLY A 137 42.04 -5.31 -13.15
N GLY A 1 -10.49 28.76 7.85
CA GLY A 1 -11.90 28.52 7.60
C GLY A 1 -12.72 28.46 8.88
N SER A 2 -13.47 29.52 9.15
CA SER A 2 -14.29 29.59 10.35
C SER A 2 -15.38 28.53 10.31
N SER A 3 -16.02 28.39 9.16
CA SER A 3 -17.10 27.41 9.00
C SER A 3 -16.57 26.11 8.38
N GLY A 4 -17.24 25.02 8.69
CA GLY A 4 -16.82 23.73 8.16
C GLY A 4 -16.85 23.68 6.65
N SER A 5 -16.14 22.72 6.07
CA SER A 5 -16.08 22.57 4.62
C SER A 5 -17.19 21.65 4.12
N SER A 6 -18.38 21.80 4.70
CA SER A 6 -19.52 20.98 4.31
C SER A 6 -19.61 20.84 2.80
N GLY A 7 -19.89 19.62 2.34
CA GLY A 7 -20.00 19.38 0.91
C GLY A 7 -19.86 17.91 0.56
N ASP A 8 -20.63 17.47 -0.42
CA ASP A 8 -20.59 16.07 -0.85
C ASP A 8 -19.81 15.92 -2.15
N GLU A 9 -20.06 16.83 -3.09
CA GLU A 9 -19.38 16.80 -4.37
C GLU A 9 -17.91 16.40 -4.21
N GLU A 10 -17.26 16.98 -3.21
CA GLU A 10 -15.86 16.68 -2.94
C GLU A 10 -15.66 15.21 -2.59
N THR A 11 -16.51 14.70 -1.69
CA THR A 11 -16.44 13.31 -1.27
C THR A 11 -16.40 12.38 -2.47
N LYS A 12 -17.31 12.59 -3.42
CA LYS A 12 -17.38 11.76 -4.62
C LYS A 12 -16.01 11.63 -5.26
N ALA A 13 -15.41 12.77 -5.62
CA ALA A 13 -14.09 12.79 -6.24
C ALA A 13 -13.10 11.96 -5.44
N PHE A 14 -13.27 11.95 -4.13
CA PHE A 14 -12.38 11.21 -3.24
C PHE A 14 -12.66 9.71 -3.33
N GLU A 15 -13.94 9.35 -3.44
CA GLU A 15 -14.34 7.96 -3.53
C GLU A 15 -13.73 7.30 -4.76
N ALA A 16 -13.54 8.08 -5.82
CA ALA A 16 -12.95 7.57 -7.05
C ALA A 16 -11.44 7.76 -7.07
N LEU A 17 -11.00 8.95 -6.68
CA LEU A 17 -9.57 9.26 -6.66
C LEU A 17 -8.83 8.34 -5.69
N LEU A 18 -9.28 8.30 -4.45
CA LEU A 18 -8.67 7.46 -3.43
C LEU A 18 -8.62 6.00 -3.90
N SER A 19 -9.57 5.62 -4.74
CA SER A 19 -9.64 4.25 -5.25
C SER A 19 -9.05 4.18 -6.66
N ASN A 20 -8.15 5.10 -6.97
CA ASN A 20 -7.52 5.13 -8.28
C ASN A 20 -6.00 5.00 -8.17
N ILE A 21 -5.56 4.28 -7.13
CA ILE A 21 -4.13 4.07 -6.91
C ILE A 21 -3.66 2.77 -7.56
N VAL A 22 -2.37 2.49 -7.43
CA VAL A 22 -1.79 1.28 -8.01
C VAL A 22 -1.36 0.30 -6.92
N LYS A 23 -1.59 -0.98 -7.17
CA LYS A 23 -1.23 -2.02 -6.21
C LYS A 23 0.23 -1.90 -5.80
N PRO A 24 0.50 -2.15 -4.50
CA PRO A 24 1.86 -2.07 -3.95
C PRO A 24 2.76 -3.20 -4.46
N VAL A 25 4.01 -2.86 -4.76
CA VAL A 25 4.97 -3.84 -5.26
C VAL A 25 5.91 -4.30 -4.14
N ALA A 26 5.86 -5.59 -3.84
CA ALA A 26 6.70 -6.17 -2.79
C ALA A 26 8.12 -6.40 -3.31
N SER A 27 9.09 -5.78 -2.66
CA SER A 27 10.49 -5.93 -3.05
C SER A 27 11.38 -6.13 -1.83
N ASP A 28 12.66 -6.39 -2.07
CA ASP A 28 13.62 -6.60 -0.99
C ASP A 28 12.98 -7.38 0.15
N ILE A 29 12.04 -8.27 -0.19
CA ILE A 29 11.36 -9.08 0.81
C ILE A 29 12.36 -9.82 1.70
N GLN A 30 12.14 -9.77 3.01
CA GLN A 30 13.02 -10.44 3.95
C GLN A 30 12.25 -11.45 4.80
N ALA A 31 12.93 -12.04 5.78
CA ALA A 31 12.30 -13.02 6.65
C ALA A 31 10.86 -12.64 6.96
N ARG A 32 10.69 -11.57 7.74
CA ARG A 32 9.36 -11.11 8.12
C ARG A 32 9.13 -9.68 7.61
N THR A 33 10.21 -8.94 7.43
CA THR A 33 10.12 -7.57 6.95
C THR A 33 10.26 -7.50 5.43
N VAL A 34 9.69 -6.46 4.84
CA VAL A 34 9.75 -6.29 3.39
C VAL A 34 9.59 -4.82 3.00
N VAL A 35 9.85 -4.51 1.74
CA VAL A 35 9.74 -3.14 1.25
C VAL A 35 8.54 -2.99 0.33
N LEU A 36 7.46 -2.41 0.87
CA LEU A 36 6.24 -2.21 0.10
C LEU A 36 6.19 -0.79 -0.46
N THR A 37 6.30 -0.68 -1.78
CA THR A 37 6.26 0.62 -2.45
C THR A 37 5.11 0.71 -3.43
N TRP A 38 4.26 1.71 -3.26
CA TRP A 38 3.11 1.90 -4.13
C TRP A 38 3.05 3.34 -4.65
N SER A 39 2.30 3.54 -5.73
CA SER A 39 2.15 4.86 -6.33
C SER A 39 0.86 5.53 -5.87
N PRO A 40 0.88 6.88 -5.82
CA PRO A 40 -0.28 7.66 -5.40
C PRO A 40 -1.41 7.61 -6.43
N PRO A 41 -2.63 7.94 -5.98
CA PRO A 41 -3.82 7.95 -6.84
C PRO A 41 -3.79 9.06 -7.87
N SER A 42 -4.50 8.88 -8.98
CA SER A 42 -4.55 9.87 -10.04
C SER A 42 -5.95 10.46 -10.16
N SER A 43 -6.09 11.73 -9.77
CA SER A 43 -7.37 12.41 -9.83
C SER A 43 -7.84 12.57 -11.28
N LEU A 44 -9.07 12.15 -11.54
CA LEU A 44 -9.64 12.24 -12.88
C LEU A 44 -10.37 13.56 -13.07
N ILE A 45 -9.98 14.58 -12.31
CA ILE A 45 -10.59 15.89 -12.40
C ILE A 45 -10.51 16.45 -13.82
N ASN A 46 -9.67 15.82 -14.64
CA ASN A 46 -9.49 16.25 -16.02
C ASN A 46 -8.72 17.56 -16.10
N GLY A 47 -7.89 17.81 -15.08
CA GLY A 47 -7.10 19.03 -15.05
C GLY A 47 -7.91 20.23 -14.62
N GLU A 48 -9.23 20.07 -14.57
CA GLU A 48 -10.12 21.16 -14.18
C GLU A 48 -9.62 21.84 -12.91
N THR A 49 -8.83 21.10 -12.12
CA THR A 49 -8.28 21.64 -10.88
C THR A 49 -6.78 21.89 -11.00
N ASP A 50 -6.28 22.83 -10.21
CA ASP A 50 -4.87 23.17 -10.22
C ASP A 50 -4.01 21.95 -9.92
N GLU A 51 -2.79 21.94 -10.45
CA GLU A 51 -1.87 20.83 -10.23
C GLU A 51 -1.49 20.71 -8.75
N SER A 52 -1.45 21.86 -8.08
CA SER A 52 -1.09 21.90 -6.66
C SER A 52 -2.34 21.88 -5.78
N SER A 53 -3.32 21.07 -6.18
CA SER A 53 -4.57 20.96 -5.43
C SER A 53 -4.67 19.62 -4.72
N VAL A 54 -4.61 18.54 -5.51
CA VAL A 54 -4.70 17.19 -4.95
C VAL A 54 -3.64 16.97 -3.88
N PRO A 55 -4.10 16.65 -2.66
CA PRO A 55 -3.21 16.41 -1.52
C PRO A 55 -2.41 15.12 -1.66
N GLU A 56 -1.33 15.00 -0.91
CA GLU A 56 -0.49 13.81 -0.96
C GLU A 56 -0.41 13.14 0.40
N LEU A 57 -1.46 13.29 1.19
CA LEU A 57 -1.52 12.71 2.53
C LEU A 57 -2.53 11.56 2.57
N TYR A 58 -2.81 10.97 1.42
CA TYR A 58 -3.76 9.87 1.32
C TYR A 58 -3.37 8.74 2.29
N GLY A 59 -4.26 8.45 3.24
CA GLY A 59 -3.99 7.41 4.20
C GLY A 59 -3.95 6.03 3.56
N TYR A 60 -2.76 5.47 3.43
CA TYR A 60 -2.59 4.15 2.84
C TYR A 60 -2.52 3.07 3.91
N GLU A 61 -3.45 2.11 3.83
CA GLU A 61 -3.49 1.02 4.80
C GLU A 61 -3.14 -0.31 4.13
N VAL A 62 -2.12 -0.97 4.65
CA VAL A 62 -1.69 -2.26 4.10
C VAL A 62 -2.44 -3.41 4.75
N LEU A 63 -3.25 -4.10 3.95
CA LEU A 63 -4.03 -5.23 4.45
C LEU A 63 -3.45 -6.55 3.97
N ILE A 64 -3.18 -7.46 4.90
CA ILE A 64 -2.64 -8.76 4.56
C ILE A 64 -3.44 -9.88 5.20
N SER A 65 -3.49 -11.03 4.53
CA SER A 65 -4.23 -12.18 5.04
C SER A 65 -3.38 -13.45 4.97
N SER A 66 -2.52 -13.63 5.97
CA SER A 66 -1.65 -14.79 6.02
C SER A 66 -2.38 -16.05 5.58
N THR A 67 -3.65 -16.16 5.98
CA THR A 67 -4.47 -17.31 5.62
C THR A 67 -4.70 -17.37 4.12
N GLY A 68 -5.17 -16.26 3.55
CA GLY A 68 -5.43 -16.21 2.12
C GLY A 68 -6.25 -14.99 1.73
N LYS A 69 -6.21 -14.65 0.45
CA LYS A 69 -6.95 -13.50 -0.05
C LYS A 69 -8.38 -13.50 0.47
N ASP A 70 -9.01 -14.67 0.47
CA ASP A 70 -10.38 -14.81 0.96
C ASP A 70 -10.40 -15.15 2.44
N GLY A 71 -9.57 -14.45 3.22
CA GLY A 71 -9.51 -14.70 4.65
C GLY A 71 -9.63 -13.43 5.46
N LYS A 72 -8.99 -13.41 6.62
CA LYS A 72 -9.03 -12.25 7.50
C LYS A 72 -7.87 -11.30 7.19
N TYR A 73 -8.17 -10.01 7.14
CA TYR A 73 -7.16 -8.99 6.86
C TYR A 73 -6.83 -8.19 8.11
N LYS A 74 -5.62 -7.65 8.16
CA LYS A 74 -5.17 -6.86 9.29
C LYS A 74 -4.44 -5.60 8.83
N SER A 75 -4.45 -4.57 9.67
CA SER A 75 -3.78 -3.31 9.33
C SER A 75 -2.36 -3.30 9.88
N VAL A 76 -1.41 -3.77 9.07
CA VAL A 76 -0.01 -3.81 9.46
C VAL A 76 0.57 -2.40 9.56
N TYR A 77 0.41 -1.62 8.50
CA TYR A 77 0.92 -0.26 8.48
C TYR A 77 -0.17 0.71 8.03
N VAL A 78 -0.28 1.82 8.76
CA VAL A 78 -1.28 2.84 8.44
C VAL A 78 -0.67 4.25 8.49
N GLY A 79 -0.39 4.81 7.32
CA GLY A 79 0.18 6.14 7.25
C GLY A 79 -0.01 6.79 5.90
N GLU A 80 0.80 7.79 5.60
CA GLU A 80 0.71 8.51 4.33
C GLU A 80 1.85 8.10 3.40
N GLU A 81 3.02 7.84 3.98
CA GLU A 81 4.18 7.45 3.20
C GLU A 81 3.80 6.47 2.10
N THR A 82 4.54 6.50 0.99
CA THR A 82 4.27 5.63 -0.14
C THR A 82 5.01 4.30 0.00
N ASN A 83 6.26 4.37 0.43
CA ASN A 83 7.07 3.18 0.62
C ASN A 83 7.43 2.99 2.09
N ILE A 84 6.97 1.87 2.66
CA ILE A 84 7.25 1.57 4.06
C ILE A 84 7.75 0.14 4.22
N THR A 85 8.28 -0.17 5.40
CA THR A 85 8.79 -1.50 5.68
C THR A 85 7.85 -2.27 6.58
N LEU A 86 7.25 -3.33 6.04
CA LEU A 86 6.32 -4.16 6.80
C LEU A 86 7.04 -4.95 7.89
N ASN A 87 6.33 -5.26 8.96
CA ASN A 87 6.90 -6.01 10.07
C ASN A 87 5.84 -6.85 10.77
N ASP A 88 6.27 -7.65 11.74
CA ASP A 88 5.34 -8.51 12.48
C ASP A 88 4.68 -9.53 11.56
N LEU A 89 5.35 -9.84 10.45
CA LEU A 89 4.82 -10.79 9.49
C LEU A 89 5.30 -12.21 9.81
N LYS A 90 4.84 -13.17 9.03
CA LYS A 90 5.21 -14.57 9.22
C LYS A 90 6.15 -15.03 8.11
N PRO A 91 7.36 -15.47 8.50
CA PRO A 91 8.37 -15.95 7.55
C PRO A 91 7.98 -17.29 6.93
N ALA A 92 8.39 -17.50 5.68
CA ALA A 92 8.09 -18.74 4.97
C ALA A 92 6.59 -18.90 4.75
N MET A 93 5.91 -17.79 4.50
CA MET A 93 4.47 -17.80 4.28
C MET A 93 4.10 -17.00 3.03
N ASP A 94 3.11 -17.49 2.29
CA ASP A 94 2.65 -16.82 1.08
C ASP A 94 1.26 -16.25 1.27
N TYR A 95 1.14 -14.93 1.15
CA TYR A 95 -0.14 -14.26 1.30
C TYR A 95 -0.22 -13.02 0.41
N HIS A 96 -1.44 -12.51 0.23
CA HIS A 96 -1.65 -11.32 -0.60
C HIS A 96 -1.63 -10.06 0.25
N ALA A 97 -1.37 -8.92 -0.41
CA ALA A 97 -1.32 -7.65 0.29
C ALA A 97 -1.92 -6.54 -0.56
N LYS A 98 -2.76 -5.71 0.06
CA LYS A 98 -3.41 -4.61 -0.65
C LYS A 98 -3.22 -3.30 0.11
N VAL A 99 -3.46 -2.18 -0.57
CA VAL A 99 -3.31 -0.86 0.03
C VAL A 99 -4.60 -0.05 -0.11
N GLN A 100 -5.18 0.34 1.02
CA GLN A 100 -6.40 1.12 1.03
C GLN A 100 -6.11 2.60 1.24
N ALA A 101 -6.59 3.43 0.33
CA ALA A 101 -6.37 4.88 0.42
C ALA A 101 -7.63 5.58 0.94
N GLU A 102 -7.45 6.41 1.96
CA GLU A 102 -8.58 7.15 2.54
C GLU A 102 -8.17 8.58 2.87
N TYR A 103 -9.09 9.51 2.68
CA TYR A 103 -8.83 10.92 2.96
C TYR A 103 -10.08 11.60 3.53
N ASN A 104 -9.86 12.55 4.43
CA ASN A 104 -10.96 13.28 5.06
C ASN A 104 -12.03 12.32 5.57
N SER A 105 -11.58 11.22 6.19
CA SER A 105 -12.51 10.23 6.73
C SER A 105 -13.31 9.57 5.61
N ILE A 106 -12.68 9.42 4.44
CA ILE A 106 -13.34 8.81 3.30
C ILE A 106 -12.57 7.58 2.81
N LYS A 107 -13.05 6.40 3.17
CA LYS A 107 -12.41 5.15 2.77
C LYS A 107 -12.87 4.74 1.38
N GLY A 108 -11.91 4.57 0.47
CA GLY A 108 -12.24 4.18 -0.89
C GLY A 108 -12.25 2.67 -1.06
N THR A 109 -11.37 2.16 -1.92
CA THR A 109 -11.28 0.73 -2.17
C THR A 109 -9.83 0.28 -2.26
N PRO A 110 -9.53 -0.87 -1.63
CA PRO A 110 -8.18 -1.44 -1.62
C PRO A 110 -7.75 -1.96 -2.99
N SER A 111 -6.63 -1.47 -3.49
CA SER A 111 -6.11 -1.89 -4.79
C SER A 111 -6.03 -3.40 -4.88
N GLU A 112 -5.49 -3.89 -5.99
CA GLU A 112 -5.36 -5.33 -6.20
C GLU A 112 -4.59 -5.98 -5.05
N ALA A 113 -4.46 -7.30 -5.11
CA ALA A 113 -3.75 -8.04 -4.08
C ALA A 113 -2.38 -8.48 -4.56
N GLU A 114 -1.34 -7.81 -4.06
CA GLU A 114 0.03 -8.13 -4.45
C GLU A 114 0.62 -9.20 -3.53
N ILE A 115 0.73 -10.42 -4.05
CA ILE A 115 1.27 -11.53 -3.29
C ILE A 115 2.80 -11.48 -3.25
N PHE A 116 3.38 -11.95 -2.15
CA PHE A 116 4.82 -11.96 -1.99
C PHE A 116 5.25 -13.00 -0.96
N THR A 117 6.11 -13.93 -1.40
CA THR A 117 6.60 -14.99 -0.52
C THR A 117 7.74 -14.48 0.36
N THR A 118 7.62 -14.71 1.67
CA THR A 118 8.65 -14.29 2.61
C THR A 118 9.61 -15.42 2.93
N LEU A 119 10.89 -15.09 3.06
CA LEU A 119 11.91 -16.08 3.37
C LEU A 119 11.79 -16.57 4.81
N SER A 120 12.54 -17.61 5.15
CA SER A 120 12.51 -18.17 6.49
C SER A 120 13.68 -17.65 7.32
N CYS A 121 13.52 -17.69 8.64
CA CYS A 121 14.57 -17.22 9.55
C CYS A 121 15.95 -17.62 9.05
N GLU A 122 16.00 -18.70 8.26
CA GLU A 122 17.26 -19.19 7.72
C GLU A 122 17.29 -19.04 6.20
N PRO A 123 18.50 -19.04 5.63
CA PRO A 123 18.70 -18.92 4.18
C PRO A 123 18.23 -20.16 3.42
N ASP A 124 16.98 -20.13 2.97
CA ASP A 124 16.41 -21.24 2.22
C ASP A 124 16.14 -20.85 0.78
N ILE A 125 15.37 -19.78 0.59
CA ILE A 125 15.04 -19.30 -0.75
C ILE A 125 16.20 -18.51 -1.35
N PRO A 126 16.28 -18.51 -2.70
CA PRO A 126 17.32 -17.81 -3.42
C PRO A 126 17.17 -16.29 -3.34
N ASN A 127 18.09 -15.63 -2.66
CA ASN A 127 18.05 -14.18 -2.51
C ASN A 127 19.18 -13.52 -3.28
N PRO A 128 19.02 -12.22 -3.57
CA PRO A 128 20.02 -11.44 -4.32
C PRO A 128 21.29 -11.20 -3.51
N PRO A 129 22.40 -10.98 -4.21
CA PRO A 129 23.70 -10.73 -3.58
C PRO A 129 23.75 -9.38 -2.87
N ARG A 130 24.22 -9.39 -1.63
CA ARG A 130 24.32 -8.17 -0.83
C ARG A 130 25.50 -8.23 0.12
N ILE A 131 26.46 -7.32 -0.06
CA ILE A 131 27.65 -7.28 0.78
C ILE A 131 27.50 -6.22 1.87
N SER A 132 28.10 -6.48 3.03
CA SER A 132 28.04 -5.55 4.15
C SER A 132 29.43 -5.32 4.74
N GLY A 133 29.66 -4.11 5.22
CA GLY A 133 30.95 -3.78 5.81
C GLY A 133 31.03 -4.16 7.27
N PRO A 134 30.97 -3.15 8.15
CA PRO A 134 31.04 -3.35 9.61
C PRO A 134 29.79 -4.04 10.15
N SER A 135 29.76 -4.24 11.47
CA SER A 135 28.63 -4.89 12.12
C SER A 135 28.68 -4.70 13.62
N SER A 136 27.70 -3.98 14.16
CA SER A 136 27.64 -3.72 15.60
C SER A 136 26.30 -4.19 16.17
N GLY A 137 26.35 -4.74 17.39
CA GLY A 137 25.14 -5.22 18.03
C GLY A 137 24.73 -6.59 17.53
N GLY A 1 -9.02 22.29 -2.44
CA GLY A 1 -9.97 23.19 -1.82
C GLY A 1 -9.76 23.33 -0.33
N SER A 2 -9.47 24.55 0.12
CA SER A 2 -9.24 24.80 1.54
C SER A 2 -10.46 25.47 2.17
N SER A 3 -10.82 26.64 1.65
CA SER A 3 -11.96 27.38 2.17
C SER A 3 -13.26 26.61 1.95
N GLY A 4 -13.64 25.81 2.94
CA GLY A 4 -14.85 25.02 2.84
C GLY A 4 -14.63 23.56 3.15
N SER A 5 -15.54 22.96 3.90
CA SER A 5 -15.43 21.56 4.28
C SER A 5 -16.69 20.79 3.87
N SER A 6 -17.84 21.35 4.16
CA SER A 6 -19.12 20.72 3.82
C SER A 6 -19.30 20.65 2.31
N GLY A 7 -19.76 19.50 1.83
CA GLY A 7 -19.97 19.32 0.40
C GLY A 7 -19.76 17.88 -0.04
N ASP A 8 -20.84 17.21 -0.42
CA ASP A 8 -20.77 15.83 -0.85
C ASP A 8 -19.89 15.70 -2.10
N GLU A 9 -20.12 16.59 -3.07
CA GLU A 9 -19.36 16.58 -4.31
C GLU A 9 -17.89 16.28 -4.05
N GLU A 10 -17.38 16.82 -2.94
CA GLU A 10 -15.98 16.61 -2.57
C GLU A 10 -15.73 15.16 -2.19
N THR A 11 -16.64 14.58 -1.40
CA THR A 11 -16.51 13.20 -0.97
C THR A 11 -16.45 12.25 -2.16
N LYS A 12 -17.31 12.49 -3.15
CA LYS A 12 -17.34 11.66 -4.34
C LYS A 12 -15.98 11.62 -5.03
N ALA A 13 -15.45 12.79 -5.35
CA ALA A 13 -14.16 12.89 -6.01
C ALA A 13 -13.12 12.03 -5.30
N PHE A 14 -13.22 11.96 -3.98
CA PHE A 14 -12.29 11.17 -3.17
C PHE A 14 -12.59 9.69 -3.30
N GLU A 15 -13.88 9.35 -3.45
CA GLU A 15 -14.30 7.97 -3.58
C GLU A 15 -13.78 7.36 -4.87
N ALA A 16 -13.65 8.18 -5.90
CA ALA A 16 -13.17 7.72 -7.20
C ALA A 16 -11.66 7.93 -7.32
N LEU A 17 -11.15 8.96 -6.66
CA LEU A 17 -9.72 9.27 -6.70
C LEU A 17 -8.95 8.31 -5.79
N LEU A 18 -9.36 8.22 -4.53
CA LEU A 18 -8.70 7.34 -3.57
C LEU A 18 -8.69 5.90 -4.06
N SER A 19 -9.67 5.56 -4.90
CA SER A 19 -9.77 4.21 -5.44
C SER A 19 -9.19 4.15 -6.85
N ASN A 20 -8.28 5.07 -7.15
CA ASN A 20 -7.65 5.12 -8.47
C ASN A 20 -6.14 4.94 -8.36
N ILE A 21 -5.71 4.17 -7.37
CA ILE A 21 -4.29 3.91 -7.14
C ILE A 21 -3.86 2.60 -7.80
N VAL A 22 -2.60 2.24 -7.61
CA VAL A 22 -2.07 1.01 -8.17
C VAL A 22 -1.61 0.05 -7.07
N LYS A 23 -2.00 -1.21 -7.20
CA LYS A 23 -1.63 -2.22 -6.22
C LYS A 23 -0.15 -2.12 -5.86
N PRO A 24 0.17 -2.40 -4.59
CA PRO A 24 1.55 -2.35 -4.10
C PRO A 24 2.42 -3.47 -4.67
N VAL A 25 3.73 -3.36 -4.47
CA VAL A 25 4.66 -4.36 -4.96
C VAL A 25 5.76 -4.64 -3.94
N ALA A 26 6.06 -5.93 -3.75
CA ALA A 26 7.08 -6.34 -2.79
C ALA A 26 8.45 -6.46 -3.48
N SER A 27 9.48 -5.94 -2.81
CA SER A 27 10.83 -5.99 -3.35
C SER A 27 11.81 -6.47 -2.29
N ASP A 28 12.14 -5.61 -1.34
CA ASP A 28 13.07 -5.94 -0.27
C ASP A 28 12.41 -6.87 0.74
N ILE A 29 11.93 -8.02 0.28
CA ILE A 29 11.28 -8.99 1.14
C ILE A 29 12.28 -9.64 2.09
N GLN A 30 12.10 -9.40 3.39
CA GLN A 30 12.99 -9.96 4.40
C GLN A 30 12.26 -10.99 5.25
N ALA A 31 12.95 -11.53 6.24
CA ALA A 31 12.37 -12.54 7.13
C ALA A 31 10.91 -12.23 7.42
N ARG A 32 10.68 -11.22 8.25
CA ARG A 32 9.31 -10.83 8.61
C ARG A 32 8.97 -9.46 8.02
N THR A 33 9.99 -8.64 7.82
CA THR A 33 9.79 -7.31 7.27
C THR A 33 10.00 -7.30 5.75
N VAL A 34 9.45 -6.28 5.09
CA VAL A 34 9.57 -6.17 3.63
C VAL A 34 9.38 -4.73 3.18
N VAL A 35 9.83 -4.42 1.97
CA VAL A 35 9.69 -3.08 1.42
C VAL A 35 8.58 -3.02 0.38
N LEU A 36 7.41 -2.54 0.80
CA LEU A 36 6.26 -2.42 -0.09
C LEU A 36 6.21 -1.04 -0.74
N THR A 37 6.28 -1.02 -2.07
CA THR A 37 6.25 0.23 -2.82
C THR A 37 5.02 0.30 -3.72
N TRP A 38 4.26 1.38 -3.59
CA TRP A 38 3.06 1.56 -4.40
C TRP A 38 2.99 2.99 -4.94
N SER A 39 2.19 3.18 -5.98
CA SER A 39 2.03 4.49 -6.59
C SER A 39 0.75 5.17 -6.10
N PRO A 40 0.75 6.51 -6.12
CA PRO A 40 -0.40 7.31 -5.68
C PRO A 40 -1.59 7.19 -6.62
N PRO A 41 -2.76 7.68 -6.18
CA PRO A 41 -3.99 7.64 -6.97
C PRO A 41 -3.94 8.60 -8.16
N SER A 42 -4.66 8.25 -9.22
CA SER A 42 -4.70 9.07 -10.42
C SER A 42 -5.91 9.99 -10.41
N SER A 43 -5.67 11.29 -10.27
CA SER A 43 -6.74 12.28 -10.25
C SER A 43 -7.31 12.51 -11.64
N LEU A 44 -8.53 12.05 -11.87
CA LEU A 44 -9.19 12.21 -13.16
C LEU A 44 -9.83 13.59 -13.29
N ILE A 45 -9.37 14.52 -12.46
CA ILE A 45 -9.89 15.88 -12.48
C ILE A 45 -9.71 16.52 -13.85
N ASN A 46 -8.84 15.93 -14.66
CA ASN A 46 -8.57 16.43 -16.00
C ASN A 46 -7.77 17.74 -15.94
N GLY A 47 -7.02 17.90 -14.85
CA GLY A 47 -6.22 19.11 -14.69
C GLY A 47 -7.06 20.33 -14.43
N GLU A 48 -8.39 20.17 -14.44
CA GLU A 48 -9.30 21.28 -14.21
C GLU A 48 -8.89 22.06 -12.96
N THR A 49 -8.28 21.37 -12.01
CA THR A 49 -7.84 22.00 -10.77
C THR A 49 -6.33 22.24 -10.78
N ASP A 50 -5.89 23.18 -9.96
CA ASP A 50 -4.47 23.51 -9.87
C ASP A 50 -3.66 22.27 -9.52
N GLU A 51 -2.44 22.20 -10.06
CA GLU A 51 -1.56 21.06 -9.80
C GLU A 51 -1.11 21.03 -8.34
N SER A 52 -1.28 22.16 -7.67
CA SER A 52 -0.89 22.27 -6.26
C SER A 52 -2.09 22.05 -5.35
N SER A 53 -3.09 21.35 -5.86
CA SER A 53 -4.29 21.06 -5.08
C SER A 53 -4.27 19.64 -4.53
N VAL A 54 -4.34 18.66 -5.44
CA VAL A 54 -4.33 17.26 -5.04
C VAL A 54 -3.26 17.00 -3.97
N PRO A 55 -3.72 16.59 -2.77
CA PRO A 55 -2.83 16.30 -1.65
C PRO A 55 -2.00 15.04 -1.87
N GLU A 56 -1.03 14.81 -0.99
CA GLU A 56 -0.17 13.64 -1.09
C GLU A 56 -0.09 12.90 0.24
N LEU A 57 -1.00 13.22 1.15
CA LEU A 57 -1.03 12.59 2.46
C LEU A 57 -2.09 11.49 2.52
N TYR A 58 -2.44 10.96 1.35
CA TYR A 58 -3.43 9.90 1.27
C TYR A 58 -3.08 8.74 2.18
N GLY A 59 -3.78 8.63 3.31
CA GLY A 59 -3.53 7.57 4.25
C GLY A 59 -3.66 6.19 3.62
N TYR A 60 -2.53 5.55 3.37
CA TYR A 60 -2.52 4.22 2.77
C TYR A 60 -2.47 3.13 3.84
N GLU A 61 -3.37 2.17 3.72
CA GLU A 61 -3.43 1.06 4.69
C GLU A 61 -3.08 -0.26 4.01
N VAL A 62 -2.11 -0.97 4.58
CA VAL A 62 -1.68 -2.25 4.04
C VAL A 62 -2.51 -3.40 4.61
N LEU A 63 -3.24 -4.08 3.74
CA LEU A 63 -4.08 -5.19 4.16
C LEU A 63 -3.48 -6.52 3.73
N ILE A 64 -3.55 -7.52 4.61
CA ILE A 64 -3.01 -8.84 4.32
C ILE A 64 -3.82 -9.92 5.01
N SER A 65 -3.91 -11.09 4.37
CA SER A 65 -4.65 -12.21 4.92
C SER A 65 -3.86 -13.51 4.80
N SER A 66 -3.03 -13.78 5.81
CA SER A 66 -2.21 -14.99 5.81
C SER A 66 -3.04 -16.22 5.45
N THR A 67 -4.33 -16.15 5.73
CA THR A 67 -5.24 -17.26 5.44
C THR A 67 -5.38 -17.46 3.93
N GLY A 68 -5.97 -16.48 3.26
CA GLY A 68 -6.15 -16.56 1.83
C GLY A 68 -6.81 -15.32 1.25
N LYS A 69 -6.63 -15.12 -0.05
CA LYS A 69 -7.20 -13.95 -0.73
C LYS A 69 -8.70 -13.86 -0.46
N ASP A 70 -9.30 -14.97 -0.07
CA ASP A 70 -10.73 -15.01 0.21
C ASP A 70 -10.98 -15.18 1.71
N GLY A 71 -10.23 -14.43 2.52
CA GLY A 71 -10.39 -14.52 3.96
C GLY A 71 -10.52 -13.15 4.60
N LYS A 72 -10.09 -13.05 5.86
CA LYS A 72 -10.17 -11.79 6.59
C LYS A 72 -8.85 -11.03 6.52
N TYR A 73 -8.93 -9.72 6.29
CA TYR A 73 -7.75 -8.89 6.19
C TYR A 73 -7.66 -7.92 7.37
N LYS A 74 -6.44 -7.55 7.74
CA LYS A 74 -6.21 -6.63 8.84
C LYS A 74 -5.24 -5.53 8.45
N SER A 75 -5.00 -4.60 9.37
CA SER A 75 -4.10 -3.49 9.10
C SER A 75 -2.74 -3.72 9.78
N VAL A 76 -1.69 -3.75 8.98
CA VAL A 76 -0.34 -3.97 9.48
C VAL A 76 0.43 -2.66 9.56
N TYR A 77 0.02 -1.69 8.76
CA TYR A 77 0.67 -0.38 8.74
C TYR A 77 -0.24 0.68 8.13
N VAL A 78 -0.19 1.89 8.68
CA VAL A 78 -1.01 2.99 8.19
C VAL A 78 -0.24 4.30 8.23
N GLY A 79 0.14 4.79 7.05
CA GLY A 79 0.88 6.04 6.95
C GLY A 79 0.47 6.87 5.76
N GLU A 80 1.20 7.95 5.51
CA GLU A 80 0.90 8.84 4.40
C GLU A 80 1.85 8.59 3.23
N GLU A 81 3.07 8.18 3.54
CA GLU A 81 4.08 7.91 2.52
C GLU A 81 3.68 6.69 1.69
N THR A 82 4.12 6.68 0.43
CA THR A 82 3.81 5.56 -0.46
C THR A 82 4.64 4.34 -0.13
N ASN A 83 5.96 4.54 -0.01
CA ASN A 83 6.86 3.44 0.30
C ASN A 83 6.95 3.23 1.81
N ILE A 84 6.58 2.04 2.25
CA ILE A 84 6.61 1.70 3.68
C ILE A 84 7.12 0.28 3.89
N THR A 85 7.56 -0.01 5.11
CA THR A 85 8.08 -1.33 5.45
C THR A 85 7.14 -2.06 6.40
N LEU A 86 6.70 -3.24 6.01
CA LEU A 86 5.79 -4.04 6.83
C LEU A 86 6.53 -4.65 8.02
N ASN A 87 5.77 -5.03 9.04
CA ASN A 87 6.36 -5.62 10.24
C ASN A 87 5.37 -6.57 10.91
N ASP A 88 5.89 -7.43 11.78
CA ASP A 88 5.04 -8.40 12.49
C ASP A 88 4.39 -9.37 11.51
N LEU A 89 5.19 -9.94 10.62
CA LEU A 89 4.68 -10.89 9.64
C LEU A 89 5.19 -12.29 9.93
N LYS A 90 4.74 -13.26 9.13
CA LYS A 90 5.15 -14.65 9.30
C LYS A 90 6.15 -15.06 8.21
N PRO A 91 7.39 -15.37 8.63
CA PRO A 91 8.45 -15.78 7.71
C PRO A 91 8.20 -17.16 7.11
N ALA A 92 8.83 -17.43 5.98
CA ALA A 92 8.68 -18.71 5.31
C ALA A 92 7.23 -18.96 4.93
N MET A 93 6.52 -17.90 4.55
CA MET A 93 5.12 -18.01 4.17
C MET A 93 4.79 -17.05 3.03
N ASP A 94 3.78 -17.39 2.24
CA ASP A 94 3.36 -16.57 1.12
C ASP A 94 1.90 -16.15 1.27
N TYR A 95 1.65 -14.85 1.14
CA TYR A 95 0.29 -14.32 1.26
C TYR A 95 0.10 -13.12 0.35
N HIS A 96 -1.15 -12.71 0.19
CA HIS A 96 -1.48 -11.57 -0.66
C HIS A 96 -1.51 -10.28 0.16
N ALA A 97 -1.39 -9.14 -0.54
CA ALA A 97 -1.40 -7.84 0.13
C ALA A 97 -2.10 -6.79 -0.73
N LYS A 98 -2.50 -5.70 -0.10
CA LYS A 98 -3.19 -4.62 -0.80
C LYS A 98 -2.95 -3.28 -0.11
N VAL A 99 -3.34 -2.20 -0.78
CA VAL A 99 -3.16 -0.86 -0.23
C VAL A 99 -4.43 -0.03 -0.42
N GLN A 100 -5.00 0.44 0.69
CA GLN A 100 -6.21 1.25 0.65
C GLN A 100 -5.92 2.69 1.08
N ALA A 101 -6.22 3.62 0.20
CA ALA A 101 -5.99 5.04 0.48
C ALA A 101 -7.19 5.66 1.18
N GLU A 102 -6.92 6.57 2.11
CA GLU A 102 -7.99 7.25 2.85
C GLU A 102 -7.64 8.71 3.10
N TYR A 103 -8.61 9.59 2.89
CA TYR A 103 -8.40 11.01 3.10
C TYR A 103 -9.70 11.70 3.51
N ASN A 104 -9.67 12.36 4.66
CA ASN A 104 -10.85 13.06 5.17
C ASN A 104 -11.91 12.07 5.65
N SER A 105 -11.44 10.95 6.21
CA SER A 105 -12.35 9.92 6.71
C SER A 105 -13.10 9.25 5.56
N ILE A 106 -12.49 9.25 4.38
CA ILE A 106 -13.10 8.65 3.21
C ILE A 106 -12.32 7.43 2.74
N LYS A 107 -12.85 6.24 3.00
CA LYS A 107 -12.21 5.00 2.60
C LYS A 107 -12.76 4.49 1.28
N GLY A 108 -11.87 4.21 0.33
CA GLY A 108 -12.29 3.72 -0.97
C GLY A 108 -12.12 2.22 -1.11
N THR A 109 -11.94 1.76 -2.34
CA THR A 109 -11.77 0.33 -2.60
C THR A 109 -10.29 -0.04 -2.67
N PRO A 110 -9.94 -1.19 -2.07
CA PRO A 110 -8.56 -1.69 -2.06
C PRO A 110 -8.10 -2.14 -3.43
N SER A 111 -6.83 -1.84 -3.75
CA SER A 111 -6.26 -2.21 -5.04
C SER A 111 -6.17 -3.73 -5.16
N GLU A 112 -5.58 -4.18 -6.27
CA GLU A 112 -5.42 -5.61 -6.52
C GLU A 112 -4.64 -6.28 -5.38
N ALA A 113 -4.52 -7.59 -5.45
CA ALA A 113 -3.81 -8.35 -4.42
C ALA A 113 -2.41 -8.75 -4.92
N GLU A 114 -1.39 -8.39 -4.14
CA GLU A 114 -0.02 -8.70 -4.49
C GLU A 114 0.56 -9.75 -3.56
N ILE A 115 0.92 -10.91 -4.11
CA ILE A 115 1.47 -12.00 -3.31
C ILE A 115 3.00 -11.88 -3.23
N PHE A 116 3.54 -12.16 -2.05
CA PHE A 116 4.98 -12.09 -1.84
C PHE A 116 5.42 -13.10 -0.78
N THR A 117 6.42 -13.91 -1.12
CA THR A 117 6.94 -14.91 -0.20
C THR A 117 8.07 -14.36 0.66
N THR A 118 7.98 -14.56 1.96
CA THR A 118 9.00 -14.08 2.88
C THR A 118 10.04 -15.16 3.18
N LEU A 119 11.21 -14.74 3.65
CA LEU A 119 12.29 -15.67 3.97
C LEU A 119 12.16 -16.16 5.41
N SER A 120 13.00 -17.13 5.77
CA SER A 120 12.99 -17.69 7.12
C SER A 120 14.02 -16.98 8.00
N CYS A 121 13.74 -16.96 9.30
CA CYS A 121 14.64 -16.31 10.25
C CYS A 121 16.10 -16.58 9.89
N GLU A 122 16.35 -17.72 9.26
CA GLU A 122 17.70 -18.09 8.86
C GLU A 122 18.01 -17.59 7.45
N PRO A 123 19.29 -17.31 7.19
CA PRO A 123 19.75 -16.82 5.89
C PRO A 123 19.66 -17.89 4.80
N ASP A 124 18.77 -17.67 3.84
CA ASP A 124 18.59 -18.62 2.73
C ASP A 124 18.59 -17.90 1.40
N ILE A 125 17.52 -17.13 1.15
CA ILE A 125 17.40 -16.39 -0.10
C ILE A 125 18.75 -15.81 -0.54
N PRO A 126 19.18 -16.18 -1.76
CA PRO A 126 20.45 -15.70 -2.31
C PRO A 126 20.42 -14.21 -2.66
N ASN A 127 19.29 -13.57 -2.36
CA ASN A 127 19.13 -12.15 -2.64
C ASN A 127 19.88 -11.30 -1.61
N PRO A 128 20.93 -10.61 -2.08
CA PRO A 128 21.76 -9.75 -1.22
C PRO A 128 21.01 -8.50 -0.76
N PRO A 129 21.33 -8.03 0.45
CA PRO A 129 20.71 -6.85 1.03
C PRO A 129 21.12 -5.56 0.32
N ARG A 130 20.86 -4.43 0.95
CA ARG A 130 21.20 -3.13 0.38
C ARG A 130 21.96 -2.28 1.39
N ILE A 131 22.80 -1.38 0.88
CA ILE A 131 23.59 -0.50 1.74
C ILE A 131 22.78 -0.06 2.97
N SER A 132 23.30 -0.39 4.15
CA SER A 132 22.63 -0.04 5.39
C SER A 132 23.60 -0.14 6.58
N GLY A 133 23.35 0.67 7.60
CA GLY A 133 24.20 0.65 8.78
C GLY A 133 23.48 0.17 10.02
N PRO A 134 23.61 -1.14 10.30
CA PRO A 134 22.95 -1.76 11.46
C PRO A 134 23.58 -1.32 12.78
N SER A 135 22.85 -1.51 13.87
CA SER A 135 23.34 -1.13 15.19
C SER A 135 24.44 -2.08 15.66
N SER A 136 25.43 -1.51 16.35
CA SER A 136 26.55 -2.31 16.86
C SER A 136 26.15 -3.07 18.11
N GLY A 137 27.11 -3.78 18.70
CA GLY A 137 26.85 -4.55 19.90
C GLY A 137 26.56 -6.01 19.60
N GLY A 1 -26.20 22.63 15.74
CA GLY A 1 -25.90 21.20 15.74
C GLY A 1 -24.96 20.82 14.61
N SER A 2 -25.50 20.14 13.60
CA SER A 2 -24.70 19.71 12.46
C SER A 2 -24.89 20.64 11.27
N SER A 3 -24.92 21.94 11.55
CA SER A 3 -25.10 22.94 10.50
C SER A 3 -23.75 23.45 10.00
N GLY A 4 -23.79 24.23 8.93
CA GLY A 4 -22.57 24.77 8.36
C GLY A 4 -22.34 24.33 6.93
N SER A 5 -21.29 24.86 6.30
CA SER A 5 -20.98 24.52 4.92
C SER A 5 -21.08 23.01 4.70
N SER A 6 -21.85 22.62 3.69
CA SER A 6 -22.04 21.20 3.37
C SER A 6 -21.76 20.93 1.90
N GLY A 7 -21.45 19.68 1.59
CA GLY A 7 -21.17 19.31 0.21
C GLY A 7 -20.71 17.87 0.08
N ASP A 8 -21.05 17.24 -1.05
CA ASP A 8 -20.67 15.85 -1.30
C ASP A 8 -19.87 15.73 -2.59
N GLU A 9 -20.15 16.62 -3.54
CA GLU A 9 -19.47 16.62 -4.82
C GLU A 9 -18.00 16.25 -4.64
N GLU A 10 -17.36 16.85 -3.64
CA GLU A 10 -15.95 16.59 -3.37
C GLU A 10 -15.74 15.17 -2.86
N THR A 11 -16.66 14.72 -2.02
CA THR A 11 -16.59 13.37 -1.47
C THR A 11 -16.58 12.31 -2.56
N LYS A 12 -17.48 12.47 -3.53
CA LYS A 12 -17.57 11.53 -4.64
C LYS A 12 -16.23 11.38 -5.34
N ALA A 13 -15.61 12.50 -5.67
CA ALA A 13 -14.32 12.50 -6.34
C ALA A 13 -13.28 11.71 -5.54
N PHE A 14 -13.38 11.79 -4.22
CA PHE A 14 -12.46 11.09 -3.34
C PHE A 14 -12.70 9.58 -3.40
N GLU A 15 -13.96 9.19 -3.44
CA GLU A 15 -14.33 7.78 -3.48
C GLU A 15 -13.73 7.12 -4.73
N ALA A 16 -13.57 7.89 -5.79
CA ALA A 16 -13.02 7.38 -7.04
C ALA A 16 -11.51 7.59 -7.10
N LEU A 17 -11.06 8.75 -6.63
CA LEU A 17 -9.64 9.07 -6.63
C LEU A 17 -8.88 8.18 -5.65
N LEU A 18 -9.31 8.18 -4.40
CA LEU A 18 -8.67 7.36 -3.37
C LEU A 18 -8.62 5.90 -3.79
N SER A 19 -9.51 5.51 -4.69
CA SER A 19 -9.57 4.14 -5.18
C SER A 19 -9.02 4.04 -6.60
N ASN A 20 -8.08 4.92 -6.93
CA ASN A 20 -7.47 4.94 -8.26
C ASN A 20 -5.96 4.79 -8.16
N ILE A 21 -5.49 4.20 -7.07
CA ILE A 21 -4.06 3.99 -6.86
C ILE A 21 -3.62 2.63 -7.38
N VAL A 22 -2.31 2.41 -7.41
CA VAL A 22 -1.76 1.15 -7.88
C VAL A 22 -1.41 0.22 -6.71
N LYS A 23 -1.72 -1.05 -6.87
CA LYS A 23 -1.45 -2.04 -5.83
C LYS A 23 0.01 -1.96 -5.38
N PRO A 24 0.26 -2.22 -4.09
CA PRO A 24 1.60 -2.19 -3.51
C PRO A 24 2.47 -3.35 -4.01
N VAL A 25 3.71 -3.03 -4.37
CA VAL A 25 4.64 -4.04 -4.87
C VAL A 25 5.72 -4.33 -3.84
N ALA A 26 6.12 -5.60 -3.76
CA ALA A 26 7.15 -6.02 -2.81
C ALA A 26 8.50 -6.15 -3.50
N SER A 27 9.54 -5.67 -2.84
CA SER A 27 10.89 -5.72 -3.38
C SER A 27 11.85 -6.38 -2.39
N ASP A 28 12.22 -5.63 -1.35
CA ASP A 28 13.13 -6.13 -0.34
C ASP A 28 12.42 -7.11 0.60
N ILE A 29 11.84 -8.15 0.03
CA ILE A 29 11.14 -9.16 0.81
C ILE A 29 12.10 -9.96 1.67
N GLN A 30 12.01 -9.77 2.99
CA GLN A 30 12.87 -10.47 3.92
C GLN A 30 12.08 -11.51 4.73
N ALA A 31 12.74 -12.13 5.70
CA ALA A 31 12.09 -13.13 6.54
C ALA A 31 10.66 -12.72 6.86
N ARG A 32 10.52 -11.72 7.73
CA ARG A 32 9.21 -11.24 8.13
C ARG A 32 8.97 -9.81 7.62
N THR A 33 10.06 -9.06 7.48
CA THR A 33 9.97 -7.67 7.01
C THR A 33 10.14 -7.60 5.50
N VAL A 34 9.58 -6.54 4.90
CA VAL A 34 9.68 -6.35 3.46
C VAL A 34 9.48 -4.89 3.09
N VAL A 35 9.97 -4.51 1.91
CA VAL A 35 9.85 -3.14 1.44
C VAL A 35 8.70 -2.99 0.46
N LEU A 36 7.56 -2.48 0.94
CA LEU A 36 6.39 -2.29 0.11
C LEU A 36 6.38 -0.89 -0.50
N THR A 37 6.27 -0.82 -1.82
CA THR A 37 6.24 0.45 -2.52
C THR A 37 4.99 0.57 -3.40
N TRP A 38 4.20 1.59 -3.16
CA TRP A 38 2.98 1.82 -3.93
C TRP A 38 2.90 3.26 -4.43
N SER A 39 2.21 3.46 -5.55
CA SER A 39 2.07 4.79 -6.13
C SER A 39 0.75 5.43 -5.71
N PRO A 40 0.69 6.77 -5.77
CA PRO A 40 -0.51 7.52 -5.41
C PRO A 40 -1.64 7.33 -6.41
N PRO A 41 -2.86 7.77 -6.03
CA PRO A 41 -4.04 7.66 -6.88
C PRO A 41 -3.98 8.58 -8.09
N SER A 42 -4.66 8.21 -9.17
CA SER A 42 -4.68 9.00 -10.39
C SER A 42 -5.89 9.93 -10.42
N SER A 43 -5.63 11.23 -10.35
CA SER A 43 -6.69 12.23 -10.36
C SER A 43 -7.31 12.35 -11.74
N LEU A 44 -8.53 11.84 -11.88
CA LEU A 44 -9.24 11.89 -13.16
C LEU A 44 -10.07 13.16 -13.27
N ILE A 45 -9.74 14.16 -12.45
CA ILE A 45 -10.46 15.42 -12.47
C ILE A 45 -10.37 16.09 -13.83
N ASN A 46 -9.49 15.56 -14.68
CA ASN A 46 -9.31 16.11 -16.03
C ASN A 46 -8.55 17.43 -15.98
N GLY A 47 -7.76 17.61 -14.93
CA GLY A 47 -7.00 18.83 -14.78
C GLY A 47 -7.85 20.02 -14.41
N GLU A 48 -9.17 19.81 -14.39
CA GLU A 48 -10.10 20.88 -14.04
C GLU A 48 -9.64 21.63 -12.79
N THR A 49 -8.94 20.93 -11.91
CA THR A 49 -8.44 21.53 -10.69
C THR A 49 -6.94 21.81 -10.78
N ASP A 50 -6.46 22.70 -9.92
CA ASP A 50 -5.04 23.05 -9.90
C ASP A 50 -4.17 21.81 -9.70
N GLU A 51 -3.08 21.74 -10.45
CA GLU A 51 -2.17 20.60 -10.35
C GLU A 51 -1.65 20.43 -8.93
N SER A 52 -1.30 21.55 -8.29
CA SER A 52 -0.79 21.53 -6.93
C SER A 52 -1.94 21.57 -5.92
N SER A 53 -3.04 20.90 -6.26
CA SER A 53 -4.20 20.86 -5.39
C SER A 53 -4.34 19.49 -4.72
N VAL A 54 -4.10 18.43 -5.50
CA VAL A 54 -4.21 17.07 -4.99
C VAL A 54 -3.23 16.85 -3.83
N PRO A 55 -3.77 16.47 -2.67
CA PRO A 55 -2.97 16.22 -1.47
C PRO A 55 -2.13 14.96 -1.59
N GLU A 56 -1.14 14.83 -0.72
CA GLU A 56 -0.26 13.67 -0.73
C GLU A 56 -0.26 12.97 0.64
N LEU A 57 -1.29 13.24 1.42
CA LEU A 57 -1.42 12.64 2.75
C LEU A 57 -2.46 11.52 2.75
N TYR A 58 -2.71 10.97 1.57
CA TYR A 58 -3.69 9.89 1.42
C TYR A 58 -3.35 8.72 2.34
N GLY A 59 -4.02 8.66 3.48
CA GLY A 59 -3.79 7.58 4.44
C GLY A 59 -3.76 6.23 3.78
N TYR A 60 -2.56 5.66 3.63
CA TYR A 60 -2.41 4.35 3.01
C TYR A 60 -2.31 3.25 4.07
N GLU A 61 -3.29 2.34 4.06
CA GLU A 61 -3.32 1.25 5.01
C GLU A 61 -2.99 -0.07 4.33
N VAL A 62 -2.06 -0.83 4.91
CA VAL A 62 -1.66 -2.11 4.36
C VAL A 62 -2.50 -3.25 4.95
N LEU A 63 -3.15 -4.01 4.07
CA LEU A 63 -3.99 -5.13 4.51
C LEU A 63 -3.40 -6.45 4.01
N ILE A 64 -3.31 -7.42 4.92
CA ILE A 64 -2.79 -8.73 4.57
C ILE A 64 -3.63 -9.83 5.21
N SER A 65 -3.75 -10.96 4.49
CA SER A 65 -4.52 -12.09 4.99
C SER A 65 -3.76 -13.40 4.78
N SER A 66 -2.99 -13.79 5.78
CA SER A 66 -2.20 -15.02 5.71
C SER A 66 -3.08 -16.20 5.28
N THR A 67 -4.38 -16.05 5.45
CA THR A 67 -5.33 -17.10 5.08
C THR A 67 -5.83 -16.90 3.64
N GLY A 68 -4.91 -16.61 2.74
CA GLY A 68 -5.28 -16.41 1.35
C GLY A 68 -6.19 -15.21 1.16
N LYS A 69 -6.37 -14.79 -0.08
CA LYS A 69 -7.22 -13.65 -0.39
C LYS A 69 -8.63 -13.86 0.12
N ASP A 70 -9.05 -15.12 0.17
CA ASP A 70 -10.39 -15.46 0.65
C ASP A 70 -10.39 -15.65 2.16
N GLY A 71 -9.81 -14.69 2.87
CA GLY A 71 -9.76 -14.77 4.32
C GLY A 71 -10.03 -13.44 4.98
N LYS A 72 -9.65 -13.32 6.25
CA LYS A 72 -9.86 -12.09 7.01
C LYS A 72 -8.65 -11.18 6.91
N TYR A 73 -8.87 -9.94 6.46
CA TYR A 73 -7.79 -8.97 6.32
C TYR A 73 -7.61 -8.17 7.60
N LYS A 74 -6.36 -7.78 7.88
CA LYS A 74 -6.05 -7.00 9.07
C LYS A 74 -5.22 -5.78 8.72
N SER A 75 -4.98 -4.93 9.71
CA SER A 75 -4.20 -3.71 9.51
C SER A 75 -2.80 -3.85 10.12
N VAL A 76 -1.79 -3.98 9.26
CA VAL A 76 -0.42 -4.12 9.72
C VAL A 76 0.28 -2.76 9.79
N TYR A 77 -0.10 -1.86 8.89
CA TYR A 77 0.48 -0.53 8.85
C TYR A 77 -0.54 0.51 8.41
N VAL A 78 -0.35 1.75 8.85
CA VAL A 78 -1.26 2.83 8.50
C VAL A 78 -0.55 4.18 8.58
N GLY A 79 -0.31 4.79 7.42
CA GLY A 79 0.35 6.08 7.38
C GLY A 79 0.06 6.83 6.10
N GLU A 80 1.01 7.67 5.68
CA GLU A 80 0.85 8.45 4.46
C GLU A 80 1.98 8.17 3.48
N GLU A 81 3.15 7.86 4.02
CA GLU A 81 4.32 7.57 3.19
C GLU A 81 4.00 6.47 2.18
N THR A 82 4.23 6.75 0.90
CA THR A 82 3.97 5.78 -0.16
C THR A 82 4.80 4.52 0.03
N ASN A 83 6.06 4.69 0.40
CA ASN A 83 6.95 3.56 0.62
C ASN A 83 7.11 3.27 2.11
N ILE A 84 6.84 2.03 2.50
CA ILE A 84 6.95 1.63 3.90
C ILE A 84 7.40 0.17 4.01
N THR A 85 7.84 -0.21 5.20
CA THR A 85 8.29 -1.57 5.45
C THR A 85 7.32 -2.32 6.35
N LEU A 86 6.89 -3.50 5.88
CA LEU A 86 5.96 -4.32 6.64
C LEU A 86 6.67 -5.04 7.79
N ASN A 87 5.91 -5.38 8.83
CA ASN A 87 6.46 -6.07 9.98
C ASN A 87 5.42 -6.96 10.65
N ASP A 88 5.83 -7.72 11.66
CA ASP A 88 4.93 -8.61 12.37
C ASP A 88 4.30 -9.62 11.42
N LEU A 89 5.05 -10.00 10.39
CA LEU A 89 4.57 -10.96 9.40
C LEU A 89 5.08 -12.36 9.71
N LYS A 90 4.76 -13.31 8.84
CA LYS A 90 5.19 -14.69 9.02
C LYS A 90 6.13 -15.12 7.88
N PRO A 91 7.32 -15.59 8.24
CA PRO A 91 8.32 -16.03 7.26
C PRO A 91 7.92 -17.33 6.57
N ALA A 92 8.53 -17.60 5.42
CA ALA A 92 8.22 -18.81 4.66
C ALA A 92 6.72 -18.95 4.41
N MET A 93 6.06 -17.82 4.23
CA MET A 93 4.61 -17.81 3.99
C MET A 93 4.28 -17.00 2.73
N ASP A 94 3.22 -17.41 2.05
CA ASP A 94 2.79 -16.73 0.83
C ASP A 94 1.37 -16.18 0.99
N TYR A 95 1.26 -14.86 0.93
CA TYR A 95 -0.05 -14.20 1.07
C TYR A 95 -0.13 -12.97 0.18
N HIS A 96 -1.33 -12.41 0.09
CA HIS A 96 -1.55 -11.22 -0.74
C HIS A 96 -1.67 -9.98 0.14
N ALA A 97 -1.22 -8.84 -0.40
CA ALA A 97 -1.29 -7.57 0.33
C ALA A 97 -1.88 -6.47 -0.54
N LYS A 98 -2.51 -5.50 0.11
CA LYS A 98 -3.12 -4.38 -0.60
C LYS A 98 -2.90 -3.07 0.15
N VAL A 99 -3.29 -1.96 -0.47
CA VAL A 99 -3.14 -0.65 0.15
C VAL A 99 -4.39 0.20 -0.04
N GLN A 100 -5.01 0.60 1.07
CA GLN A 100 -6.22 1.40 1.04
C GLN A 100 -5.90 2.86 1.34
N ALA A 101 -6.39 3.76 0.48
CA ALA A 101 -6.16 5.19 0.65
C ALA A 101 -7.34 5.84 1.38
N GLU A 102 -7.03 6.63 2.40
CA GLU A 102 -8.07 7.31 3.18
C GLU A 102 -7.74 8.79 3.33
N TYR A 103 -8.72 9.64 3.08
CA TYR A 103 -8.53 11.09 3.19
C TYR A 103 -9.83 11.77 3.59
N ASN A 104 -9.72 12.88 4.32
CA ASN A 104 -10.88 13.63 4.76
C ASN A 104 -11.94 12.70 5.34
N SER A 105 -11.50 11.65 6.01
CA SER A 105 -12.41 10.68 6.60
C SER A 105 -13.27 10.01 5.53
N ILE A 106 -12.69 9.81 4.35
CA ILE A 106 -13.41 9.19 3.25
C ILE A 106 -12.76 7.88 2.84
N LYS A 107 -13.35 6.77 3.26
CA LYS A 107 -12.83 5.45 2.93
C LYS A 107 -13.27 5.01 1.53
N GLY A 108 -12.30 4.79 0.65
CA GLY A 108 -12.61 4.38 -0.70
C GLY A 108 -12.50 2.87 -0.88
N THR A 109 -11.68 2.45 -1.83
CA THR A 109 -11.49 1.03 -2.11
C THR A 109 -10.02 0.69 -2.32
N PRO A 110 -9.59 -0.45 -1.74
CA PRO A 110 -8.20 -0.90 -1.85
C PRO A 110 -7.85 -1.36 -3.26
N SER A 111 -6.57 -1.29 -3.61
CA SER A 111 -6.11 -1.69 -4.94
C SER A 111 -6.06 -3.21 -5.06
N GLU A 112 -5.56 -3.70 -6.18
CA GLU A 112 -5.46 -5.14 -6.41
C GLU A 112 -4.59 -5.81 -5.36
N ALA A 113 -4.46 -7.13 -5.46
CA ALA A 113 -3.66 -7.89 -4.50
C ALA A 113 -2.29 -8.23 -5.08
N GLU A 114 -1.26 -8.18 -4.24
CA GLU A 114 0.09 -8.48 -4.67
C GLU A 114 0.68 -9.62 -3.84
N ILE A 115 0.67 -10.82 -4.41
CA ILE A 115 1.21 -11.98 -3.72
C ILE A 115 2.73 -11.92 -3.63
N PHE A 116 3.24 -11.86 -2.40
CA PHE A 116 4.68 -11.80 -2.17
C PHE A 116 5.11 -12.81 -1.11
N THR A 117 5.88 -13.81 -1.52
CA THR A 117 6.36 -14.84 -0.62
C THR A 117 7.59 -14.38 0.15
N THR A 118 7.58 -14.56 1.46
CA THR A 118 8.70 -14.16 2.30
C THR A 118 9.62 -15.34 2.60
N LEU A 119 10.91 -15.06 2.76
CA LEU A 119 11.89 -16.09 3.05
C LEU A 119 11.69 -16.65 4.47
N SER A 120 12.22 -17.84 4.70
CA SER A 120 12.12 -18.49 6.01
C SER A 120 13.15 -17.92 6.98
N CYS A 121 12.80 -17.87 8.26
CA CYS A 121 13.69 -17.35 9.29
C CYS A 121 15.15 -17.70 8.96
N GLU A 122 15.35 -18.87 8.35
CA GLU A 122 16.69 -19.31 8.00
C GLU A 122 17.05 -18.85 6.58
N PRO A 123 18.35 -18.56 6.38
CA PRO A 123 18.86 -18.10 5.07
C PRO A 123 18.83 -19.21 4.03
N ASP A 124 17.82 -19.17 3.15
CA ASP A 124 17.69 -20.16 2.11
C ASP A 124 17.60 -19.50 0.73
N ILE A 125 16.63 -18.61 0.57
CA ILE A 125 16.45 -17.90 -0.69
C ILE A 125 17.79 -17.53 -1.31
N PRO A 126 18.21 -18.32 -2.32
CA PRO A 126 19.48 -18.09 -3.02
C PRO A 126 19.43 -16.84 -3.89
N ASN A 127 18.23 -16.34 -4.15
CA ASN A 127 18.06 -15.14 -4.98
C ASN A 127 17.50 -14.00 -4.15
N PRO A 128 18.37 -13.39 -3.33
CA PRO A 128 17.99 -12.26 -2.46
C PRO A 128 17.70 -11.00 -3.26
N PRO A 129 16.49 -10.43 -3.07
CA PRO A 129 16.07 -9.21 -3.76
C PRO A 129 16.84 -7.97 -3.28
N ARG A 130 17.73 -8.17 -2.31
CA ARG A 130 18.52 -7.08 -1.76
C ARG A 130 19.85 -6.96 -2.50
N ILE A 131 19.89 -6.07 -3.49
CA ILE A 131 21.11 -5.86 -4.28
C ILE A 131 21.99 -4.79 -3.64
N SER A 132 23.30 -4.98 -3.73
CA SER A 132 24.25 -4.03 -3.17
C SER A 132 25.28 -3.59 -4.22
N GLY A 133 25.93 -4.56 -4.84
CA GLY A 133 26.91 -4.26 -5.87
C GLY A 133 28.32 -4.25 -5.32
N PRO A 134 29.30 -4.59 -6.18
CA PRO A 134 30.71 -4.64 -5.79
C PRO A 134 31.28 -3.25 -5.53
N SER A 135 32.14 -3.15 -4.51
CA SER A 135 32.76 -1.88 -4.16
C SER A 135 33.22 -1.13 -5.40
N SER A 136 32.62 0.03 -5.64
CA SER A 136 32.97 0.85 -6.80
C SER A 136 32.85 2.34 -6.48
N GLY A 137 33.26 3.17 -7.42
CA GLY A 137 33.19 4.61 -7.22
C GLY A 137 31.77 5.13 -7.23
N GLY A 1 -21.19 22.44 18.74
CA GLY A 1 -20.21 23.01 17.83
C GLY A 1 -20.81 23.36 16.48
N SER A 2 -21.00 22.34 15.65
CA SER A 2 -21.58 22.54 14.31
C SER A 2 -22.95 21.89 14.21
N SER A 3 -23.79 22.44 13.33
CA SER A 3 -25.14 21.92 13.13
C SER A 3 -25.17 20.92 11.99
N GLY A 4 -24.81 21.39 10.79
CA GLY A 4 -24.81 20.52 9.63
C GLY A 4 -24.01 21.10 8.48
N SER A 5 -23.08 20.31 7.95
CA SER A 5 -22.24 20.75 6.84
C SER A 5 -22.66 20.09 5.54
N SER A 6 -22.87 20.89 4.50
CA SER A 6 -23.28 20.38 3.20
C SER A 6 -22.07 20.18 2.30
N GLY A 7 -22.27 19.46 1.19
CA GLY A 7 -21.19 19.21 0.26
C GLY A 7 -21.01 17.73 -0.03
N ASP A 8 -21.11 17.36 -1.30
CA ASP A 8 -20.96 15.97 -1.70
C ASP A 8 -20.02 15.86 -2.91
N GLU A 9 -20.21 16.74 -3.88
CA GLU A 9 -19.38 16.74 -5.08
C GLU A 9 -17.93 16.43 -4.74
N GLU A 10 -17.45 16.98 -3.63
CA GLU A 10 -16.08 16.76 -3.20
C GLU A 10 -15.86 15.31 -2.79
N THR A 11 -16.78 14.78 -1.98
CA THR A 11 -16.68 13.40 -1.51
C THR A 11 -16.64 12.43 -2.69
N LYS A 12 -17.53 12.62 -3.65
CA LYS A 12 -17.60 11.76 -4.82
C LYS A 12 -16.22 11.62 -5.46
N ALA A 13 -15.56 12.75 -5.71
CA ALA A 13 -14.24 12.75 -6.32
C ALA A 13 -13.26 11.95 -5.48
N PHE A 14 -13.44 11.98 -4.16
CA PHE A 14 -12.56 11.25 -3.25
C PHE A 14 -12.83 9.75 -3.31
N GLU A 15 -14.10 9.39 -3.50
CA GLU A 15 -14.48 7.99 -3.58
C GLU A 15 -13.84 7.31 -4.77
N ALA A 16 -13.62 8.08 -5.84
CA ALA A 16 -13.01 7.56 -7.05
C ALA A 16 -11.50 7.77 -7.05
N LEU A 17 -11.08 8.98 -6.67
CA LEU A 17 -9.66 9.31 -6.61
C LEU A 17 -8.92 8.40 -5.63
N LEU A 18 -9.42 8.35 -4.39
CA LEU A 18 -8.80 7.53 -3.36
C LEU A 18 -8.74 6.06 -3.81
N SER A 19 -9.65 5.68 -4.68
CA SER A 19 -9.70 4.31 -5.18
C SER A 19 -9.08 4.22 -6.58
N ASN A 20 -8.15 5.12 -6.87
CA ASN A 20 -7.48 5.15 -8.15
C ASN A 20 -5.97 4.96 -7.99
N ILE A 21 -5.58 4.22 -6.96
CA ILE A 21 -4.17 3.97 -6.69
C ILE A 21 -3.72 2.65 -7.33
N VAL A 22 -2.40 2.44 -7.35
CA VAL A 22 -1.84 1.23 -7.93
C VAL A 22 -1.37 0.28 -6.83
N LYS A 23 -1.71 -1.00 -6.98
CA LYS A 23 -1.32 -2.02 -6.01
C LYS A 23 0.15 -1.88 -5.65
N PRO A 24 0.48 -2.11 -4.37
CA PRO A 24 1.85 -2.03 -3.87
C PRO A 24 2.73 -3.15 -4.40
N VAL A 25 4.02 -2.87 -4.54
CA VAL A 25 4.97 -3.86 -5.04
C VAL A 25 5.90 -4.33 -3.93
N ALA A 26 6.03 -5.65 -3.80
CA ALA A 26 6.88 -6.23 -2.78
C ALA A 26 8.32 -6.40 -3.29
N SER A 27 9.27 -5.78 -2.61
CA SER A 27 10.67 -5.87 -3.00
C SER A 27 11.55 -6.13 -1.79
N ASP A 28 12.83 -6.41 -2.04
CA ASP A 28 13.79 -6.67 -0.97
C ASP A 28 13.14 -7.47 0.16
N ILE A 29 12.20 -8.33 -0.20
CA ILE A 29 11.50 -9.16 0.78
C ILE A 29 12.48 -9.89 1.69
N GLN A 30 12.23 -9.82 2.99
CA GLN A 30 13.10 -10.50 3.96
C GLN A 30 12.31 -11.51 4.78
N ALA A 31 12.97 -12.10 5.78
CA ALA A 31 12.33 -13.10 6.63
C ALA A 31 10.89 -12.71 6.94
N ARG A 32 10.71 -11.67 7.74
CA ARG A 32 9.38 -11.20 8.11
C ARG A 32 9.14 -9.78 7.59
N THR A 33 10.22 -9.04 7.40
CA THR A 33 10.13 -7.66 6.92
C THR A 33 10.26 -7.61 5.40
N VAL A 34 9.68 -6.58 4.80
CA VAL A 34 9.74 -6.40 3.35
C VAL A 34 9.54 -4.95 2.96
N VAL A 35 9.95 -4.60 1.74
CA VAL A 35 9.81 -3.23 1.24
C VAL A 35 8.59 -3.09 0.35
N LEU A 36 7.56 -2.41 0.86
CA LEU A 36 6.32 -2.21 0.11
C LEU A 36 6.26 -0.79 -0.44
N THR A 37 6.36 -0.66 -1.77
CA THR A 37 6.30 0.63 -2.41
C THR A 37 5.11 0.73 -3.37
N TRP A 38 4.29 1.76 -3.18
CA TRP A 38 3.12 1.95 -4.03
C TRP A 38 3.02 3.41 -4.49
N SER A 39 2.40 3.61 -5.65
CA SER A 39 2.24 4.95 -6.20
C SER A 39 0.90 5.56 -5.78
N PRO A 40 0.84 6.90 -5.77
CA PRO A 40 -0.37 7.64 -5.41
C PRO A 40 -1.48 7.49 -6.45
N PRO A 41 -2.72 7.81 -6.04
CA PRO A 41 -3.89 7.73 -6.93
C PRO A 41 -3.86 8.79 -8.02
N SER A 42 -4.46 8.47 -9.16
CA SER A 42 -4.51 9.40 -10.29
C SER A 42 -5.81 10.19 -10.29
N SER A 43 -5.70 11.51 -10.31
CA SER A 43 -6.87 12.38 -10.31
C SER A 43 -7.48 12.47 -11.71
N LEU A 44 -8.76 12.15 -11.81
CA LEU A 44 -9.45 12.19 -13.09
C LEU A 44 -10.30 13.45 -13.20
N ILE A 45 -10.01 14.43 -12.35
CA ILE A 45 -10.74 15.69 -12.37
C ILE A 45 -10.72 16.33 -13.75
N ASN A 46 -9.83 15.85 -14.60
CA ASN A 46 -9.70 16.38 -15.96
C ASN A 46 -9.04 17.75 -15.95
N GLY A 47 -8.21 18.00 -14.94
CA GLY A 47 -7.52 19.28 -14.84
C GLY A 47 -8.44 20.39 -14.41
N GLU A 48 -9.73 20.09 -14.31
CA GLU A 48 -10.72 21.08 -13.90
C GLU A 48 -10.23 21.88 -12.69
N THR A 49 -9.38 21.25 -11.89
CA THR A 49 -8.84 21.89 -10.70
C THR A 49 -7.35 22.13 -10.83
N ASP A 50 -6.81 23.01 -9.99
CA ASP A 50 -5.39 23.34 -10.03
C ASP A 50 -4.55 22.10 -9.75
N GLU A 51 -3.39 22.02 -10.39
CA GLU A 51 -2.50 20.88 -10.22
C GLU A 51 -2.03 20.77 -8.77
N SER A 52 -1.97 21.91 -8.08
CA SER A 52 -1.54 21.94 -6.69
C SER A 52 -2.74 21.98 -5.76
N SER A 53 -3.77 21.21 -6.10
CA SER A 53 -4.98 21.15 -5.28
C SER A 53 -5.10 19.80 -4.57
N VAL A 54 -5.08 18.73 -5.36
CA VAL A 54 -5.18 17.39 -4.79
C VAL A 54 -4.14 17.16 -3.71
N PRO A 55 -4.59 16.72 -2.53
CA PRO A 55 -3.72 16.45 -1.39
C PRO A 55 -2.82 15.22 -1.62
N GLU A 56 -1.73 15.15 -0.87
CA GLU A 56 -0.80 14.03 -0.98
C GLU A 56 -0.66 13.30 0.35
N LEU A 57 -1.68 13.40 1.19
CA LEU A 57 -1.68 12.74 2.49
C LEU A 57 -2.67 11.59 2.53
N TYR A 58 -2.97 11.03 1.35
CA TYR A 58 -3.90 9.92 1.25
C TYR A 58 -3.50 8.78 2.18
N GLY A 59 -4.14 8.70 3.34
CA GLY A 59 -3.83 7.65 4.29
C GLY A 59 -3.83 6.27 3.66
N TYR A 60 -2.65 5.70 3.50
CA TYR A 60 -2.52 4.38 2.91
C TYR A 60 -2.41 3.29 3.98
N GLU A 61 -3.30 2.30 3.91
CA GLU A 61 -3.30 1.21 4.87
C GLU A 61 -2.94 -0.11 4.20
N VAL A 62 -1.94 -0.79 4.75
CA VAL A 62 -1.50 -2.08 4.21
C VAL A 62 -2.28 -3.23 4.82
N LEU A 63 -3.05 -3.93 3.98
CA LEU A 63 -3.84 -5.06 4.44
C LEU A 63 -3.22 -6.38 3.99
N ILE A 64 -3.31 -7.40 4.86
CA ILE A 64 -2.77 -8.71 4.55
C ILE A 64 -3.67 -9.81 5.08
N SER A 65 -3.71 -10.93 4.36
CA SER A 65 -4.54 -12.07 4.75
C SER A 65 -3.82 -13.38 4.50
N SER A 66 -3.44 -14.07 5.57
CA SER A 66 -2.74 -15.34 5.47
C SER A 66 -3.73 -16.50 5.33
N THR A 67 -4.97 -16.17 5.02
CA THR A 67 -6.02 -17.18 4.87
C THR A 67 -6.48 -17.27 3.42
N GLY A 68 -6.44 -16.15 2.71
CA GLY A 68 -6.86 -16.13 1.33
C GLY A 68 -7.00 -14.72 0.78
N LYS A 69 -7.29 -14.62 -0.51
CA LYS A 69 -7.46 -13.32 -1.16
C LYS A 69 -8.88 -12.81 -1.01
N ASP A 70 -9.73 -13.61 -0.37
CA ASP A 70 -11.13 -13.23 -0.15
C ASP A 70 -11.42 -13.07 1.33
N GLY A 71 -10.78 -13.90 2.16
CA GLY A 71 -10.99 -13.82 3.59
C GLY A 71 -10.72 -12.45 4.16
N LYS A 72 -10.80 -12.33 5.48
CA LYS A 72 -10.56 -11.06 6.14
C LYS A 72 -9.06 -10.76 6.23
N TYR A 73 -8.70 -9.49 6.03
CA TYR A 73 -7.31 -9.07 6.09
C TYR A 73 -6.97 -8.47 7.44
N LYS A 74 -5.73 -8.03 7.59
CA LYS A 74 -5.28 -7.42 8.84
C LYS A 74 -4.46 -6.17 8.57
N SER A 75 -4.51 -5.22 9.50
CA SER A 75 -3.79 -3.96 9.37
C SER A 75 -2.36 -4.09 9.91
N VAL A 76 -1.39 -3.76 9.08
CA VAL A 76 0.02 -3.84 9.48
C VAL A 76 0.65 -2.46 9.54
N TYR A 77 0.34 -1.62 8.54
CA TYR A 77 0.89 -0.28 8.48
C TYR A 77 -0.18 0.71 8.01
N VAL A 78 -0.25 1.86 8.68
CA VAL A 78 -1.21 2.90 8.35
C VAL A 78 -0.60 4.29 8.48
N GLY A 79 -0.31 4.91 7.34
CA GLY A 79 0.28 6.24 7.35
C GLY A 79 0.01 7.00 6.06
N GLU A 80 0.92 7.92 5.74
CA GLU A 80 0.78 8.72 4.52
C GLU A 80 1.88 8.37 3.51
N GLU A 81 3.03 7.96 4.03
CA GLU A 81 4.15 7.59 3.17
C GLU A 81 3.72 6.61 2.09
N THR A 82 4.54 6.48 1.05
CA THR A 82 4.24 5.57 -0.05
C THR A 82 5.02 4.27 0.08
N ASN A 83 6.23 4.36 0.60
CA ASN A 83 7.08 3.18 0.78
C ASN A 83 7.36 2.94 2.26
N ILE A 84 6.96 1.77 2.75
CA ILE A 84 7.17 1.41 4.15
C ILE A 84 7.67 -0.02 4.28
N THR A 85 8.17 -0.37 5.47
CA THR A 85 8.68 -1.71 5.71
C THR A 85 7.72 -2.49 6.61
N LEU A 86 7.38 -3.71 6.19
CA LEU A 86 6.48 -4.57 6.95
C LEU A 86 7.21 -5.19 8.15
N ASN A 87 6.44 -5.59 9.15
CA ASN A 87 7.01 -6.20 10.35
C ASN A 87 6.01 -7.17 10.99
N ASP A 88 6.53 -8.06 11.83
CA ASP A 88 5.68 -9.04 12.50
C ASP A 88 4.94 -9.91 11.50
N LEU A 89 5.68 -10.44 10.52
CA LEU A 89 5.08 -11.29 9.50
C LEU A 89 5.53 -12.74 9.68
N LYS A 90 4.88 -13.64 8.95
CA LYS A 90 5.20 -15.06 9.02
C LYS A 90 6.16 -15.46 7.90
N PRO A 91 7.39 -15.83 8.27
CA PRO A 91 8.42 -16.25 7.31
C PRO A 91 8.10 -17.58 6.65
N ALA A 92 8.62 -17.79 5.45
CA ALA A 92 8.39 -19.02 4.71
C ALA A 92 6.90 -19.21 4.41
N MET A 93 6.22 -18.12 4.08
CA MET A 93 4.80 -18.17 3.77
C MET A 93 4.48 -17.32 2.55
N ASP A 94 3.26 -17.45 2.04
CA ASP A 94 2.82 -16.69 0.88
C ASP A 94 1.41 -16.16 1.07
N TYR A 95 1.25 -14.85 0.98
CA TYR A 95 -0.05 -14.21 1.15
C TYR A 95 -0.18 -12.98 0.26
N HIS A 96 -1.39 -12.46 0.15
CA HIS A 96 -1.65 -11.28 -0.66
C HIS A 96 -1.60 -10.01 0.18
N ALA A 97 -1.36 -8.88 -0.47
CA ALA A 97 -1.28 -7.59 0.22
C ALA A 97 -1.87 -6.47 -0.64
N LYS A 98 -2.64 -5.60 -0.01
CA LYS A 98 -3.27 -4.49 -0.71
C LYS A 98 -3.07 -3.19 0.06
N VAL A 99 -3.37 -2.07 -0.59
CA VAL A 99 -3.23 -0.76 0.03
C VAL A 99 -4.46 0.11 -0.22
N GLN A 100 -5.15 0.45 0.87
CA GLN A 100 -6.35 1.28 0.77
C GLN A 100 -6.04 2.74 1.07
N ALA A 101 -6.63 3.64 0.30
CA ALA A 101 -6.41 5.07 0.49
C ALA A 101 -7.61 5.72 1.16
N GLU A 102 -7.35 6.43 2.26
CA GLU A 102 -8.41 7.11 2.99
C GLU A 102 -8.08 8.58 3.20
N TYR A 103 -9.06 9.44 2.97
CA TYR A 103 -8.87 10.89 3.13
C TYR A 103 -10.16 11.56 3.57
N ASN A 104 -10.03 12.62 4.35
CA ASN A 104 -11.20 13.36 4.84
C ASN A 104 -12.27 12.41 5.37
N SER A 105 -11.82 11.37 6.09
CA SER A 105 -12.74 10.39 6.65
C SER A 105 -13.53 9.68 5.55
N ILE A 106 -12.90 9.53 4.38
CA ILE A 106 -13.54 8.88 3.26
C ILE A 106 -12.76 7.64 2.83
N LYS A 107 -13.31 6.47 3.13
CA LYS A 107 -12.67 5.21 2.78
C LYS A 107 -13.06 4.77 1.37
N GLY A 108 -12.06 4.52 0.54
CA GLY A 108 -12.32 4.10 -0.83
C GLY A 108 -12.19 2.59 -1.01
N THR A 109 -11.58 2.19 -2.12
CA THR A 109 -11.40 0.77 -2.41
C THR A 109 -9.92 0.41 -2.47
N PRO A 110 -9.57 -0.71 -1.83
CA PRO A 110 -8.17 -1.19 -1.79
C PRO A 110 -7.71 -1.71 -3.16
N SER A 111 -6.44 -1.44 -3.49
CA SER A 111 -5.88 -1.86 -4.75
C SER A 111 -5.98 -3.38 -4.91
N GLU A 112 -5.45 -3.90 -6.01
CA GLU A 112 -5.48 -5.33 -6.28
C GLU A 112 -4.70 -6.10 -5.22
N ALA A 113 -4.68 -7.42 -5.36
CA ALA A 113 -3.97 -8.28 -4.41
C ALA A 113 -2.56 -8.57 -4.88
N GLU A 114 -1.57 -8.25 -4.05
CA GLU A 114 -0.17 -8.49 -4.39
C GLU A 114 0.43 -9.59 -3.52
N ILE A 115 0.75 -10.72 -4.13
CA ILE A 115 1.33 -11.84 -3.41
C ILE A 115 2.85 -11.74 -3.36
N PHE A 116 3.42 -12.01 -2.19
CA PHE A 116 4.87 -11.95 -2.01
C PHE A 116 5.34 -12.98 -1.00
N THR A 117 6.16 -13.91 -1.45
CA THR A 117 6.68 -14.96 -0.57
C THR A 117 7.86 -14.46 0.25
N THR A 118 7.83 -14.72 1.55
CA THR A 118 8.90 -14.29 2.44
C THR A 118 9.88 -15.44 2.72
N LEU A 119 11.12 -15.09 3.03
CA LEU A 119 12.14 -16.09 3.32
C LEU A 119 12.01 -16.60 4.75
N SER A 120 12.86 -17.55 5.11
CA SER A 120 12.84 -18.13 6.45
C SER A 120 13.81 -17.40 7.37
N CYS A 121 13.55 -17.48 8.67
CA CYS A 121 14.40 -16.82 9.65
C CYS A 121 15.87 -16.96 9.28
N GLU A 122 16.22 -18.10 8.69
CA GLU A 122 17.59 -18.36 8.29
C GLU A 122 17.84 -17.91 6.85
N PRO A 123 19.09 -17.54 6.54
CA PRO A 123 19.48 -17.09 5.21
C PRO A 123 19.45 -18.21 4.18
N ASP A 124 18.26 -18.52 3.69
CA ASP A 124 18.09 -19.58 2.69
C ASP A 124 18.10 -19.01 1.27
N ILE A 125 17.06 -18.25 0.95
CA ILE A 125 16.94 -17.64 -0.37
C ILE A 125 18.31 -17.20 -0.90
N PRO A 126 18.80 -17.91 -1.93
CA PRO A 126 20.10 -17.60 -2.54
C PRO A 126 20.08 -16.29 -3.32
N ASN A 127 20.68 -15.26 -2.74
CA ASN A 127 20.73 -13.95 -3.39
C ASN A 127 22.12 -13.69 -3.97
N PRO A 128 22.15 -13.06 -5.15
CA PRO A 128 23.40 -12.73 -5.84
C PRO A 128 24.19 -11.64 -5.12
N PRO A 129 25.53 -11.77 -5.14
CA PRO A 129 26.43 -10.80 -4.49
C PRO A 129 26.45 -9.46 -5.22
N ARG A 130 27.38 -8.60 -4.82
CA ARG A 130 27.52 -7.28 -5.44
C ARG A 130 28.81 -7.19 -6.23
N ILE A 131 28.88 -6.18 -7.11
CA ILE A 131 30.06 -5.98 -7.94
C ILE A 131 30.83 -4.73 -7.49
N SER A 132 32.15 -4.83 -7.48
CA SER A 132 33.00 -3.71 -7.08
C SER A 132 33.76 -3.14 -8.28
N GLY A 133 34.34 -4.04 -9.07
CA GLY A 133 35.09 -3.60 -10.24
C GLY A 133 35.63 -4.77 -11.05
N PRO A 134 36.76 -4.56 -11.73
CA PRO A 134 37.40 -5.59 -12.55
C PRO A 134 38.00 -6.71 -11.71
N SER A 135 37.62 -7.94 -12.02
CA SER A 135 38.12 -9.10 -11.29
C SER A 135 39.63 -9.05 -11.16
N SER A 136 40.17 -9.81 -10.21
CA SER A 136 41.61 -9.84 -9.97
C SER A 136 42.27 -10.95 -10.79
N GLY A 137 43.57 -10.81 -11.02
CA GLY A 137 44.30 -11.81 -11.79
C GLY A 137 45.16 -11.20 -12.87
N GLY A 1 -21.91 35.78 2.14
CA GLY A 1 -22.76 35.29 1.07
C GLY A 1 -22.48 33.84 0.72
N SER A 2 -21.19 33.50 0.62
CA SER A 2 -20.80 32.14 0.30
C SER A 2 -21.39 31.14 1.29
N SER A 3 -22.14 30.18 0.78
CA SER A 3 -22.77 29.17 1.62
C SER A 3 -22.43 27.77 1.12
N GLY A 4 -21.94 26.92 2.03
CA GLY A 4 -21.58 25.57 1.66
C GLY A 4 -20.62 25.51 0.49
N SER A 5 -19.37 25.91 0.73
CA SER A 5 -18.35 25.91 -0.32
C SER A 5 -18.03 24.48 -0.77
N SER A 6 -17.88 23.59 0.20
CA SER A 6 -17.55 22.20 -0.08
C SER A 6 -18.51 21.25 0.66
N GLY A 7 -18.84 20.13 0.02
CA GLY A 7 -19.74 19.18 0.64
C GLY A 7 -19.57 17.78 0.07
N ASP A 8 -20.64 17.25 -0.51
CA ASP A 8 -20.60 15.91 -1.10
C ASP A 8 -19.66 15.87 -2.29
N GLU A 9 -19.75 16.87 -3.15
CA GLU A 9 -18.89 16.94 -4.34
C GLU A 9 -17.46 16.58 -3.99
N GLU A 10 -17.06 16.87 -2.75
CA GLU A 10 -15.70 16.58 -2.30
C GLU A 10 -15.54 15.10 -1.98
N THR A 11 -16.58 14.51 -1.40
CA THR A 11 -16.56 13.09 -1.04
C THR A 11 -16.49 12.21 -2.28
N LYS A 12 -17.30 12.53 -3.28
CA LYS A 12 -17.32 11.77 -4.53
C LYS A 12 -15.93 11.73 -5.16
N ALA A 13 -15.37 12.90 -5.42
CA ALA A 13 -14.04 13.00 -6.02
C ALA A 13 -13.04 12.13 -5.26
N PHE A 14 -13.27 11.94 -3.98
CA PHE A 14 -12.38 11.13 -3.15
C PHE A 14 -12.66 9.64 -3.34
N GLU A 15 -13.94 9.30 -3.49
CA GLU A 15 -14.34 7.91 -3.69
C GLU A 15 -13.77 7.36 -5.00
N ALA A 16 -13.55 8.25 -5.96
CA ALA A 16 -13.02 7.86 -7.26
C ALA A 16 -11.50 7.98 -7.28
N LEU A 17 -10.99 9.11 -6.78
CA LEU A 17 -9.55 9.35 -6.75
C LEU A 17 -8.86 8.36 -5.82
N LEU A 18 -9.37 8.24 -4.60
CA LEU A 18 -8.80 7.33 -3.62
C LEU A 18 -8.76 5.90 -4.16
N SER A 19 -9.72 5.57 -5.01
CA SER A 19 -9.80 4.23 -5.59
C SER A 19 -9.12 4.20 -6.97
N ASN A 20 -8.18 5.11 -7.17
CA ASN A 20 -7.45 5.20 -8.43
C ASN A 20 -5.95 5.08 -8.21
N ILE A 21 -5.56 4.17 -7.32
CA ILE A 21 -4.15 3.95 -7.01
C ILE A 21 -3.62 2.70 -7.71
N VAL A 22 -2.37 2.35 -7.42
CA VAL A 22 -1.75 1.17 -8.01
C VAL A 22 -1.32 0.18 -6.93
N LYS A 23 -1.61 -1.10 -7.17
CA LYS A 23 -1.24 -2.15 -6.22
C LYS A 23 0.22 -2.04 -5.82
N PRO A 24 0.51 -2.29 -4.53
CA PRO A 24 1.86 -2.24 -4.00
C PRO A 24 2.75 -3.37 -4.52
N VAL A 25 4.06 -3.16 -4.50
CA VAL A 25 5.00 -4.16 -4.96
C VAL A 25 5.98 -4.55 -3.86
N ALA A 26 6.03 -5.84 -3.55
CA ALA A 26 6.93 -6.34 -2.51
C ALA A 26 8.36 -6.46 -3.03
N SER A 27 9.28 -5.78 -2.37
CA SER A 27 10.68 -5.80 -2.77
C SER A 27 11.58 -6.09 -1.57
N ASP A 28 12.86 -6.34 -1.85
CA ASP A 28 13.83 -6.63 -0.79
C ASP A 28 13.17 -7.43 0.34
N ILE A 29 12.22 -8.29 -0.02
CA ILE A 29 11.53 -9.11 0.96
C ILE A 29 12.52 -9.84 1.87
N GLN A 30 12.30 -9.74 3.17
CA GLN A 30 13.17 -10.39 4.14
C GLN A 30 12.39 -11.38 4.99
N ALA A 31 13.06 -11.96 5.97
CA ALA A 31 12.43 -12.94 6.86
C ALA A 31 11.00 -12.53 7.20
N ARG A 32 10.87 -11.49 8.03
CA ARG A 32 9.55 -11.00 8.43
C ARG A 32 9.31 -9.59 7.89
N THR A 33 10.40 -8.87 7.63
CA THR A 33 10.30 -7.51 7.12
C THR A 33 10.37 -7.50 5.59
N VAL A 34 9.74 -6.48 5.00
CA VAL A 34 9.74 -6.35 3.54
C VAL A 34 9.56 -4.90 3.12
N VAL A 35 9.96 -4.58 1.90
CA VAL A 35 9.85 -3.23 1.38
C VAL A 35 8.69 -3.11 0.39
N LEU A 36 7.58 -2.55 0.86
CA LEU A 36 6.39 -2.38 0.03
C LEU A 36 6.37 -1.00 -0.60
N THR A 37 6.43 -0.95 -1.92
CA THR A 37 6.42 0.32 -2.66
C THR A 37 5.23 0.40 -3.60
N TRP A 38 4.39 1.40 -3.40
CA TRP A 38 3.21 1.58 -4.25
C TRP A 38 3.15 3.01 -4.80
N SER A 39 2.40 3.19 -5.88
CA SER A 39 2.27 4.50 -6.51
C SER A 39 0.99 5.19 -6.05
N PRO A 40 1.05 6.53 -5.94
CA PRO A 40 -0.10 7.33 -5.50
C PRO A 40 -1.20 7.38 -6.56
N PRO A 41 -2.42 7.74 -6.13
CA PRO A 41 -3.58 7.82 -7.01
C PRO A 41 -3.48 9.00 -7.99
N SER A 42 -4.13 8.86 -9.14
CA SER A 42 -4.10 9.91 -10.16
C SER A 42 -5.47 10.57 -10.27
N SER A 43 -5.50 11.89 -10.09
CA SER A 43 -6.75 12.65 -10.18
C SER A 43 -7.30 12.61 -11.61
N LEU A 44 -8.60 12.32 -11.72
CA LEU A 44 -9.26 12.24 -13.02
C LEU A 44 -10.17 13.45 -13.22
N ILE A 45 -9.92 14.51 -12.46
CA ILE A 45 -10.73 15.73 -12.57
C ILE A 45 -10.40 16.49 -13.86
N ASN A 46 -9.46 15.96 -14.63
CA ASN A 46 -9.06 16.59 -15.88
C ASN A 46 -8.29 17.88 -15.63
N GLY A 47 -7.66 17.96 -14.45
CA GLY A 47 -6.91 19.15 -14.10
C GLY A 47 -7.80 20.32 -13.68
N GLU A 48 -9.11 20.14 -13.88
CA GLU A 48 -10.06 21.18 -13.51
C GLU A 48 -9.81 21.69 -12.09
N THR A 49 -9.19 20.85 -11.27
CA THR A 49 -8.89 21.21 -9.89
C THR A 49 -7.57 21.96 -9.80
N ASP A 50 -7.46 22.83 -8.80
CA ASP A 50 -6.24 23.61 -8.59
C ASP A 50 -5.08 22.71 -8.17
N GLU A 51 -3.97 22.79 -8.90
CA GLU A 51 -2.79 21.99 -8.60
C GLU A 51 -2.54 21.94 -7.09
N SER A 52 -2.61 23.09 -6.44
CA SER A 52 -2.39 23.18 -5.01
C SER A 52 -3.67 22.85 -4.24
N SER A 53 -4.47 21.95 -4.79
CA SER A 53 -5.72 21.55 -4.16
C SER A 53 -5.66 20.09 -3.71
N VAL A 54 -5.57 19.18 -4.67
CA VAL A 54 -5.51 17.76 -4.37
C VAL A 54 -4.46 17.47 -3.31
N PRO A 55 -4.89 16.85 -2.20
CA PRO A 55 -4.00 16.50 -1.09
C PRO A 55 -3.03 15.39 -1.45
N GLU A 56 -1.95 15.28 -0.69
CA GLU A 56 -0.94 14.26 -0.93
C GLU A 56 -0.68 13.44 0.34
N LEU A 57 -1.58 13.56 1.31
CA LEU A 57 -1.45 12.84 2.56
C LEU A 57 -2.39 11.64 2.60
N TYR A 58 -2.82 11.19 1.42
CA TYR A 58 -3.72 10.05 1.32
C TYR A 58 -3.34 8.95 2.31
N GLY A 59 -4.29 8.57 3.16
CA GLY A 59 -4.03 7.53 4.15
C GLY A 59 -4.05 6.15 3.54
N TYR A 60 -2.86 5.56 3.38
CA TYR A 60 -2.75 4.23 2.81
C TYR A 60 -2.64 3.17 3.91
N GLU A 61 -3.41 2.10 3.75
CA GLU A 61 -3.41 1.01 4.72
C GLU A 61 -3.10 -0.32 4.05
N VAL A 62 -2.11 -1.04 4.59
CA VAL A 62 -1.71 -2.33 4.04
C VAL A 62 -2.54 -3.46 4.66
N LEU A 63 -3.27 -4.17 3.82
CA LEU A 63 -4.10 -5.28 4.29
C LEU A 63 -3.52 -6.61 3.84
N ILE A 64 -3.19 -7.47 4.81
CA ILE A 64 -2.63 -8.78 4.52
C ILE A 64 -3.56 -9.89 4.97
N SER A 65 -3.61 -10.97 4.20
CA SER A 65 -4.46 -12.11 4.53
C SER A 65 -3.65 -13.40 4.57
N SER A 66 -3.04 -13.66 5.72
CA SER A 66 -2.23 -14.87 5.90
C SER A 66 -3.02 -16.11 5.51
N THR A 67 -4.34 -15.97 5.44
CA THR A 67 -5.21 -17.08 5.07
C THR A 67 -5.84 -16.86 3.71
N GLY A 68 -5.00 -16.74 2.68
CA GLY A 68 -5.50 -16.54 1.33
C GLY A 68 -6.35 -15.28 1.22
N LYS A 69 -6.55 -14.83 -0.01
CA LYS A 69 -7.35 -13.63 -0.26
C LYS A 69 -8.76 -13.78 0.29
N ASP A 70 -9.29 -15.00 0.21
CA ASP A 70 -10.64 -15.27 0.70
C ASP A 70 -10.62 -15.55 2.20
N GLY A 71 -9.98 -14.66 2.95
CA GLY A 71 -9.89 -14.83 4.40
C GLY A 71 -10.09 -13.52 5.14
N LYS A 72 -9.50 -13.43 6.33
CA LYS A 72 -9.61 -12.23 7.15
C LYS A 72 -8.40 -11.32 6.95
N TYR A 73 -8.66 -10.06 6.62
CA TYR A 73 -7.58 -9.10 6.40
C TYR A 73 -7.26 -8.34 7.68
N LYS A 74 -5.99 -8.02 7.88
CA LYS A 74 -5.56 -7.29 9.07
C LYS A 74 -4.66 -6.12 8.68
N SER A 75 -4.75 -5.04 9.45
CA SER A 75 -3.95 -3.85 9.19
C SER A 75 -2.58 -3.96 9.87
N VAL A 76 -1.52 -3.75 9.08
CA VAL A 76 -0.16 -3.83 9.60
C VAL A 76 0.49 -2.45 9.64
N TYR A 77 0.22 -1.64 8.62
CA TYR A 77 0.78 -0.30 8.54
C TYR A 77 -0.31 0.72 8.19
N VAL A 78 -0.10 1.96 8.61
CA VAL A 78 -1.05 3.03 8.33
C VAL A 78 -0.37 4.39 8.36
N GLY A 79 -0.25 5.01 7.19
CA GLY A 79 0.39 6.32 7.10
C GLY A 79 0.18 6.98 5.75
N GLU A 80 0.95 8.02 5.48
CA GLU A 80 0.84 8.74 4.22
C GLU A 80 1.95 8.32 3.25
N GLU A 81 3.14 8.10 3.79
CA GLU A 81 4.29 7.71 2.98
C GLU A 81 3.90 6.59 2.01
N THR A 82 4.51 6.60 0.84
CA THR A 82 4.23 5.59 -0.18
C THR A 82 5.02 4.31 0.07
N ASN A 83 6.34 4.44 0.19
CA ASN A 83 7.20 3.30 0.44
C ASN A 83 7.38 3.07 1.94
N ILE A 84 6.94 1.91 2.41
CA ILE A 84 7.06 1.57 3.83
C ILE A 84 7.57 0.14 4.01
N THR A 85 7.99 -0.17 5.23
CA THR A 85 8.50 -1.50 5.54
C THR A 85 7.57 -2.25 6.49
N LEU A 86 7.13 -3.43 6.08
CA LEU A 86 6.23 -4.24 6.90
C LEU A 86 7.00 -4.95 8.01
N ASN A 87 6.31 -5.22 9.11
CA ASN A 87 6.93 -5.90 10.24
C ASN A 87 5.92 -6.79 10.95
N ASP A 88 6.43 -7.66 11.82
CA ASP A 88 5.57 -8.57 12.58
C ASP A 88 4.86 -9.54 11.63
N LEU A 89 5.57 -9.97 10.59
CA LEU A 89 5.00 -10.91 9.61
C LEU A 89 5.48 -12.33 9.88
N LYS A 90 4.91 -13.27 9.14
CA LYS A 90 5.28 -14.68 9.30
C LYS A 90 6.20 -15.13 8.17
N PRO A 91 7.43 -15.54 8.53
CA PRO A 91 8.43 -16.01 7.56
C PRO A 91 8.04 -17.35 6.94
N ALA A 92 8.66 -17.66 5.80
CA ALA A 92 8.38 -18.91 5.10
C ALA A 92 6.89 -19.08 4.84
N MET A 93 6.25 -18.03 4.35
CA MET A 93 4.82 -18.06 4.05
C MET A 93 4.52 -17.34 2.75
N ASP A 94 3.25 -17.36 2.34
CA ASP A 94 2.83 -16.70 1.11
C ASP A 94 1.41 -16.16 1.24
N TYR A 95 1.29 -14.84 1.26
CA TYR A 95 -0.01 -14.20 1.38
C TYR A 95 -0.12 -13.00 0.45
N HIS A 96 -1.33 -12.44 0.34
CA HIS A 96 -1.56 -11.29 -0.52
C HIS A 96 -1.54 -9.99 0.28
N ALA A 97 -1.25 -8.89 -0.39
CA ALA A 97 -1.20 -7.58 0.26
C ALA A 97 -1.79 -6.50 -0.62
N LYS A 98 -2.63 -5.66 -0.03
CA LYS A 98 -3.28 -4.57 -0.77
C LYS A 98 -3.05 -3.23 -0.07
N VAL A 99 -3.50 -2.15 -0.70
CA VAL A 99 -3.36 -0.81 -0.14
C VAL A 99 -4.61 0.02 -0.38
N GLN A 100 -5.23 0.47 0.71
CA GLN A 100 -6.44 1.27 0.63
C GLN A 100 -6.15 2.73 0.99
N ALA A 101 -6.55 3.64 0.13
CA ALA A 101 -6.34 5.06 0.36
C ALA A 101 -7.62 5.75 0.83
N GLU A 102 -7.49 6.60 1.85
CA GLU A 102 -8.64 7.30 2.40
C GLU A 102 -8.26 8.72 2.80
N TYR A 103 -9.19 9.66 2.62
CA TYR A 103 -8.95 11.06 2.96
C TYR A 103 -10.20 11.68 3.58
N ASN A 104 -9.99 12.62 4.50
CA ASN A 104 -11.08 13.30 5.17
C ASN A 104 -12.09 12.30 5.71
N SER A 105 -11.59 11.13 6.12
CA SER A 105 -12.44 10.08 6.67
C SER A 105 -13.24 9.41 5.57
N ILE A 106 -12.68 9.38 4.36
CA ILE A 106 -13.34 8.76 3.22
C ILE A 106 -12.58 7.52 2.75
N LYS A 107 -13.10 6.35 3.11
CA LYS A 107 -12.47 5.09 2.73
C LYS A 107 -12.97 4.62 1.37
N GLY A 108 -12.09 4.56 0.39
CA GLY A 108 -12.46 4.12 -0.94
C GLY A 108 -12.39 2.61 -1.10
N THR A 109 -11.71 2.17 -2.16
CA THR A 109 -11.57 0.74 -2.43
C THR A 109 -10.10 0.33 -2.42
N PRO A 110 -9.81 -0.82 -1.79
CA PRO A 110 -8.45 -1.34 -1.70
C PRO A 110 -7.93 -1.84 -3.04
N SER A 111 -6.69 -1.48 -3.35
CA SER A 111 -6.07 -1.88 -4.62
C SER A 111 -6.11 -3.40 -4.78
N GLU A 112 -5.49 -3.89 -5.85
CA GLU A 112 -5.47 -5.32 -6.12
C GLU A 112 -4.73 -6.08 -5.01
N ALA A 113 -4.55 -7.38 -5.20
CA ALA A 113 -3.87 -8.20 -4.22
C ALA A 113 -2.48 -8.61 -4.70
N GLU A 114 -1.45 -8.15 -4.00
CA GLU A 114 -0.08 -8.46 -4.36
C GLU A 114 0.49 -9.53 -3.43
N ILE A 115 0.79 -10.70 -3.99
CA ILE A 115 1.35 -11.80 -3.22
C ILE A 115 2.87 -11.73 -3.17
N PHE A 116 3.45 -12.10 -2.04
CA PHE A 116 4.89 -12.09 -1.87
C PHE A 116 5.33 -13.10 -0.81
N THR A 117 6.23 -13.99 -1.21
CA THR A 117 6.73 -15.02 -0.30
C THR A 117 7.89 -14.49 0.54
N THR A 118 7.79 -14.68 1.85
CA THR A 118 8.82 -14.22 2.77
C THR A 118 9.80 -15.34 3.09
N LEU A 119 11.08 -15.00 3.21
CA LEU A 119 12.12 -15.97 3.52
C LEU A 119 12.04 -16.41 4.98
N SER A 120 12.87 -17.38 5.35
CA SER A 120 12.88 -17.88 6.72
C SER A 120 13.91 -17.13 7.57
N CYS A 121 13.75 -17.20 8.88
CA CYS A 121 14.66 -16.54 9.80
C CYS A 121 16.10 -16.67 9.33
N GLU A 122 16.43 -17.84 8.79
CA GLU A 122 17.78 -18.10 8.30
C GLU A 122 17.87 -17.87 6.80
N PRO A 123 19.09 -17.55 6.33
CA PRO A 123 19.34 -17.30 4.90
C PRO A 123 19.24 -18.56 4.07
N ASP A 124 18.01 -18.92 3.69
CA ASP A 124 17.76 -20.10 2.88
C ASP A 124 17.51 -19.73 1.43
N ILE A 125 16.62 -18.75 1.23
CA ILE A 125 16.28 -18.30 -0.12
C ILE A 125 17.53 -18.12 -0.97
N PRO A 126 18.46 -17.27 -0.50
CA PRO A 126 19.72 -17.00 -1.20
C PRO A 126 20.66 -18.19 -1.18
N ASN A 127 21.93 -17.95 -1.51
CA ASN A 127 22.93 -19.01 -1.52
C ASN A 127 22.92 -19.80 -0.22
N PRO A 128 23.26 -21.08 -0.30
CA PRO A 128 23.29 -21.98 0.86
C PRO A 128 24.43 -21.64 1.81
N PRO A 129 24.30 -22.07 3.08
CA PRO A 129 25.30 -21.83 4.12
C PRO A 129 26.58 -22.62 3.88
N ARG A 130 27.64 -22.24 4.58
CA ARG A 130 28.92 -22.91 4.45
C ARG A 130 29.18 -23.31 3.00
N ILE A 131 29.07 -22.35 2.09
CA ILE A 131 29.29 -22.61 0.68
C ILE A 131 30.74 -22.33 0.29
N SER A 132 31.64 -23.21 0.72
CA SER A 132 33.06 -23.06 0.42
C SER A 132 33.83 -24.31 0.81
N GLY A 133 35.00 -24.49 0.23
CA GLY A 133 35.83 -25.65 0.53
C GLY A 133 36.11 -25.78 2.01
N PRO A 134 36.64 -26.95 2.41
CA PRO A 134 36.98 -27.22 3.81
C PRO A 134 38.17 -26.41 4.30
N SER A 135 37.89 -25.23 4.85
CA SER A 135 38.94 -24.36 5.35
C SER A 135 39.75 -25.04 6.46
N SER A 136 39.04 -25.64 7.41
CA SER A 136 39.69 -26.32 8.52
C SER A 136 38.78 -27.41 9.09
N GLY A 137 39.38 -28.55 9.43
CA GLY A 137 38.61 -29.65 9.98
C GLY A 137 38.52 -29.61 11.50
N GLY A 1 -28.04 33.63 2.94
CA GLY A 1 -29.22 34.21 2.33
C GLY A 1 -30.08 33.18 1.63
N SER A 2 -31.07 32.66 2.33
CA SER A 2 -31.96 31.64 1.77
C SER A 2 -31.18 30.64 0.93
N SER A 3 -30.05 30.17 1.47
CA SER A 3 -29.22 29.21 0.78
C SER A 3 -28.95 27.98 1.64
N GLY A 4 -28.46 26.92 1.02
CA GLY A 4 -28.18 25.69 1.74
C GLY A 4 -26.69 25.43 1.88
N SER A 5 -26.34 24.31 2.51
CA SER A 5 -24.95 23.95 2.70
C SER A 5 -24.74 22.44 2.55
N SER A 6 -23.89 22.05 1.60
CA SER A 6 -23.63 20.64 1.35
C SER A 6 -22.41 20.48 0.45
N GLY A 7 -21.41 19.75 0.93
CA GLY A 7 -20.21 19.53 0.14
C GLY A 7 -19.98 18.06 -0.17
N ASP A 8 -20.90 17.48 -0.91
CA ASP A 8 -20.80 16.07 -1.28
C ASP A 8 -19.91 15.89 -2.50
N GLU A 9 -20.09 16.77 -3.49
CA GLU A 9 -19.30 16.71 -4.71
C GLU A 9 -17.84 16.39 -4.41
N GLU A 10 -17.34 16.96 -3.31
CA GLU A 10 -15.96 16.75 -2.91
C GLU A 10 -15.72 15.30 -2.50
N THR A 11 -16.60 14.79 -1.65
CA THR A 11 -16.50 13.42 -1.17
C THR A 11 -16.48 12.43 -2.33
N LYS A 12 -17.38 12.63 -3.29
CA LYS A 12 -17.46 11.77 -4.45
C LYS A 12 -16.10 11.62 -5.13
N ALA A 13 -15.52 12.76 -5.52
CA ALA A 13 -14.21 12.75 -6.17
C ALA A 13 -13.21 11.93 -5.37
N PHE A 14 -13.31 11.99 -4.05
CA PHE A 14 -12.41 11.26 -3.18
C PHE A 14 -12.72 9.76 -3.20
N GLU A 15 -14.00 9.44 -3.31
CA GLU A 15 -14.44 8.04 -3.34
C GLU A 15 -13.88 7.33 -4.56
N ALA A 16 -13.72 8.07 -5.65
CA ALA A 16 -13.19 7.52 -6.89
C ALA A 16 -11.68 7.68 -6.98
N LEU A 17 -11.20 8.87 -6.63
CA LEU A 17 -9.78 9.17 -6.66
C LEU A 17 -9.01 8.25 -5.71
N LEU A 18 -9.42 8.25 -4.44
CA LEU A 18 -8.77 7.43 -3.43
C LEU A 18 -8.77 5.96 -3.85
N SER A 19 -9.68 5.60 -4.75
CA SER A 19 -9.78 4.23 -5.24
C SER A 19 -9.23 4.11 -6.65
N ASN A 20 -8.30 5.00 -7.00
CA ASN A 20 -7.69 4.99 -8.31
C ASN A 20 -6.18 4.80 -8.21
N ILE A 21 -5.75 4.05 -7.21
CA ILE A 21 -4.33 3.79 -7.01
C ILE A 21 -3.92 2.46 -7.63
N VAL A 22 -2.64 2.12 -7.52
CA VAL A 22 -2.11 0.88 -8.07
C VAL A 22 -1.61 -0.05 -6.97
N LYS A 23 -2.05 -1.29 -7.00
CA LYS A 23 -1.64 -2.28 -6.00
C LYS A 23 -0.16 -2.13 -5.68
N PRO A 24 0.19 -2.38 -4.41
CA PRO A 24 1.58 -2.28 -3.94
C PRO A 24 2.47 -3.39 -4.50
N VAL A 25 3.78 -3.26 -4.30
CA VAL A 25 4.72 -4.25 -4.79
C VAL A 25 5.81 -4.53 -3.75
N ALA A 26 6.16 -5.81 -3.61
CA ALA A 26 7.19 -6.21 -2.66
C ALA A 26 8.55 -6.35 -3.33
N SER A 27 9.59 -5.87 -2.67
CA SER A 27 10.94 -5.94 -3.22
C SER A 27 11.90 -6.59 -2.21
N ASP A 28 12.30 -5.81 -1.22
CA ASP A 28 13.21 -6.29 -0.19
C ASP A 28 12.48 -7.19 0.81
N ILE A 29 11.88 -8.26 0.31
CA ILE A 29 11.15 -9.19 1.15
C ILE A 29 12.10 -10.01 2.03
N GLN A 30 11.97 -9.85 3.34
CA GLN A 30 12.82 -10.57 4.28
C GLN A 30 11.99 -11.53 5.12
N ALA A 31 12.64 -12.16 6.10
CA ALA A 31 11.97 -13.11 6.97
C ALA A 31 10.55 -12.65 7.30
N ARG A 32 10.45 -11.61 8.12
CA ARG A 32 9.16 -11.07 8.51
C ARG A 32 8.98 -9.64 7.99
N THR A 33 10.09 -8.94 7.81
CA THR A 33 10.06 -7.57 7.32
C THR A 33 10.22 -7.52 5.80
N VAL A 34 9.70 -6.47 5.18
CA VAL A 34 9.77 -6.31 3.74
C VAL A 34 9.63 -4.85 3.35
N VAL A 35 9.88 -4.56 2.07
CA VAL A 35 9.78 -3.20 1.56
C VAL A 35 8.67 -3.08 0.52
N LEU A 36 7.52 -2.58 0.93
CA LEU A 36 6.39 -2.42 0.03
C LEU A 36 6.38 -1.03 -0.59
N THR A 37 6.21 -0.97 -1.91
CA THR A 37 6.19 0.30 -2.63
C THR A 37 4.97 0.39 -3.54
N TRP A 38 4.24 1.49 -3.44
CA TRP A 38 3.05 1.71 -4.26
C TRP A 38 2.99 3.15 -4.75
N SER A 39 2.34 3.34 -5.90
CA SER A 39 2.20 4.67 -6.48
C SER A 39 0.87 5.31 -6.09
N PRO A 40 0.83 6.65 -6.07
CA PRO A 40 -0.38 7.41 -5.71
C PRO A 40 -1.46 7.29 -6.78
N PRO A 41 -2.70 7.64 -6.40
CA PRO A 41 -3.84 7.60 -7.32
C PRO A 41 -3.77 8.67 -8.40
N SER A 42 -4.52 8.45 -9.49
CA SER A 42 -4.53 9.40 -10.59
C SER A 42 -5.86 10.13 -10.67
N SER A 43 -5.83 11.44 -10.41
CA SER A 43 -7.04 12.25 -10.45
C SER A 43 -7.59 12.35 -11.87
N LEU A 44 -8.86 12.00 -12.04
CA LEU A 44 -9.50 12.06 -13.34
C LEU A 44 -10.24 13.38 -13.54
N ILE A 45 -9.87 14.38 -12.74
CA ILE A 45 -10.50 15.69 -12.82
C ILE A 45 -10.19 16.36 -14.16
N ASN A 46 -9.35 15.71 -14.97
CA ASN A 46 -8.98 16.25 -16.27
C ASN A 46 -8.02 17.42 -16.12
N GLY A 47 -7.29 17.45 -15.01
CA GLY A 47 -6.35 18.52 -14.76
C GLY A 47 -7.03 19.83 -14.43
N GLU A 48 -8.35 19.84 -14.50
CA GLU A 48 -9.14 21.04 -14.21
C GLU A 48 -8.82 21.55 -12.81
N THR A 49 -8.32 20.67 -11.95
CA THR A 49 -7.98 21.03 -10.58
C THR A 49 -6.59 21.65 -10.50
N ASP A 50 -6.35 22.42 -9.45
CA ASP A 50 -5.06 23.07 -9.25
C ASP A 50 -3.99 22.06 -8.83
N GLU A 51 -2.82 22.16 -9.45
CA GLU A 51 -1.72 21.25 -9.13
C GLU A 51 -1.47 21.19 -7.63
N SER A 52 -1.61 22.32 -6.97
CA SER A 52 -1.40 22.39 -5.52
C SER A 52 -2.71 22.22 -4.77
N SER A 53 -3.63 21.44 -5.36
CA SER A 53 -4.92 21.19 -4.75
C SER A 53 -4.99 19.78 -4.18
N VAL A 54 -5.02 18.78 -5.06
CA VAL A 54 -5.08 17.39 -4.65
C VAL A 54 -4.03 17.09 -3.58
N PRO A 55 -4.50 16.60 -2.42
CA PRO A 55 -3.63 16.26 -1.29
C PRO A 55 -2.77 15.03 -1.58
N GLU A 56 -1.63 14.94 -0.90
CA GLU A 56 -0.72 13.81 -1.09
C GLU A 56 -0.58 13.01 0.21
N LEU A 57 -1.48 13.25 1.15
CA LEU A 57 -1.45 12.55 2.43
C LEU A 57 -2.47 11.42 2.46
N TYR A 58 -2.85 10.95 1.27
CA TYR A 58 -3.81 9.86 1.15
C TYR A 58 -3.45 8.70 2.08
N GLY A 59 -4.10 8.65 3.23
CA GLY A 59 -3.83 7.59 4.19
C GLY A 59 -3.84 6.22 3.55
N TYR A 60 -2.65 5.65 3.35
CA TYR A 60 -2.53 4.33 2.74
C TYR A 60 -2.43 3.25 3.81
N GLU A 61 -3.42 2.36 3.83
CA GLU A 61 -3.45 1.28 4.79
C GLU A 61 -3.25 -0.07 4.11
N VAL A 62 -2.30 -0.86 4.63
CA VAL A 62 -2.00 -2.16 4.07
C VAL A 62 -2.90 -3.25 4.69
N LEU A 63 -3.38 -4.14 3.84
CA LEU A 63 -4.25 -5.22 4.29
C LEU A 63 -3.75 -6.57 3.79
N ILE A 64 -3.26 -7.40 4.70
CA ILE A 64 -2.75 -8.71 4.35
C ILE A 64 -3.63 -9.82 4.92
N SER A 65 -3.57 -10.99 4.30
CA SER A 65 -4.37 -12.13 4.75
C SER A 65 -3.52 -13.39 4.82
N SER A 66 -2.68 -13.49 5.84
CA SER A 66 -1.81 -14.65 6.02
C SER A 66 -2.61 -15.95 5.91
N THR A 67 -3.82 -15.93 6.45
CA THR A 67 -4.68 -17.11 6.41
C THR A 67 -4.96 -17.55 4.98
N GLY A 68 -5.36 -16.60 4.14
CA GLY A 68 -5.64 -16.91 2.75
C GLY A 68 -6.32 -15.76 2.03
N LYS A 69 -5.80 -15.41 0.85
CA LYS A 69 -6.36 -14.32 0.06
C LYS A 69 -7.88 -14.33 0.13
N ASP A 70 -8.47 -15.51 0.22
CA ASP A 70 -9.91 -15.64 0.29
C ASP A 70 -10.38 -15.70 1.74
N GLY A 71 -9.77 -14.89 2.59
CA GLY A 71 -10.13 -14.86 3.99
C GLY A 71 -10.28 -13.45 4.53
N LYS A 72 -10.03 -13.28 5.82
CA LYS A 72 -10.15 -11.98 6.46
C LYS A 72 -8.82 -11.22 6.38
N TYR A 73 -8.91 -9.90 6.30
CA TYR A 73 -7.71 -9.06 6.23
C TYR A 73 -7.59 -8.17 7.47
N LYS A 74 -6.35 -7.82 7.80
CA LYS A 74 -6.09 -6.97 8.96
C LYS A 74 -5.18 -5.81 8.59
N SER A 75 -5.09 -4.82 9.48
CA SER A 75 -4.26 -3.65 9.25
C SER A 75 -2.89 -3.82 9.89
N VAL A 76 -1.86 -3.97 9.07
CA VAL A 76 -0.50 -4.13 9.56
C VAL A 76 0.22 -2.79 9.66
N TYR A 77 -0.15 -1.86 8.79
CA TYR A 77 0.45 -0.53 8.79
C TYR A 77 -0.52 0.50 8.24
N VAL A 78 -0.32 1.76 8.64
CA VAL A 78 -1.17 2.85 8.19
C VAL A 78 -0.43 4.18 8.21
N GLY A 79 -0.26 4.78 7.03
CA GLY A 79 0.44 6.05 6.94
C GLY A 79 0.04 6.84 5.71
N GLU A 80 0.93 7.72 5.26
CA GLU A 80 0.67 8.54 4.09
C GLU A 80 1.73 8.30 3.02
N GLU A 81 2.95 8.04 3.45
CA GLU A 81 4.06 7.81 2.53
C GLU A 81 3.69 6.72 1.51
N THR A 82 4.44 6.67 0.42
CA THR A 82 4.20 5.68 -0.63
C THR A 82 4.99 4.41 -0.38
N ASN A 83 6.21 4.56 0.13
CA ASN A 83 7.06 3.41 0.41
C ASN A 83 7.20 3.20 1.92
N ILE A 84 6.88 1.98 2.36
CA ILE A 84 6.97 1.64 3.77
C ILE A 84 7.45 0.20 3.96
N THR A 85 7.90 -0.11 5.18
CA THR A 85 8.38 -1.44 5.49
C THR A 85 7.39 -2.19 6.37
N LEU A 86 7.02 -3.39 5.93
CA LEU A 86 6.07 -4.22 6.69
C LEU A 86 6.77 -4.93 7.84
N ASN A 87 5.99 -5.32 8.84
CA ASN A 87 6.53 -6.02 10.00
C ASN A 87 5.47 -6.93 10.63
N ASP A 88 5.90 -7.72 11.61
CA ASP A 88 4.98 -8.64 12.29
C ASP A 88 4.32 -9.59 11.30
N LEU A 89 5.10 -10.06 10.33
CA LEU A 89 4.59 -10.96 9.31
C LEU A 89 4.99 -12.41 9.62
N LYS A 90 4.54 -13.33 8.78
CA LYS A 90 4.86 -14.74 8.96
C LYS A 90 5.90 -15.19 7.94
N PRO A 91 7.08 -15.58 8.43
CA PRO A 91 8.19 -16.05 7.58
C PRO A 91 7.90 -17.40 6.96
N ALA A 92 8.50 -17.65 5.80
CA ALA A 92 8.32 -18.91 5.09
C ALA A 92 6.84 -19.15 4.77
N MET A 93 6.18 -18.10 4.29
CA MET A 93 4.76 -18.19 3.93
C MET A 93 4.47 -17.40 2.66
N ASP A 94 3.29 -17.61 2.10
CA ASP A 94 2.88 -16.93 0.87
C ASP A 94 1.50 -16.31 1.03
N TYR A 95 1.46 -14.98 1.11
CA TYR A 95 0.20 -14.26 1.27
C TYR A 95 0.16 -13.03 0.37
N HIS A 96 -1.03 -12.45 0.22
CA HIS A 96 -1.21 -11.27 -0.61
C HIS A 96 -1.41 -10.02 0.24
N ALA A 97 -1.09 -8.87 -0.32
CA ALA A 97 -1.23 -7.60 0.38
C ALA A 97 -1.76 -6.51 -0.54
N LYS A 98 -2.60 -5.64 0.02
CA LYS A 98 -3.19 -4.55 -0.76
C LYS A 98 -2.99 -3.21 -0.04
N VAL A 99 -3.26 -2.12 -0.76
CA VAL A 99 -3.10 -0.78 -0.20
C VAL A 99 -4.34 0.07 -0.48
N GLN A 100 -5.00 0.53 0.58
CA GLN A 100 -6.18 1.36 0.44
C GLN A 100 -5.89 2.80 0.87
N ALA A 101 -6.36 3.75 0.06
CA ALA A 101 -6.15 5.16 0.35
C ALA A 101 -7.37 5.76 1.06
N GLU A 102 -7.11 6.54 2.10
CA GLU A 102 -8.17 7.17 2.87
C GLU A 102 -7.87 8.65 3.12
N TYR A 103 -8.87 9.49 2.87
CA TYR A 103 -8.71 10.93 3.06
C TYR A 103 -10.01 11.56 3.53
N ASN A 104 -9.93 12.34 4.61
CA ASN A 104 -11.11 13.00 5.18
C ASN A 104 -12.15 11.98 5.59
N SER A 105 -11.70 10.88 6.18
CA SER A 105 -12.61 9.82 6.63
C SER A 105 -13.36 9.22 5.45
N ILE A 106 -12.75 9.28 4.27
CA ILE A 106 -13.36 8.74 3.07
C ILE A 106 -12.53 7.59 2.50
N LYS A 107 -12.99 6.37 2.74
CA LYS A 107 -12.31 5.18 2.26
C LYS A 107 -12.95 4.65 0.98
N GLY A 108 -12.13 4.45 -0.05
CA GLY A 108 -12.64 3.95 -1.31
C GLY A 108 -12.50 2.44 -1.45
N THR A 109 -11.92 2.01 -2.56
CA THR A 109 -11.73 0.59 -2.80
C THR A 109 -10.25 0.22 -2.82
N PRO A 110 -9.88 -0.83 -2.07
CA PRO A 110 -8.50 -1.30 -1.99
C PRO A 110 -8.03 -1.94 -3.30
N SER A 111 -6.85 -1.53 -3.76
CA SER A 111 -6.29 -2.08 -4.99
C SER A 111 -6.19 -3.60 -4.92
N GLU A 112 -5.71 -4.20 -6.02
CA GLU A 112 -5.57 -5.64 -6.08
C GLU A 112 -4.61 -6.16 -5.01
N ALA A 113 -4.42 -7.47 -4.96
CA ALA A 113 -3.53 -8.08 -3.99
C ALA A 113 -2.21 -8.49 -4.63
N GLU A 114 -1.11 -8.28 -3.91
CA GLU A 114 0.21 -8.63 -4.40
C GLU A 114 0.82 -9.76 -3.59
N ILE A 115 0.74 -10.99 -4.12
CA ILE A 115 1.29 -12.15 -3.44
C ILE A 115 2.81 -12.12 -3.44
N PHE A 116 3.40 -12.17 -2.26
CA PHE A 116 4.85 -12.16 -2.12
C PHE A 116 5.31 -13.15 -1.05
N THR A 117 6.18 -14.07 -1.45
CA THR A 117 6.69 -15.08 -0.53
C THR A 117 7.90 -14.56 0.23
N THR A 118 7.93 -14.84 1.54
CA THR A 118 9.04 -14.40 2.38
C THR A 118 9.92 -15.58 2.79
N LEU A 119 11.13 -15.27 3.26
CA LEU A 119 12.06 -16.30 3.68
C LEU A 119 11.75 -16.77 5.10
N SER A 120 12.44 -17.82 5.54
CA SER A 120 12.23 -18.37 6.88
C SER A 120 13.26 -17.83 7.85
N CYS A 121 12.96 -17.93 9.14
CA CYS A 121 13.86 -17.45 10.18
C CYS A 121 15.33 -17.63 9.76
N GLU A 122 15.59 -18.69 9.00
CA GLU A 122 16.94 -18.97 8.54
C GLU A 122 17.04 -18.81 7.02
N PRO A 123 18.27 -18.66 6.52
CA PRO A 123 18.54 -18.50 5.08
C PRO A 123 18.26 -19.77 4.29
N ASP A 124 17.10 -19.83 3.66
CA ASP A 124 16.70 -20.99 2.87
C ASP A 124 16.43 -20.59 1.42
N ILE A 125 16.21 -19.30 1.19
CA ILE A 125 15.92 -18.80 -0.14
C ILE A 125 16.81 -19.49 -1.18
N PRO A 126 16.16 -20.14 -2.16
CA PRO A 126 16.86 -20.86 -3.23
C PRO A 126 17.56 -19.91 -4.20
N ASN A 127 17.50 -18.61 -3.89
CA ASN A 127 18.13 -17.60 -4.74
C ASN A 127 19.41 -18.14 -5.37
N PRO A 128 19.62 -17.81 -6.65
CA PRO A 128 20.81 -18.25 -7.39
C PRO A 128 22.09 -17.56 -6.90
N PRO A 129 23.08 -18.37 -6.48
CA PRO A 129 24.36 -17.86 -5.99
C PRO A 129 25.20 -17.23 -7.09
N ARG A 130 26.42 -16.84 -6.75
CA ARG A 130 27.32 -16.23 -7.71
C ARG A 130 28.76 -16.70 -7.49
N ILE A 131 29.43 -17.06 -8.59
CA ILE A 131 30.82 -17.54 -8.50
C ILE A 131 31.71 -16.52 -7.79
N SER A 132 31.64 -15.28 -8.24
CA SER A 132 32.45 -14.21 -7.65
C SER A 132 31.89 -13.80 -6.29
N GLY A 133 32.55 -14.26 -5.22
CA GLY A 133 32.11 -13.93 -3.88
C GLY A 133 33.26 -13.55 -2.97
N PRO A 134 33.03 -13.62 -1.65
CA PRO A 134 34.04 -13.29 -0.65
C PRO A 134 35.17 -14.30 -0.60
N SER A 135 34.90 -15.51 -1.09
CA SER A 135 35.90 -16.57 -1.11
C SER A 135 37.25 -16.05 -1.60
N SER A 136 38.31 -16.37 -0.87
CA SER A 136 39.65 -15.92 -1.23
C SER A 136 40.70 -16.91 -0.73
N GLY A 137 41.53 -17.41 -1.64
CA GLY A 137 42.56 -18.35 -1.27
C GLY A 137 42.07 -19.40 -0.29
#